data_2OX4
#
_entry.id   2OX4
#
_cell.length_a   190.178
_cell.length_b   190.409
_cell.length_c   85.922
_cell.angle_alpha   90.00
_cell.angle_beta   90.00
_cell.angle_gamma   90.00
#
_symmetry.space_group_name_H-M   'P 21 21 2'
#
loop_
_entity.id
_entity.type
_entity.pdbx_description
1 polymer 'Putative mandelate racemase'
2 non-polymer 'MAGNESIUM ION'
3 non-polymer GLYCEROL
4 non-polymer 'CHLORIDE ION'
5 water water
#
_entity_poly.entity_id   1
_entity_poly.type   'polypeptide(L)'
_entity_poly.pdbx_seq_one_letter_code
;MSLKITKIEIFHVHTRPQSGQRPILVKVSTDEGIYGLGEAGIAYGVGGSAAAGILKDYAALLIGEDPFNTEAIWEKLFKK
TFWGQGGGTVIFSGISAFDIAFWDIKGKALNLPVYKLLGGKNREDLRVYASQLQFGWGKERKSKGRKEEYAEEALKAVAE
GYDAVKVDVLAHDRNGSREGVFLEGPLPSETIKIGVERVEAIRNAVGPDVDIIVENHGHTDLVSAIQFAKAIEEFNIFFY
EEINTPLNPRLLKEAKKKIDIPLASGERIYSRWGFLPFLEDRSIDVIQPDLGTCGGFTEFKKIADMAHIFEVTVQAHVAG
TGVAEAASLHAEIAIPNFCIHEHHQKTLLPEYEELCVHNYQPVKGRYKVPELPGIGQDITEKLYQISDYVSIEASEGHHH
HHH
;
_entity_poly.pdbx_strand_id   A,B,C,D,E,F,G,H
#
# COMPACT_ATOMS: atom_id res chain seq x y z
N SER A 2 -0.23 -51.55 -10.62
CA SER A 2 -0.67 -51.61 -9.20
CA SER A 2 -0.67 -51.63 -9.20
C SER A 2 -2.18 -51.50 -9.09
N LEU A 3 -2.64 -50.68 -8.14
CA LEU A 3 -4.06 -50.48 -7.88
C LEU A 3 -4.66 -49.60 -8.98
N LYS A 4 -5.81 -50.03 -9.51
CA LYS A 4 -6.55 -49.28 -10.53
C LYS A 4 -8.01 -49.15 -10.16
N ILE A 5 -8.60 -47.97 -10.41
CA ILE A 5 -10.04 -47.77 -10.25
C ILE A 5 -10.82 -48.51 -11.36
N THR A 6 -11.80 -49.31 -10.96
CA THR A 6 -12.59 -50.07 -11.90
C THR A 6 -14.04 -49.61 -12.02
N LYS A 7 -14.56 -49.01 -10.96
CA LYS A 7 -15.97 -48.67 -10.91
C LYS A 7 -16.16 -47.48 -10.00
N ILE A 8 -17.09 -46.62 -10.40
CA ILE A 8 -17.50 -45.49 -9.59
C ILE A 8 -19.01 -45.48 -9.52
N GLU A 9 -19.54 -45.37 -8.30
CA GLU A 9 -20.98 -45.34 -8.06
C GLU A 9 -21.30 -44.06 -7.33
N ILE A 10 -22.30 -43.35 -7.81
CA ILE A 10 -22.70 -42.08 -7.23
C ILE A 10 -24.14 -42.17 -6.74
N PHE A 11 -24.34 -41.82 -5.47
CA PHE A 11 -25.65 -41.91 -4.82
C PHE A 11 -26.13 -40.51 -4.45
N HIS A 12 -27.09 -40.00 -5.20
CA HIS A 12 -27.78 -38.79 -4.79
C HIS A 12 -29.02 -39.17 -4.00
N VAL A 13 -28.87 -39.15 -2.67
CA VAL A 13 -29.84 -39.72 -1.74
C VAL A 13 -31.16 -38.94 -1.81
N HIS A 14 -32.27 -39.68 -1.80
CA HIS A 14 -33.59 -39.05 -1.88
C HIS A 14 -33.87 -38.18 -0.66
N THR A 15 -34.74 -37.19 -0.83
CA THR A 15 -35.06 -36.22 0.22
C THR A 15 -35.20 -36.83 1.61
N ARG A 16 -34.40 -36.34 2.54
CA ARG A 16 -34.50 -36.73 3.94
C ARG A 16 -35.68 -35.99 4.57
N PRO A 17 -36.72 -36.73 5.03
CA PRO A 17 -38.01 -36.18 5.46
C PRO A 17 -37.96 -34.86 6.23
N GLN A 18 -37.41 -34.87 7.44
CA GLN A 18 -37.59 -33.70 8.29
C GLN A 18 -36.53 -32.61 8.14
N SER A 19 -35.34 -32.98 7.66
CA SER A 19 -34.32 -32.00 7.27
C SER A 19 -34.49 -31.42 5.86
N GLY A 20 -35.13 -32.17 4.97
CA GLY A 20 -35.32 -31.75 3.59
C GLY A 20 -34.09 -31.93 2.69
N GLN A 21 -33.03 -32.51 3.24
CA GLN A 21 -31.71 -32.53 2.61
C GLN A 21 -31.54 -33.71 1.69
N ARG A 22 -30.49 -33.66 0.86
CA ARG A 22 -30.19 -34.74 -0.08
C ARG A 22 -28.66 -34.93 -0.19
N PRO A 23 -28.08 -35.79 0.65
CA PRO A 23 -26.64 -36.09 0.56
C PRO A 23 -26.21 -36.71 -0.76
N ILE A 24 -24.94 -36.53 -1.08
CA ILE A 24 -24.36 -37.05 -2.30
C ILE A 24 -23.09 -37.81 -1.91
N LEU A 25 -23.13 -39.12 -2.11
CA LEU A 25 -22.03 -40.01 -1.75
C LEU A 25 -21.45 -40.65 -3.01
N VAL A 26 -20.17 -41.03 -2.93
CA VAL A 26 -19.49 -41.69 -4.02
C VAL A 26 -18.67 -42.88 -3.54
N LYS A 27 -18.83 -44.00 -4.21
CA LYS A 27 -18.11 -45.23 -3.88
C LYS A 27 -17.18 -45.57 -5.03
N VAL A 28 -15.88 -45.65 -4.72
CA VAL A 28 -14.86 -45.82 -5.76
C VAL A 28 -14.31 -47.21 -5.53
N SER A 29 -14.42 -48.07 -6.54
CA SER A 29 -13.99 -49.47 -6.43
C SER A 29 -12.70 -49.73 -7.20
N THR A 30 -11.87 -50.65 -6.71
CA THR A 30 -10.58 -50.94 -7.37
C THR A 30 -10.45 -52.39 -7.82
N ASP A 31 -9.44 -52.66 -8.63
CA ASP A 31 -9.17 -54.03 -9.12
C ASP A 31 -8.68 -55.03 -8.07
N GLU A 32 -8.45 -54.57 -6.84
CA GLU A 32 -8.12 -55.49 -5.74
C GLU A 32 -9.32 -55.72 -4.80
N GLY A 33 -10.47 -55.21 -5.21
CA GLY A 33 -11.69 -55.30 -4.40
C GLY A 33 -11.80 -54.37 -3.20
N ILE A 34 -10.80 -53.51 -3.02
CA ILE A 34 -10.87 -52.47 -2.00
C ILE A 34 -11.67 -51.29 -2.57
N TYR A 35 -12.61 -50.78 -1.79
CA TYR A 35 -13.34 -49.60 -2.22
C TYR A 35 -13.26 -48.50 -1.17
N GLY A 36 -13.53 -47.27 -1.60
CA GLY A 36 -13.53 -46.13 -0.71
C GLY A 36 -14.82 -45.36 -0.84
N LEU A 37 -15.21 -44.70 0.25
CA LEU A 37 -16.39 -43.86 0.26
C LEU A 37 -15.94 -42.40 0.42
N GLY A 38 -16.61 -41.52 -0.32
CA GLY A 38 -16.45 -40.08 -0.16
C GLY A 38 -17.80 -39.38 -0.21
N GLU A 39 -17.79 -38.09 0.07
CA GLU A 39 -19.05 -37.33 0.13
C GLU A 39 -18.80 -35.92 -0.40
N ALA A 40 -19.71 -35.43 -1.25
CA ALA A 40 -19.69 -34.04 -1.70
C ALA A 40 -20.50 -33.17 -0.74
N GLY A 41 -19.93 -32.05 -0.31
CA GLY A 41 -20.53 -31.31 0.80
C GLY A 41 -21.67 -30.36 0.42
N ILE A 42 -22.52 -30.78 -0.52
CA ILE A 42 -23.65 -29.99 -1.00
CA ILE A 42 -23.65 -29.99 -0.99
C ILE A 42 -24.99 -30.66 -0.60
N ALA A 43 -25.05 -31.19 0.61
CA ALA A 43 -26.23 -31.96 1.08
C ALA A 43 -27.45 -31.09 1.38
N TYR A 44 -27.23 -29.80 1.65
CA TYR A 44 -28.29 -28.86 1.98
C TYR A 44 -28.25 -27.68 0.99
N GLY A 45 -29.22 -26.80 1.05
CA GLY A 45 -29.39 -25.76 0.05
C GLY A 45 -29.70 -26.31 -1.33
N VAL A 46 -29.44 -25.50 -2.35
CA VAL A 46 -29.92 -25.80 -3.70
C VAL A 46 -28.69 -26.02 -4.59
N GLY A 47 -28.54 -27.24 -5.13
CA GLY A 47 -27.39 -27.57 -5.98
C GLY A 47 -26.92 -29.01 -5.96
N GLY A 48 -27.53 -29.84 -5.11
CA GLY A 48 -27.14 -31.26 -5.01
C GLY A 48 -27.08 -32.03 -6.32
N SER A 49 -27.97 -31.73 -7.26
CA SER A 49 -27.98 -32.43 -8.54
C SER A 49 -26.78 -32.04 -9.39
N ALA A 50 -26.29 -30.81 -9.20
CA ALA A 50 -25.05 -30.38 -9.83
C ALA A 50 -23.86 -31.20 -9.30
N ALA A 51 -23.84 -31.45 -7.99
CA ALA A 51 -22.80 -32.29 -7.39
C ALA A 51 -22.86 -33.71 -7.94
N ALA A 52 -24.06 -34.28 -8.04
CA ALA A 52 -24.21 -35.59 -8.65
C ALA A 52 -23.66 -35.60 -10.08
N GLY A 53 -23.95 -34.52 -10.83
CA GLY A 53 -23.52 -34.37 -12.22
C GLY A 53 -22.01 -34.19 -12.39
N ILE A 54 -21.39 -33.38 -11.55
CA ILE A 54 -19.92 -33.23 -11.60
C ILE A 54 -19.18 -34.53 -11.30
N LEU A 55 -19.70 -35.29 -10.34
CA LEU A 55 -19.11 -36.58 -10.02
C LEU A 55 -19.16 -37.54 -11.22
N LYS A 56 -20.31 -37.58 -11.90
CA LYS A 56 -20.47 -38.38 -13.12
C LYS A 56 -19.46 -37.96 -14.21
N ASP A 57 -19.28 -36.65 -14.40
CA ASP A 57 -18.35 -36.18 -15.43
C ASP A 57 -16.89 -36.47 -15.08
N TYR A 58 -16.52 -36.23 -13.83
CA TYR A 58 -15.16 -36.51 -13.38
C TYR A 58 -14.82 -38.00 -13.44
N ALA A 59 -15.83 -38.84 -13.23
CA ALA A 59 -15.65 -40.30 -13.18
C ALA A 59 -14.99 -40.84 -14.45
N ALA A 60 -15.32 -40.25 -15.60
CA ALA A 60 -14.76 -40.65 -16.89
C ALA A 60 -13.23 -40.53 -16.91
N LEU A 61 -12.72 -39.54 -16.20
CA LEU A 61 -11.29 -39.25 -16.16
C LEU A 61 -10.57 -40.15 -15.15
N LEU A 62 -11.34 -40.83 -14.30
CA LEU A 62 -10.74 -41.53 -13.15
C LEU A 62 -10.65 -43.05 -13.26
N ILE A 63 -11.53 -43.64 -14.05
CA ILE A 63 -11.43 -45.08 -14.32
C ILE A 63 -10.02 -45.39 -14.84
N GLY A 64 -9.36 -46.37 -14.22
CA GLY A 64 -8.01 -46.75 -14.60
C GLY A 64 -6.88 -46.09 -13.83
N GLU A 65 -7.18 -45.05 -13.06
CA GLU A 65 -6.18 -44.34 -12.27
C GLU A 65 -5.84 -45.09 -10.97
N ASP A 66 -4.67 -44.78 -10.43
CA ASP A 66 -4.22 -45.34 -9.16
C ASP A 66 -4.62 -44.40 -8.03
N PRO A 67 -5.46 -44.88 -7.09
CA PRO A 67 -5.92 -44.02 -5.99
C PRO A 67 -4.80 -43.57 -5.04
N PHE A 68 -3.64 -44.22 -5.09
CA PHE A 68 -2.48 -43.68 -4.37
C PHE A 68 -1.94 -42.37 -4.95
N ASN A 69 -2.27 -42.10 -6.20
CA ASN A 69 -1.77 -40.89 -6.85
C ASN A 69 -2.68 -39.70 -6.61
N THR A 70 -2.91 -39.38 -5.34
CA THR A 70 -3.90 -38.36 -4.98
C THR A 70 -3.45 -36.98 -5.48
N GLU A 71 -2.15 -36.71 -5.43
CA GLU A 71 -1.65 -35.39 -5.88
C GLU A 71 -1.88 -35.18 -7.39
N ALA A 72 -1.51 -36.17 -8.18
CA ALA A 72 -1.64 -36.11 -9.64
C ALA A 72 -3.08 -36.06 -10.07
N ILE A 73 -3.95 -36.82 -9.39
CA ILE A 73 -5.36 -36.84 -9.75
C ILE A 73 -5.99 -35.48 -9.43
N TRP A 74 -5.66 -34.92 -8.26
CA TRP A 74 -6.18 -33.60 -7.85
C TRP A 74 -5.77 -32.58 -8.93
N GLU A 75 -4.49 -32.57 -9.25
CA GLU A 75 -3.97 -31.67 -10.28
C GLU A 75 -4.59 -31.90 -11.67
N LYS A 76 -4.85 -33.15 -12.03
CA LYS A 76 -5.57 -33.48 -13.27
C LYS A 76 -6.99 -32.93 -13.31
N LEU A 77 -7.76 -33.15 -12.24
CA LEU A 77 -9.10 -32.57 -12.14
C LEU A 77 -9.06 -31.03 -12.12
N PHE A 78 -8.02 -30.47 -11.52
CA PHE A 78 -7.81 -29.02 -11.52
C PHE A 78 -7.47 -28.46 -12.91
N LYS A 79 -6.54 -29.12 -13.61
CA LYS A 79 -5.87 -28.54 -14.78
C LYS A 79 -6.33 -29.10 -16.13
N LYS A 80 -6.97 -30.27 -16.11
CA LYS A 80 -7.33 -30.94 -17.36
C LYS A 80 -8.84 -31.01 -17.67
N THR A 81 -9.65 -30.44 -16.79
CA THR A 81 -11.11 -30.39 -16.97
C THR A 81 -11.56 -29.09 -17.64
N PHE A 82 -10.62 -28.16 -17.80
CA PHE A 82 -10.89 -26.75 -18.16
C PHE A 82 -11.52 -25.95 -17.03
N TRP A 83 -12.65 -26.40 -16.53
CA TRP A 83 -13.40 -25.66 -15.51
C TRP A 83 -12.75 -25.64 -14.13
N GLY A 84 -11.88 -26.61 -13.85
CA GLY A 84 -11.14 -26.65 -12.58
C GLY A 84 -10.42 -25.33 -12.32
N GLN A 85 -9.87 -24.76 -13.39
CA GLN A 85 -9.09 -23.52 -13.29
C GLN A 85 -9.92 -22.25 -13.11
N GLY A 86 -11.23 -22.35 -13.36
CA GLY A 86 -12.17 -21.30 -12.98
C GLY A 86 -12.72 -21.43 -11.56
N GLY A 87 -12.66 -22.64 -11.00
CA GLY A 87 -13.04 -22.86 -9.60
C GLY A 87 -14.55 -22.97 -9.38
N GLY A 88 -14.94 -23.14 -8.11
CA GLY A 88 -16.32 -23.02 -7.70
C GLY A 88 -16.78 -24.11 -6.72
N THR A 89 -17.94 -23.84 -6.12
CA THR A 89 -18.60 -24.74 -5.18
C THR A 89 -18.69 -26.17 -5.74
N VAL A 90 -19.32 -26.30 -6.91
CA VAL A 90 -19.59 -27.62 -7.48
C VAL A 90 -18.29 -28.25 -7.99
N ILE A 91 -17.48 -27.44 -8.68
CA ILE A 91 -16.20 -27.87 -9.24
C ILE A 91 -15.32 -28.49 -8.16
N PHE A 92 -15.13 -27.79 -7.05
CA PHE A 92 -14.35 -28.32 -5.93
C PHE A 92 -15.00 -29.45 -5.12
N SER A 93 -16.33 -29.47 -5.00
CA SER A 93 -17.02 -30.58 -4.34
CA SER A 93 -17.03 -30.58 -4.34
C SER A 93 -16.77 -31.91 -5.06
N GLY A 94 -16.66 -31.85 -6.38
CA GLY A 94 -16.34 -33.01 -7.21
C GLY A 94 -14.98 -33.60 -6.89
N ILE A 95 -13.97 -32.73 -6.87
CA ILE A 95 -12.61 -33.11 -6.53
C ILE A 95 -12.59 -33.68 -5.11
N SER A 96 -13.31 -33.01 -4.21
CA SER A 96 -13.35 -33.35 -2.78
C SER A 96 -13.82 -34.77 -2.52
N ALA A 97 -14.97 -35.11 -3.11
CA ALA A 97 -15.63 -36.37 -2.80
C ALA A 97 -14.76 -37.54 -3.22
N PHE A 98 -14.17 -37.44 -4.40
CA PHE A 98 -13.24 -38.46 -4.87
C PHE A 98 -11.98 -38.55 -4.01
N ASP A 99 -11.42 -37.39 -3.65
CA ASP A 99 -10.21 -37.38 -2.83
C ASP A 99 -10.41 -38.14 -1.51
N ILE A 100 -11.54 -37.90 -0.86
CA ILE A 100 -11.91 -38.59 0.38
C ILE A 100 -11.93 -40.12 0.17
N ALA A 101 -12.60 -40.55 -0.89
CA ALA A 101 -12.65 -41.98 -1.23
C ALA A 101 -11.28 -42.59 -1.52
N PHE A 102 -10.40 -41.83 -2.17
CA PHE A 102 -9.03 -42.29 -2.42
C PHE A 102 -8.25 -42.54 -1.13
N TRP A 103 -8.33 -41.59 -0.18
CA TRP A 103 -7.71 -41.78 1.12
C TRP A 103 -8.30 -42.97 1.88
N ASP A 104 -9.62 -43.16 1.77
CA ASP A 104 -10.28 -44.33 2.37
C ASP A 104 -9.63 -45.61 1.83
N ILE A 105 -9.49 -45.67 0.50
CA ILE A 105 -8.79 -46.77 -0.17
C ILE A 105 -7.35 -46.99 0.33
N LYS A 106 -6.57 -45.93 0.44
CA LYS A 106 -5.20 -46.04 0.93
C LYS A 106 -5.16 -46.68 2.31
N GLY A 107 -6.01 -46.18 3.20
CA GLY A 107 -6.11 -46.70 4.56
C GLY A 107 -6.48 -48.18 4.58
N LYS A 108 -7.48 -48.55 3.80
CA LYS A 108 -7.88 -49.97 3.72
C LYS A 108 -6.76 -50.83 3.12
N ALA A 109 -6.11 -50.33 2.07
CA ALA A 109 -4.99 -51.05 1.45
C ALA A 109 -3.85 -51.31 2.43
N LEU A 110 -3.59 -50.34 3.31
CA LEU A 110 -2.47 -50.45 4.24
C LEU A 110 -2.87 -50.90 5.63
N ASN A 111 -4.16 -51.23 5.80
CA ASN A 111 -4.73 -51.60 7.10
C ASN A 111 -4.47 -50.56 8.20
N LEU A 112 -4.73 -49.30 7.89
CA LEU A 112 -4.45 -48.19 8.81
C LEU A 112 -5.59 -47.20 8.74
N PRO A 113 -5.93 -46.58 9.88
CA PRO A 113 -6.85 -45.44 9.81
C PRO A 113 -6.21 -44.29 9.03
N VAL A 114 -7.03 -43.50 8.35
CA VAL A 114 -6.55 -42.41 7.50
C VAL A 114 -5.65 -41.40 8.24
N TYR A 115 -5.97 -41.09 9.50
CA TYR A 115 -5.15 -40.12 10.25
C TYR A 115 -3.67 -40.53 10.31
N LYS A 116 -3.39 -41.83 10.30
CA LYS A 116 -2.00 -42.32 10.30
C LYS A 116 -1.28 -41.96 9.00
N LEU A 117 -2.05 -41.77 7.94
CA LEU A 117 -1.49 -41.44 6.63
C LEU A 117 -1.44 -39.92 6.43
N LEU A 118 -2.11 -39.18 7.31
CA LEU A 118 -2.15 -37.71 7.23
C LEU A 118 -1.13 -37.05 8.17
N GLY A 119 -0.34 -37.85 8.86
CA GLY A 119 0.69 -37.30 9.75
C GLY A 119 0.52 -37.63 11.22
N GLY A 120 -0.48 -38.46 11.55
CA GLY A 120 -0.64 -38.98 12.90
C GLY A 120 -1.53 -38.12 13.79
N LYS A 121 -1.62 -38.47 15.08
CA LYS A 121 -2.42 -37.70 16.04
C LYS A 121 -1.67 -36.51 16.60
N ASN A 122 -2.37 -35.39 16.78
CA ASN A 122 -1.82 -34.24 17.49
C ASN A 122 -2.40 -34.08 18.89
N ARG A 123 -3.34 -34.96 19.22
CA ARG A 123 -4.09 -34.91 20.48
C ARG A 123 -4.84 -36.24 20.61
N GLU A 124 -5.28 -36.54 21.83
CA GLU A 124 -5.87 -37.86 22.06
C GLU A 124 -7.38 -37.88 21.79
N ASP A 125 -7.99 -36.69 21.83
CA ASP A 125 -9.42 -36.53 21.53
C ASP A 125 -9.70 -35.08 21.09
N LEU A 126 -10.96 -34.81 20.71
CA LEU A 126 -11.33 -33.50 20.16
C LEU A 126 -12.46 -32.91 20.96
N ARG A 127 -12.29 -31.66 21.41
CA ARG A 127 -13.40 -30.86 21.96
C ARG A 127 -14.51 -30.68 20.92
N VAL A 128 -15.75 -30.79 21.37
CA VAL A 128 -16.88 -30.74 20.45
C VAL A 128 -17.85 -29.65 20.89
N TYR A 129 -18.45 -28.96 19.92
CA TYR A 129 -19.61 -28.13 20.21
C TYR A 129 -20.91 -28.66 19.63
N ALA A 130 -22.01 -28.35 20.33
CA ALA A 130 -23.36 -28.70 19.88
C ALA A 130 -23.89 -27.62 18.94
N SER A 131 -24.10 -28.00 17.68
CA SER A 131 -24.30 -27.02 16.61
C SER A 131 -25.76 -26.84 16.21
N GLN A 132 -26.16 -25.59 16.06
CA GLN A 132 -27.45 -25.17 15.50
C GLN A 132 -28.61 -25.41 16.47
N LEU A 133 -28.48 -24.87 17.68
CA LEU A 133 -29.51 -24.98 18.72
C LEU A 133 -30.87 -24.40 18.34
N GLN A 134 -30.87 -23.44 17.41
CA GLN A 134 -32.11 -22.84 16.92
C GLN A 134 -33.03 -23.84 16.20
N PHE A 135 -32.50 -25.00 15.83
CA PHE A 135 -33.32 -26.08 15.27
C PHE A 135 -33.68 -27.15 16.30
N GLY A 136 -33.37 -26.87 17.56
CA GLY A 136 -33.53 -27.85 18.64
C GLY A 136 -32.32 -28.75 18.79
N TRP A 137 -31.97 -29.08 20.04
CA TRP A 137 -31.00 -30.15 20.32
C TRP A 137 -31.63 -31.49 20.73
N GLY A 138 -31.74 -32.47 19.83
CA GLY A 138 -31.91 -32.27 18.39
C GLY A 138 -32.39 -33.54 17.70
N LYS A 139 -33.17 -34.35 18.41
CA LYS A 139 -33.75 -35.59 17.88
C LYS A 139 -34.96 -35.30 16.96
N GLU A 140 -35.68 -34.23 17.26
CA GLU A 140 -36.62 -33.63 16.32
C GLU A 140 -36.14 -32.24 15.91
N ARG A 141 -36.16 -31.97 14.60
CA ARG A 141 -35.82 -30.66 14.07
C ARG A 141 -37.02 -29.71 14.07
N LYS A 142 -36.91 -28.60 14.82
CA LYS A 142 -37.96 -27.60 14.87
C LYS A 142 -37.42 -26.23 15.29
N SER A 143 -37.74 -25.20 14.50
CA SER A 143 -37.19 -23.87 14.71
CA SER A 143 -37.20 -23.86 14.71
C SER A 143 -37.73 -23.22 16.00
N LYS A 144 -36.84 -22.56 16.73
CA LYS A 144 -37.24 -21.91 17.99
C LYS A 144 -37.46 -20.41 17.85
N GLY A 145 -38.40 -19.88 18.65
CA GLY A 145 -38.80 -18.49 18.54
C GLY A 145 -38.63 -17.69 19.82
N ARG A 146 -39.08 -18.25 20.94
CA ARG A 146 -39.02 -17.55 22.22
C ARG A 146 -37.65 -17.74 22.88
N LYS A 147 -37.19 -16.73 23.59
CA LYS A 147 -35.84 -16.74 24.14
C LYS A 147 -35.58 -17.87 25.15
N GLU A 148 -36.63 -18.30 25.85
CA GLU A 148 -36.52 -19.36 26.83
C GLU A 148 -36.27 -20.70 26.15
N GLU A 149 -36.80 -20.85 24.93
CA GLU A 149 -36.52 -22.03 24.12
C GLU A 149 -35.05 -22.13 23.74
N TYR A 150 -34.42 -20.99 23.48
CA TYR A 150 -32.99 -20.94 23.19
C TYR A 150 -32.16 -21.37 24.40
N ALA A 151 -32.48 -20.80 25.56
CA ALA A 151 -31.88 -21.27 26.81
C ALA A 151 -32.09 -22.77 27.06
N GLU A 152 -33.32 -23.27 26.85
CA GLU A 152 -33.63 -24.70 27.08
C GLU A 152 -32.81 -25.65 26.23
N GLU A 153 -32.66 -25.33 24.94
CA GLU A 153 -31.92 -26.20 24.03
C GLU A 153 -30.43 -26.22 24.41
N ALA A 154 -29.92 -25.06 24.81
CA ALA A 154 -28.54 -24.96 25.31
C ALA A 154 -28.32 -25.84 26.54
N LEU A 155 -29.26 -25.80 27.48
CA LEU A 155 -29.21 -26.68 28.67
C LEU A 155 -29.24 -28.17 28.36
N LYS A 156 -30.01 -28.55 27.35
CA LYS A 156 -30.05 -29.93 26.86
C LYS A 156 -28.68 -30.38 26.37
N ALA A 157 -27.96 -29.47 25.70
CA ALA A 157 -26.61 -29.77 25.25
C ALA A 157 -25.65 -29.91 26.44
N VAL A 158 -25.72 -28.97 27.36
CA VAL A 158 -24.85 -28.99 28.56
C VAL A 158 -25.08 -30.28 29.38
N ALA A 159 -26.33 -30.71 29.45
CA ALA A 159 -26.69 -31.97 30.13
C ALA A 159 -26.05 -33.20 29.53
N GLU A 160 -25.75 -33.15 28.23
CA GLU A 160 -24.97 -34.21 27.58
C GLU A 160 -23.45 -34.06 27.71
N GLY A 161 -23.00 -32.98 28.35
CA GLY A 161 -21.58 -32.82 28.63
C GLY A 161 -20.86 -31.93 27.65
N TYR A 162 -21.58 -31.25 26.76
CA TYR A 162 -20.95 -30.26 25.88
C TYR A 162 -20.56 -29.01 26.66
N ASP A 163 -19.37 -28.48 26.40
CA ASP A 163 -19.00 -27.19 27.00
C ASP A 163 -18.93 -26.05 26.00
N ALA A 164 -19.62 -26.23 24.87
CA ALA A 164 -19.69 -25.19 23.84
C ALA A 164 -20.94 -25.44 23.00
N VAL A 165 -21.60 -24.36 22.61
CA VAL A 165 -22.76 -24.44 21.74
C VAL A 165 -22.67 -23.44 20.60
N LYS A 166 -23.39 -23.70 19.51
CA LYS A 166 -23.52 -22.71 18.44
C LYS A 166 -24.97 -22.45 18.09
N VAL A 167 -25.28 -21.18 17.90
CA VAL A 167 -26.64 -20.78 17.63
C VAL A 167 -26.71 -19.65 16.60
N ASP A 168 -27.69 -19.74 15.71
CA ASP A 168 -28.10 -18.62 14.87
C ASP A 168 -29.29 -17.92 15.55
N VAL A 169 -29.05 -16.71 16.04
CA VAL A 169 -30.04 -15.97 16.82
C VAL A 169 -30.81 -14.92 16.00
N LEU A 170 -30.39 -14.70 14.74
CA LEU A 170 -31.04 -13.68 13.87
C LEU A 170 -31.99 -14.25 12.83
N ALA A 171 -31.85 -15.53 12.49
CA ALA A 171 -32.54 -16.09 11.33
C ALA A 171 -34.07 -16.12 11.51
N HIS A 172 -34.52 -16.36 12.73
CA HIS A 172 -35.95 -16.61 13.00
C HIS A 172 -36.58 -15.45 13.77
N ASP A 173 -37.80 -15.09 13.43
CA ASP A 173 -38.57 -14.14 14.23
C ASP A 173 -39.04 -14.82 15.52
N ARG A 174 -39.80 -14.09 16.34
CA ARG A 174 -40.18 -14.61 17.66
C ARG A 174 -41.20 -15.77 17.62
N ASN A 175 -41.75 -16.04 16.44
CA ASN A 175 -42.62 -17.19 16.23
C ASN A 175 -41.88 -18.37 15.64
N GLY A 176 -40.56 -18.21 15.48
CA GLY A 176 -39.74 -19.28 14.90
C GLY A 176 -39.80 -19.34 13.39
N SER A 177 -40.18 -18.24 12.75
CA SER A 177 -40.32 -18.21 11.30
C SER A 177 -39.22 -17.43 10.60
N ARG A 178 -38.81 -17.91 9.41
CA ARG A 178 -37.89 -17.19 8.53
CA ARG A 178 -37.89 -17.17 8.55
C ARG A 178 -38.63 -16.21 7.64
N GLU A 179 -39.95 -16.35 7.57
CA GLU A 179 -40.79 -15.52 6.69
C GLU A 179 -40.69 -14.05 7.05
N GLY A 180 -40.37 -13.24 6.04
CA GLY A 180 -40.24 -11.80 6.22
C GLY A 180 -38.99 -11.36 6.95
N VAL A 181 -38.06 -12.28 7.21
CA VAL A 181 -36.80 -11.93 7.90
C VAL A 181 -35.75 -11.54 6.85
N PHE A 182 -35.24 -10.32 6.96
CA PHE A 182 -34.24 -9.80 6.03
C PHE A 182 -33.19 -9.06 6.83
N LEU A 183 -31.92 -9.32 6.52
CA LEU A 183 -30.86 -9.04 7.49
C LEU A 183 -29.66 -8.31 6.87
N GLU A 184 -29.84 -7.78 5.66
CA GLU A 184 -28.81 -6.95 5.02
C GLU A 184 -29.06 -5.46 5.27
N GLY A 185 -27.98 -4.70 5.40
CA GLY A 185 -28.08 -3.26 5.68
C GLY A 185 -28.40 -2.99 7.14
N PRO A 186 -28.49 -1.70 7.53
CA PRO A 186 -28.79 -1.38 8.94
C PRO A 186 -30.10 -2.01 9.42
N LEU A 187 -30.04 -2.60 10.61
CA LEU A 187 -31.11 -3.43 11.15
C LEU A 187 -31.99 -2.60 12.09
N PRO A 188 -33.29 -2.95 12.15
CA PRO A 188 -34.19 -2.42 13.18
C PRO A 188 -33.72 -2.72 14.60
N SER A 189 -33.98 -1.79 15.53
CA SER A 189 -33.75 -2.02 16.94
C SER A 189 -34.33 -3.35 17.43
N GLU A 190 -35.55 -3.66 17.02
CA GLU A 190 -36.21 -4.87 17.50
C GLU A 190 -35.51 -6.16 17.06
N THR A 191 -34.96 -6.16 15.85
CA THR A 191 -34.14 -7.31 15.37
C THR A 191 -32.85 -7.49 16.18
N ILE A 192 -32.16 -6.38 16.45
CA ILE A 192 -31.04 -6.41 17.38
C ILE A 192 -31.47 -7.00 18.73
N LYS A 193 -32.59 -6.48 19.26
CA LYS A 193 -33.12 -6.91 20.56
C LYS A 193 -33.41 -8.40 20.63
N ILE A 194 -34.10 -8.92 19.61
CA ILE A 194 -34.36 -10.36 19.47
C ILE A 194 -33.07 -11.18 19.54
N GLY A 195 -32.05 -10.79 18.76
CA GLY A 195 -30.76 -11.47 18.81
C GLY A 195 -30.10 -11.41 20.18
N VAL A 196 -30.04 -10.20 20.76
CA VAL A 196 -29.41 -9.98 22.07
C VAL A 196 -30.12 -10.80 23.16
N GLU A 197 -31.45 -10.71 23.21
CA GLU A 197 -32.21 -11.44 24.24
C GLU A 197 -31.96 -12.95 24.20
N ARG A 198 -31.73 -13.51 23.01
CA ARG A 198 -31.41 -14.93 22.87
C ARG A 198 -30.01 -15.31 23.37
N VAL A 199 -29.00 -14.53 22.98
CA VAL A 199 -27.65 -14.73 23.47
C VAL A 199 -27.58 -14.57 25.00
N GLU A 200 -28.19 -13.49 25.51
CA GLU A 200 -28.33 -13.26 26.94
C GLU A 200 -29.03 -14.41 27.69
N ALA A 201 -30.14 -14.89 27.16
CA ALA A 201 -30.84 -16.02 27.79
C ALA A 201 -29.97 -17.26 27.87
N ILE A 202 -29.23 -17.54 26.78
CA ILE A 202 -28.30 -18.68 26.78
C ILE A 202 -27.16 -18.51 27.78
N ARG A 203 -26.48 -17.36 27.73
CA ARG A 203 -25.36 -17.05 28.63
C ARG A 203 -25.76 -17.17 30.11
N ASN A 204 -26.92 -16.58 30.45
CA ASN A 204 -27.45 -16.68 31.81
C ASN A 204 -27.69 -18.12 32.24
N ALA A 205 -28.19 -18.93 31.31
CA ALA A 205 -28.51 -20.32 31.56
C ALA A 205 -27.29 -21.22 31.69
N VAL A 206 -26.30 -21.02 30.83
CA VAL A 206 -25.15 -21.92 30.77
C VAL A 206 -23.99 -21.49 31.67
N GLY A 207 -23.98 -20.21 32.06
CA GLY A 207 -22.88 -19.68 32.87
C GLY A 207 -21.62 -19.37 32.03
N PRO A 208 -20.55 -18.92 32.70
CA PRO A 208 -19.32 -18.44 32.02
C PRO A 208 -18.47 -19.54 31.37
N ASP A 209 -18.63 -20.78 31.80
CA ASP A 209 -17.71 -21.84 31.39
C ASP A 209 -18.19 -22.69 30.23
N VAL A 210 -19.27 -22.24 29.59
CA VAL A 210 -19.73 -22.88 28.37
C VAL A 210 -19.61 -21.85 27.25
N ASP A 211 -18.88 -22.20 26.19
CA ASP A 211 -18.66 -21.21 25.12
C ASP A 211 -19.86 -21.10 24.18
N ILE A 212 -20.08 -19.89 23.66
CA ILE A 212 -21.21 -19.64 22.78
C ILE A 212 -20.65 -19.10 21.47
N ILE A 213 -20.94 -19.82 20.39
CA ILE A 213 -20.60 -19.38 19.04
C ILE A 213 -21.87 -18.82 18.38
N VAL A 214 -21.75 -17.66 17.74
CA VAL A 214 -22.88 -17.08 17.02
C VAL A 214 -22.72 -17.22 15.51
N GLU A 215 -23.73 -17.81 14.88
CA GLU A 215 -23.76 -18.16 13.46
CA GLU A 215 -23.68 -18.05 13.46
C GLU A 215 -24.71 -17.19 12.73
N ASN A 216 -24.24 -16.48 11.71
CA ASN A 216 -25.12 -15.58 10.97
C ASN A 216 -25.59 -16.18 9.63
N HIS A 217 -24.98 -17.30 9.21
CA HIS A 217 -25.37 -18.04 7.99
C HIS A 217 -25.27 -17.24 6.70
N GLY A 218 -24.41 -16.22 6.67
CA GLY A 218 -24.33 -15.30 5.52
C GLY A 218 -25.59 -14.49 5.23
N HIS A 219 -26.49 -14.40 6.22
CA HIS A 219 -27.73 -13.65 6.04
C HIS A 219 -27.51 -12.16 6.20
N THR A 220 -26.50 -11.82 6.99
CA THR A 220 -26.12 -10.44 7.25
C THR A 220 -25.14 -10.00 6.16
N ASP A 221 -24.81 -8.71 6.16
CA ASP A 221 -23.67 -8.21 5.41
C ASP A 221 -22.79 -7.47 6.40
N LEU A 222 -21.74 -6.82 5.93
CA LEU A 222 -20.79 -6.21 6.86
C LEU A 222 -21.45 -5.18 7.79
N VAL A 223 -22.42 -4.43 7.28
CA VAL A 223 -23.05 -3.36 8.06
C VAL A 223 -23.87 -3.93 9.23
N SER A 224 -24.79 -4.83 8.92
CA SER A 224 -25.60 -5.47 9.97
C SER A 224 -24.75 -6.38 10.88
N ALA A 225 -23.74 -7.03 10.33
CA ALA A 225 -22.82 -7.82 11.16
C ALA A 225 -22.11 -6.99 12.25
N ILE A 226 -21.63 -5.81 11.87
CA ILE A 226 -20.94 -4.92 12.82
C ILE A 226 -21.93 -4.43 13.88
N GLN A 227 -23.11 -4.03 13.43
CA GLN A 227 -24.14 -3.49 14.31
C GLN A 227 -24.53 -4.52 15.37
N PHE A 228 -24.68 -5.77 14.95
CA PHE A 228 -25.05 -6.83 15.88
C PHE A 228 -23.91 -7.21 16.84
N ALA A 229 -22.68 -7.24 16.30
CA ALA A 229 -21.50 -7.56 17.12
C ALA A 229 -21.37 -6.64 18.31
N LYS A 230 -21.58 -5.33 18.07
CA LYS A 230 -21.53 -4.31 19.12
C LYS A 230 -22.51 -4.64 20.23
N ALA A 231 -23.67 -5.17 19.86
CA ALA A 231 -24.73 -5.45 20.82
C ALA A 231 -24.48 -6.71 21.65
N ILE A 232 -23.67 -7.63 21.12
CA ILE A 232 -23.43 -8.91 21.80
C ILE A 232 -22.01 -9.12 22.35
N GLU A 233 -21.13 -8.15 22.11
CA GLU A 233 -19.74 -8.26 22.54
C GLU A 233 -19.64 -8.58 24.05
N GLU A 234 -20.48 -7.92 24.84
CA GLU A 234 -20.48 -8.09 26.30
C GLU A 234 -20.69 -9.53 26.80
N PHE A 235 -21.18 -10.41 25.93
CA PHE A 235 -21.54 -11.78 26.31
C PHE A 235 -20.44 -12.82 26.13
N ASN A 236 -19.24 -12.36 25.78
CA ASN A 236 -18.07 -13.22 25.59
C ASN A 236 -18.33 -14.28 24.52
N ILE A 237 -18.53 -13.82 23.29
CA ILE A 237 -18.81 -14.71 22.17
C ILE A 237 -17.50 -15.35 21.74
N PHE A 238 -17.51 -16.67 21.58
CA PHE A 238 -16.32 -17.46 21.32
C PHE A 238 -15.76 -17.15 19.93
N PHE A 239 -16.63 -17.30 18.93
CA PHE A 239 -16.42 -16.69 17.62
C PHE A 239 -17.72 -16.45 16.88
N TYR A 240 -17.60 -15.76 15.74
CA TYR A 240 -18.73 -15.12 15.06
C TYR A 240 -18.64 -15.56 13.60
N GLU A 241 -19.58 -16.39 13.16
CA GLU A 241 -19.41 -17.19 11.93
C GLU A 241 -20.25 -16.67 10.76
N GLU A 242 -19.63 -16.67 9.57
CA GLU A 242 -20.28 -16.32 8.29
C GLU A 242 -21.10 -15.05 8.36
N ILE A 243 -20.41 -13.93 8.60
CA ILE A 243 -21.12 -12.70 8.88
C ILE A 243 -21.52 -11.94 7.62
N ASN A 244 -21.05 -12.40 6.47
CA ASN A 244 -21.41 -11.75 5.21
C ASN A 244 -21.27 -12.70 4.02
N THR A 245 -21.27 -12.15 2.82
CA THR A 245 -21.01 -12.96 1.61
C THR A 245 -19.49 -13.02 1.38
N PRO A 246 -18.92 -14.23 1.24
CA PRO A 246 -17.47 -14.36 1.10
C PRO A 246 -16.84 -14.08 -0.29
N LEU A 247 -17.67 -13.70 -1.27
CA LEU A 247 -17.21 -13.47 -2.66
C LEU A 247 -16.33 -12.24 -2.95
N ASN A 248 -16.43 -11.21 -2.10
CA ASN A 248 -15.48 -10.07 -2.10
C ASN A 248 -14.71 -10.12 -0.77
N PRO A 249 -13.59 -10.86 -0.73
CA PRO A 249 -12.91 -11.16 0.53
C PRO A 249 -12.52 -9.95 1.37
N ARG A 250 -12.12 -8.86 0.72
CA ARG A 250 -11.67 -7.65 1.41
C ARG A 250 -12.70 -7.08 2.39
N LEU A 251 -13.99 -7.35 2.12
CA LEU A 251 -15.04 -6.90 3.03
C LEU A 251 -14.92 -7.45 4.44
N LEU A 252 -14.42 -8.68 4.58
CA LEU A 252 -14.25 -9.25 5.91
C LEU A 252 -13.16 -8.51 6.69
N LYS A 253 -12.09 -8.11 5.98
CA LYS A 253 -11.08 -7.25 6.58
C LYS A 253 -11.69 -5.93 7.09
N GLU A 254 -12.58 -5.34 6.29
CA GLU A 254 -13.28 -4.11 6.68
C GLU A 254 -14.15 -4.36 7.91
N ALA A 255 -14.86 -5.49 7.92
CA ALA A 255 -15.67 -5.89 9.09
C ALA A 255 -14.84 -6.01 10.37
N LYS A 256 -13.70 -6.69 10.27
CA LYS A 256 -12.83 -6.89 11.41
C LYS A 256 -12.30 -5.59 12.04
N LYS A 257 -12.18 -4.53 11.24
CA LYS A 257 -11.80 -3.22 11.78
C LYS A 257 -12.75 -2.76 12.89
N LYS A 258 -14.02 -3.15 12.80
CA LYS A 258 -15.04 -2.71 13.75
C LYS A 258 -15.63 -3.83 14.60
N ILE A 259 -15.06 -5.03 14.54
CA ILE A 259 -15.57 -6.15 15.32
C ILE A 259 -14.44 -6.73 16.15
N ASP A 260 -14.65 -6.87 17.46
N ASP A 260 -14.69 -6.84 17.46
CA ASP A 260 -13.60 -7.40 18.32
CA ASP A 260 -13.72 -7.35 18.43
C ASP A 260 -13.68 -8.92 18.52
C ASP A 260 -14.16 -8.69 19.03
N ILE A 261 -14.84 -9.49 18.20
CA ILE A 261 -15.10 -10.92 18.46
C ILE A 261 -14.31 -11.67 17.35
N PRO A 262 -13.64 -12.79 17.66
CA PRO A 262 -12.99 -13.56 16.59
C PRO A 262 -13.96 -13.94 15.48
N LEU A 263 -13.49 -13.91 14.25
CA LEU A 263 -14.32 -14.22 13.09
C LEU A 263 -14.02 -15.61 12.54
N ALA A 264 -15.07 -16.26 12.05
CA ALA A 264 -14.93 -17.60 11.43
C ALA A 264 -15.63 -17.64 10.09
N SER A 265 -15.11 -18.45 9.18
CA SER A 265 -15.74 -18.69 7.87
C SER A 265 -15.02 -19.84 7.19
N GLY A 266 -15.71 -20.53 6.28
CA GLY A 266 -15.02 -21.52 5.48
C GLY A 266 -15.90 -22.44 4.68
N GLU A 267 -17.16 -22.58 5.09
CA GLU A 267 -17.99 -23.56 4.43
C GLU A 267 -18.33 -23.14 2.99
N ARG A 268 -18.19 -21.85 2.69
CA ARG A 268 -18.40 -21.35 1.33
C ARG A 268 -17.13 -20.70 0.75
N ILE A 269 -15.99 -21.22 1.20
CA ILE A 269 -14.67 -20.83 0.67
C ILE A 269 -13.94 -22.14 0.30
N TYR A 270 -13.35 -22.20 -0.90
CA TYR A 270 -12.88 -23.50 -1.43
C TYR A 270 -11.46 -23.44 -1.95
N SER A 271 -10.67 -24.46 -1.59
CA SER A 271 -9.27 -24.63 -1.98
C SER A 271 -8.33 -23.60 -1.33
N ARG A 272 -7.04 -23.85 -1.47
CA ARG A 272 -5.99 -22.90 -1.09
C ARG A 272 -6.28 -21.52 -1.69
N TRP A 273 -6.74 -21.49 -2.94
CA TRP A 273 -6.95 -20.25 -3.67
C TRP A 273 -8.10 -19.45 -3.08
N GLY A 274 -9.11 -20.16 -2.56
CA GLY A 274 -10.23 -19.51 -1.87
C GLY A 274 -9.82 -18.84 -0.57
N PHE A 275 -9.00 -19.55 0.22
CA PHE A 275 -8.62 -19.05 1.55
C PHE A 275 -7.52 -18.00 1.52
N LEU A 276 -6.67 -18.05 0.50
CA LEU A 276 -5.53 -17.13 0.36
C LEU A 276 -5.81 -15.67 0.70
N PRO A 277 -6.79 -15.02 0.02
CA PRO A 277 -7.03 -13.60 0.33
C PRO A 277 -7.41 -13.33 1.78
N PHE A 278 -8.15 -14.24 2.40
CA PHE A 278 -8.56 -14.06 3.80
C PHE A 278 -7.37 -14.22 4.74
N LEU A 279 -6.42 -15.04 4.35
CA LEU A 279 -5.18 -15.19 5.11
C LEU A 279 -4.25 -14.00 4.93
N GLU A 280 -4.11 -13.52 3.69
CA GLU A 280 -3.32 -12.31 3.41
C GLU A 280 -3.84 -11.12 4.22
N ASP A 281 -5.17 -10.97 4.30
CA ASP A 281 -5.81 -9.92 5.08
C ASP A 281 -5.83 -10.25 6.58
N ARG A 282 -5.54 -11.51 6.92
CA ARG A 282 -5.63 -12.04 8.29
C ARG A 282 -7.01 -11.70 8.90
N SER A 283 -8.06 -11.87 8.11
CA SER A 283 -9.42 -11.47 8.51
C SER A 283 -10.25 -12.59 9.17
N ILE A 284 -9.78 -13.82 9.08
CA ILE A 284 -10.46 -14.98 9.71
C ILE A 284 -9.55 -15.56 10.80
N ASP A 285 -10.11 -15.70 12.00
CA ASP A 285 -9.40 -16.29 13.12
C ASP A 285 -9.53 -17.80 13.17
N VAL A 286 -10.69 -18.29 12.73
CA VAL A 286 -10.96 -19.73 12.73
C VAL A 286 -11.54 -20.10 11.37
N ILE A 287 -10.77 -20.82 10.56
CA ILE A 287 -11.29 -21.24 9.25
C ILE A 287 -12.07 -22.54 9.35
N GLN A 288 -13.10 -22.65 8.51
CA GLN A 288 -14.03 -23.77 8.60
C GLN A 288 -14.23 -24.44 7.23
N PRO A 289 -13.13 -24.91 6.62
CA PRO A 289 -13.30 -25.59 5.34
C PRO A 289 -14.10 -26.87 5.55
N ASP A 290 -14.88 -27.23 4.56
CA ASP A 290 -15.58 -28.55 4.56
C ASP A 290 -14.74 -29.50 3.73
N LEU A 291 -14.38 -30.68 4.27
CA LEU A 291 -13.71 -31.72 3.48
C LEU A 291 -14.39 -31.98 2.16
N GLY A 292 -15.72 -31.94 2.15
CA GLY A 292 -16.47 -32.29 0.97
C GLY A 292 -16.67 -31.16 -0.04
N THR A 293 -16.13 -29.97 0.24
CA THR A 293 -16.15 -28.87 -0.76
C THR A 293 -14.80 -28.17 -0.94
N CYS A 294 -13.93 -28.24 0.08
CA CYS A 294 -12.66 -27.48 0.02
C CYS A 294 -11.61 -28.13 -0.89
N GLY A 295 -11.85 -29.39 -1.29
CA GLY A 295 -10.89 -30.19 -2.04
C GLY A 295 -10.41 -31.48 -1.39
N GLY A 296 -11.17 -31.98 -0.40
CA GLY A 296 -10.85 -33.29 0.17
C GLY A 296 -9.76 -33.24 1.24
N PHE A 297 -9.29 -34.41 1.69
CA PHE A 297 -8.20 -34.45 2.67
C PHE A 297 -6.96 -33.73 2.14
N THR A 298 -6.66 -33.95 0.86
CA THR A 298 -5.44 -33.41 0.26
C THR A 298 -5.39 -31.88 0.39
N GLU A 299 -6.51 -31.23 0.03
CA GLU A 299 -6.56 -29.77 0.06
C GLU A 299 -6.80 -29.22 1.45
N PHE A 300 -7.61 -29.93 2.24
CA PHE A 300 -7.84 -29.53 3.65
C PHE A 300 -6.51 -29.35 4.37
N LYS A 301 -5.63 -30.34 4.24
CA LYS A 301 -4.31 -30.27 4.85
C LYS A 301 -3.53 -29.04 4.37
N LYS A 302 -3.52 -28.79 3.06
CA LYS A 302 -2.79 -27.66 2.49
C LYS A 302 -3.36 -26.33 3.01
N ILE A 303 -4.69 -26.23 3.06
CA ILE A 303 -5.34 -25.06 3.67
C ILE A 303 -4.95 -24.86 5.13
N ALA A 304 -5.09 -25.92 5.92
CA ALA A 304 -4.78 -25.86 7.36
C ALA A 304 -3.31 -25.50 7.62
N ASP A 305 -2.40 -26.07 6.81
CA ASP A 305 -0.97 -25.85 6.97
C ASP A 305 -0.59 -24.40 6.62
N MET A 306 -1.19 -23.86 5.57
CA MET A 306 -1.06 -22.43 5.25
CA MET A 306 -1.03 -22.43 5.28
C MET A 306 -1.62 -21.56 6.38
N ALA A 307 -2.81 -21.91 6.86
CA ALA A 307 -3.46 -21.14 7.92
C ALA A 307 -2.58 -21.05 9.19
N HIS A 308 -1.85 -22.13 9.47
CA HIS A 308 -1.00 -22.20 10.66
C HIS A 308 0.02 -21.06 10.69
N ILE A 309 0.57 -20.73 9.50
CA ILE A 309 1.53 -19.62 9.32
CA ILE A 309 1.56 -19.65 9.39
C ILE A 309 1.00 -18.30 9.84
N PHE A 310 -0.32 -18.16 9.78
CA PHE A 310 -0.99 -16.89 10.08
C PHE A 310 -1.66 -16.91 11.46
N GLU A 311 -1.31 -17.93 12.26
CA GLU A 311 -1.88 -18.13 13.60
C GLU A 311 -3.40 -18.16 13.54
N VAL A 312 -3.90 -18.96 12.61
CA VAL A 312 -5.33 -19.21 12.40
C VAL A 312 -5.54 -20.69 12.76
N THR A 313 -6.66 -20.99 13.41
CA THR A 313 -6.97 -22.37 13.78
C THR A 313 -8.17 -22.86 12.96
N VAL A 314 -8.51 -24.14 13.10
CA VAL A 314 -9.39 -24.81 12.14
C VAL A 314 -10.51 -25.56 12.89
N GLN A 315 -11.73 -25.40 12.41
CA GLN A 315 -12.83 -26.31 12.78
C GLN A 315 -13.44 -26.76 11.47
N ALA A 316 -13.33 -28.05 11.13
CA ALA A 316 -13.93 -28.52 9.89
C ALA A 316 -15.43 -28.21 9.89
N HIS A 317 -15.94 -27.75 8.77
CA HIS A 317 -17.38 -27.63 8.65
C HIS A 317 -17.93 -29.03 8.38
N VAL A 318 -18.89 -29.45 9.20
CA VAL A 318 -19.40 -30.82 9.11
C VAL A 318 -20.93 -30.76 9.14
N ALA A 319 -21.55 -31.14 8.04
CA ALA A 319 -23.01 -31.06 7.91
C ALA A 319 -23.54 -31.96 6.79
N GLY A 320 -23.23 -33.26 6.87
CA GLY A 320 -23.86 -34.28 6.00
C GLY A 320 -23.97 -35.63 6.71
N THR A 321 -23.68 -36.71 5.98
CA THR A 321 -23.80 -38.06 6.55
C THR A 321 -22.64 -38.43 7.46
N GLY A 322 -22.70 -39.65 8.00
CA GLY A 322 -21.60 -40.22 8.78
C GLY A 322 -20.32 -40.42 7.99
N VAL A 323 -20.41 -40.47 6.66
CA VAL A 323 -19.19 -40.49 5.83
C VAL A 323 -18.38 -39.19 6.00
N ALA A 324 -19.04 -38.06 5.78
CA ALA A 324 -18.49 -36.75 6.10
C ALA A 324 -17.97 -36.64 7.52
N GLU A 325 -18.79 -37.03 8.50
CA GLU A 325 -18.37 -36.89 9.88
C GLU A 325 -17.14 -37.74 10.24
N ALA A 326 -17.14 -39.02 9.83
CA ALA A 326 -15.99 -39.88 10.11
C ALA A 326 -14.72 -39.29 9.48
N ALA A 327 -14.84 -38.85 8.23
CA ALA A 327 -13.68 -38.31 7.51
C ALA A 327 -13.11 -37.07 8.24
N SER A 328 -14.01 -36.20 8.70
CA SER A 328 -13.61 -34.96 9.38
C SER A 328 -12.76 -35.20 10.61
N LEU A 329 -13.06 -36.26 11.35
CA LEU A 329 -12.31 -36.60 12.57
C LEU A 329 -10.84 -36.91 12.29
N HIS A 330 -10.58 -37.59 11.18
CA HIS A 330 -9.21 -37.93 10.76
C HIS A 330 -8.44 -36.66 10.40
N ALA A 331 -9.09 -35.77 9.64
CA ALA A 331 -8.47 -34.51 9.19
C ALA A 331 -8.09 -33.64 10.38
N GLU A 332 -9.00 -33.53 11.34
CA GLU A 332 -8.82 -32.67 12.49
C GLU A 332 -7.79 -33.17 13.48
N ILE A 333 -7.76 -34.47 13.73
CA ILE A 333 -6.79 -35.01 14.69
C ILE A 333 -5.36 -34.93 14.15
N ALA A 334 -5.24 -34.85 12.83
CA ALA A 334 -3.92 -34.89 12.15
C ALA A 334 -3.28 -33.51 11.98
N ILE A 335 -3.98 -32.45 12.39
CA ILE A 335 -3.42 -31.08 12.26
C ILE A 335 -3.07 -30.51 13.65
N PRO A 336 -1.98 -29.74 13.74
CA PRO A 336 -1.65 -29.04 15.00
C PRO A 336 -2.59 -27.91 15.38
N ASN A 337 -3.18 -27.22 14.39
CA ASN A 337 -3.91 -25.98 14.66
C ASN A 337 -5.42 -26.19 14.65
N PHE A 338 -5.85 -27.20 15.39
CA PHE A 338 -7.26 -27.54 15.55
C PHE A 338 -7.88 -26.69 16.66
N CYS A 339 -9.07 -26.15 16.40
CA CYS A 339 -9.80 -25.37 17.40
C CYS A 339 -10.87 -26.22 18.15
N ILE A 340 -11.86 -26.70 17.43
CA ILE A 340 -13.05 -27.34 18.04
C ILE A 340 -13.81 -28.08 16.93
N HIS A 341 -14.58 -29.11 17.29
CA HIS A 341 -15.32 -29.88 16.29
C HIS A 341 -16.82 -29.59 16.35
N GLU A 342 -17.42 -29.37 15.17
CA GLU A 342 -18.84 -29.11 15.01
C GLU A 342 -19.63 -30.42 15.00
N HIS A 343 -20.52 -30.57 15.96
CA HIS A 343 -21.46 -31.70 15.95
C HIS A 343 -22.88 -31.24 15.72
N HIS A 344 -23.33 -31.48 14.49
CA HIS A 344 -24.56 -30.92 13.97
C HIS A 344 -25.74 -31.73 14.49
N GLN A 345 -26.82 -31.02 14.77
CA GLN A 345 -28.06 -31.64 15.23
C GLN A 345 -28.68 -32.68 14.26
N LYS A 346 -28.46 -32.50 12.95
CA LYS A 346 -29.00 -33.43 11.93
C LYS A 346 -28.58 -34.90 12.13
N THR A 347 -27.38 -35.10 12.67
CA THR A 347 -26.84 -36.44 12.90
C THR A 347 -27.71 -37.21 13.91
N LEU A 348 -28.40 -36.44 14.78
CA LEU A 348 -29.29 -37.00 15.79
C LEU A 348 -30.62 -37.52 15.21
N LEU A 349 -30.90 -37.22 13.94
CA LEU A 349 -32.13 -37.68 13.25
C LEU A 349 -31.94 -39.05 12.58
N PRO A 350 -32.94 -39.94 12.68
CA PRO A 350 -32.97 -41.27 12.03
C PRO A 350 -32.87 -41.31 10.50
N GLU A 351 -33.18 -40.19 9.84
CA GLU A 351 -32.95 -39.98 8.40
C GLU A 351 -31.52 -40.29 7.99
N TYR A 352 -30.60 -39.82 8.82
CA TYR A 352 -29.19 -39.82 8.49
C TYR A 352 -28.53 -41.05 9.08
N GLU A 353 -28.91 -41.40 10.31
CA GLU A 353 -28.35 -42.55 11.02
C GLU A 353 -28.47 -43.85 10.21
N GLU A 354 -29.55 -44.00 9.47
CA GLU A 354 -29.81 -45.19 8.68
C GLU A 354 -28.96 -45.30 7.42
N LEU A 355 -28.19 -44.25 7.11
CA LEU A 355 -27.39 -44.22 5.88
C LEU A 355 -26.03 -44.93 6.01
N CYS A 356 -25.53 -45.02 7.24
CA CYS A 356 -24.15 -45.44 7.47
C CYS A 356 -24.10 -46.58 8.50
N VAL A 357 -23.04 -47.38 8.41
CA VAL A 357 -22.89 -48.56 9.26
C VAL A 357 -22.55 -48.18 10.73
N HIS A 358 -21.66 -47.21 10.91
CA HIS A 358 -21.25 -46.79 12.25
C HIS A 358 -21.85 -45.43 12.61
N ASN A 359 -22.38 -45.29 13.82
CA ASN A 359 -22.94 -44.04 14.27
C ASN A 359 -22.01 -43.40 15.29
N TYR A 360 -21.03 -42.65 14.80
CA TYR A 360 -20.04 -42.02 15.69
C TYR A 360 -20.64 -40.81 16.39
N GLN A 361 -20.62 -40.84 17.72
CA GLN A 361 -21.20 -39.77 18.52
C GLN A 361 -20.21 -39.34 19.60
N PRO A 362 -20.23 -38.05 19.97
CA PRO A 362 -19.37 -37.61 21.07
C PRO A 362 -19.73 -38.31 22.38
N VAL A 363 -18.76 -38.41 23.29
CA VAL A 363 -19.04 -38.86 24.64
C VAL A 363 -18.56 -37.77 25.58
N LYS A 364 -19.49 -37.27 26.41
CA LYS A 364 -19.24 -36.15 27.33
C LYS A 364 -18.54 -34.97 26.65
N GLY A 365 -19.05 -34.62 25.46
CA GLY A 365 -18.57 -33.46 24.72
C GLY A 365 -17.22 -33.65 24.03
N ARG A 366 -16.76 -34.90 23.91
CA ARG A 366 -15.46 -35.23 23.30
C ARG A 366 -15.64 -36.24 22.17
N TYR A 367 -14.91 -36.05 21.06
CA TYR A 367 -14.85 -37.05 19.99
C TYR A 367 -13.51 -37.76 19.97
N LYS A 368 -13.56 -39.06 19.68
CA LYS A 368 -12.36 -39.80 19.34
C LYS A 368 -12.38 -40.17 17.85
N VAL A 369 -11.20 -40.13 17.23
CA VAL A 369 -11.08 -40.53 15.82
C VAL A 369 -11.34 -42.04 15.70
N PRO A 370 -12.03 -42.47 14.62
CA PRO A 370 -12.09 -43.90 14.33
C PRO A 370 -10.73 -44.57 14.18
N GLU A 371 -10.64 -45.83 14.60
CA GLU A 371 -9.39 -46.57 14.55
C GLU A 371 -9.41 -47.73 13.57
N LEU A 372 -10.49 -47.85 12.80
CA LEU A 372 -10.61 -48.88 11.77
C LEU A 372 -9.75 -48.52 10.56
N PRO A 373 -9.49 -49.48 9.66
CA PRO A 373 -8.82 -49.12 8.39
C PRO A 373 -9.62 -48.08 7.59
N GLY A 374 -8.92 -47.15 6.94
CA GLY A 374 -9.57 -46.12 6.14
C GLY A 374 -10.23 -45.06 7.00
N ILE A 375 -11.36 -44.53 6.53
CA ILE A 375 -12.07 -43.50 7.29
C ILE A 375 -12.91 -44.09 8.41
N GLY A 376 -13.13 -45.41 8.35
CA GLY A 376 -13.83 -46.12 9.43
C GLY A 376 -15.34 -46.02 9.27
N GLN A 377 -15.80 -45.90 8.03
CA GLN A 377 -17.21 -45.72 7.75
C GLN A 377 -17.59 -46.46 6.50
N ASP A 378 -18.84 -46.89 6.43
CA ASP A 378 -19.38 -47.45 5.20
C ASP A 378 -20.86 -47.10 5.10
N ILE A 379 -21.40 -47.28 3.91
CA ILE A 379 -22.82 -47.05 3.66
C ILE A 379 -23.62 -48.34 3.89
N THR A 380 -24.88 -48.17 4.27
CA THR A 380 -25.78 -49.31 4.47
C THR A 380 -26.30 -49.84 3.14
N GLU A 381 -26.94 -51.01 3.19
CA GLU A 381 -27.52 -51.67 2.03
C GLU A 381 -28.68 -50.86 1.44
N LYS A 382 -29.36 -50.14 2.31
CA LYS A 382 -30.50 -49.28 1.97
C LYS A 382 -30.23 -48.22 0.89
N LEU A 383 -28.97 -47.79 0.78
CA LEU A 383 -28.60 -46.66 -0.08
C LEU A 383 -28.96 -46.80 -1.56
N TYR A 384 -28.77 -47.99 -2.10
CA TYR A 384 -29.12 -48.28 -3.49
C TYR A 384 -30.61 -48.08 -3.80
N GLN A 385 -31.46 -48.30 -2.79
CA GLN A 385 -32.92 -48.22 -2.94
C GLN A 385 -33.47 -46.80 -2.73
N ILE A 386 -32.75 -45.97 -1.97
CA ILE A 386 -33.22 -44.63 -1.64
C ILE A 386 -32.35 -43.51 -2.25
N SER A 387 -31.76 -43.76 -3.41
CA SER A 387 -30.90 -42.78 -4.09
C SER A 387 -31.20 -42.76 -5.58
N ASP A 388 -31.00 -41.60 -6.20
CA ASP A 388 -30.69 -41.56 -7.63
C ASP A 388 -29.29 -42.10 -7.82
N TYR A 389 -29.19 -43.19 -8.56
CA TYR A 389 -27.97 -44.02 -8.61
C TYR A 389 -27.35 -44.00 -10.00
N VAL A 390 -26.07 -43.63 -10.08
CA VAL A 390 -25.32 -43.67 -11.33
C VAL A 390 -24.05 -44.52 -11.14
N SER A 391 -23.79 -45.43 -12.08
CA SER A 391 -22.60 -46.28 -12.04
C SER A 391 -21.77 -46.05 -13.31
N ILE A 392 -20.46 -45.97 -13.15
CA ILE A 392 -19.54 -45.74 -14.29
C ILE A 392 -18.46 -46.81 -14.25
N GLU A 393 -18.25 -47.48 -15.38
CA GLU A 393 -17.19 -48.47 -15.51
C GLU A 393 -16.33 -48.27 -16.77
N ALA A 394 -15.66 -49.33 -17.19
CA ALA A 394 -14.63 -49.23 -18.23
C ALA A 394 -15.19 -49.61 -19.59
N SER B 2 -47.88 -9.83 -16.09
CA SER B 2 -48.62 -10.94 -15.43
C SER B 2 -48.25 -12.31 -16.01
N LEU B 3 -47.10 -12.38 -16.68
CA LEU B 3 -46.53 -13.65 -17.11
C LEU B 3 -46.11 -14.46 -15.90
N LYS B 4 -46.29 -15.77 -15.99
CA LYS B 4 -45.86 -16.70 -14.96
C LYS B 4 -45.17 -17.85 -15.66
N ILE B 5 -44.00 -18.24 -15.16
CA ILE B 5 -43.32 -19.43 -15.64
C ILE B 5 -44.10 -20.69 -15.27
N THR B 6 -44.40 -21.51 -16.27
CA THR B 6 -45.18 -22.73 -16.07
C THR B 6 -44.40 -24.03 -16.30
N LYS B 7 -43.37 -23.97 -17.14
CA LYS B 7 -42.63 -25.15 -17.51
C LYS B 7 -41.18 -24.79 -17.81
N ILE B 8 -40.27 -25.66 -17.36
CA ILE B 8 -38.85 -25.52 -17.70
C ILE B 8 -38.35 -26.85 -18.25
N GLU B 9 -37.73 -26.80 -19.42
CA GLU B 9 -37.16 -27.98 -20.05
C GLU B 9 -35.66 -27.81 -20.24
N ILE B 10 -34.91 -28.84 -19.89
CA ILE B 10 -33.44 -28.79 -19.95
C ILE B 10 -32.89 -29.86 -20.89
N PHE B 11 -32.09 -29.45 -21.85
CA PHE B 11 -31.53 -30.35 -22.88
C PHE B 11 -30.03 -30.43 -22.73
N HIS B 12 -29.55 -31.55 -22.23
CA HIS B 12 -28.12 -31.81 -22.25
C HIS B 12 -27.84 -32.61 -23.51
N VAL B 13 -27.40 -31.90 -24.55
CA VAL B 13 -27.34 -32.44 -25.91
C VAL B 13 -26.31 -33.57 -25.93
N HIS B 14 -26.62 -34.66 -26.63
CA HIS B 14 -25.71 -35.79 -26.77
C HIS B 14 -24.43 -35.40 -27.51
N THR B 15 -23.35 -36.09 -27.20
CA THR B 15 -22.04 -35.84 -27.80
C THR B 15 -22.07 -35.48 -29.27
N ARG B 16 -21.58 -34.28 -29.58
CA ARG B 16 -21.35 -33.86 -30.96
C ARG B 16 -20.09 -34.53 -31.50
N PRO B 17 -20.23 -35.35 -32.56
CA PRO B 17 -19.19 -36.25 -33.06
C PRO B 17 -17.82 -35.60 -33.29
N GLN B 18 -17.77 -34.48 -34.01
CA GLN B 18 -16.49 -33.87 -34.37
C GLN B 18 -15.83 -33.10 -33.23
N SER B 19 -16.61 -32.26 -32.55
CA SER B 19 -16.09 -31.40 -31.48
C SER B 19 -15.92 -32.15 -30.17
N GLY B 20 -16.74 -33.18 -29.98
CA GLY B 20 -16.75 -33.94 -28.73
C GLY B 20 -17.55 -33.26 -27.64
N GLN B 21 -18.28 -32.21 -28.00
CA GLN B 21 -18.88 -31.30 -27.02
C GLN B 21 -20.33 -31.70 -26.70
N ARG B 22 -20.85 -31.16 -25.60
CA ARG B 22 -22.22 -31.45 -25.18
C ARG B 22 -22.87 -30.18 -24.65
N PRO B 23 -23.52 -29.41 -25.53
CA PRO B 23 -24.19 -28.17 -25.12
C PRO B 23 -25.32 -28.40 -24.14
N ILE B 24 -25.62 -27.40 -23.33
CA ILE B 24 -26.70 -27.48 -22.36
C ILE B 24 -27.63 -26.29 -22.60
N LEU B 25 -28.87 -26.60 -22.98
CA LEU B 25 -29.88 -25.61 -23.34
C LEU B 25 -31.05 -25.70 -22.38
N VAL B 26 -31.70 -24.57 -22.15
CA VAL B 26 -32.90 -24.49 -21.31
C VAL B 26 -34.00 -23.75 -22.06
N LYS B 27 -35.22 -24.29 -21.98
CA LYS B 27 -36.39 -23.65 -22.57
C LYS B 27 -37.41 -23.35 -21.46
N VAL B 28 -37.70 -22.07 -21.28
CA VAL B 28 -38.58 -21.60 -20.21
C VAL B 28 -39.91 -21.15 -20.83
N SER B 29 -40.99 -21.86 -20.50
CA SER B 29 -42.32 -21.54 -21.04
C SER B 29 -43.17 -20.79 -20.02
N THR B 30 -44.12 -19.99 -20.52
CA THR B 30 -44.96 -19.18 -19.65
C THR B 30 -46.44 -19.52 -19.85
N ASP B 31 -47.28 -19.03 -18.93
CA ASP B 31 -48.74 -19.25 -18.98
C ASP B 31 -49.37 -18.72 -20.27
N GLU B 32 -48.79 -17.66 -20.82
CA GLU B 32 -49.34 -17.02 -22.02
C GLU B 32 -48.80 -17.59 -23.34
N GLY B 33 -48.06 -18.69 -23.26
CA GLY B 33 -47.56 -19.36 -24.46
C GLY B 33 -46.23 -18.85 -25.00
N ILE B 34 -45.75 -17.72 -24.48
CA ILE B 34 -44.41 -17.22 -24.83
C ILE B 34 -43.36 -18.10 -24.15
N TYR B 35 -42.33 -18.49 -24.89
CA TYR B 35 -41.18 -19.14 -24.29
C TYR B 35 -39.85 -18.46 -24.61
N GLY B 36 -38.83 -18.78 -23.81
CA GLY B 36 -37.49 -18.27 -24.02
C GLY B 36 -36.46 -19.38 -23.98
N LEU B 37 -35.38 -19.17 -24.71
CA LEU B 37 -34.26 -20.10 -24.78
C LEU B 37 -33.01 -19.49 -24.14
N GLY B 38 -32.28 -20.32 -23.38
CA GLY B 38 -30.99 -19.93 -22.84
C GLY B 38 -30.00 -21.08 -22.95
N GLU B 39 -28.75 -20.78 -22.60
CA GLU B 39 -27.67 -21.75 -22.75
C GLU B 39 -26.67 -21.59 -21.61
N ALA B 40 -26.24 -22.70 -21.02
CA ALA B 40 -25.17 -22.67 -20.01
C ALA B 40 -23.83 -22.90 -20.69
N GLY B 41 -22.85 -22.06 -20.39
CA GLY B 41 -21.62 -22.01 -21.19
C GLY B 41 -20.57 -23.06 -20.82
N ILE B 42 -21.01 -24.28 -20.53
CA ILE B 42 -20.11 -25.39 -20.18
CA ILE B 42 -20.11 -25.39 -20.18
C ILE B 42 -20.20 -26.51 -21.24
N ALA B 43 -20.23 -26.14 -22.51
CA ALA B 43 -20.45 -27.13 -23.59
C ALA B 43 -19.22 -27.97 -23.87
N TYR B 44 -18.06 -27.42 -23.52
CA TYR B 44 -16.78 -28.07 -23.73
C TYR B 44 -16.11 -28.30 -22.37
N GLY B 45 -14.99 -29.00 -22.36
CA GLY B 45 -14.35 -29.41 -21.11
C GLY B 45 -15.21 -30.40 -20.36
N VAL B 46 -14.91 -30.56 -19.07
CA VAL B 46 -15.55 -31.60 -18.27
C VAL B 46 -16.42 -30.90 -17.23
N GLY B 47 -17.72 -31.15 -17.29
CA GLY B 47 -18.63 -30.58 -16.28
C GLY B 47 -20.04 -30.30 -16.74
N GLY B 48 -20.33 -30.57 -18.01
CA GLY B 48 -21.67 -30.36 -18.56
C GLY B 48 -22.83 -30.97 -17.78
N SER B 49 -22.65 -32.19 -17.25
CA SER B 49 -23.71 -32.80 -16.43
C SER B 49 -23.99 -32.01 -15.17
N ALA B 50 -22.96 -31.34 -14.63
CA ALA B 50 -23.17 -30.46 -13.49
C ALA B 50 -24.04 -29.25 -13.86
N ALA B 51 -23.83 -28.70 -15.06
CA ALA B 51 -24.67 -27.61 -15.55
C ALA B 51 -26.12 -28.11 -15.74
N ALA B 52 -26.27 -29.31 -16.30
CA ALA B 52 -27.62 -29.88 -16.41
C ALA B 52 -28.30 -30.01 -15.04
N GLY B 53 -27.54 -30.46 -14.03
CA GLY B 53 -28.04 -30.62 -12.66
C GLY B 53 -28.39 -29.33 -11.97
N ILE B 54 -27.54 -28.30 -12.10
CA ILE B 54 -27.84 -27.02 -11.46
C ILE B 54 -29.13 -26.40 -12.01
N LEU B 55 -29.35 -26.55 -13.31
CA LEU B 55 -30.55 -26.01 -13.96
C LEU B 55 -31.80 -26.70 -13.42
N LYS B 56 -31.71 -28.03 -13.27
CA LYS B 56 -32.79 -28.81 -12.65
C LYS B 56 -33.11 -28.34 -11.22
N ASP B 57 -32.08 -28.10 -10.42
CA ASP B 57 -32.28 -27.64 -9.06
C ASP B 57 -32.85 -26.23 -8.98
N TYR B 58 -32.32 -25.32 -9.78
CA TYR B 58 -32.79 -23.93 -9.76
C TYR B 58 -34.23 -23.85 -10.25
N ALA B 59 -34.59 -24.75 -11.16
CA ALA B 59 -35.92 -24.73 -11.81
C ALA B 59 -37.07 -24.73 -10.81
N ALA B 60 -36.89 -25.46 -9.71
CA ALA B 60 -37.89 -25.52 -8.65
C ALA B 60 -38.18 -24.17 -8.00
N LEU B 61 -37.18 -23.29 -7.98
CA LEU B 61 -37.33 -21.97 -7.39
C LEU B 61 -37.98 -21.00 -8.37
N LEU B 62 -38.15 -21.44 -9.62
CA LEU B 62 -38.50 -20.52 -10.70
C LEU B 62 -39.91 -20.68 -11.21
N ILE B 63 -40.47 -21.89 -11.10
CA ILE B 63 -41.88 -22.09 -11.47
C ILE B 63 -42.76 -21.10 -10.69
N GLY B 64 -43.63 -20.40 -11.42
CA GLY B 64 -44.48 -19.37 -10.83
C GLY B 64 -43.93 -17.95 -10.84
N GLU B 65 -42.64 -17.78 -11.12
CA GLU B 65 -42.05 -16.45 -11.13
C GLU B 65 -42.43 -15.68 -12.40
N ASP B 66 -42.32 -14.36 -12.32
CA ASP B 66 -42.52 -13.46 -13.46
C ASP B 66 -41.16 -13.23 -14.13
N PRO B 67 -41.03 -13.67 -15.40
CA PRO B 67 -39.76 -13.52 -16.14
C PRO B 67 -39.28 -12.08 -16.31
N PHE B 68 -40.18 -11.09 -16.15
CA PHE B 68 -39.75 -9.69 -16.13
C PHE B 68 -38.97 -9.26 -14.89
N ASN B 69 -39.07 -10.06 -13.83
CA ASN B 69 -38.38 -9.74 -12.60
C ASN B 69 -36.97 -10.31 -12.60
N THR B 70 -36.19 -9.95 -13.62
CA THR B 70 -34.85 -10.52 -13.76
C THR B 70 -33.92 -10.15 -12.60
N GLU B 71 -34.01 -8.93 -12.08
CA GLU B 71 -33.12 -8.51 -10.96
C GLU B 71 -33.38 -9.34 -9.69
N ALA B 72 -34.67 -9.48 -9.34
CA ALA B 72 -35.08 -10.20 -8.13
C ALA B 72 -34.74 -11.68 -8.25
N ILE B 73 -34.96 -12.24 -9.44
CA ILE B 73 -34.69 -13.68 -9.65
C ILE B 73 -33.18 -13.94 -9.54
N TRP B 74 -32.39 -13.07 -10.17
CA TRP B 74 -30.92 -13.17 -10.09
C TRP B 74 -30.50 -13.13 -8.62
N GLU B 75 -31.01 -12.15 -7.88
CA GLU B 75 -30.65 -12.01 -6.47
C GLU B 75 -31.12 -13.20 -5.62
N LYS B 76 -32.29 -13.75 -5.96
CA LYS B 76 -32.84 -14.95 -5.31
C LYS B 76 -31.92 -16.16 -5.50
N LEU B 77 -31.47 -16.39 -6.74
CA LEU B 77 -30.60 -17.54 -7.01
C LEU B 77 -29.23 -17.29 -6.39
N PHE B 78 -28.84 -16.03 -6.30
CA PHE B 78 -27.61 -15.65 -5.62
C PHE B 78 -27.70 -15.88 -4.10
N LYS B 79 -28.79 -15.42 -3.49
CA LYS B 79 -28.88 -15.30 -2.02
C LYS B 79 -29.69 -16.38 -1.29
N LYS B 80 -30.57 -17.08 -2.00
CA LYS B 80 -31.49 -18.03 -1.36
C LYS B 80 -31.18 -19.49 -1.66
N THR B 81 -30.12 -19.73 -2.43
CA THR B 81 -29.70 -21.09 -2.74
C THR B 81 -28.61 -21.62 -1.81
N PHE B 82 -28.10 -20.74 -0.94
CA PHE B 82 -26.93 -20.98 -0.11
C PHE B 82 -25.61 -20.98 -0.88
N TRP B 83 -25.53 -21.81 -1.91
CA TRP B 83 -24.28 -21.96 -2.67
C TRP B 83 -24.01 -20.80 -3.62
N GLY B 84 -25.06 -20.02 -3.93
CA GLY B 84 -24.90 -18.79 -4.71
C GLY B 84 -23.80 -17.89 -4.15
N GLN B 85 -23.79 -17.73 -2.83
CA GLN B 85 -22.86 -16.82 -2.17
C GLN B 85 -21.43 -17.36 -2.08
N GLY B 86 -21.25 -18.64 -2.40
CA GLY B 86 -19.91 -19.21 -2.53
C GLY B 86 -19.38 -19.15 -3.94
N GLY B 87 -20.29 -18.98 -4.90
CA GLY B 87 -19.91 -18.74 -6.30
C GLY B 87 -19.46 -19.98 -7.07
N GLY B 88 -19.02 -19.77 -8.30
CA GLY B 88 -18.43 -20.86 -9.07
C GLY B 88 -18.91 -21.00 -10.50
N THR B 89 -18.14 -21.73 -11.28
CA THR B 89 -18.44 -21.98 -12.70
C THR B 89 -19.87 -22.47 -12.90
N VAL B 90 -20.23 -23.54 -12.19
CA VAL B 90 -21.52 -24.18 -12.40
C VAL B 90 -22.63 -23.34 -11.77
N ILE B 91 -22.38 -22.85 -10.56
CA ILE B 91 -23.33 -22.00 -9.84
C ILE B 91 -23.76 -20.84 -10.75
N PHE B 92 -22.79 -20.13 -11.32
CA PHE B 92 -23.13 -18.98 -12.16
C PHE B 92 -23.65 -19.33 -13.55
N SER B 93 -23.26 -20.49 -14.07
CA SER B 93 -23.81 -20.98 -15.34
CA SER B 93 -23.81 -20.99 -15.34
C SER B 93 -25.31 -21.21 -15.24
N GLY B 94 -25.77 -21.65 -14.07
CA GLY B 94 -27.20 -21.90 -13.85
C GLY B 94 -28.01 -20.62 -13.85
N ILE B 95 -27.49 -19.60 -13.15
CA ILE B 95 -28.12 -18.29 -13.15
C ILE B 95 -28.12 -17.73 -14.57
N SER B 96 -26.99 -17.87 -15.26
CA SER B 96 -26.80 -17.35 -16.63
C SER B 96 -27.85 -17.86 -17.60
N ALA B 97 -28.01 -19.19 -17.68
CA ALA B 97 -28.86 -19.77 -18.71
C ALA B 97 -30.31 -19.33 -18.56
N PHE B 98 -30.80 -19.33 -17.31
CA PHE B 98 -32.15 -18.82 -17.03
C PHE B 98 -32.29 -17.35 -17.39
N ASP B 99 -31.32 -16.53 -17.01
CA ASP B 99 -31.39 -15.09 -17.30
C ASP B 99 -31.53 -14.82 -18.80
N ILE B 100 -30.77 -15.55 -19.61
CA ILE B 100 -30.83 -15.40 -21.07
C ILE B 100 -32.25 -15.71 -21.56
N ALA B 101 -32.82 -16.81 -21.07
CA ALA B 101 -34.17 -17.21 -21.44
C ALA B 101 -35.22 -16.18 -21.03
N PHE B 102 -35.04 -15.56 -19.86
CA PHE B 102 -35.97 -14.52 -19.40
C PHE B 102 -35.93 -13.29 -20.29
N TRP B 103 -34.72 -12.86 -20.70
CA TRP B 103 -34.63 -11.72 -21.61
C TRP B 103 -35.25 -12.04 -22.97
N ASP B 104 -35.05 -13.28 -23.44
CA ASP B 104 -35.70 -13.78 -24.66
C ASP B 104 -37.22 -13.59 -24.55
N ILE B 105 -37.78 -14.04 -23.43
CA ILE B 105 -39.21 -13.84 -23.14
C ILE B 105 -39.65 -12.37 -23.16
N LYS B 106 -38.88 -11.51 -22.48
CA LYS B 106 -39.19 -10.08 -22.46
C LYS B 106 -39.24 -9.50 -23.86
N GLY B 107 -38.26 -9.84 -24.69
CA GLY B 107 -38.22 -9.35 -26.07
C GLY B 107 -39.42 -9.83 -26.88
N LYS B 108 -39.71 -11.13 -26.81
CA LYS B 108 -40.90 -11.68 -27.47
C LYS B 108 -42.19 -11.00 -27.01
N ALA B 109 -42.33 -10.81 -25.69
CA ALA B 109 -43.51 -10.17 -25.09
C ALA B 109 -43.70 -8.75 -25.60
N LEU B 110 -42.60 -8.04 -25.86
CA LEU B 110 -42.67 -6.63 -26.22
C LEU B 110 -42.46 -6.40 -27.72
N ASN B 111 -42.32 -7.49 -28.48
CA ASN B 111 -42.02 -7.41 -29.92
C ASN B 111 -40.73 -6.62 -30.21
N LEU B 112 -39.70 -6.86 -29.40
CA LEU B 112 -38.43 -6.14 -29.56
C LEU B 112 -37.27 -7.13 -29.50
N PRO B 113 -36.21 -6.89 -30.30
CA PRO B 113 -34.96 -7.63 -30.04
C PRO B 113 -34.39 -7.28 -28.68
N VAL B 114 -33.69 -8.24 -28.07
CA VAL B 114 -33.12 -8.03 -26.75
C VAL B 114 -32.21 -6.79 -26.67
N TYR B 115 -31.40 -6.50 -27.69
CA TYR B 115 -30.54 -5.31 -27.61
C TYR B 115 -31.32 -4.00 -27.33
N LYS B 116 -32.58 -3.91 -27.78
CA LYS B 116 -33.42 -2.75 -27.49
CA LYS B 116 -33.43 -2.75 -27.50
C LYS B 116 -33.78 -2.61 -26.02
N LEU B 117 -33.84 -3.74 -25.33
CA LEU B 117 -34.13 -3.76 -23.91
C LEU B 117 -32.87 -3.58 -23.05
N LEU B 118 -31.71 -3.69 -23.69
CA LEU B 118 -30.41 -3.56 -23.02
C LEU B 118 -29.83 -2.16 -23.17
N GLY B 119 -30.54 -1.28 -23.86
CA GLY B 119 -30.07 0.10 -24.04
C GLY B 119 -29.77 0.53 -25.48
N GLY B 120 -30.06 -0.34 -26.44
CA GLY B 120 -29.99 0.02 -27.86
C GLY B 120 -28.61 -0.20 -28.47
N LYS B 121 -28.48 0.08 -29.76
CA LYS B 121 -27.21 -0.10 -30.48
C LYS B 121 -26.21 1.00 -30.13
N ASN B 122 -24.92 0.63 -30.11
CA ASN B 122 -23.82 1.59 -29.99
C ASN B 122 -22.99 1.64 -31.28
N ARG B 123 -23.35 0.79 -32.24
CA ARG B 123 -22.68 0.68 -33.56
C ARG B 123 -23.61 -0.09 -34.49
N GLU B 124 -23.37 -0.01 -35.81
CA GLU B 124 -24.29 -0.65 -36.76
C GLU B 124 -23.99 -2.13 -37.01
N ASP B 125 -22.74 -2.52 -36.79
CA ASP B 125 -22.31 -3.91 -36.94
C ASP B 125 -21.07 -4.16 -36.08
N LEU B 126 -20.61 -5.40 -36.04
CA LEU B 126 -19.53 -5.80 -35.10
C LEU B 126 -18.38 -6.39 -35.88
N ARG B 127 -17.17 -5.87 -35.64
CA ARG B 127 -15.94 -6.49 -36.13
C ARG B 127 -15.82 -7.90 -35.55
N VAL B 128 -15.40 -8.86 -36.39
CA VAL B 128 -15.31 -10.26 -36.02
C VAL B 128 -13.89 -10.79 -36.24
N TYR B 129 -13.41 -11.65 -35.35
CA TYR B 129 -12.23 -12.43 -35.66
C TYR B 129 -12.51 -13.91 -35.87
N ALA B 130 -11.67 -14.52 -36.70
CA ALA B 130 -11.77 -15.95 -36.96
C ALA B 130 -11.00 -16.69 -35.86
N SER B 131 -11.73 -17.46 -35.06
CA SER B 131 -11.16 -18.01 -33.83
C SER B 131 -10.69 -19.46 -33.95
N GLN B 132 -9.53 -19.73 -33.36
CA GLN B 132 -9.01 -21.09 -33.14
C GLN B 132 -8.51 -21.72 -34.43
N LEU B 133 -7.64 -20.99 -35.13
CA LEU B 133 -7.08 -21.48 -36.40
C LEU B 133 -6.36 -22.81 -36.27
N GLN B 134 -5.81 -23.10 -35.09
CA GLN B 134 -5.07 -24.35 -34.85
C GLN B 134 -5.92 -25.61 -35.06
N PHE B 135 -7.25 -25.48 -35.06
CA PHE B 135 -8.14 -26.60 -35.36
C PHE B 135 -8.67 -26.55 -36.80
N GLY B 136 -8.11 -25.65 -37.60
CA GLY B 136 -8.53 -25.46 -38.99
C GLY B 136 -9.64 -24.43 -39.11
N TRP B 137 -9.54 -23.59 -40.13
CA TRP B 137 -10.61 -22.68 -40.50
C TRP B 137 -11.51 -23.33 -41.52
N GLY B 138 -12.56 -23.87 -40.99
CA GLY B 138 -13.57 -24.53 -41.73
C GLY B 138 -14.26 -25.41 -40.73
N LYS B 139 -15.05 -26.30 -41.26
CA LYS B 139 -15.78 -27.20 -40.47
C LYS B 139 -15.34 -28.61 -40.86
N GLU B 140 -14.06 -28.80 -41.05
CA GLU B 140 -13.60 -30.04 -40.46
C GLU B 140 -12.59 -29.76 -39.36
N ARG B 141 -12.87 -30.26 -38.16
CA ARG B 141 -12.00 -30.06 -37.01
CA ARG B 141 -12.00 -30.07 -37.01
C ARG B 141 -10.78 -30.97 -37.12
N LYS B 142 -9.60 -30.35 -37.23
CA LYS B 142 -8.35 -31.08 -37.39
C LYS B 142 -7.17 -30.24 -36.89
N SER B 143 -6.52 -30.71 -35.84
CA SER B 143 -5.45 -29.95 -35.19
C SER B 143 -4.18 -29.88 -36.06
N LYS B 144 -3.59 -28.69 -36.13
CA LYS B 144 -2.49 -28.43 -37.05
C LYS B 144 -1.14 -28.53 -36.34
N GLY B 145 -0.15 -29.02 -37.06
CA GLY B 145 1.21 -29.15 -36.52
C GLY B 145 2.29 -28.38 -37.27
N ARG B 146 2.21 -28.34 -38.60
CA ARG B 146 3.23 -27.69 -39.35
C ARG B 146 2.99 -26.19 -39.47
N LYS B 147 4.05 -25.42 -39.35
CA LYS B 147 3.94 -23.95 -39.40
C LYS B 147 3.22 -23.42 -40.65
N GLU B 148 3.44 -24.08 -41.80
CA GLU B 148 2.79 -23.71 -43.06
C GLU B 148 1.28 -23.82 -42.98
N GLU B 149 0.81 -24.82 -42.22
CA GLU B 149 -0.62 -25.07 -42.07
C GLU B 149 -1.30 -23.95 -41.29
N TYR B 150 -0.59 -23.40 -40.30
CA TYR B 150 -1.08 -22.27 -39.54
C TYR B 150 -1.28 -21.05 -40.45
N ALA B 151 -0.29 -20.76 -41.28
CA ALA B 151 -0.41 -19.72 -42.31
C ALA B 151 -1.56 -19.95 -43.29
N GLU B 152 -1.71 -21.20 -43.75
CA GLU B 152 -2.76 -21.57 -44.71
C GLU B 152 -4.14 -21.32 -44.14
N GLU B 153 -4.36 -21.76 -42.90
CA GLU B 153 -5.62 -21.50 -42.20
C GLU B 153 -5.92 -20.01 -42.03
N ALA B 154 -4.91 -19.25 -41.64
CA ALA B 154 -5.03 -17.79 -41.56
C ALA B 154 -5.44 -17.20 -42.91
N LEU B 155 -4.82 -17.65 -44.00
CA LEU B 155 -5.14 -17.14 -45.32
C LEU B 155 -6.56 -17.48 -45.76
N LYS B 156 -7.04 -18.65 -45.38
CA LYS B 156 -8.44 -19.04 -45.62
C LYS B 156 -9.43 -18.05 -44.97
N ALA B 157 -9.14 -17.67 -43.73
CA ALA B 157 -9.95 -16.66 -43.03
C ALA B 157 -9.88 -15.31 -43.74
N VAL B 158 -8.66 -14.88 -44.08
CA VAL B 158 -8.45 -13.60 -44.76
C VAL B 158 -9.25 -13.56 -46.08
N ALA B 159 -9.23 -14.70 -46.80
CA ALA B 159 -10.01 -14.85 -48.04
C ALA B 159 -11.52 -14.65 -47.87
N GLU B 160 -12.05 -14.95 -46.68
CA GLU B 160 -13.45 -14.71 -46.37
C GLU B 160 -13.73 -13.29 -45.88
N GLY B 161 -12.67 -12.48 -45.80
CA GLY B 161 -12.80 -11.07 -45.46
C GLY B 161 -12.60 -10.75 -43.97
N TYR B 162 -12.11 -11.72 -43.19
CA TYR B 162 -11.71 -11.45 -41.80
C TYR B 162 -10.43 -10.60 -41.79
N ASP B 163 -10.39 -9.59 -40.92
CA ASP B 163 -9.17 -8.80 -40.70
C ASP B 163 -8.57 -9.01 -39.31
N ALA B 164 -8.94 -10.12 -38.66
CA ALA B 164 -8.34 -10.54 -37.39
C ALA B 164 -8.48 -12.05 -37.25
N VAL B 165 -7.46 -12.68 -36.67
CA VAL B 165 -7.51 -14.11 -36.41
C VAL B 165 -7.03 -14.38 -34.98
N LYS B 166 -7.46 -15.50 -34.40
CA LYS B 166 -6.89 -15.97 -33.13
C LYS B 166 -6.39 -17.40 -33.24
N VAL B 167 -5.23 -17.63 -32.64
CA VAL B 167 -4.58 -18.93 -32.72
C VAL B 167 -3.90 -19.27 -31.39
N ASP B 168 -3.99 -20.54 -31.01
CA ASP B 168 -3.21 -21.09 -29.91
C ASP B 168 -2.02 -21.80 -30.56
N VAL B 169 -0.82 -21.25 -30.39
CA VAL B 169 0.38 -21.74 -31.08
C VAL B 169 1.27 -22.61 -30.21
N LEU B 170 0.92 -22.73 -28.93
CA LEU B 170 1.70 -23.55 -27.99
C LEU B 170 1.13 -24.95 -27.70
N ALA B 171 -0.18 -25.12 -27.88
CA ALA B 171 -0.87 -26.31 -27.38
C ALA B 171 -0.44 -27.61 -28.05
N HIS B 172 -0.10 -27.51 -29.33
CA HIS B 172 0.18 -28.70 -30.16
C HIS B 172 1.65 -28.80 -30.54
N ASP B 173 2.17 -30.02 -30.52
CA ASP B 173 3.51 -30.26 -31.04
C ASP B 173 3.52 -30.18 -32.57
N ARG B 174 4.67 -30.42 -33.19
CA ARG B 174 4.77 -30.28 -34.64
C ARG B 174 4.04 -31.38 -35.44
N ASN B 175 3.62 -32.44 -34.75
CA ASN B 175 2.72 -33.43 -35.34
C ASN B 175 1.24 -33.14 -35.09
N GLY B 176 0.93 -32.00 -34.49
CA GLY B 176 -0.46 -31.65 -34.18
C GLY B 176 -1.09 -32.32 -32.97
N SER B 177 -0.26 -32.85 -32.08
CA SER B 177 -0.73 -33.57 -30.89
C SER B 177 -0.56 -32.75 -29.59
N ARG B 178 -1.49 -32.93 -28.65
CA ARG B 178 -1.33 -32.38 -27.29
CA ARG B 178 -1.36 -32.39 -27.30
C ARG B 178 -0.50 -33.30 -26.41
N GLU B 179 -0.29 -34.54 -26.87
CA GLU B 179 0.35 -35.55 -26.03
C GLU B 179 1.76 -35.15 -25.65
N GLY B 180 2.03 -35.18 -24.34
CA GLY B 180 3.33 -34.83 -23.81
C GLY B 180 3.71 -33.36 -23.89
N VAL B 181 2.74 -32.49 -24.18
CA VAL B 181 3.00 -31.05 -24.21
C VAL B 181 2.70 -30.50 -22.82
N PHE B 182 3.68 -29.84 -22.24
CA PHE B 182 3.51 -29.30 -20.89
C PHE B 182 4.10 -27.90 -20.86
N LEU B 183 3.36 -26.94 -20.33
CA LEU B 183 3.65 -25.54 -20.65
C LEU B 183 3.75 -24.64 -19.40
N GLU B 184 3.87 -25.26 -18.23
CA GLU B 184 4.06 -24.50 -16.99
C GLU B 184 5.54 -24.43 -16.61
N GLY B 185 5.96 -23.29 -16.05
CA GLY B 185 7.34 -23.08 -15.67
C GLY B 185 8.18 -22.71 -16.88
N PRO B 186 9.48 -22.44 -16.67
CA PRO B 186 10.38 -22.07 -17.76
C PRO B 186 10.34 -23.10 -18.91
N LEU B 187 10.21 -22.62 -20.13
CA LEU B 187 10.00 -23.48 -21.31
C LEU B 187 11.33 -23.76 -22.01
N PRO B 188 11.45 -24.95 -22.64
CA PRO B 188 12.60 -25.27 -23.49
C PRO B 188 12.63 -24.36 -24.71
N SER B 189 13.83 -24.10 -25.23
CA SER B 189 14.00 -23.24 -26.41
CA SER B 189 13.98 -23.23 -26.40
C SER B 189 13.17 -23.73 -27.59
N GLU B 190 13.05 -25.06 -27.73
CA GLU B 190 12.36 -25.63 -28.88
C GLU B 190 10.84 -25.35 -28.86
N THR B 191 10.25 -25.33 -27.66
CA THR B 191 8.83 -24.98 -27.50
C THR B 191 8.57 -23.52 -27.87
N ILE B 192 9.47 -22.64 -27.41
CA ILE B 192 9.42 -21.23 -27.80
C ILE B 192 9.50 -21.11 -29.33
N LYS B 193 10.45 -21.83 -29.93
CA LYS B 193 10.67 -21.80 -31.37
C LYS B 193 9.45 -22.24 -32.18
N ILE B 194 8.80 -23.32 -31.75
CA ILE B 194 7.54 -23.79 -32.34
C ILE B 194 6.46 -22.70 -32.31
N GLY B 195 6.26 -22.08 -31.14
CA GLY B 195 5.29 -20.99 -31.04
C GLY B 195 5.63 -19.82 -31.95
N VAL B 196 6.90 -19.41 -31.92
CA VAL B 196 7.37 -18.26 -32.70
C VAL B 196 7.22 -18.52 -34.22
N GLU B 197 7.63 -19.70 -34.67
CA GLU B 197 7.63 -19.99 -36.11
C GLU B 197 6.20 -19.94 -36.66
N ARG B 198 5.22 -20.32 -35.83
CA ARG B 198 3.81 -20.27 -36.20
C ARG B 198 3.26 -18.86 -36.28
N VAL B 199 3.53 -18.05 -35.25
CA VAL B 199 3.15 -16.63 -35.27
C VAL B 199 3.82 -15.91 -36.46
N GLU B 200 5.10 -16.16 -36.66
CA GLU B 200 5.83 -15.53 -37.76
C GLU B 200 5.31 -15.95 -39.15
N ALA B 201 5.03 -17.25 -39.31
CA ALA B 201 4.41 -17.75 -40.55
C ALA B 201 3.08 -17.05 -40.82
N ILE B 202 2.23 -16.94 -39.80
CA ILE B 202 0.95 -16.24 -39.95
C ILE B 202 1.16 -14.77 -40.29
N ARG B 203 2.04 -14.08 -39.54
CA ARG B 203 2.29 -12.65 -39.77
C ARG B 203 2.78 -12.39 -41.20
N ASN B 204 3.72 -13.20 -41.65
CA ASN B 204 4.30 -13.03 -43.00
C ASN B 204 3.24 -13.26 -44.07
N ALA B 205 2.35 -14.23 -43.82
CA ALA B 205 1.27 -14.56 -44.74
C ALA B 205 0.18 -13.48 -44.83
N VAL B 206 -0.26 -12.96 -43.69
CA VAL B 206 -1.43 -12.08 -43.67
C VAL B 206 -1.06 -10.60 -43.80
N GLY B 207 0.23 -10.29 -43.61
CA GLY B 207 0.71 -8.91 -43.66
C GLY B 207 0.33 -8.10 -42.43
N PRO B 208 0.58 -6.78 -42.46
CA PRO B 208 0.46 -5.92 -41.27
C PRO B 208 -0.97 -5.53 -40.86
N ASP B 209 -1.94 -5.62 -41.76
CA ASP B 209 -3.27 -5.05 -41.51
C ASP B 209 -4.30 -6.09 -41.13
N VAL B 210 -3.82 -7.28 -40.79
CA VAL B 210 -4.70 -8.30 -40.23
C VAL B 210 -4.17 -8.56 -38.82
N ASP B 211 -5.06 -8.43 -37.83
CA ASP B 211 -4.60 -8.55 -36.44
C ASP B 211 -4.49 -10.00 -36.00
N ILE B 212 -3.55 -10.29 -35.12
CA ILE B 212 -3.30 -11.67 -34.65
C ILE B 212 -3.44 -11.69 -33.13
N ILE B 213 -4.38 -12.48 -32.65
CA ILE B 213 -4.57 -12.71 -31.21
C ILE B 213 -3.93 -14.06 -30.86
N VAL B 214 -3.14 -14.09 -29.79
CA VAL B 214 -2.54 -15.36 -29.35
C VAL B 214 -3.27 -15.87 -28.11
N GLU B 215 -3.76 -17.10 -28.21
CA GLU B 215 -4.55 -17.78 -27.17
CA GLU B 215 -4.48 -17.71 -27.11
C GLU B 215 -3.68 -18.82 -26.45
N ASN B 216 -3.53 -18.73 -25.13
CA ASN B 216 -2.73 -19.71 -24.40
C ASN B 216 -3.58 -20.77 -23.68
N HIS B 217 -4.90 -20.56 -23.66
CA HIS B 217 -5.85 -21.52 -23.09
C HIS B 217 -5.61 -21.87 -21.61
N GLY B 218 -4.95 -20.98 -20.86
CA GLY B 218 -4.57 -21.32 -19.48
C GLY B 218 -3.63 -22.51 -19.30
N HIS B 219 -2.94 -22.90 -20.37
CA HIS B 219 -1.96 -24.00 -20.33
C HIS B 219 -0.64 -23.51 -19.77
N THR B 220 -0.33 -22.24 -19.98
CA THR B 220 0.87 -21.62 -19.44
C THR B 220 0.62 -21.16 -18.00
N ASP B 221 1.68 -20.73 -17.32
CA ASP B 221 1.57 -19.92 -16.10
C ASP B 221 2.31 -18.59 -16.28
N LEU B 222 2.39 -17.81 -15.22
CA LEU B 222 3.03 -16.49 -15.29
C LEU B 222 4.40 -16.58 -15.95
N VAL B 223 5.20 -17.57 -15.55
CA VAL B 223 6.59 -17.64 -15.94
C VAL B 223 6.72 -17.94 -17.44
N SER B 224 6.06 -19.01 -17.89
CA SER B 224 6.09 -19.36 -19.30
C SER B 224 5.41 -18.30 -20.18
N ALA B 225 4.35 -17.67 -19.66
CA ALA B 225 3.63 -16.64 -20.43
C ALA B 225 4.52 -15.44 -20.70
N ILE B 226 5.29 -15.03 -19.69
CA ILE B 226 6.24 -13.91 -19.84
C ILE B 226 7.34 -14.25 -20.86
N GLN B 227 7.90 -15.44 -20.70
CA GLN B 227 8.94 -15.94 -21.60
C GLN B 227 8.45 -15.93 -23.05
N PHE B 228 7.25 -16.43 -23.27
CA PHE B 228 6.74 -16.52 -24.63
C PHE B 228 6.40 -15.14 -25.22
N ALA B 229 5.84 -14.27 -24.38
CA ALA B 229 5.52 -12.90 -24.80
C ALA B 229 6.78 -12.18 -25.31
N LYS B 230 7.89 -12.35 -24.60
CA LYS B 230 9.18 -11.79 -25.04
C LYS B 230 9.52 -12.19 -26.47
N ALA B 231 9.28 -13.46 -26.79
CA ALA B 231 9.64 -13.99 -28.09
C ALA B 231 8.74 -13.53 -29.24
N ILE B 232 7.48 -13.20 -28.94
CA ILE B 232 6.51 -12.84 -30.01
C ILE B 232 6.11 -11.38 -30.09
N GLU B 233 6.61 -10.55 -29.17
CA GLU B 233 6.20 -9.16 -29.13
C GLU B 233 6.53 -8.41 -30.42
N GLU B 234 7.57 -8.83 -31.13
CA GLU B 234 7.97 -8.18 -32.38
C GLU B 234 6.95 -8.33 -33.52
N PHE B 235 5.99 -9.24 -33.33
CA PHE B 235 5.02 -9.55 -34.38
C PHE B 235 3.71 -8.78 -34.30
N ASN B 236 3.64 -7.81 -33.39
CA ASN B 236 2.48 -6.94 -33.20
C ASN B 236 1.24 -7.74 -32.82
N ILE B 237 1.27 -8.34 -31.63
CA ILE B 237 0.16 -9.17 -31.17
C ILE B 237 -0.96 -8.26 -30.66
N PHE B 238 -2.17 -8.51 -31.13
CA PHE B 238 -3.32 -7.65 -30.84
C PHE B 238 -3.72 -7.71 -29.34
N PHE B 239 -3.93 -8.93 -28.87
CA PHE B 239 -3.94 -9.25 -27.44
C PHE B 239 -3.62 -10.69 -27.13
N TYR B 240 -3.41 -10.98 -25.85
CA TYR B 240 -2.74 -12.20 -25.41
C TYR B 240 -3.65 -12.80 -24.34
N GLU B 241 -4.28 -13.94 -24.65
CA GLU B 241 -5.48 -14.39 -23.93
C GLU B 241 -5.19 -15.58 -23.01
N GLU B 242 -5.78 -15.54 -21.80
CA GLU B 242 -5.73 -16.64 -20.82
C GLU B 242 -4.33 -17.21 -20.61
N ILE B 243 -3.44 -16.36 -20.10
CA ILE B 243 -2.02 -16.69 -20.07
C ILE B 243 -1.65 -17.50 -18.83
N ASN B 244 -2.58 -17.62 -17.89
CA ASN B 244 -2.36 -18.42 -16.70
C ASN B 244 -3.67 -18.89 -16.05
N THR B 245 -3.58 -19.35 -14.79
CA THR B 245 -4.77 -19.74 -14.04
C THR B 245 -5.39 -18.52 -13.36
N PRO B 246 -6.69 -18.24 -13.61
CA PRO B 246 -7.28 -17.01 -13.07
C PRO B 246 -7.70 -17.02 -11.59
N LEU B 247 -7.45 -18.12 -10.88
CA LEU B 247 -7.84 -18.28 -9.45
C LEU B 247 -7.09 -17.44 -8.39
N ASN B 248 -5.83 -17.07 -8.65
CA ASN B 248 -5.09 -16.08 -7.82
C ASN B 248 -4.93 -14.81 -8.67
N PRO B 249 -5.91 -13.89 -8.65
CA PRO B 249 -5.93 -12.78 -9.62
C PRO B 249 -4.70 -11.86 -9.64
N ARG B 250 -4.02 -11.72 -8.49
CA ARG B 250 -2.83 -10.87 -8.35
C ARG B 250 -1.71 -11.31 -9.28
N LEU B 251 -1.67 -12.59 -9.63
CA LEU B 251 -0.64 -13.08 -10.54
C LEU B 251 -0.67 -12.43 -11.93
N LEU B 252 -1.86 -12.06 -12.41
CA LEU B 252 -1.95 -11.39 -13.69
C LEU B 252 -1.35 -10.00 -13.65
N LYS B 253 -1.50 -9.31 -12.52
CA LYS B 253 -0.83 -8.03 -12.33
C LYS B 253 0.69 -8.19 -12.38
N GLU B 254 1.20 -9.26 -11.76
CA GLU B 254 2.62 -9.57 -11.79
C GLU B 254 3.10 -9.85 -13.23
N ALA B 255 2.31 -10.62 -13.99
CA ALA B 255 2.60 -10.89 -15.40
C ALA B 255 2.67 -9.60 -16.22
N LYS B 256 1.71 -8.71 -16.01
CA LYS B 256 1.62 -7.47 -16.78
C LYS B 256 2.85 -6.56 -16.57
N LYS B 257 3.47 -6.64 -15.39
CA LYS B 257 4.72 -5.91 -15.13
C LYS B 257 5.79 -6.23 -16.17
N LYS B 258 5.74 -7.44 -16.73
CA LYS B 258 6.77 -7.91 -17.65
C LYS B 258 6.32 -7.84 -19.11
N ILE B 259 5.01 -7.85 -19.32
CA ILE B 259 4.42 -8.15 -20.65
C ILE B 259 3.82 -6.87 -21.22
N ASP B 260 4.27 -6.49 -22.40
N ASP B 260 4.30 -6.51 -22.40
CA ASP B 260 3.81 -5.26 -23.03
CA ASP B 260 3.89 -5.31 -23.12
C ASP B 260 2.56 -5.44 -23.93
C ASP B 260 3.06 -5.64 -24.39
N ILE B 261 2.25 -6.68 -24.28
CA ILE B 261 1.12 -6.96 -25.16
C ILE B 261 -0.15 -6.84 -24.29
N PRO B 262 -1.24 -6.26 -24.83
CA PRO B 262 -2.49 -6.24 -24.05
C PRO B 262 -2.95 -7.64 -23.63
N LEU B 263 -3.49 -7.74 -22.42
CA LEU B 263 -3.89 -9.05 -21.90
C LEU B 263 -5.40 -9.18 -21.95
N ALA B 264 -5.88 -10.40 -22.21
CA ALA B 264 -7.30 -10.69 -22.19
C ALA B 264 -7.61 -11.89 -21.31
N SER B 265 -8.75 -11.85 -20.65
CA SER B 265 -9.25 -13.03 -19.92
C SER B 265 -10.73 -12.85 -19.62
N GLY B 266 -11.45 -13.96 -19.40
CA GLY B 266 -12.81 -13.80 -18.96
C GLY B 266 -13.68 -15.03 -18.95
N GLU B 267 -13.33 -16.02 -19.77
CA GLU B 267 -14.19 -17.17 -19.93
C GLU B 267 -14.18 -18.02 -18.67
N ARG B 268 -13.14 -17.87 -17.84
CA ARG B 268 -13.12 -18.59 -16.56
C ARG B 268 -13.17 -17.64 -15.35
N ILE B 269 -13.84 -16.53 -15.54
CA ILE B 269 -14.08 -15.56 -14.47
C ILE B 269 -15.56 -15.18 -14.50
N TYR B 270 -16.21 -15.17 -13.33
CA TYR B 270 -17.67 -15.16 -13.30
C TYR B 270 -18.21 -14.07 -12.37
N SER B 271 -19.22 -13.34 -12.86
CA SER B 271 -19.91 -12.27 -12.11
C SER B 271 -19.06 -11.03 -11.89
N ARG B 272 -19.71 -9.95 -11.46
CA ARG B 272 -19.02 -8.76 -10.96
C ARG B 272 -17.92 -9.08 -9.96
N TRP B 273 -18.19 -10.05 -9.08
CA TRP B 273 -17.24 -10.40 -8.02
C TRP B 273 -15.97 -11.03 -8.57
N GLY B 274 -16.10 -11.81 -9.65
CA GLY B 274 -14.96 -12.44 -10.30
C GLY B 274 -14.05 -11.42 -10.99
N PHE B 275 -14.65 -10.48 -11.71
CA PHE B 275 -13.84 -9.50 -12.45
C PHE B 275 -13.26 -8.40 -11.57
N LEU B 276 -13.91 -8.15 -10.44
CA LEU B 276 -13.52 -7.03 -9.57
C LEU B 276 -11.99 -6.94 -9.29
N PRO B 277 -11.37 -8.02 -8.77
CA PRO B 277 -9.93 -7.87 -8.47
C PRO B 277 -9.07 -7.55 -9.70
N PHE B 278 -9.45 -8.06 -10.88
CA PHE B 278 -8.69 -7.82 -12.11
C PHE B 278 -8.83 -6.36 -12.53
N LEU B 279 -9.99 -5.79 -12.26
CA LEU B 279 -10.20 -4.38 -12.53
C LEU B 279 -9.48 -3.47 -11.54
N GLU B 280 -9.56 -3.81 -10.25
CA GLU B 280 -8.82 -3.09 -9.20
C GLU B 280 -7.32 -3.07 -9.54
N ASP B 281 -6.79 -4.19 -10.02
CA ASP B 281 -5.38 -4.25 -10.42
C ASP B 281 -5.10 -3.65 -11.79
N ARG B 282 -6.18 -3.40 -12.56
CA ARG B 282 -6.11 -3.03 -13.98
C ARG B 282 -5.21 -3.98 -14.81
N SER B 283 -5.30 -5.29 -14.53
CA SER B 283 -4.41 -6.27 -15.17
C SER B 283 -4.96 -6.85 -16.49
N ILE B 284 -6.24 -6.62 -16.78
CA ILE B 284 -6.83 -7.10 -18.04
C ILE B 284 -7.24 -5.91 -18.89
N ASP B 285 -6.81 -5.93 -20.16
CA ASP B 285 -7.17 -4.90 -21.12
C ASP B 285 -8.44 -5.19 -21.89
N VAL B 286 -8.69 -6.47 -22.14
CA VAL B 286 -9.90 -6.90 -22.85
C VAL B 286 -10.54 -8.03 -22.06
N ILE B 287 -11.72 -7.81 -21.52
CA ILE B 287 -12.37 -8.84 -20.72
C ILE B 287 -13.26 -9.67 -21.60
N GLN B 288 -13.36 -10.95 -21.26
CA GLN B 288 -14.04 -11.92 -22.12
C GLN B 288 -15.09 -12.75 -21.38
N PRO B 289 -16.05 -12.09 -20.72
CA PRO B 289 -17.07 -12.89 -20.03
C PRO B 289 -17.90 -13.70 -21.05
N ASP B 290 -18.32 -14.89 -20.66
CA ASP B 290 -19.30 -15.66 -21.43
C ASP B 290 -20.67 -15.40 -20.85
N LEU B 291 -21.62 -14.97 -21.68
CA LEU B 291 -23.01 -14.81 -21.26
C LEU B 291 -23.53 -16.03 -20.50
N GLY B 292 -23.14 -17.22 -20.93
CA GLY B 292 -23.63 -18.46 -20.33
C GLY B 292 -22.90 -18.91 -19.08
N THR B 293 -21.94 -18.11 -18.60
CA THR B 293 -21.30 -18.43 -17.30
C THR B 293 -21.13 -17.22 -16.37
N CYS B 294 -21.06 -16.01 -16.93
CA CYS B 294 -20.75 -14.83 -16.10
C CYS B 294 -21.95 -14.37 -15.28
N GLY B 295 -23.14 -14.88 -15.64
CA GLY B 295 -24.39 -14.45 -15.02
C GLY B 295 -25.47 -13.96 -15.99
N GLY B 296 -25.32 -14.22 -17.29
CA GLY B 296 -26.40 -13.89 -18.24
C GLY B 296 -26.34 -12.44 -18.69
N PHE B 297 -27.34 -11.99 -19.43
CA PHE B 297 -27.41 -10.59 -19.91
C PHE B 297 -27.32 -9.63 -18.72
N THR B 298 -28.06 -9.93 -17.66
CA THR B 298 -28.13 -9.05 -16.49
C THR B 298 -26.74 -8.75 -15.93
N GLU B 299 -25.97 -9.81 -15.70
CA GLU B 299 -24.64 -9.68 -15.10
C GLU B 299 -23.57 -9.23 -16.10
N PHE B 300 -23.65 -9.69 -17.35
CA PHE B 300 -22.71 -9.26 -18.41
C PHE B 300 -22.71 -7.74 -18.53
N LYS B 301 -23.91 -7.16 -18.54
CA LYS B 301 -24.04 -5.71 -18.61
C LYS B 301 -23.36 -5.00 -17.43
N LYS B 302 -23.57 -5.52 -16.22
CA LYS B 302 -22.96 -4.97 -15.00
C LYS B 302 -21.44 -5.08 -15.06
N ILE B 303 -20.94 -6.22 -15.53
CA ILE B 303 -19.48 -6.41 -15.68
C ILE B 303 -18.91 -5.42 -16.68
N ALA B 304 -19.55 -5.34 -17.85
CA ALA B 304 -19.07 -4.47 -18.92
C ALA B 304 -19.10 -2.99 -18.50
N ASP B 305 -20.15 -2.59 -17.80
CA ASP B 305 -20.29 -1.24 -17.28
C ASP B 305 -19.24 -0.86 -16.24
N MET B 306 -18.94 -1.77 -15.32
CA MET B 306 -17.84 -1.60 -14.37
CA MET B 306 -17.84 -1.56 -14.38
C MET B 306 -16.50 -1.49 -15.11
N ALA B 307 -16.29 -2.38 -16.08
CA ALA B 307 -15.03 -2.41 -16.83
C ALA B 307 -14.76 -1.07 -17.57
N HIS B 308 -15.83 -0.43 -18.05
CA HIS B 308 -15.73 0.84 -18.77
C HIS B 308 -15.03 1.92 -17.95
N ILE B 309 -15.29 1.93 -16.64
CA ILE B 309 -14.66 2.85 -15.67
CA ILE B 309 -14.67 2.91 -15.72
C ILE B 309 -13.14 2.78 -15.71
N PHE B 310 -12.64 1.60 -16.05
CA PHE B 310 -11.22 1.29 -15.97
C PHE B 310 -10.56 1.28 -17.35
N GLU B 311 -11.27 1.83 -18.33
CA GLU B 311 -10.80 1.84 -19.75
C GLU B 311 -10.41 0.42 -20.20
N VAL B 312 -11.33 -0.49 -19.97
CA VAL B 312 -11.22 -1.88 -20.39
C VAL B 312 -12.32 -2.10 -21.42
N THR B 313 -12.01 -2.83 -22.50
CA THR B 313 -13.01 -3.16 -23.49
C THR B 313 -13.42 -4.63 -23.42
N VAL B 314 -14.40 -5.02 -24.21
CA VAL B 314 -15.10 -6.29 -24.03
C VAL B 314 -15.18 -7.07 -25.33
N GLN B 315 -14.88 -8.36 -25.26
CA GLN B 315 -15.19 -9.33 -26.31
C GLN B 315 -15.89 -10.49 -25.60
N ALA B 316 -17.19 -10.67 -25.80
CA ALA B 316 -17.86 -11.87 -25.25
C ALA B 316 -17.10 -13.13 -25.65
N HIS B 317 -16.93 -14.03 -24.69
CA HIS B 317 -16.50 -15.38 -25.01
C HIS B 317 -17.68 -16.16 -25.61
N VAL B 318 -17.46 -16.69 -26.82
CA VAL B 318 -18.54 -17.36 -27.58
C VAL B 318 -18.08 -18.74 -28.05
N ALA B 319 -18.64 -19.78 -27.47
CA ALA B 319 -18.22 -21.15 -27.80
C ALA B 319 -19.24 -22.22 -27.44
N GLY B 320 -20.48 -22.09 -27.93
CA GLY B 320 -21.47 -23.19 -27.94
C GLY B 320 -22.41 -23.15 -29.14
N THR B 321 -23.72 -23.27 -28.89
CA THR B 321 -24.70 -23.33 -30.01
C THR B 321 -25.07 -21.94 -30.53
N GLY B 322 -25.93 -21.93 -31.55
CA GLY B 322 -26.57 -20.71 -32.03
C GLY B 322 -27.39 -19.90 -31.03
N VAL B 323 -27.85 -20.53 -29.94
CA VAL B 323 -28.47 -19.77 -28.84
C VAL B 323 -27.46 -18.83 -28.19
N ALA B 324 -26.35 -19.41 -27.72
CA ALA B 324 -25.22 -18.64 -27.20
C ALA B 324 -24.72 -17.58 -28.18
N GLU B 325 -24.56 -17.94 -29.46
CA GLU B 325 -24.04 -16.94 -30.41
C GLU B 325 -25.00 -15.80 -30.67
N ALA B 326 -26.28 -16.11 -30.94
CA ALA B 326 -27.30 -15.07 -31.08
C ALA B 326 -27.36 -14.14 -29.87
N ALA B 327 -27.40 -14.73 -28.68
CA ALA B 327 -27.47 -13.95 -27.45
C ALA B 327 -26.29 -12.99 -27.31
N SER B 328 -25.10 -13.46 -27.63
CA SER B 328 -23.88 -12.65 -27.46
C SER B 328 -23.92 -11.38 -28.30
N LEU B 329 -24.51 -11.47 -29.49
CA LEU B 329 -24.57 -10.32 -30.39
C LEU B 329 -25.40 -9.18 -29.81
N HIS B 330 -26.52 -9.51 -29.15
CA HIS B 330 -27.31 -8.49 -28.45
C HIS B 330 -26.53 -7.79 -27.35
N ALA B 331 -25.82 -8.59 -26.55
CA ALA B 331 -25.07 -8.09 -25.40
C ALA B 331 -23.99 -7.11 -25.87
N GLU B 332 -23.30 -7.48 -26.94
CA GLU B 332 -22.16 -6.70 -27.45
C GLU B 332 -22.54 -5.41 -28.18
N ILE B 333 -23.62 -5.45 -28.96
CA ILE B 333 -24.01 -4.24 -29.69
C ILE B 333 -24.53 -3.16 -28.72
N ALA B 334 -25.02 -3.60 -27.56
CA ALA B 334 -25.64 -2.71 -26.56
C ALA B 334 -24.67 -2.03 -25.57
N ILE B 335 -23.37 -2.32 -25.69
CA ILE B 335 -22.37 -1.69 -24.80
C ILE B 335 -21.46 -0.73 -25.57
N PRO B 336 -21.06 0.39 -24.94
CA PRO B 336 -20.13 1.33 -25.59
C PRO B 336 -18.71 0.78 -25.74
N ASN B 337 -18.28 -0.08 -24.81
CA ASN B 337 -16.88 -0.49 -24.71
C ASN B 337 -16.64 -1.88 -25.33
N PHE B 338 -17.11 -2.05 -26.56
CA PHE B 338 -16.95 -3.30 -27.29
C PHE B 338 -15.64 -3.29 -28.08
N CYS B 339 -14.90 -4.40 -28.04
CA CYS B 339 -13.65 -4.54 -28.77
C CYS B 339 -13.85 -5.26 -30.11
N ILE B 340 -14.23 -6.54 -30.05
CA ILE B 340 -14.26 -7.43 -31.22
C ILE B 340 -15.09 -8.65 -30.86
N HIS B 341 -15.68 -9.32 -31.86
CA HIS B 341 -16.47 -10.53 -31.62
C HIS B 341 -15.72 -11.78 -32.05
N GLU B 342 -15.77 -12.81 -31.21
CA GLU B 342 -15.17 -14.12 -31.49
C GLU B 342 -16.09 -15.01 -32.34
N HIS B 343 -15.57 -15.50 -33.47
CA HIS B 343 -16.31 -16.47 -34.30
C HIS B 343 -15.56 -17.76 -34.63
N HIS B 344 -16.15 -18.93 -34.36
CA HIS B 344 -15.76 -20.15 -35.12
C HIS B 344 -16.73 -20.71 -36.16
N GLN B 345 -16.21 -21.53 -37.06
CA GLN B 345 -17.02 -22.14 -38.11
C GLN B 345 -17.53 -23.53 -37.75
N LYS B 346 -16.95 -24.10 -36.69
CA LYS B 346 -17.62 -25.15 -35.88
C LYS B 346 -19.13 -24.93 -35.73
N THR B 347 -19.56 -23.69 -35.85
CA THR B 347 -20.97 -23.34 -35.72
C THR B 347 -21.81 -24.03 -36.78
N LEU B 348 -21.23 -24.18 -37.97
CA LEU B 348 -21.99 -24.62 -39.14
C LEU B 348 -21.45 -25.95 -39.68
N LEU B 349 -20.85 -26.73 -38.79
CA LEU B 349 -21.03 -28.18 -38.82
C LEU B 349 -22.50 -28.55 -38.77
N PRO B 350 -22.85 -29.66 -39.42
CA PRO B 350 -24.20 -30.23 -39.32
C PRO B 350 -24.59 -30.52 -37.87
N GLU B 351 -23.63 -30.96 -37.05
CA GLU B 351 -23.87 -31.36 -35.65
C GLU B 351 -24.28 -30.19 -34.76
N TYR B 352 -23.78 -29.00 -35.08
CA TYR B 352 -24.13 -27.79 -34.36
C TYR B 352 -25.25 -27.01 -35.07
N GLU B 353 -25.18 -26.96 -36.40
CA GLU B 353 -26.18 -26.26 -37.20
C GLU B 353 -27.57 -26.89 -37.12
N GLU B 354 -27.64 -28.20 -36.87
CA GLU B 354 -28.90 -28.92 -36.74
C GLU B 354 -29.67 -28.64 -35.43
N LEU B 355 -29.02 -27.96 -34.49
CA LEU B 355 -29.60 -27.72 -33.17
C LEU B 355 -30.52 -26.51 -33.17
N CYS B 356 -30.21 -25.54 -34.02
CA CYS B 356 -30.90 -24.24 -34.02
C CYS B 356 -31.55 -23.93 -35.35
N VAL B 357 -32.63 -23.15 -35.30
CA VAL B 357 -33.43 -22.76 -36.48
C VAL B 357 -32.67 -21.79 -37.41
N HIS B 358 -31.94 -20.84 -36.82
CA HIS B 358 -31.29 -19.78 -37.59
C HIS B 358 -29.78 -19.90 -37.47
N ASN B 359 -29.08 -19.78 -38.60
CA ASN B 359 -27.62 -19.84 -38.61
C ASN B 359 -26.98 -18.47 -38.88
N TYR B 360 -26.68 -17.73 -37.82
CA TYR B 360 -26.15 -16.36 -37.99
C TYR B 360 -24.66 -16.42 -38.27
N GLN B 361 -24.23 -15.82 -39.38
CA GLN B 361 -22.85 -15.89 -39.81
C GLN B 361 -22.39 -14.48 -40.19
N PRO B 362 -21.10 -14.18 -39.95
CA PRO B 362 -20.60 -12.89 -40.38
C PRO B 362 -20.49 -12.83 -41.90
N VAL B 363 -20.34 -11.61 -42.41
CA VAL B 363 -20.11 -11.35 -43.82
C VAL B 363 -18.96 -10.38 -43.92
N LYS B 364 -17.91 -10.79 -44.65
CA LYS B 364 -16.68 -10.01 -44.79
C LYS B 364 -16.17 -9.49 -43.44
N GLY B 365 -16.13 -10.39 -42.46
CA GLY B 365 -15.63 -10.08 -41.12
C GLY B 365 -16.52 -9.19 -40.26
N ARG B 366 -17.80 -9.05 -40.65
CA ARG B 366 -18.73 -8.19 -39.90
C ARG B 366 -19.98 -8.96 -39.50
N TYR B 367 -20.44 -8.76 -38.25
CA TYR B 367 -21.71 -9.38 -37.81
C TYR B 367 -22.80 -8.33 -37.63
N LYS B 368 -24.01 -8.67 -38.06
CA LYS B 368 -25.22 -7.94 -37.65
CA LYS B 368 -25.21 -7.93 -37.66
C LYS B 368 -25.89 -8.62 -36.48
N VAL B 369 -26.40 -7.82 -35.53
CA VAL B 369 -27.23 -8.38 -34.44
C VAL B 369 -28.53 -8.91 -35.07
N PRO B 370 -29.05 -10.04 -34.58
CA PRO B 370 -30.36 -10.52 -35.06
C PRO B 370 -31.49 -9.51 -34.83
N GLU B 371 -32.31 -9.28 -35.85
CA GLU B 371 -33.35 -8.27 -35.75
C GLU B 371 -34.73 -8.91 -35.67
N LEU B 372 -34.88 -9.83 -34.72
CA LEU B 372 -36.16 -10.49 -34.47
C LEU B 372 -36.49 -10.25 -33.01
N PRO B 373 -37.77 -10.45 -32.62
CA PRO B 373 -38.10 -10.34 -31.18
C PRO B 373 -37.31 -11.34 -30.33
N GLY B 374 -36.91 -10.93 -29.13
CA GLY B 374 -36.15 -11.81 -28.25
C GLY B 374 -34.71 -11.89 -28.72
N ILE B 375 -34.06 -13.04 -28.51
CA ILE B 375 -32.69 -13.20 -28.98
C ILE B 375 -32.62 -13.54 -30.47
N GLY B 376 -33.76 -13.89 -31.05
CA GLY B 376 -33.85 -14.22 -32.47
C GLY B 376 -33.33 -15.62 -32.78
N GLN B 377 -33.53 -16.56 -31.86
CA GLN B 377 -33.04 -17.92 -32.04
C GLN B 377 -34.07 -18.90 -31.49
N ASP B 378 -34.10 -20.11 -32.03
CA ASP B 378 -34.92 -21.18 -31.47
C ASP B 378 -34.23 -22.52 -31.70
N ILE B 379 -34.66 -23.53 -30.95
CA ILE B 379 -34.19 -24.89 -31.14
C ILE B 379 -35.05 -25.66 -32.14
N THR B 380 -34.48 -26.69 -32.75
CA THR B 380 -35.22 -27.54 -33.69
C THR B 380 -36.04 -28.58 -32.95
N GLU B 381 -36.96 -29.23 -33.66
CA GLU B 381 -37.69 -30.38 -33.12
C GLU B 381 -36.79 -31.57 -32.79
N LYS B 382 -35.71 -31.71 -33.54
CA LYS B 382 -34.71 -32.76 -33.32
C LYS B 382 -34.18 -32.85 -31.88
N LEU B 383 -34.12 -31.71 -31.18
CA LEU B 383 -33.37 -31.59 -29.94
C LEU B 383 -33.80 -32.56 -28.85
N TYR B 384 -35.12 -32.66 -28.64
CA TYR B 384 -35.74 -33.62 -27.72
C TYR B 384 -35.18 -35.04 -27.87
N GLN B 385 -34.90 -35.44 -29.11
CA GLN B 385 -34.47 -36.80 -29.42
C GLN B 385 -32.97 -37.03 -29.30
N ILE B 386 -32.18 -35.96 -29.37
CA ILE B 386 -30.71 -36.09 -29.27
C ILE B 386 -30.13 -35.42 -28.00
N SER B 387 -30.91 -35.43 -26.92
CA SER B 387 -30.54 -34.83 -25.65
C SER B 387 -30.99 -35.70 -24.47
N ASP B 388 -30.24 -35.66 -23.38
CA ASP B 388 -30.78 -35.98 -22.07
C ASP B 388 -31.76 -34.88 -21.69
N TYR B 389 -33.01 -35.27 -21.51
CA TYR B 389 -34.13 -34.33 -21.39
C TYR B 389 -34.73 -34.39 -20.01
N VAL B 390 -34.87 -33.23 -19.38
CA VAL B 390 -35.52 -33.09 -18.10
C VAL B 390 -36.56 -31.98 -18.22
N SER B 391 -37.76 -32.25 -17.71
CA SER B 391 -38.83 -31.24 -17.72
C SER B 391 -39.37 -31.03 -16.31
N ILE B 392 -39.60 -29.78 -15.94
CA ILE B 392 -40.10 -29.41 -14.61
C ILE B 392 -41.34 -28.53 -14.76
N GLU B 393 -42.41 -28.90 -14.06
CA GLU B 393 -43.68 -28.19 -14.14
C GLU B 393 -44.24 -27.91 -12.77
N ALA B 394 -45.52 -27.53 -12.77
CA ALA B 394 -46.03 -26.41 -12.00
C ALA B 394 -46.94 -26.87 -10.87
N SER C 2 -37.94 3.40 -34.46
CA SER C 2 -38.37 4.42 -35.45
C SER C 2 -38.66 5.79 -34.83
N LEU C 3 -38.65 5.88 -33.49
CA LEU C 3 -38.89 7.15 -32.81
C LEU C 3 -37.73 8.11 -33.03
N LYS C 4 -38.04 9.37 -33.32
CA LYS C 4 -37.05 10.42 -33.42
C LYS C 4 -37.46 11.56 -32.51
N ILE C 5 -36.50 12.11 -31.76
CA ILE C 5 -36.73 13.35 -31.01
C ILE C 5 -36.89 14.55 -31.95
N THR C 6 -37.98 15.29 -31.76
CA THR C 6 -38.32 16.42 -32.63
C THR C 6 -38.35 17.75 -31.90
N LYS C 7 -38.55 17.71 -30.58
CA LYS C 7 -38.63 18.93 -29.80
C LYS C 7 -38.16 18.67 -28.37
N ILE C 8 -37.51 19.68 -27.81
CA ILE C 8 -37.04 19.64 -26.43
C ILE C 8 -37.43 20.96 -25.79
N GLU C 9 -38.13 20.88 -24.67
CA GLU C 9 -38.56 22.08 -23.96
C GLU C 9 -38.00 22.08 -22.56
N ILE C 10 -37.46 23.21 -22.13
CA ILE C 10 -36.79 23.27 -20.83
C ILE C 10 -37.46 24.35 -19.97
N PHE C 11 -37.86 23.96 -18.76
CA PHE C 11 -38.60 24.86 -17.87
C PHE C 11 -37.76 25.11 -16.63
N HIS C 12 -37.22 26.32 -16.51
CA HIS C 12 -36.55 26.72 -15.28
C HIS C 12 -37.59 27.47 -14.42
N VAL C 13 -38.20 26.73 -13.51
CA VAL C 13 -39.41 27.19 -12.80
C VAL C 13 -39.06 28.42 -11.96
N HIS C 14 -39.93 29.42 -11.99
CA HIS C 14 -39.73 30.64 -11.21
C HIS C 14 -39.69 30.36 -9.71
N THR C 15 -39.04 31.25 -8.96
CA THR C 15 -38.80 31.05 -7.53
C THR C 15 -40.03 30.52 -6.81
N ARG C 16 -39.88 29.38 -6.15
CA ARG C 16 -40.90 28.85 -5.26
C ARG C 16 -40.88 29.67 -3.96
N PRO C 17 -42.01 30.30 -3.61
CA PRO C 17 -42.07 31.32 -2.53
C PRO C 17 -41.50 30.90 -1.17
N GLN C 18 -42.00 29.79 -0.62
CA GLN C 18 -41.61 29.36 0.73
C GLN C 18 -40.17 28.84 0.78
N SER C 19 -39.81 28.04 -0.21
CA SER C 19 -38.52 27.33 -0.20
C SER C 19 -37.41 28.13 -0.87
N GLY C 20 -37.79 29.06 -1.74
CA GLY C 20 -36.84 29.89 -2.47
C GLY C 20 -36.19 29.17 -3.63
N GLN C 21 -36.67 27.95 -3.91
CA GLN C 21 -36.01 27.04 -4.85
C GLN C 21 -36.52 27.24 -6.27
N ARG C 22 -35.81 26.67 -7.25
CA ARG C 22 -36.18 26.81 -8.66
C ARG C 22 -35.87 25.51 -9.42
N PRO C 23 -36.85 24.58 -9.47
CA PRO C 23 -36.69 23.33 -10.22
C PRO C 23 -36.44 23.50 -11.72
N ILE C 24 -35.80 22.49 -12.31
CA ILE C 24 -35.47 22.52 -13.73
C ILE C 24 -36.00 21.23 -14.36
N LEU C 25 -36.95 21.39 -15.27
CA LEU C 25 -37.60 20.26 -15.91
CA LEU C 25 -37.64 20.26 -15.92
C LEU C 25 -37.38 20.30 -17.41
N VAL C 26 -37.36 19.11 -18.03
CA VAL C 26 -37.18 18.94 -19.46
C VAL C 26 -38.27 18.05 -20.01
N LYS C 27 -38.87 18.50 -21.12
CA LYS C 27 -39.85 17.71 -21.84
C LYS C 27 -39.34 17.40 -23.24
N VAL C 28 -39.22 16.11 -23.52
CA VAL C 28 -38.66 15.62 -24.79
C VAL C 28 -39.77 14.99 -25.62
N SER C 29 -40.08 15.60 -26.76
CA SER C 29 -41.17 15.12 -27.64
C SER C 29 -40.62 14.37 -28.84
N THR C 30 -41.40 13.41 -29.34
CA THR C 30 -40.97 12.59 -30.47
C THR C 30 -41.90 12.83 -31.67
N ASP C 31 -41.45 12.37 -32.83
CA ASP C 31 -42.27 12.45 -34.04
C ASP C 31 -43.62 11.69 -33.94
N GLU C 32 -43.64 10.64 -33.14
CA GLU C 32 -44.85 9.82 -32.97
C GLU C 32 -45.77 10.30 -31.83
N GLY C 33 -45.55 11.51 -31.34
CA GLY C 33 -46.46 12.13 -30.38
C GLY C 33 -46.16 11.85 -28.92
N ILE C 34 -45.35 10.81 -28.68
CA ILE C 34 -44.99 10.39 -27.33
C ILE C 34 -43.94 11.36 -26.79
N TYR C 35 -44.13 11.82 -25.55
CA TYR C 35 -43.12 12.65 -24.90
C TYR C 35 -42.72 12.09 -23.56
N GLY C 36 -41.55 12.51 -23.09
CA GLY C 36 -41.07 12.13 -21.78
C GLY C 36 -40.64 13.33 -20.98
N LEU C 37 -40.71 13.20 -19.65
CA LEU C 37 -40.30 14.25 -18.74
C LEU C 37 -39.09 13.81 -17.93
N GLY C 38 -38.18 14.74 -17.72
CA GLY C 38 -37.03 14.55 -16.85
C GLY C 38 -36.79 15.79 -16.00
N GLU C 39 -35.86 15.65 -15.05
CA GLU C 39 -35.62 16.70 -14.08
C GLU C 39 -34.12 16.73 -13.78
N ALA C 40 -33.54 17.93 -13.76
CA ALA C 40 -32.13 18.11 -13.34
C ALA C 40 -32.09 18.41 -11.84
N GLY C 41 -31.23 17.72 -11.11
CA GLY C 41 -31.28 17.77 -9.64
C GLY C 41 -30.59 18.95 -8.98
N ILE C 42 -30.74 20.16 -9.56
CA ILE C 42 -30.13 21.37 -9.01
CA ILE C 42 -30.13 21.38 -9.02
C ILE C 42 -31.23 22.38 -8.65
N ALA C 43 -32.33 21.88 -8.06
CA ALA C 43 -33.49 22.75 -7.73
C ALA C 43 -33.24 23.71 -6.57
N TYR C 44 -32.25 23.39 -5.75
CA TYR C 44 -31.89 24.18 -4.58
C TYR C 44 -30.42 24.56 -4.65
N GLY C 45 -29.98 25.40 -3.73
CA GLY C 45 -28.66 26.02 -3.80
C GLY C 45 -28.51 26.93 -5.00
N VAL C 46 -27.26 27.16 -5.40
CA VAL C 46 -26.94 28.19 -6.38
C VAL C 46 -26.38 27.49 -7.60
N GLY C 47 -27.11 27.54 -8.70
CA GLY C 47 -26.62 26.94 -9.95
C GLY C 47 -27.69 26.45 -10.92
N GLY C 48 -28.96 26.63 -10.58
CA GLY C 48 -30.06 26.21 -11.47
C GLY C 48 -30.03 26.77 -12.88
N SER C 49 -29.55 28.01 -13.06
CA SER C 49 -29.49 28.58 -14.40
C SER C 49 -28.44 27.86 -15.24
N ALA C 50 -27.42 27.33 -14.58
CA ALA C 50 -26.40 26.53 -15.26
C ALA C 50 -27.00 25.20 -15.74
N ALA C 51 -27.87 24.61 -14.92
CA ALA C 51 -28.62 23.43 -15.32
C ALA C 51 -29.53 23.71 -16.54
N ALA C 52 -30.24 24.85 -16.53
CA ALA C 52 -31.07 25.19 -17.67
C ALA C 52 -30.21 25.37 -18.93
N GLY C 53 -29.03 25.97 -18.77
CA GLY C 53 -28.11 26.21 -19.87
C GLY C 53 -27.48 24.95 -20.43
N ILE C 54 -27.09 24.02 -19.54
CA ILE C 54 -26.55 22.74 -20.02
C ILE C 54 -27.58 21.94 -20.83
N LEU C 55 -28.85 21.99 -20.41
CA LEU C 55 -29.90 21.27 -21.11
C LEU C 55 -30.10 21.85 -22.50
N LYS C 56 -30.07 23.18 -22.59
CA LYS C 56 -30.15 23.88 -23.87
C LYS C 56 -29.01 23.47 -24.80
N ASP C 57 -27.79 23.38 -24.25
CA ASP C 57 -26.64 23.05 -25.10
C ASP C 57 -26.66 21.60 -25.58
N TYR C 58 -27.01 20.69 -24.68
CA TYR C 58 -27.09 19.26 -25.04
C TYR C 58 -28.20 19.00 -26.04
N ALA C 59 -29.25 19.81 -25.97
CA ALA C 59 -30.45 19.63 -26.81
C ALA C 59 -30.09 19.59 -28.29
N ALA C 60 -29.13 20.42 -28.69
CA ALA C 60 -28.62 20.42 -30.06
C ALA C 60 -28.09 19.08 -30.56
N LEU C 61 -27.54 18.27 -29.65
CA LEU C 61 -26.97 16.97 -30.01
C LEU C 61 -28.04 15.88 -30.04
N LEU C 62 -29.23 16.20 -29.52
CA LEU C 62 -30.25 15.17 -29.26
C LEU C 62 -31.41 15.17 -30.25
N ILE C 63 -31.71 16.32 -30.85
CA ILE C 63 -32.73 16.37 -31.91
C ILE C 63 -32.35 15.38 -33.01
N GLY C 64 -33.29 14.52 -33.38
CA GLY C 64 -33.03 13.50 -34.41
C GLY C 64 -32.66 12.13 -33.86
N GLU C 65 -32.32 12.07 -32.57
CA GLU C 65 -31.92 10.81 -31.94
C GLU C 65 -33.11 9.90 -31.63
N ASP C 66 -32.81 8.61 -31.54
CA ASP C 66 -33.78 7.61 -31.09
C ASP C 66 -33.65 7.45 -29.56
N PRO C 67 -34.70 7.85 -28.83
CA PRO C 67 -34.69 7.77 -27.36
C PRO C 67 -34.53 6.35 -26.78
N PHE C 68 -34.70 5.31 -27.59
CA PHE C 68 -34.37 3.94 -27.17
C PHE C 68 -32.87 3.68 -27.04
N ASN C 69 -32.05 4.50 -27.70
CA ASN C 69 -30.59 4.32 -27.67
C ASN C 69 -29.96 5.01 -26.48
N THR C 70 -30.44 4.68 -25.29
CA THR C 70 -29.99 5.38 -24.08
C THR C 70 -28.49 5.17 -23.81
N GLU C 71 -27.96 3.98 -24.08
CA GLU C 71 -26.52 3.72 -23.87
C GLU C 71 -25.64 4.59 -24.77
N ALA C 72 -25.98 4.60 -26.06
CA ALA C 72 -25.21 5.36 -27.04
C ALA C 72 -25.32 6.87 -26.79
N ILE C 73 -26.51 7.32 -26.43
CA ILE C 73 -26.67 8.75 -26.19
C ILE C 73 -25.89 9.17 -24.93
N TRP C 74 -25.95 8.36 -23.88
CA TRP C 74 -25.23 8.67 -22.63
C TRP C 74 -23.75 8.77 -22.96
N GLU C 75 -23.24 7.81 -23.74
CA GLU C 75 -21.82 7.81 -24.09
C GLU C 75 -21.46 9.00 -25.01
N LYS C 76 -22.37 9.36 -25.91
CA LYS C 76 -22.19 10.55 -26.76
C LYS C 76 -22.09 11.84 -25.94
N LEU C 77 -23.03 12.06 -25.02
CA LEU C 77 -22.95 13.19 -24.10
C LEU C 77 -21.69 13.18 -23.23
N PHE C 78 -21.23 11.98 -22.87
CA PHE C 78 -20.01 11.82 -22.06
C PHE C 78 -18.75 12.13 -22.90
N LYS C 79 -18.70 11.61 -24.14
CA LYS C 79 -17.46 11.57 -24.94
C LYS C 79 -17.35 12.63 -26.02
N LYS C 80 -18.48 13.20 -26.42
CA LYS C 80 -18.49 14.07 -27.61
C LYS C 80 -18.77 15.55 -27.32
N THR C 81 -18.97 15.88 -26.04
CA THR C 81 -19.23 17.26 -25.62
C THR C 81 -17.94 17.96 -25.19
N PHE C 82 -16.86 17.18 -25.11
CA PHE C 82 -15.58 17.58 -24.51
C PHE C 82 -15.60 17.66 -22.98
N TRP C 83 -16.55 18.43 -22.44
CA TRP C 83 -16.65 18.62 -20.99
C TRP C 83 -17.19 17.42 -20.24
N GLY C 84 -17.92 16.55 -20.92
CA GLY C 84 -18.35 15.26 -20.35
C GLY C 84 -17.21 14.55 -19.64
N GLN C 85 -16.04 14.52 -20.29
CA GLN C 85 -14.91 13.76 -19.76
C GLN C 85 -14.20 14.45 -18.60
N GLY C 86 -14.54 15.72 -18.36
CA GLY C 86 -14.06 16.43 -17.16
C GLY C 86 -15.03 16.29 -15.97
N GLY C 87 -16.28 15.95 -16.27
CA GLY C 87 -17.26 15.71 -15.22
C GLY C 87 -17.83 16.96 -14.55
N GLY C 88 -18.69 16.73 -13.58
CA GLY C 88 -19.18 17.81 -12.74
C GLY C 88 -20.67 17.77 -12.47
N THR C 89 -21.06 18.48 -11.41
CA THR C 89 -22.44 18.67 -11.00
C THR C 89 -23.36 18.96 -12.18
N VAL C 90 -23.03 20.03 -12.92
CA VAL C 90 -23.90 20.54 -13.96
C VAL C 90 -23.83 19.63 -15.18
N ILE C 91 -22.61 19.24 -15.56
CA ILE C 91 -22.36 18.36 -16.70
C ILE C 91 -23.22 17.10 -16.56
N PHE C 92 -23.15 16.44 -15.40
CA PHE C 92 -23.90 15.19 -15.20
C PHE C 92 -25.41 15.39 -14.99
N SER C 93 -25.82 16.54 -14.44
CA SER C 93 -27.24 16.89 -14.33
CA SER C 93 -27.24 16.85 -14.32
C SER C 93 -27.92 16.94 -15.69
N GLY C 94 -27.21 17.44 -16.69
CA GLY C 94 -27.76 17.55 -18.04
C GLY C 94 -27.97 16.18 -18.66
N ILE C 95 -26.96 15.32 -18.55
CA ILE C 95 -27.11 13.91 -18.97
C ILE C 95 -28.28 13.25 -18.24
N SER C 96 -28.38 13.48 -16.93
CA SER C 96 -29.38 12.86 -16.06
C SER C 96 -30.80 13.18 -16.53
N ALA C 97 -31.07 14.46 -16.77
CA ALA C 97 -32.44 14.89 -17.00
C ALA C 97 -32.97 14.30 -18.30
N PHE C 98 -32.12 14.34 -19.33
CA PHE C 98 -32.45 13.72 -20.60
C PHE C 98 -32.66 12.22 -20.47
N ASP C 99 -31.78 11.56 -19.74
CA ASP C 99 -31.87 10.11 -19.56
C ASP C 99 -33.22 9.69 -18.94
N ILE C 100 -33.64 10.44 -17.90
CA ILE C 100 -34.93 10.18 -17.25
C ILE C 100 -36.08 10.30 -18.29
N ALA C 101 -36.06 11.36 -19.08
CA ALA C 101 -37.10 11.58 -20.12
C ALA C 101 -37.09 10.45 -21.19
N PHE C 102 -35.91 9.98 -21.57
CA PHE C 102 -35.83 8.85 -22.51
C PHE C 102 -36.49 7.59 -21.97
N TRP C 103 -36.21 7.25 -20.70
CA TRP C 103 -36.83 6.08 -20.09
C TRP C 103 -38.36 6.26 -19.98
N ASP C 104 -38.80 7.48 -19.64
CA ASP C 104 -40.23 7.82 -19.66
C ASP C 104 -40.83 7.50 -21.04
N ILE C 105 -40.17 7.96 -22.11
CA ILE C 105 -40.63 7.66 -23.48
C ILE C 105 -40.71 6.15 -23.76
N LYS C 106 -39.67 5.41 -23.39
CA LYS C 106 -39.64 3.95 -23.59
C LYS C 106 -40.85 3.29 -22.93
N GLY C 107 -41.12 3.67 -21.68
CA GLY C 107 -42.25 3.12 -20.96
C GLY C 107 -43.57 3.41 -21.63
N LYS C 108 -43.74 4.66 -22.07
CA LYS C 108 -44.96 5.04 -22.77
C LYS C 108 -45.10 4.31 -24.10
N ALA C 109 -43.99 4.18 -24.84
CA ALA C 109 -43.99 3.43 -26.10
C ALA C 109 -44.39 1.97 -25.94
N LEU C 110 -43.99 1.37 -24.82
CA LEU C 110 -44.20 -0.06 -24.59
C LEU C 110 -45.40 -0.35 -23.69
N ASN C 111 -46.09 0.72 -23.26
CA ASN C 111 -47.22 0.64 -22.33
C ASN C 111 -46.82 -0.07 -21.03
N LEU C 112 -45.69 0.35 -20.47
CA LEU C 112 -45.14 -0.29 -19.27
C LEU C 112 -44.60 0.77 -18.34
N PRO C 113 -44.74 0.57 -17.02
CA PRO C 113 -44.04 1.42 -16.06
C PRO C 113 -42.55 1.20 -16.17
N VAL C 114 -41.76 2.25 -15.93
CA VAL C 114 -40.31 2.19 -16.14
C VAL C 114 -39.62 1.06 -15.38
N TYR C 115 -40.06 0.76 -14.16
CA TYR C 115 -39.40 -0.28 -13.36
C TYR C 115 -39.39 -1.64 -14.08
N LYS C 116 -40.39 -1.89 -14.92
CA LYS C 116 -40.44 -3.13 -15.71
CA LYS C 116 -40.46 -3.13 -15.72
C LYS C 116 -39.34 -3.17 -16.76
N LEU C 117 -38.84 -1.99 -17.16
CA LEU C 117 -37.71 -1.91 -18.09
C LEU C 117 -36.34 -1.89 -17.41
N LEU C 118 -36.33 -1.75 -16.09
CA LEU C 118 -35.08 -1.68 -15.30
C LEU C 118 -34.77 -2.98 -14.57
N GLY C 119 -35.60 -3.99 -14.78
CA GLY C 119 -35.34 -5.31 -14.21
C GLY C 119 -36.40 -5.81 -13.23
N GLY C 120 -37.50 -5.06 -13.12
CA GLY C 120 -38.67 -5.54 -12.41
C GLY C 120 -38.64 -5.13 -10.94
N LYS C 121 -39.56 -5.66 -10.14
CA LYS C 121 -39.66 -5.31 -8.72
C LYS C 121 -38.80 -6.23 -7.87
N ASN C 122 -38.20 -5.68 -6.80
CA ASN C 122 -37.45 -6.49 -5.85
C ASN C 122 -38.19 -6.58 -4.51
N ARG C 123 -39.30 -5.86 -4.42
CA ARG C 123 -40.10 -5.78 -3.20
C ARG C 123 -41.45 -5.17 -3.59
N GLU C 124 -42.46 -5.35 -2.75
CA GLU C 124 -43.81 -4.89 -3.08
C GLU C 124 -44.05 -3.43 -2.75
N ASP C 125 -43.29 -2.90 -1.78
CA ASP C 125 -43.35 -1.48 -1.45
C ASP C 125 -42.02 -1.02 -0.85
N LEU C 126 -41.91 0.26 -0.51
CA LEU C 126 -40.65 0.85 -0.06
C LEU C 126 -40.84 1.53 1.29
N ARG C 127 -39.98 1.19 2.25
CA ARG C 127 -39.86 1.95 3.49
C ARG C 127 -39.48 3.40 3.22
N VAL C 128 -40.08 4.33 3.95
CA VAL C 128 -39.86 5.75 3.74
C VAL C 128 -39.46 6.44 5.05
N TYR C 129 -38.57 7.43 4.96
CA TYR C 129 -38.34 8.33 6.08
C TYR C 129 -38.81 9.75 5.82
N ALA C 130 -39.25 10.42 6.88
CA ALA C 130 -39.64 11.81 6.83
C ALA C 130 -38.42 12.71 6.93
N SER C 131 -38.16 13.49 5.89
CA SER C 131 -36.87 14.15 5.70
C SER C 131 -36.87 15.64 5.99
N GLN C 132 -35.86 16.06 6.76
CA GLN C 132 -35.52 17.47 7.04
C GLN C 132 -36.53 18.08 8.03
N LEU C 133 -36.65 17.44 9.18
CA LEU C 133 -37.59 17.86 10.23
C LEU C 133 -37.31 19.27 10.74
N GLN C 134 -36.05 19.69 10.65
CA GLN C 134 -35.65 21.02 11.13
C GLN C 134 -36.32 22.18 10.35
N PHE C 135 -36.96 21.87 9.22
CA PHE C 135 -37.70 22.88 8.44
C PHE C 135 -39.22 22.77 8.62
N GLY C 136 -39.63 21.91 9.54
CA GLY C 136 -41.06 21.63 9.77
C GLY C 136 -41.58 20.47 8.96
N TRP C 137 -42.34 19.60 9.62
CA TRP C 137 -43.16 18.60 8.94
C TRP C 137 -44.64 19.05 8.94
N GLY C 138 -45.02 20.01 8.10
CA GLY C 138 -45.10 19.80 6.66
C GLY C 138 -45.24 21.03 5.78
N LYS C 139 -46.39 21.71 5.83
CA LYS C 139 -46.78 22.60 4.73
C LYS C 139 -46.52 24.10 4.88
N GLU C 140 -46.08 24.52 6.07
CA GLU C 140 -45.29 25.73 6.19
C GLU C 140 -43.82 25.43 6.52
N ARG C 141 -42.94 25.85 5.62
CA ARG C 141 -41.50 25.73 5.84
C ARG C 141 -41.03 26.81 6.80
N LYS C 142 -40.50 26.38 7.94
CA LYS C 142 -39.98 27.28 8.98
C LYS C 142 -38.92 26.57 9.79
N SER C 143 -37.75 27.19 9.89
CA SER C 143 -36.62 26.58 10.59
C SER C 143 -36.85 26.51 12.10
N LYS C 144 -36.42 25.42 12.71
CA LYS C 144 -36.63 25.20 14.15
C LYS C 144 -35.38 25.44 14.99
N GLY C 145 -35.57 26.05 16.15
CA GLY C 145 -34.46 26.36 17.06
C GLY C 145 -34.51 25.64 18.38
N ARG C 146 -35.70 25.56 18.98
CA ARG C 146 -35.82 24.98 20.32
C ARG C 146 -35.93 23.47 20.27
N LYS C 147 -35.32 22.80 21.23
CA LYS C 147 -35.23 21.34 21.22
C LYS C 147 -36.58 20.62 21.22
N GLU C 148 -37.60 21.27 21.80
CA GLU C 148 -38.95 20.69 21.84
C GLU C 148 -39.60 20.70 20.48
N GLU C 149 -39.20 21.66 19.64
CA GLU C 149 -39.72 21.76 18.29
C GLU C 149 -39.23 20.58 17.43
N TYR C 150 -38.00 20.14 17.68
CA TYR C 150 -37.46 18.95 17.04
C TYR C 150 -38.22 17.69 17.43
N ALA C 151 -38.43 17.47 18.73
CA ALA C 151 -39.29 16.39 19.20
C ALA C 151 -40.70 16.43 18.61
N GLU C 152 -41.29 17.64 18.57
CA GLU C 152 -42.66 17.86 18.05
C GLU C 152 -42.80 17.47 16.56
N GLU C 153 -41.84 17.90 15.74
CA GLU C 153 -41.85 17.59 14.31
C GLU C 153 -41.70 16.08 14.09
N ALA C 154 -40.83 15.45 14.87
CA ALA C 154 -40.64 14.01 14.83
C ALA C 154 -41.94 13.26 15.15
N LEU C 155 -42.63 13.71 16.20
CA LEU C 155 -43.92 13.12 16.58
C LEU C 155 -45.01 13.28 15.53
N LYS C 156 -45.05 14.43 14.83
CA LYS C 156 -45.95 14.64 13.69
CA LYS C 156 -45.94 14.64 13.70
C LYS C 156 -45.71 13.61 12.59
N ALA C 157 -44.44 13.35 12.29
CA ALA C 157 -44.09 12.34 11.31
C ALA C 157 -44.54 10.94 11.75
N VAL C 158 -44.22 10.59 13.00
CA VAL C 158 -44.60 9.30 13.58
C VAL C 158 -46.13 9.10 13.56
N ALA C 159 -46.87 10.16 13.86
CA ALA C 159 -48.34 10.11 13.86
C ALA C 159 -48.91 9.80 12.47
N GLU C 160 -48.18 10.21 11.42
CA GLU C 160 -48.49 9.83 10.04
C GLU C 160 -48.07 8.42 9.61
N GLY C 161 -47.37 7.69 10.48
CA GLY C 161 -46.98 6.31 10.20
C GLY C 161 -45.53 6.08 9.78
N TYR C 162 -44.72 7.14 9.75
CA TYR C 162 -43.28 6.98 9.47
C TYR C 162 -42.57 6.32 10.65
N ASP C 163 -41.67 5.37 10.37
CA ASP C 163 -40.86 4.76 11.41
C ASP C 163 -39.38 5.13 11.27
N ALA C 164 -39.14 6.23 10.57
CA ALA C 164 -37.81 6.82 10.45
C ALA C 164 -37.94 8.30 10.12
N VAL C 165 -37.00 9.09 10.63
CA VAL C 165 -36.93 10.51 10.35
C VAL C 165 -35.47 10.93 10.09
N LYS C 166 -35.30 12.02 9.36
CA LYS C 166 -33.97 12.62 9.21
C LYS C 166 -33.96 14.08 9.61
N VAL C 167 -32.91 14.49 10.33
CA VAL C 167 -32.83 15.84 10.84
C VAL C 167 -31.38 16.35 10.77
N ASP C 168 -31.24 17.61 10.40
CA ASP C 168 -29.97 18.35 10.55
C ASP C 168 -30.05 19.11 11.88
N VAL C 169 -29.24 18.68 12.84
CA VAL C 169 -29.29 19.23 14.19
C VAL C 169 -28.19 20.28 14.49
N LEU C 170 -27.28 20.50 13.55
CA LEU C 170 -26.18 21.45 13.75
C LEU C 170 -26.37 22.78 13.03
N ALA C 171 -27.20 22.78 11.98
CA ALA C 171 -27.26 23.89 11.04
C ALA C 171 -27.76 25.19 11.68
N HIS C 172 -28.69 25.07 12.62
CA HIS C 172 -29.37 26.25 13.18
C HIS C 172 -29.01 26.45 14.64
N ASP C 173 -28.86 27.71 15.02
CA ASP C 173 -28.77 28.06 16.44
C ASP C 173 -30.12 27.88 17.14
N ARG C 174 -30.15 28.14 18.43
CA ARG C 174 -31.36 27.94 19.23
C ARG C 174 -32.52 28.92 18.92
N ASN C 175 -32.25 29.97 18.14
CA ASN C 175 -33.30 30.80 17.53
C ASN C 175 -33.72 30.36 16.13
N GLY C 176 -33.14 29.25 15.65
CA GLY C 176 -33.47 28.73 14.33
C GLY C 176 -32.82 29.48 13.18
N SER C 177 -31.72 30.18 13.45
CA SER C 177 -31.00 30.95 12.43
CA SER C 177 -31.02 30.90 12.39
C SER C 177 -29.67 30.28 12.04
N ARG C 178 -29.32 30.37 10.75
CA ARG C 178 -28.03 29.92 10.22
CA ARG C 178 -28.03 29.91 10.28
C ARG C 178 -26.96 30.98 10.46
N GLU C 179 -27.40 32.21 10.76
CA GLU C 179 -26.46 33.35 10.86
C GLU C 179 -25.43 33.13 11.96
N GLY C 180 -24.16 33.23 11.58
CA GLY C 180 -23.05 33.05 12.52
C GLY C 180 -22.77 31.62 12.95
N VAL C 181 -23.41 30.65 12.29
CA VAL C 181 -23.14 29.25 12.60
C VAL C 181 -22.04 28.75 11.67
N PHE C 182 -20.94 28.29 12.27
CA PHE C 182 -19.79 27.82 11.53
C PHE C 182 -19.35 26.49 12.12
N LEU C 183 -19.09 25.52 11.26
CA LEU C 183 -19.08 24.17 11.74
C LEU C 183 -17.83 23.37 11.29
N GLU C 184 -16.83 24.07 10.79
CA GLU C 184 -15.55 23.42 10.40
C GLU C 184 -14.51 23.49 11.52
N GLY C 185 -13.73 22.42 11.68
CA GLY C 185 -12.71 22.34 12.73
C GLY C 185 -13.31 22.03 14.09
N PRO C 186 -12.47 21.95 15.14
CA PRO C 186 -13.01 21.58 16.44
C PRO C 186 -14.13 22.52 16.90
N LEU C 187 -15.18 21.93 17.46
CA LEU C 187 -16.42 22.66 17.75
C LEU C 187 -16.46 23.10 19.22
N PRO C 188 -17.15 24.23 19.50
CA PRO C 188 -17.42 24.59 20.91
C PRO C 188 -18.30 23.57 21.62
N SER C 189 -18.10 23.44 22.93
CA SER C 189 -18.92 22.56 23.75
C SER C 189 -20.41 22.86 23.57
N GLU C 190 -20.78 24.14 23.51
CA GLU C 190 -22.20 24.53 23.40
C GLU C 190 -22.84 24.07 22.11
N THR C 191 -22.06 24.04 21.02
CA THR C 191 -22.55 23.56 19.73
C THR C 191 -22.84 22.07 19.76
N ILE C 192 -21.91 21.31 20.34
CA ILE C 192 -22.13 19.89 20.60
C ILE C 192 -23.40 19.68 21.43
N LYS C 193 -23.58 20.50 22.47
CA LYS C 193 -24.75 20.40 23.34
C LYS C 193 -26.06 20.63 22.57
N ILE C 194 -26.09 21.67 21.73
CA ILE C 194 -27.25 21.98 20.89
C ILE C 194 -27.64 20.78 20.00
N GLY C 195 -26.64 20.17 19.36
CA GLY C 195 -26.90 18.99 18.54
C GLY C 195 -27.37 17.80 19.37
N VAL C 196 -26.67 17.51 20.46
CA VAL C 196 -27.03 16.39 21.33
C VAL C 196 -28.45 16.56 21.90
N GLU C 197 -28.78 17.76 22.38
CA GLU C 197 -30.10 17.97 23.02
C GLU C 197 -31.25 17.72 22.04
N ARG C 198 -31.04 18.05 20.76
CA ARG C 198 -32.03 17.83 19.72
C ARG C 198 -32.20 16.34 19.41
N VAL C 199 -31.08 15.63 19.23
CA VAL C 199 -31.12 14.18 19.01
C VAL C 199 -31.74 13.45 20.19
N GLU C 200 -31.32 13.82 21.40
CA GLU C 200 -31.89 13.27 22.64
C GLU C 200 -33.39 13.53 22.78
N ALA C 201 -33.82 14.76 22.50
CA ALA C 201 -35.24 15.13 22.51
C ALA C 201 -36.07 14.25 21.58
N ILE C 202 -35.59 14.10 20.35
CA ILE C 202 -36.26 13.27 19.35
C ILE C 202 -36.32 11.82 19.79
N ARG C 203 -35.18 11.26 20.24
CA ARG C 203 -35.11 9.85 20.65
C ARG C 203 -36.02 9.54 21.85
N ASN C 204 -36.00 10.43 22.83
CA ASN C 204 -36.94 10.35 23.96
C ASN C 204 -38.41 10.37 23.52
N ALA C 205 -38.74 11.21 22.54
CA ALA C 205 -40.11 11.34 22.05
C ALA C 205 -40.59 10.13 21.23
N VAL C 206 -39.74 9.66 20.31
CA VAL C 206 -40.16 8.62 19.36
C VAL C 206 -39.90 7.17 19.82
N GLY C 207 -39.02 6.99 20.81
CA GLY C 207 -38.66 5.66 21.28
C GLY C 207 -37.65 4.94 20.39
N PRO C 208 -37.34 3.67 20.72
CA PRO C 208 -36.26 2.92 20.05
C PRO C 208 -36.60 2.42 18.65
N ASP C 209 -37.88 2.36 18.31
CA ASP C 209 -38.31 1.68 17.09
C ASP C 209 -38.61 2.63 15.94
N VAL C 210 -38.25 3.89 16.14
CA VAL C 210 -38.28 4.86 15.05
C VAL C 210 -36.83 5.27 14.81
N ASP C 211 -36.33 5.05 13.61
CA ASP C 211 -34.93 5.33 13.33
C ASP C 211 -34.67 6.82 13.09
N ILE C 212 -33.48 7.26 13.49
CA ILE C 212 -33.09 8.65 13.36
C ILE C 212 -31.82 8.71 12.51
N ILE C 213 -31.90 9.43 11.40
CA ILE C 213 -30.77 9.74 10.55
C ILE C 213 -30.32 11.17 10.84
N VAL C 214 -29.02 11.36 11.03
CA VAL C 214 -28.47 12.70 11.25
C VAL C 214 -27.79 13.24 9.99
N GLU C 215 -28.23 14.41 9.55
CA GLU C 215 -27.81 15.04 8.30
C GLU C 215 -26.91 16.25 8.61
N ASN C 216 -25.64 16.21 8.20
CA ASN C 216 -24.74 17.37 8.39
C ASN C 216 -24.68 18.38 7.24
N HIS C 217 -25.26 18.03 6.08
CA HIS C 217 -25.31 18.93 4.91
C HIS C 217 -23.96 19.40 4.38
N GLY C 218 -22.90 18.64 4.65
CA GLY C 218 -21.55 19.07 4.28
C GLY C 218 -21.05 20.34 4.96
N HIS C 219 -21.71 20.74 6.06
CA HIS C 219 -21.32 21.94 6.82
C HIS C 219 -20.13 21.68 7.73
N THR C 220 -20.02 20.45 8.19
CA THR C 220 -18.92 20.03 9.03
C THR C 220 -17.73 19.60 8.15
N ASP C 221 -16.60 19.33 8.78
CA ASP C 221 -15.51 18.60 8.11
C ASP C 221 -15.18 17.36 8.92
N LEU C 222 -14.12 16.65 8.53
CA LEU C 222 -13.72 15.43 9.23
C LEU C 222 -13.68 15.65 10.74
N VAL C 223 -12.98 16.68 11.16
CA VAL C 223 -12.67 16.88 12.59
C VAL C 223 -13.96 17.12 13.40
N SER C 224 -14.78 18.04 12.92
CA SER C 224 -16.04 18.29 13.63
C SER C 224 -17.01 17.12 13.51
N ALA C 225 -17.02 16.43 12.37
CA ALA C 225 -17.88 15.24 12.20
C ALA C 225 -17.57 14.15 13.22
N ILE C 226 -16.28 13.87 13.44
CA ILE C 226 -15.85 12.85 14.38
C ILE C 226 -16.24 13.27 15.80
N GLN C 227 -16.03 14.54 16.11
CA GLN C 227 -16.32 15.08 17.43
C GLN C 227 -17.81 14.95 17.77
N PHE C 228 -18.65 15.29 16.81
CA PHE C 228 -20.09 15.17 17.00
C PHE C 228 -20.58 13.72 17.04
N ALA C 229 -20.02 12.85 16.19
CA ALA C 229 -20.37 11.41 16.23
C ALA C 229 -20.17 10.79 17.62
N LYS C 230 -19.06 11.12 18.26
CA LYS C 230 -18.79 10.64 19.61
CA LYS C 230 -18.79 10.64 19.61
C LYS C 230 -19.90 11.02 20.57
N ALA C 231 -20.43 12.23 20.44
CA ALA C 231 -21.43 12.75 21.35
C ALA C 231 -22.82 12.16 21.15
N ILE C 232 -23.11 11.67 19.94
CA ILE C 232 -24.46 11.15 19.60
C ILE C 232 -24.55 9.64 19.37
N GLU C 233 -23.42 8.94 19.43
CA GLU C 233 -23.44 7.51 19.11
C GLU C 233 -24.32 6.69 20.05
N GLU C 234 -24.39 7.10 21.32
CA GLU C 234 -25.27 6.45 22.31
C GLU C 234 -26.77 6.42 21.94
N PHE C 235 -27.18 7.26 21.00
CA PHE C 235 -28.59 7.38 20.65
C PHE C 235 -29.04 6.49 19.49
N ASN C 236 -28.17 5.56 19.09
CA ASN C 236 -28.47 4.62 17.99
C ASN C 236 -28.86 5.34 16.68
N ILE C 237 -27.88 6.01 16.08
CA ILE C 237 -28.11 6.77 14.85
C ILE C 237 -28.08 5.80 13.67
N PHE C 238 -29.11 5.85 12.83
CA PHE C 238 -29.31 4.88 11.76
C PHE C 238 -28.18 5.04 10.72
N PHE C 239 -28.01 6.25 10.22
CA PHE C 239 -26.80 6.63 9.50
C PHE C 239 -26.57 8.13 9.58
N TYR C 240 -25.41 8.56 9.09
CA TYR C 240 -24.85 9.88 9.37
C TYR C 240 -24.40 10.41 8.01
N GLU C 241 -25.09 11.45 7.54
CA GLU C 241 -25.09 11.83 6.13
C GLU C 241 -24.30 13.11 5.85
N GLU C 242 -23.49 13.07 4.77
CA GLU C 242 -22.74 14.23 4.27
C GLU C 242 -21.95 14.95 5.35
N ILE C 243 -20.98 14.26 5.93
CA ILE C 243 -20.31 14.77 7.12
C ILE C 243 -19.13 15.69 6.78
N ASN C 244 -18.77 15.78 5.50
CA ASN C 244 -17.71 16.68 5.07
C ASN C 244 -17.83 17.05 3.59
N THR C 245 -16.76 17.60 3.02
CA THR C 245 -16.74 17.90 1.59
C THR C 245 -16.33 16.63 0.81
N PRO C 246 -17.13 16.23 -0.19
CA PRO C 246 -16.83 14.99 -0.94
C PRO C 246 -15.71 15.06 -1.99
N LEU C 247 -15.10 16.23 -2.20
CA LEU C 247 -14.07 16.42 -3.24
C LEU C 247 -12.69 15.74 -3.05
N ASN C 248 -12.28 15.47 -1.81
CA ASN C 248 -11.09 14.60 -1.53
C ASN C 248 -11.61 13.32 -0.85
N PRO C 249 -12.00 12.30 -1.64
CA PRO C 249 -12.70 11.12 -1.12
C PRO C 249 -12.01 10.38 0.03
N ARG C 250 -10.67 10.31 0.00
CA ARG C 250 -9.89 9.67 1.07
C ARG C 250 -10.21 10.18 2.48
N LEU C 251 -10.63 11.43 2.60
CA LEU C 251 -10.96 11.97 3.92
C LEU C 251 -12.11 11.23 4.59
N LEU C 252 -13.06 10.71 3.80
CA LEU C 252 -14.15 9.93 4.39
C LEU C 252 -13.66 8.59 4.95
N LYS C 253 -12.68 7.98 4.29
CA LYS C 253 -12.02 6.81 4.86
C LYS C 253 -11.36 7.14 6.22
N GLU C 254 -10.67 8.28 6.29
CA GLU C 254 -10.08 8.74 7.56
C GLU C 254 -11.13 8.99 8.63
N ALA C 255 -12.24 9.62 8.25
CA ALA C 255 -13.37 9.82 9.17
C ALA C 255 -13.89 8.50 9.72
N LYS C 256 -14.06 7.52 8.83
CA LYS C 256 -14.62 6.21 9.23
C LYS C 256 -13.76 5.46 10.23
N LYS C 257 -12.44 5.71 10.21
CA LYS C 257 -11.57 5.16 11.26
C LYS C 257 -12.01 5.52 12.69
N LYS C 258 -12.63 6.68 12.86
N LYS C 258 -12.60 6.70 12.87
CA LYS C 258 -12.96 7.18 14.19
CA LYS C 258 -12.96 7.15 14.22
C LYS C 258 -14.46 7.30 14.45
C LYS C 258 -14.45 7.48 14.34
N ILE C 259 -15.27 6.85 13.49
CA ILE C 259 -16.74 6.98 13.58
C ILE C 259 -17.36 5.59 13.44
N ASP C 260 -18.18 5.18 14.39
N ASP C 260 -18.18 5.22 14.43
CA ASP C 260 -18.80 3.85 14.30
CA ASP C 260 -18.85 3.92 14.47
C ASP C 260 -20.18 3.83 13.65
C ASP C 260 -20.37 4.03 14.33
N ILE C 261 -20.80 5.01 13.54
CA ILE C 261 -22.15 5.11 12.99
C ILE C 261 -21.98 4.93 11.47
N PRO C 262 -22.88 4.15 10.82
CA PRO C 262 -22.79 4.03 9.35
C PRO C 262 -22.84 5.38 8.65
N LEU C 263 -22.03 5.51 7.60
CA LEU C 263 -21.90 6.77 6.86
C LEU C 263 -22.70 6.75 5.56
N ALA C 264 -23.28 7.90 5.23
CA ALA C 264 -24.03 8.06 3.98
C ALA C 264 -23.58 9.29 3.18
N SER C 265 -23.63 9.17 1.85
CA SER C 265 -23.30 10.30 0.98
C SER C 265 -23.73 9.99 -0.44
N GLY C 266 -23.99 11.03 -1.24
CA GLY C 266 -24.18 10.78 -2.65
C GLY C 266 -24.78 11.91 -3.45
N GLU C 267 -25.47 12.85 -2.80
CA GLU C 267 -26.14 13.88 -3.58
C GLU C 267 -25.14 14.81 -4.25
N ARG C 268 -23.90 14.86 -3.74
CA ARG C 268 -22.85 15.62 -4.41
C ARG C 268 -21.72 14.73 -4.96
N ILE C 269 -22.09 13.52 -5.37
CA ILE C 269 -21.17 12.59 -6.02
C ILE C 269 -21.88 12.10 -7.28
N TYR C 270 -21.18 12.10 -8.41
CA TYR C 270 -21.86 11.92 -9.71
C TYR C 270 -21.17 10.87 -10.55
N SER C 271 -21.99 10.00 -11.15
CA SER C 271 -21.53 8.90 -12.03
C SER C 271 -20.78 7.78 -11.30
N ARG C 272 -20.64 6.65 -11.99
CA ARG C 272 -19.76 5.54 -11.58
C ARG C 272 -18.39 6.05 -11.14
N TRP C 273 -17.84 7.01 -11.93
CA TRP C 273 -16.52 7.60 -11.62
C TRP C 273 -16.45 8.33 -10.28
N GLY C 274 -17.53 9.03 -9.93
CA GLY C 274 -17.60 9.73 -8.65
C GLY C 274 -17.65 8.77 -7.47
N PHE C 275 -18.44 7.70 -7.61
CA PHE C 275 -18.61 6.75 -6.51
C PHE C 275 -17.45 5.79 -6.32
N LEU C 276 -16.72 5.54 -7.39
CA LEU C 276 -15.62 4.57 -7.39
C LEU C 276 -14.66 4.68 -6.20
N PRO C 277 -14.04 5.85 -5.95
CA PRO C 277 -13.08 5.93 -4.86
C PRO C 277 -13.68 5.61 -3.48
N PHE C 278 -14.93 6.00 -3.25
CA PHE C 278 -15.62 5.74 -1.98
C PHE C 278 -15.90 4.26 -1.81
N LEU C 279 -16.17 3.59 -2.93
CA LEU C 279 -16.35 2.13 -2.94
C LEU C 279 -15.03 1.38 -2.74
N GLU C 280 -13.98 1.80 -3.44
CA GLU C 280 -12.63 1.26 -3.23
C GLU C 280 -12.19 1.36 -1.75
N ASP C 281 -12.45 2.50 -1.13
CA ASP C 281 -12.11 2.71 0.28
C ASP C 281 -13.12 2.08 1.24
N ARG C 282 -14.24 1.61 0.69
CA ARG C 282 -15.41 1.14 1.45
C ARG C 282 -15.85 2.13 2.54
N SER C 283 -15.86 3.43 2.22
CA SER C 283 -16.07 4.44 3.23
C SER C 283 -17.54 4.88 3.38
N ILE C 284 -18.39 4.50 2.42
CA ILE C 284 -19.85 4.83 2.46
C ILE C 284 -20.64 3.54 2.64
N ASP C 285 -21.52 3.52 3.65
CA ASP C 285 -22.39 2.37 3.92
C ASP C 285 -23.71 2.45 3.15
N VAL C 286 -24.19 3.67 2.94
CA VAL C 286 -25.45 3.89 2.22
C VAL C 286 -25.20 5.01 1.24
N ILE C 287 -25.21 4.69 -0.05
CA ILE C 287 -24.97 5.72 -1.06
C ILE C 287 -26.28 6.38 -1.45
N GLN C 288 -26.18 7.68 -1.76
CA GLN C 288 -27.37 8.48 -2.00
C GLN C 288 -27.34 9.23 -3.33
N PRO C 289 -27.15 8.52 -4.46
CA PRO C 289 -27.11 9.24 -5.72
C PRO C 289 -28.48 9.85 -5.98
N ASP C 290 -28.49 11.02 -6.61
CA ASP C 290 -29.72 11.64 -7.10
C ASP C 290 -29.88 11.27 -8.57
N LEU C 291 -31.03 10.70 -8.93
CA LEU C 291 -31.32 10.41 -10.36
C LEU C 291 -31.05 11.63 -11.28
N GLY C 292 -31.36 12.82 -10.80
CA GLY C 292 -31.21 14.05 -11.59
C GLY C 292 -29.81 14.67 -11.63
N THR C 293 -28.83 14.05 -10.96
CA THR C 293 -27.43 14.49 -11.07
C THR C 293 -26.41 13.37 -11.31
N CYS C 294 -26.74 12.14 -10.89
CA CYS C 294 -25.75 11.04 -10.94
C CYS C 294 -25.58 10.47 -12.35
N GLY C 295 -26.52 10.77 -13.25
CA GLY C 295 -26.49 10.30 -14.63
C GLY C 295 -27.77 9.63 -15.10
N GLY C 296 -28.89 9.84 -14.40
CA GLY C 296 -30.18 9.31 -14.85
C GLY C 296 -30.39 7.87 -14.41
N PHE C 297 -31.49 7.27 -14.87
CA PHE C 297 -31.74 5.83 -14.62
C PHE C 297 -30.56 4.95 -15.05
N THR C 298 -29.98 5.27 -16.21
CA THR C 298 -28.93 4.45 -16.80
C THR C 298 -27.73 4.35 -15.85
N GLU C 299 -27.32 5.48 -15.32
CA GLU C 299 -26.13 5.52 -14.47
C GLU C 299 -26.44 5.16 -13.02
N PHE C 300 -27.60 5.56 -12.52
CA PHE C 300 -28.05 5.15 -11.18
C PHE C 300 -27.94 3.63 -11.04
N LYS C 301 -28.43 2.90 -12.03
CA LYS C 301 -28.38 1.45 -12.02
C LYS C 301 -26.95 0.94 -11.95
N LYS C 302 -26.08 1.50 -12.78
CA LYS C 302 -24.66 1.12 -12.78
C LYS C 302 -23.98 1.39 -11.44
N ILE C 303 -24.31 2.52 -10.82
CA ILE C 303 -23.77 2.85 -9.50
C ILE C 303 -24.27 1.87 -8.45
N ALA C 304 -25.58 1.65 -8.42
CA ALA C 304 -26.17 0.73 -7.45
C ALA C 304 -25.62 -0.70 -7.62
N ASP C 305 -25.45 -1.15 -8.86
CA ASP C 305 -24.94 -2.50 -9.13
C ASP C 305 -23.49 -2.68 -8.69
N MET C 306 -22.65 -1.67 -8.93
CA MET C 306 -21.28 -1.70 -8.42
CA MET C 306 -21.27 -1.70 -8.42
C MET C 306 -21.28 -1.65 -6.89
N ALA C 307 -22.14 -0.83 -6.31
CA ALA C 307 -22.18 -0.68 -4.84
C ALA C 307 -22.54 -2.01 -4.15
N HIS C 308 -23.40 -2.79 -4.79
CA HIS C 308 -23.82 -4.10 -4.27
C HIS C 308 -22.64 -5.05 -3.99
N ILE C 309 -21.60 -5.02 -4.84
CA ILE C 309 -20.39 -5.85 -4.69
CA ILE C 309 -20.41 -5.87 -4.68
C ILE C 309 -19.68 -5.56 -3.38
N PHE C 310 -19.87 -4.33 -2.88
CA PHE C 310 -19.16 -3.85 -1.70
C PHE C 310 -20.04 -3.88 -0.45
N GLU C 311 -21.21 -4.54 -0.56
CA GLU C 311 -22.20 -4.61 0.54
C GLU C 311 -22.58 -3.20 1.02
N VAL C 312 -22.93 -2.38 0.05
CA VAL C 312 -23.38 -1.02 0.28
C VAL C 312 -24.82 -0.98 -0.21
N THR C 313 -25.68 -0.25 0.50
CA THR C 313 -27.07 -0.16 0.05
C THR C 313 -27.39 1.26 -0.39
N VAL C 314 -28.60 1.46 -0.91
CA VAL C 314 -28.90 2.66 -1.68
C VAL C 314 -30.15 3.35 -1.15
N GLN C 315 -30.07 4.66 -0.99
CA GLN C 315 -31.26 5.51 -0.83
C GLN C 315 -31.13 6.65 -1.83
N ALA C 316 -31.99 6.70 -2.84
CA ALA C 316 -31.91 7.80 -3.80
C ALA C 316 -32.07 9.11 -3.03
N HIS C 317 -31.24 10.08 -3.36
CA HIS C 317 -31.50 11.45 -2.92
C HIS C 317 -32.66 12.01 -3.71
N VAL C 318 -33.67 12.49 -3.00
CA VAL C 318 -34.87 13.01 -3.66
C VAL C 318 -35.23 14.35 -3.04
N ALA C 319 -35.17 15.41 -3.85
CA ALA C 319 -35.36 16.77 -3.34
C ALA C 319 -35.68 17.74 -4.46
N GLY C 320 -36.69 17.40 -5.25
CA GLY C 320 -37.28 18.35 -6.21
C GLY C 320 -38.76 18.06 -6.41
N THR C 321 -39.19 18.12 -7.67
CA THR C 321 -40.61 18.00 -8.00
C THR C 321 -41.07 16.55 -8.01
N GLY C 322 -42.36 16.38 -8.33
CA GLY C 322 -42.97 15.07 -8.49
C GLY C 322 -42.43 14.25 -9.66
N VAL C 323 -41.79 14.91 -10.63
CA VAL C 323 -41.06 14.21 -11.68
C VAL C 323 -39.89 13.43 -11.07
N ALA C 324 -39.01 14.14 -10.36
CA ALA C 324 -37.92 13.50 -9.60
C ALA C 324 -38.43 12.41 -8.67
N GLU C 325 -39.49 12.68 -7.92
CA GLU C 325 -39.93 11.69 -6.94
C GLU C 325 -40.48 10.40 -7.58
N ALA C 326 -41.36 10.57 -8.58
CA ALA C 326 -41.90 9.42 -9.30
C ALA C 326 -40.78 8.59 -9.92
N ALA C 327 -39.82 9.26 -10.56
CA ALA C 327 -38.71 8.58 -11.21
C ALA C 327 -37.94 7.74 -10.18
N SER C 328 -37.68 8.33 -9.01
CA SER C 328 -36.89 7.66 -7.98
C SER C 328 -37.51 6.34 -7.50
N LEU C 329 -38.83 6.26 -7.48
CA LEU C 329 -39.51 5.05 -7.01
C LEU C 329 -39.27 3.88 -7.96
N HIS C 330 -39.23 4.17 -9.26
CA HIS C 330 -38.91 3.14 -10.25
C HIS C 330 -37.48 2.63 -10.08
N ALA C 331 -36.53 3.55 -9.95
CA ALA C 331 -35.11 3.20 -9.79
C ALA C 331 -34.92 2.32 -8.55
N GLU C 332 -35.52 2.73 -7.44
CA GLU C 332 -35.35 2.04 -6.17
C GLU C 332 -36.03 0.68 -6.08
N ILE C 333 -37.23 0.55 -6.64
CA ILE C 333 -37.92 -0.73 -6.58
C ILE C 333 -37.20 -1.79 -7.43
N ALA C 334 -36.44 -1.34 -8.44
CA ALA C 334 -35.77 -2.25 -9.36
C ALA C 334 -34.38 -2.74 -8.92
N ILE C 335 -33.90 -2.28 -7.76
CA ILE C 335 -32.56 -2.71 -7.29
C ILE C 335 -32.68 -3.62 -6.05
N PRO C 336 -31.82 -4.65 -5.94
CA PRO C 336 -31.85 -5.52 -4.76
C PRO C 336 -31.33 -4.86 -3.47
N ASN C 337 -30.39 -3.91 -3.60
CA ASN C 337 -29.71 -3.33 -2.46
C ASN C 337 -30.31 -1.98 -2.03
N PHE C 338 -31.62 -1.93 -1.90
CA PHE C 338 -32.32 -0.72 -1.47
C PHE C 338 -32.33 -0.63 0.06
N CYS C 339 -32.08 0.57 0.61
CA CYS C 339 -32.11 0.79 2.06
C CYS C 339 -33.48 1.37 2.50
N ILE C 340 -33.79 2.56 2.02
CA ILE C 340 -34.93 3.36 2.52
C ILE C 340 -35.15 4.51 1.53
N HIS C 341 -36.37 5.05 1.50
CA HIS C 341 -36.70 6.15 0.59
C HIS C 341 -36.84 7.49 1.34
N GLU C 342 -36.24 8.53 0.80
CA GLU C 342 -36.30 9.86 1.38
C GLU C 342 -37.55 10.58 0.90
N HIS C 343 -38.39 10.99 1.84
CA HIS C 343 -39.54 11.81 1.46
C HIS C 343 -39.42 13.20 2.04
N HIS C 344 -39.13 14.17 1.15
CA HIS C 344 -38.68 15.49 1.55
C HIS C 344 -39.87 16.35 1.92
N GLN C 345 -39.68 17.16 2.96
CA GLN C 345 -40.72 18.09 3.43
C GLN C 345 -41.21 19.07 2.37
N LYS C 346 -40.34 19.44 1.43
CA LYS C 346 -40.71 20.41 0.38
C LYS C 346 -41.92 19.93 -0.45
N THR C 347 -42.09 18.62 -0.60
CA THR C 347 -43.17 18.05 -1.41
C THR C 347 -44.54 18.28 -0.77
N LEU C 348 -44.51 18.67 0.50
CA LEU C 348 -45.72 19.00 1.25
C LEU C 348 -46.22 20.45 1.03
N LEU C 349 -45.42 21.26 0.35
CA LEU C 349 -45.78 22.67 0.13
C LEU C 349 -46.56 22.82 -1.19
N PRO C 350 -47.55 23.72 -1.22
CA PRO C 350 -48.35 24.01 -2.44
C PRO C 350 -47.55 24.50 -3.66
N GLU C 351 -46.40 25.15 -3.44
CA GLU C 351 -45.55 25.59 -4.56
C GLU C 351 -44.95 24.42 -5.33
N TYR C 352 -44.80 23.28 -4.66
CA TYR C 352 -44.36 22.06 -5.31
C TYR C 352 -45.52 21.21 -5.86
N GLU C 353 -46.60 21.10 -5.10
CA GLU C 353 -47.80 20.38 -5.56
C GLU C 353 -48.36 20.83 -6.91
N GLU C 354 -48.33 22.13 -7.20
CA GLU C 354 -48.96 22.67 -8.41
C GLU C 354 -48.22 22.35 -9.71
N LEU C 355 -47.02 21.80 -9.58
CA LEU C 355 -46.12 21.59 -10.72
C LEU C 355 -46.40 20.32 -11.50
N CYS C 356 -47.03 19.33 -10.83
CA CYS C 356 -47.23 18.01 -11.43
C CYS C 356 -48.67 17.53 -11.36
N VAL C 357 -49.05 16.70 -12.33
CA VAL C 357 -50.38 16.12 -12.43
C VAL C 357 -50.74 15.18 -11.26
N HIS C 358 -49.82 14.28 -10.90
CA HIS C 358 -50.03 13.35 -9.78
C HIS C 358 -49.21 13.74 -8.57
N ASN C 359 -49.81 13.69 -7.38
CA ASN C 359 -49.10 13.95 -6.15
C ASN C 359 -48.91 12.65 -5.37
N TYR C 360 -47.82 11.93 -5.66
CA TYR C 360 -47.55 10.65 -5.01
C TYR C 360 -47.06 10.90 -3.60
N GLN C 361 -47.76 10.32 -2.63
CA GLN C 361 -47.40 10.48 -1.22
C GLN C 361 -47.40 9.12 -0.54
N PRO C 362 -46.56 8.95 0.51
CA PRO C 362 -46.57 7.69 1.23
C PRO C 362 -47.91 7.45 1.92
N VAL C 363 -48.24 6.19 2.13
CA VAL C 363 -49.36 5.79 2.99
C VAL C 363 -48.84 4.98 4.16
N LYS C 364 -49.09 5.47 5.38
CA LYS C 364 -48.56 4.85 6.60
C LYS C 364 -47.04 4.55 6.51
N GLY C 365 -46.30 5.53 6.02
CA GLY C 365 -44.84 5.45 5.93
C GLY C 365 -44.29 4.53 4.84
N ARG C 366 -45.16 4.11 3.92
CA ARG C 366 -44.78 3.21 2.82
C ARG C 366 -45.05 3.85 1.46
N TYR C 367 -44.15 3.64 0.49
CA TYR C 367 -44.39 4.04 -0.89
C TYR C 367 -44.63 2.83 -1.81
N LYS C 368 -45.58 2.96 -2.73
CA LYS C 368 -45.68 2.04 -3.86
C LYS C 368 -45.20 2.73 -5.14
N VAL C 369 -44.57 1.97 -6.03
CA VAL C 369 -44.14 2.53 -7.32
C VAL C 369 -45.38 2.83 -8.19
N PRO C 370 -45.35 3.95 -8.95
CA PRO C 370 -46.43 4.13 -9.95
C PRO C 370 -46.53 2.95 -10.93
N GLU C 371 -47.74 2.66 -11.39
CA GLU C 371 -47.97 1.55 -12.29
C GLU C 371 -48.45 2.01 -13.68
N LEU C 372 -48.46 3.33 -13.90
CA LEU C 372 -48.84 3.91 -15.18
C LEU C 372 -47.70 3.69 -16.19
N PRO C 373 -47.96 3.85 -17.49
CA PRO C 373 -46.83 3.81 -18.44
C PRO C 373 -45.79 4.90 -18.17
N GLY C 374 -44.52 4.60 -18.43
CA GLY C 374 -43.44 5.60 -18.24
C GLY C 374 -43.12 5.76 -16.76
N ILE C 375 -42.70 6.97 -16.36
CA ILE C 375 -42.41 7.21 -14.93
C ILE C 375 -43.70 7.44 -14.13
N GLY C 376 -44.81 7.67 -14.84
CA GLY C 376 -46.12 7.85 -14.19
C GLY C 376 -46.35 9.26 -13.68
N GLN C 377 -45.76 10.24 -14.36
CA GLN C 377 -45.84 11.62 -13.93
C GLN C 377 -45.89 12.52 -15.14
N ASP C 378 -46.50 13.70 -14.99
CA ASP C 378 -46.44 14.72 -16.03
C ASP C 378 -46.41 16.10 -15.35
N ILE C 379 -45.95 17.10 -16.08
CA ILE C 379 -46.05 18.47 -15.61
C ILE C 379 -47.44 19.02 -15.95
N THR C 380 -47.82 20.07 -15.24
CA THR C 380 -49.07 20.78 -15.48
C THR C 380 -48.89 21.84 -16.56
N GLU C 381 -49.99 22.26 -17.19
CA GLU C 381 -49.92 23.29 -18.25
C GLU C 381 -49.44 24.64 -17.71
N LYS C 382 -49.63 24.86 -16.41
CA LYS C 382 -49.23 26.10 -15.75
C LYS C 382 -47.73 26.38 -15.90
N LEU C 383 -46.93 25.30 -16.03
CA LEU C 383 -45.48 25.44 -16.12
C LEU C 383 -45.02 26.44 -17.17
N TYR C 384 -45.74 26.51 -18.29
CA TYR C 384 -45.41 27.43 -19.37
C TYR C 384 -45.47 28.89 -18.92
N GLN C 385 -46.32 29.18 -17.95
CA GLN C 385 -46.52 30.55 -17.48
C GLN C 385 -45.67 30.91 -16.25
N ILE C 386 -45.13 29.90 -15.59
CA ILE C 386 -44.39 30.12 -14.33
C ILE C 386 -42.93 29.65 -14.42
N SER C 387 -42.40 29.64 -15.63
CA SER C 387 -41.02 29.20 -15.89
C SER C 387 -40.33 30.13 -16.88
N ASP C 388 -39.01 30.24 -16.75
CA ASP C 388 -38.14 30.60 -17.87
C ASP C 388 -38.13 29.43 -18.84
N TYR C 389 -38.62 29.65 -20.05
CA TYR C 389 -38.95 28.60 -21.00
C TYR C 389 -38.05 28.69 -22.22
N VAL C 390 -37.44 27.56 -22.61
CA VAL C 390 -36.66 27.49 -23.84
C VAL C 390 -37.11 26.26 -24.65
N SER C 391 -37.28 26.45 -25.95
CA SER C 391 -37.73 25.39 -26.85
C SER C 391 -36.64 25.23 -27.90
N ILE C 392 -36.31 23.99 -28.22
CA ILE C 392 -35.39 23.67 -29.32
C ILE C 392 -36.07 22.65 -30.21
N GLU C 393 -36.20 22.94 -31.50
CA GLU C 393 -36.86 21.96 -32.37
C GLU C 393 -36.22 21.63 -33.71
N ALA C 394 -36.74 20.57 -34.33
CA ALA C 394 -36.29 20.10 -35.63
C ALA C 394 -36.74 21.05 -36.75
N GLY C 397 -35.18 25.47 -34.79
CA GLY C 397 -35.59 26.74 -34.21
C GLY C 397 -35.42 26.79 -32.70
N HIS C 398 -35.00 27.95 -32.20
CA HIS C 398 -35.08 28.27 -30.77
C HIS C 398 -36.24 29.21 -30.46
N HIS C 399 -37.05 28.84 -29.47
CA HIS C 399 -38.08 29.74 -28.91
C HIS C 399 -37.86 30.01 -27.43
N HIS C 400 -38.63 30.94 -26.87
CA HIS C 400 -38.51 31.34 -25.47
C HIS C 400 -39.84 31.50 -24.76
N SER D 2 10.74 49.42 -9.62
CA SER D 2 11.97 50.25 -9.52
C SER D 2 12.61 50.16 -8.13
N LEU D 3 11.91 49.52 -7.20
CA LEU D 3 12.38 49.33 -5.83
C LEU D 3 13.61 48.41 -5.83
N LYS D 4 14.68 48.83 -5.15
CA LYS D 4 15.89 48.02 -5.01
C LYS D 4 16.32 47.97 -3.55
N ILE D 5 16.69 46.78 -3.07
CA ILE D 5 17.25 46.64 -1.74
C ILE D 5 18.64 47.27 -1.67
N THR D 6 18.84 48.16 -0.71
CA THR D 6 20.11 48.87 -0.58
C THR D 6 20.84 48.56 0.72
N LYS D 7 20.12 48.14 1.75
CA LYS D 7 20.74 47.89 3.05
C LYS D 7 19.96 46.81 3.77
N ILE D 8 20.69 45.94 4.47
CA ILE D 8 20.09 44.93 5.34
C ILE D 8 20.75 45.02 6.72
N GLU D 9 19.93 45.17 7.75
CA GLU D 9 20.40 45.22 9.11
C GLU D 9 19.87 44.06 9.93
N ILE D 10 20.76 43.38 10.64
CA ILE D 10 20.38 42.21 11.43
C ILE D 10 20.66 42.46 12.92
N PHE D 11 19.62 42.31 13.72
CA PHE D 11 19.67 42.53 15.17
C PHE D 11 19.51 41.21 15.89
N HIS D 12 20.60 40.68 16.44
CA HIS D 12 20.49 39.55 17.35
C HIS D 12 20.41 40.06 18.78
N VAL D 13 19.18 40.17 19.30
CA VAL D 13 18.90 40.93 20.53
C VAL D 13 19.58 40.24 21.71
N HIS D 14 20.23 41.03 22.56
CA HIS D 14 20.86 40.51 23.76
C HIS D 14 19.86 39.80 24.66
N THR D 15 20.38 38.88 25.48
CA THR D 15 19.56 38.04 26.35
C THR D 15 18.44 38.78 27.07
N ARG D 16 17.22 38.31 26.88
CA ARG D 16 16.06 38.81 27.64
C ARG D 16 16.06 38.19 29.03
N PRO D 17 16.08 39.04 30.09
CA PRO D 17 16.38 38.60 31.46
C PRO D 17 15.50 37.47 32.02
N GLN D 18 14.18 37.62 31.97
CA GLN D 18 13.27 36.66 32.59
C GLN D 18 13.14 35.36 31.78
N SER D 19 13.02 35.49 30.46
CA SER D 19 12.86 34.34 29.57
C SER D 19 14.18 33.69 29.17
N GLY D 20 15.26 34.45 29.20
CA GLY D 20 16.56 33.96 28.75
C GLY D 20 16.68 33.87 27.23
N GLN D 21 15.72 34.47 26.53
CA GLN D 21 15.61 34.32 25.07
C GLN D 21 16.36 35.41 24.31
N ARG D 22 16.56 35.23 23.01
CA ARG D 22 17.28 36.19 22.17
C ARG D 22 16.64 36.25 20.79
N PRO D 23 15.67 37.17 20.58
CA PRO D 23 15.03 37.38 19.28
C PRO D 23 16.02 37.77 18.19
N ILE D 24 15.67 37.44 16.95
CA ILE D 24 16.47 37.82 15.80
C ILE D 24 15.60 38.57 14.80
N LEU D 25 15.96 39.83 14.53
CA LEU D 25 15.17 40.70 13.66
C LEU D 25 16.00 41.16 12.48
N VAL D 26 15.32 41.41 11.36
CA VAL D 26 15.98 41.93 10.17
C VAL D 26 15.22 43.17 9.66
N LYS D 27 15.97 44.19 9.27
CA LYS D 27 15.42 45.40 8.66
C LYS D 27 15.98 45.58 7.25
N VAL D 28 15.07 45.59 6.28
CA VAL D 28 15.47 45.66 4.89
C VAL D 28 15.08 47.02 4.35
N SER D 29 16.07 47.80 3.95
CA SER D 29 15.86 49.15 3.42
C SER D 29 15.99 49.19 1.90
N THR D 30 15.27 50.13 1.28
CA THR D 30 15.26 50.24 -0.17
C THR D 30 15.76 51.61 -0.62
N ASP D 31 16.02 51.73 -1.92
CA ASP D 31 16.50 52.98 -2.50
C ASP D 31 15.47 54.10 -2.48
N GLU D 32 14.21 53.76 -2.25
CA GLU D 32 13.16 54.78 -2.20
C GLU D 32 12.77 55.17 -0.78
N GLY D 33 13.60 54.75 0.18
CA GLY D 33 13.42 55.12 1.58
C GLY D 33 12.51 54.21 2.38
N ILE D 34 11.81 53.31 1.70
CA ILE D 34 10.85 52.42 2.34
C ILE D 34 11.62 51.24 2.94
N TYR D 35 11.31 50.88 4.19
CA TYR D 35 11.90 49.68 4.79
C TYR D 35 10.87 48.68 5.29
N GLY D 36 11.33 47.46 5.50
CA GLY D 36 10.50 46.40 6.00
C GLY D 36 11.21 45.67 7.10
N LEU D 37 10.42 45.15 8.04
CA LEU D 37 10.92 44.40 9.18
C LEU D 37 10.44 42.94 9.09
N GLY D 38 11.35 42.04 9.46
CA GLY D 38 11.05 40.61 9.54
C GLY D 38 11.69 40.01 10.76
N GLU D 39 11.36 38.76 11.04
CA GLU D 39 11.84 38.08 12.25
C GLU D 39 12.11 36.61 11.92
N ALA D 40 13.25 36.10 12.37
CA ALA D 40 13.53 34.66 12.29
C ALA D 40 13.03 33.95 13.54
N GLY D 41 12.32 32.85 13.37
CA GLY D 41 11.58 32.22 14.46
C GLY D 41 12.40 31.32 15.37
N ILE D 42 13.63 31.73 15.69
CA ILE D 42 14.51 30.94 16.56
CA ILE D 42 14.52 30.95 16.56
C ILE D 42 14.89 31.74 17.82
N ALA D 43 13.92 32.48 18.37
CA ALA D 43 14.17 33.36 19.55
C ALA D 43 14.45 32.60 20.84
N TYR D 44 14.00 31.35 20.90
CA TYR D 44 14.16 30.54 22.11
C TYR D 44 14.89 29.24 21.72
N GLY D 45 15.24 28.44 22.73
CA GLY D 45 16.09 27.25 22.48
C GLY D 45 17.49 27.66 22.05
N VAL D 46 18.23 26.72 21.48
CA VAL D 46 19.65 26.91 21.22
C VAL D 46 19.84 26.96 19.70
N GLY D 47 20.30 28.11 19.19
CA GLY D 47 20.56 28.26 17.76
C GLY D 47 20.34 29.63 17.15
N GLY D 48 19.98 30.61 17.98
CA GLY D 48 19.80 31.99 17.50
C GLY D 48 20.96 32.61 16.74
N SER D 49 22.20 32.28 17.14
CA SER D 49 23.36 32.81 16.43
C SER D 49 23.46 32.23 15.01
N ALA D 50 22.94 31.01 14.83
CA ALA D 50 22.88 30.43 13.49
C ALA D 50 21.90 31.19 12.59
N ALA D 51 20.75 31.57 13.15
CA ALA D 51 19.80 32.42 12.43
C ALA D 51 20.43 33.76 12.06
N ALA D 52 21.16 34.38 13.00
CA ALA D 52 21.85 35.63 12.69
C ALA D 52 22.85 35.44 11.53
N GLY D 53 23.56 34.31 11.57
CA GLY D 53 24.55 33.97 10.55
C GLY D 53 23.94 33.72 9.18
N ILE D 54 22.84 32.98 9.14
CA ILE D 54 22.21 32.67 7.85
C ILE D 54 21.68 33.95 7.19
N LEU D 55 21.16 34.88 7.99
CA LEU D 55 20.64 36.15 7.48
C LEU D 55 21.79 36.96 6.86
N LYS D 56 22.93 36.99 7.54
CA LYS D 56 24.12 37.65 7.01
C LYS D 56 24.54 37.06 5.66
N ASP D 57 24.53 35.72 5.56
CA ASP D 57 24.92 35.05 4.32
C ASP D 57 23.93 35.28 3.17
N TYR D 58 22.64 35.20 3.48
CA TYR D 58 21.62 35.41 2.46
C TYR D 58 21.62 36.86 1.99
N ALA D 59 21.93 37.79 2.90
CA ALA D 59 21.96 39.22 2.58
C ALA D 59 22.73 39.55 1.32
N ALA D 60 23.85 38.86 1.10
CA ALA D 60 24.68 39.04 -0.10
C ALA D 60 23.97 38.77 -1.42
N LEU D 61 22.98 37.88 -1.39
CA LEU D 61 22.25 37.50 -2.58
C LEU D 61 21.08 38.49 -2.83
N LEU D 62 20.81 39.34 -1.83
CA LEU D 62 19.56 40.12 -1.80
C LEU D 62 19.76 41.61 -2.09
N ILE D 63 20.94 42.13 -1.78
CA ILE D 63 21.25 43.51 -2.12
C ILE D 63 21.06 43.70 -3.62
N GLY D 64 20.29 44.72 -4.01
CA GLY D 64 20.02 44.97 -5.44
C GLY D 64 18.73 44.37 -5.97
N GLU D 65 18.11 43.48 -5.20
CA GLU D 65 16.88 42.79 -5.64
C GLU D 65 15.66 43.68 -5.46
N ASP D 66 14.60 43.39 -6.20
CA ASP D 66 13.30 44.04 -6.07
C ASP D 66 12.44 43.25 -5.07
N PRO D 67 12.06 43.89 -3.95
CA PRO D 67 11.30 43.20 -2.90
C PRO D 67 9.87 42.77 -3.32
N PHE D 68 9.36 43.32 -4.42
CA PHE D 68 8.13 42.79 -5.04
C PHE D 68 8.29 41.40 -5.63
N ASN D 69 9.52 41.01 -5.96
CA ASN D 69 9.73 39.71 -6.58
C ASN D 69 9.86 38.60 -5.54
N THR D 70 8.83 38.45 -4.72
CA THR D 70 8.93 37.52 -3.59
C THR D 70 9.01 36.06 -4.05
N GLU D 71 8.31 35.70 -5.14
CA GLU D 71 8.38 34.31 -5.62
C GLU D 71 9.78 33.93 -6.14
N ALA D 72 10.35 34.78 -6.99
CA ALA D 72 11.68 34.55 -7.57
C ALA D 72 12.75 34.57 -6.49
N ILE D 73 12.63 35.47 -5.51
CA ILE D 73 13.62 35.53 -4.43
C ILE D 73 13.56 34.27 -3.54
N TRP D 74 12.35 33.86 -3.16
CA TRP D 74 12.14 32.61 -2.40
C TRP D 74 12.79 31.44 -3.15
N GLU D 75 12.49 31.30 -4.43
CA GLU D 75 13.06 30.20 -5.23
C GLU D 75 14.58 30.31 -5.37
N LYS D 76 15.11 31.54 -5.48
CA LYS D 76 16.56 31.76 -5.53
C LYS D 76 17.25 31.28 -4.24
N LEU D 77 16.66 31.63 -3.10
CA LEU D 77 17.24 31.21 -1.81
C LEU D 77 17.11 29.71 -1.63
N PHE D 78 16.02 29.15 -2.15
CA PHE D 78 15.81 27.70 -2.13
C PHE D 78 16.82 26.97 -3.02
N LYS D 79 17.05 27.48 -4.24
CA LYS D 79 17.71 26.71 -5.32
C LYS D 79 19.16 27.08 -5.62
N LYS D 80 19.55 28.29 -5.23
CA LYS D 80 20.86 28.83 -5.61
C LYS D 80 21.86 28.94 -4.44
N THR D 81 21.44 28.54 -3.25
CA THR D 81 22.27 28.57 -2.05
C THR D 81 22.99 27.25 -1.79
N PHE D 82 22.61 26.22 -2.56
CA PHE D 82 22.95 24.82 -2.33
C PHE D 82 22.20 24.19 -1.14
N TRP D 83 22.33 24.81 0.02
CA TRP D 83 21.76 24.25 1.26
C TRP D 83 20.25 24.40 1.35
N GLY D 84 19.69 25.36 0.60
CA GLY D 84 18.24 25.46 0.44
C GLY D 84 17.58 24.10 0.15
N GLN D 85 18.17 23.33 -0.77
CA GLN D 85 17.56 22.05 -1.21
C GLN D 85 17.74 20.91 -0.23
N GLY D 86 18.59 21.11 0.78
CA GLY D 86 18.70 20.16 1.89
C GLY D 86 17.77 20.52 3.05
N GLY D 87 17.36 21.78 3.10
CA GLY D 87 16.34 22.21 4.06
C GLY D 87 16.89 22.42 5.45
N GLY D 88 16.00 22.80 6.38
CA GLY D 88 16.31 22.82 7.78
C GLY D 88 15.74 24.01 8.51
N THR D 89 15.76 23.91 9.84
CA THR D 89 15.31 24.96 10.77
C THR D 89 15.92 26.32 10.42
N VAL D 90 17.25 26.37 10.36
CA VAL D 90 17.96 27.64 10.21
C VAL D 90 17.87 28.09 8.75
N ILE D 91 18.06 27.14 7.82
CA ILE D 91 17.93 27.41 6.38
C ILE D 91 16.60 28.09 6.05
N PHE D 92 15.50 27.50 6.49
CA PHE D 92 14.18 28.09 6.25
C PHE D 92 13.87 29.37 7.07
N SER D 93 14.44 29.48 8.28
CA SER D 93 14.29 30.70 9.07
CA SER D 93 14.29 30.70 9.08
C SER D 93 14.85 31.93 8.35
N GLY D 94 15.94 31.73 7.62
CA GLY D 94 16.57 32.81 6.87
C GLY D 94 15.67 33.30 5.75
N ILE D 95 15.13 32.34 4.99
CA ILE D 95 14.17 32.69 3.93
C ILE D 95 12.94 33.42 4.53
N SER D 96 12.48 32.92 5.67
CA SER D 96 11.25 33.41 6.32
C SER D 96 11.38 34.88 6.69
N ALA D 97 12.47 35.24 7.38
CA ALA D 97 12.62 36.58 7.94
C ALA D 97 12.66 37.62 6.83
N PHE D 98 13.40 37.32 5.76
CA PHE D 98 13.45 38.20 4.61
C PHE D 98 12.10 38.32 3.92
N ASP D 99 11.41 37.20 3.74
CA ASP D 99 10.11 37.21 3.08
C ASP D 99 9.13 38.12 3.82
N ILE D 100 9.12 38.03 5.15
CA ILE D 100 8.24 38.88 5.97
C ILE D 100 8.54 40.37 5.70
N ALA D 101 9.83 40.71 5.69
CA ALA D 101 10.23 42.09 5.46
C ALA D 101 9.85 42.59 4.06
N PHE D 102 9.95 41.71 3.06
CA PHE D 102 9.56 42.08 1.69
C PHE D 102 8.08 42.40 1.60
N TRP D 103 7.23 41.58 2.21
CA TRP D 103 5.80 41.86 2.27
C TRP D 103 5.49 43.16 3.03
N ASP D 104 6.22 43.41 4.11
CA ASP D 104 6.13 44.69 4.82
C ASP D 104 6.39 45.86 3.86
N ILE D 105 7.47 45.76 3.09
CA ILE D 105 7.80 46.78 2.07
C ILE D 105 6.69 46.94 1.04
N LYS D 106 6.15 45.83 0.56
CA LYS D 106 5.09 45.90 -0.45
C LYS D 106 3.88 46.67 0.09
N GLY D 107 3.47 46.36 1.31
CA GLY D 107 2.33 47.02 1.93
C GLY D 107 2.57 48.51 2.12
N LYS D 108 3.76 48.88 2.58
CA LYS D 108 4.14 50.30 2.70
C LYS D 108 4.17 51.03 1.36
N ALA D 109 4.75 50.39 0.35
CA ALA D 109 4.81 50.94 -1.01
C ALA D 109 3.42 51.20 -1.59
N LEU D 110 2.44 50.37 -1.20
CA LEU D 110 1.10 50.48 -1.78
C LEU D 110 0.09 51.11 -0.82
N ASN D 111 0.59 51.57 0.33
CA ASN D 111 -0.23 52.14 1.40
C ASN D 111 -1.38 51.21 1.80
N LEU D 112 -1.05 49.94 2.06
CA LEU D 112 -2.03 48.89 2.37
C LEU D 112 -1.49 47.96 3.47
N PRO D 113 -2.38 47.47 4.36
CA PRO D 113 -1.95 46.40 5.25
C PRO D 113 -1.69 45.12 4.47
N VAL D 114 -0.76 44.31 4.95
CA VAL D 114 -0.32 43.11 4.25
C VAL D 114 -1.47 42.15 3.91
N TYR D 115 -2.44 42.00 4.82
CA TYR D 115 -3.55 41.07 4.57
C TYR D 115 -4.29 41.38 3.26
N LYS D 116 -4.33 42.66 2.86
CA LYS D 116 -4.97 43.07 1.61
CA LYS D 116 -4.97 43.06 1.61
C LYS D 116 -4.20 42.55 0.39
N LEU D 117 -2.92 42.23 0.58
CA LEU D 117 -2.09 41.70 -0.49
C LEU D 117 -2.05 40.17 -0.47
N LEU D 118 -2.59 39.59 0.59
CA LEU D 118 -2.58 38.14 0.80
C LEU D 118 -3.93 37.51 0.44
N GLY D 119 -4.88 38.32 0.00
CA GLY D 119 -6.20 37.80 -0.37
C GLY D 119 -7.37 38.34 0.45
N GLY D 120 -7.09 39.26 1.36
CA GLY D 120 -8.15 39.96 2.10
C GLY D 120 -8.56 39.25 3.38
N LYS D 121 -9.58 39.77 4.05
CA LYS D 121 -10.08 39.22 5.29
C LYS D 121 -11.04 38.05 5.04
N ASN D 122 -10.96 37.04 5.89
CA ASN D 122 -11.93 35.94 5.90
C ASN D 122 -12.87 35.99 7.09
N ARG D 123 -12.64 36.96 7.96
CA ARG D 123 -13.35 37.12 9.22
C ARG D 123 -13.00 38.49 9.77
N GLU D 124 -13.84 39.00 10.67
CA GLU D 124 -13.65 40.36 11.17
C GLU D 124 -12.67 40.42 12.33
N ASP D 125 -12.52 39.31 13.05
CA ASP D 125 -11.55 39.22 14.14
C ASP D 125 -11.09 37.77 14.33
N LEU D 126 -10.14 37.57 15.23
CA LEU D 126 -9.57 36.24 15.46
C LEU D 126 -9.74 35.82 16.92
N ARG D 127 -10.28 34.63 17.12
CA ARG D 127 -10.27 33.96 18.41
C ARG D 127 -8.84 33.72 18.90
N VAL D 128 -8.61 33.89 20.20
CA VAL D 128 -7.27 33.80 20.78
C VAL D 128 -7.26 32.83 21.96
N TYR D 129 -6.17 32.09 22.11
CA TYR D 129 -5.92 31.41 23.36
C TYR D 129 -4.73 31.94 24.14
N ALA D 130 -4.83 31.84 25.47
CA ALA D 130 -3.75 32.21 26.38
C ALA D 130 -2.74 31.05 26.49
N SER D 131 -1.52 31.31 26.05
CA SER D 131 -0.58 30.22 25.81
C SER D 131 0.55 30.14 26.83
N GLN D 132 0.77 28.90 27.27
CA GLN D 132 1.87 28.48 28.15
C GLN D 132 1.66 28.89 29.60
N LEU D 133 0.52 28.49 30.16
CA LEU D 133 0.13 28.87 31.51
C LEU D 133 1.09 28.35 32.57
N GLN D 134 1.83 27.29 32.25
CA GLN D 134 2.80 26.72 33.18
C GLN D 134 3.97 27.66 33.51
N PHE D 135 4.11 28.74 32.74
CA PHE D 135 5.09 29.79 33.06
C PHE D 135 4.47 31.04 33.71
N GLY D 136 3.18 30.96 34.04
CA GLY D 136 2.46 32.10 34.59
C GLY D 136 1.75 32.92 33.53
N TRP D 137 0.52 33.35 33.82
CA TRP D 137 -0.18 34.28 32.95
C TRP D 137 -0.06 35.72 33.44
N GLY D 138 1.04 36.39 33.08
CA GLY D 138 1.36 37.66 33.69
C GLY D 138 2.74 38.17 33.44
N LYS D 139 3.13 39.26 34.09
CA LYS D 139 4.40 39.89 33.81
C LYS D 139 5.62 39.33 34.55
N GLU D 140 5.40 38.42 35.49
CA GLU D 140 6.50 37.66 36.05
C GLU D 140 6.43 36.21 35.55
N ARG D 141 7.51 35.79 34.91
CA ARG D 141 7.63 34.42 34.40
C ARG D 141 8.17 33.49 35.47
N LYS D 142 7.40 32.45 35.81
CA LYS D 142 7.82 31.50 36.83
C LYS D 142 7.14 30.16 36.59
N SER D 143 7.93 29.10 36.51
CA SER D 143 7.39 27.80 36.19
C SER D 143 6.59 27.29 37.40
N LYS D 144 5.43 26.69 37.12
CA LYS D 144 4.48 26.25 38.16
C LYS D 144 4.61 24.77 38.44
N GLY D 145 4.41 24.41 39.70
CA GLY D 145 4.54 23.01 40.14
C GLY D 145 3.28 22.43 40.73
N ARG D 146 2.55 23.22 41.51
CA ARG D 146 1.40 22.70 42.25
C ARG D 146 0.13 22.84 41.42
N LYS D 147 -0.74 21.84 41.52
CA LYS D 147 -1.91 21.78 40.64
C LYS D 147 -2.82 23.01 40.77
N GLU D 148 -2.92 23.57 41.98
CA GLU D 148 -3.70 24.80 42.20
CA GLU D 148 -3.73 24.77 42.15
C GLU D 148 -3.15 26.01 41.45
N GLU D 149 -1.83 26.00 41.22
CA GLU D 149 -1.23 27.10 40.44
C GLU D 149 -1.62 27.06 38.97
N TYR D 150 -1.73 25.85 38.43
CA TYR D 150 -2.21 25.66 37.06
C TYR D 150 -3.63 26.21 36.90
N ALA D 151 -4.51 25.84 37.85
CA ALA D 151 -5.86 26.38 37.93
C ALA D 151 -5.85 27.89 38.03
N GLU D 152 -5.00 28.42 38.92
CA GLU D 152 -4.91 29.86 39.17
C GLU D 152 -4.58 30.66 37.92
N GLU D 153 -3.62 30.17 37.13
CA GLU D 153 -3.20 30.84 35.92
C GLU D 153 -4.29 30.76 34.86
N ALA D 154 -4.96 29.61 34.79
CA ALA D 154 -6.08 29.45 33.86
C ALA D 154 -7.19 30.45 34.19
N LEU D 155 -7.46 30.64 35.48
CA LEU D 155 -8.49 31.59 35.90
C LEU D 155 -8.16 33.05 35.62
N LYS D 156 -6.88 33.42 35.71
CA LYS D 156 -6.46 34.77 35.35
C LYS D 156 -6.73 35.06 33.88
N ALA D 157 -6.41 34.08 33.03
CA ALA D 157 -6.70 34.18 31.60
C ALA D 157 -8.20 34.31 31.33
N VAL D 158 -8.99 33.47 31.99
CA VAL D 158 -10.43 33.51 31.79
C VAL D 158 -11.00 34.88 32.21
N ALA D 159 -10.47 35.43 33.30
CA ALA D 159 -10.84 36.78 33.78
C ALA D 159 -10.55 37.90 32.78
N GLU D 160 -9.53 37.72 31.94
CA GLU D 160 -9.19 38.65 30.87
C GLU D 160 -10.02 38.46 29.60
N GLY D 161 -10.84 37.42 29.60
CA GLY D 161 -11.82 37.20 28.54
C GLY D 161 -11.43 36.15 27.53
N TYR D 162 -10.34 35.42 27.78
CA TYR D 162 -9.99 34.27 26.94
C TYR D 162 -10.93 33.10 27.16
N ASP D 163 -11.34 32.44 26.07
CA ASP D 163 -12.17 31.24 26.19
C ASP D 163 -11.42 29.97 25.79
N ALA D 164 -10.09 30.07 25.74
CA ALA D 164 -9.22 28.94 25.47
C ALA D 164 -7.85 29.19 26.10
N VAL D 165 -7.24 28.11 26.59
CA VAL D 165 -5.91 28.18 27.20
C VAL D 165 -5.07 27.01 26.69
N LYS D 166 -3.75 27.18 26.74
CA LYS D 166 -2.83 26.06 26.46
C LYS D 166 -1.85 25.87 27.61
N VAL D 167 -1.61 24.62 27.98
CA VAL D 167 -0.71 24.33 29.08
C VAL D 167 0.12 23.08 28.77
N ASP D 168 1.40 23.13 29.14
CA ASP D 168 2.24 21.93 29.21
C ASP D 168 2.19 21.42 30.64
N VAL D 169 1.58 20.26 30.83
CA VAL D 169 1.37 19.70 32.17
C VAL D 169 2.36 18.61 32.57
N LEU D 170 3.21 18.19 31.63
CA LEU D 170 4.19 17.13 31.91
C LEU D 170 5.62 17.63 32.18
N ALA D 171 5.94 18.83 31.72
CA ALA D 171 7.34 19.25 31.64
C ALA D 171 7.98 19.46 33.02
N HIS D 172 7.20 19.92 33.99
CA HIS D 172 7.74 20.29 35.29
C HIS D 172 7.29 19.32 36.37
N ASP D 173 8.17 19.05 37.33
CA ASP D 173 7.77 18.27 38.49
C ASP D 173 6.91 19.13 39.44
N ARG D 174 6.52 18.58 40.57
CA ARG D 174 5.63 19.29 41.49
C ARG D 174 6.29 20.47 42.22
N ASN D 175 7.62 20.57 42.09
CA ASN D 175 8.37 21.74 42.56
C ASN D 175 8.58 22.79 41.47
N GLY D 176 7.99 22.58 40.29
CA GLY D 176 8.15 23.51 39.19
C GLY D 176 9.47 23.37 38.44
N SER D 177 10.15 22.24 38.60
CA SER D 177 11.48 22.02 38.02
C SER D 177 11.47 21.08 36.83
N ARG D 178 12.30 21.37 35.82
CA ARG D 178 12.55 20.41 34.72
CA ARG D 178 12.56 20.42 34.72
C ARG D 178 13.62 19.37 35.09
N GLU D 179 14.35 19.61 36.18
CA GLU D 179 15.47 18.72 36.54
C GLU D 179 15.00 17.31 36.87
N GLY D 180 15.58 16.34 36.17
CA GLY D 180 15.25 14.95 36.40
C GLY D 180 13.98 14.47 35.74
N VAL D 181 13.32 15.34 34.96
CA VAL D 181 12.09 14.96 34.27
C VAL D 181 12.44 14.38 32.90
N PHE D 182 12.00 13.15 32.67
CA PHE D 182 12.25 12.44 31.44
C PHE D 182 10.96 11.74 31.01
N LEU D 183 10.58 11.96 29.74
CA LEU D 183 9.20 11.67 29.31
C LEU D 183 9.13 10.76 28.08
N GLU D 184 10.23 10.11 27.74
CA GLU D 184 10.24 9.16 26.63
C GLU D 184 10.00 7.74 27.12
N GLY D 185 9.28 6.95 26.33
CA GLY D 185 9.00 5.55 26.69
C GLY D 185 7.88 5.49 27.72
N PRO D 186 7.50 4.27 28.15
CA PRO D 186 6.40 4.13 29.09
C PRO D 186 6.67 4.93 30.38
N LEU D 187 5.64 5.65 30.83
CA LEU D 187 5.74 6.60 31.95
C LEU D 187 5.32 5.95 33.27
N PRO D 188 5.94 6.39 34.38
CA PRO D 188 5.49 5.98 35.72
C PRO D 188 4.09 6.49 36.01
N SER D 189 3.33 5.74 36.80
CA SER D 189 1.99 6.16 37.23
CA SER D 189 1.99 6.17 37.21
C SER D 189 1.98 7.57 37.82
N GLU D 190 3.00 7.91 38.59
CA GLU D 190 3.05 9.19 39.27
C GLU D 190 3.23 10.37 38.31
N THR D 191 4.01 10.17 37.25
CA THR D 191 4.07 11.15 36.17
C THR D 191 2.72 11.35 35.46
N ILE D 192 2.04 10.24 35.15
CA ILE D 192 0.69 10.31 34.62
C ILE D 192 -0.24 11.12 35.55
N LYS D 193 -0.16 10.81 36.85
CA LYS D 193 -0.96 11.48 37.87
C LYS D 193 -0.71 13.00 37.93
N ILE D 194 0.55 13.41 37.82
CA ILE D 194 0.92 14.83 37.80
C ILE D 194 0.25 15.55 36.62
N GLY D 195 0.34 14.99 35.42
CA GLY D 195 -0.32 15.62 34.26
C GLY D 195 -1.83 15.66 34.41
N VAL D 196 -2.41 14.55 34.87
CA VAL D 196 -3.87 14.40 35.00
C VAL D 196 -4.40 15.41 36.01
N GLU D 197 -3.74 15.52 37.16
CA GLU D 197 -4.20 16.40 38.24
C GLU D 197 -4.22 17.86 37.82
N ARG D 198 -3.28 18.24 36.94
CA ARG D 198 -3.20 19.58 36.42
C ARG D 198 -4.30 19.86 35.40
N VAL D 199 -4.50 18.94 34.46
CA VAL D 199 -5.61 19.05 33.51
C VAL D 199 -6.95 19.10 34.27
N GLU D 200 -7.11 18.20 35.23
CA GLU D 200 -8.34 18.14 36.05
C GLU D 200 -8.59 19.45 36.81
N ALA D 201 -7.56 19.96 37.48
CA ALA D 201 -7.66 21.24 38.19
C ALA D 201 -8.08 22.38 37.27
N ILE D 202 -7.49 22.44 36.07
CA ILE D 202 -7.86 23.47 35.10
C ILE D 202 -9.31 23.33 34.63
N ARG D 203 -9.71 22.11 34.27
CA ARG D 203 -11.06 21.83 33.77
C ARG D 203 -12.12 22.20 34.83
N ASN D 204 -11.88 21.78 36.06
CA ASN D 204 -12.74 22.14 37.20
C ASN D 204 -12.86 23.64 37.42
N ALA D 205 -11.74 24.34 37.31
CA ALA D 205 -11.71 25.79 37.46
C ALA D 205 -12.40 26.54 36.33
N VAL D 206 -12.17 26.15 35.07
CA VAL D 206 -12.66 26.94 33.93
C VAL D 206 -14.05 26.54 33.42
N GLY D 207 -14.47 25.32 33.76
CA GLY D 207 -15.76 24.80 33.29
C GLY D 207 -15.70 24.29 31.86
N PRO D 208 -16.85 23.87 31.31
CA PRO D 208 -16.95 23.22 29.99
C PRO D 208 -16.75 24.14 28.78
N ASP D 209 -16.98 25.44 28.94
CA ASP D 209 -17.02 26.35 27.78
C ASP D 209 -15.74 27.14 27.59
N VAL D 210 -14.67 26.69 28.27
CA VAL D 210 -13.34 27.21 27.99
C VAL D 210 -12.49 26.04 27.47
N ASP D 211 -11.88 26.20 26.31
CA ASP D 211 -11.16 25.07 25.72
C ASP D 211 -9.77 24.94 26.31
N ILE D 212 -9.27 23.71 26.39
CA ILE D 212 -7.96 23.44 26.97
C ILE D 212 -7.13 22.68 25.93
N ILE D 213 -6.00 23.26 25.56
CA ILE D 213 -5.03 22.62 24.69
C ILE D 213 -3.89 22.07 25.54
N VAL D 214 -3.47 20.83 25.28
CA VAL D 214 -2.34 20.26 26.01
C VAL D 214 -1.12 20.23 25.09
N GLU D 215 -0.02 20.79 25.60
CA GLU D 215 1.24 20.98 24.88
C GLU D 215 2.30 20.02 25.49
N ASN D 216 2.87 19.14 24.68
CA ASN D 216 3.89 18.20 25.16
C ASN D 216 5.33 18.67 24.87
N HIS D 217 5.46 19.69 24.01
CA HIS D 217 6.74 20.29 23.63
C HIS D 217 7.74 19.30 23.00
N GLY D 218 7.24 18.24 22.38
CA GLY D 218 8.12 17.17 21.89
C GLY D 218 8.98 16.48 22.97
N HIS D 219 8.55 16.53 24.23
CA HIS D 219 9.31 15.88 25.31
C HIS D 219 8.96 14.42 25.40
N THR D 220 7.74 14.10 24.98
CA THR D 220 7.22 12.74 24.94
C THR D 220 7.65 12.06 23.63
N ASP D 221 7.39 10.77 23.53
CA ASP D 221 7.42 10.11 22.23
C ASP D 221 6.08 9.45 21.99
N LEU D 222 5.95 8.68 20.92
CA LEU D 222 4.64 8.12 20.61
C LEU D 222 4.06 7.23 21.73
N VAL D 223 4.93 6.48 22.42
CA VAL D 223 4.49 5.57 23.49
C VAL D 223 3.93 6.34 24.70
N SER D 224 4.70 7.28 25.21
CA SER D 224 4.25 8.12 26.32
C SER D 224 3.10 9.07 25.92
N ALA D 225 3.09 9.55 24.67
CA ALA D 225 1.98 10.39 24.19
C ALA D 225 0.65 9.64 24.23
N ILE D 226 0.68 8.38 23.81
CA ILE D 226 -0.53 7.56 23.73
C ILE D 226 -1.04 7.29 25.17
N GLN D 227 -0.12 6.90 26.03
CA GLN D 227 -0.39 6.61 27.44
C GLN D 227 -1.04 7.81 28.14
N PHE D 228 -0.46 8.99 27.95
CA PHE D 228 -1.01 10.19 28.54
C PHE D 228 -2.38 10.58 27.96
N ALA D 229 -2.53 10.46 26.63
CA ALA D 229 -3.81 10.77 26.00
C ALA D 229 -4.96 9.96 26.61
N LYS D 230 -4.71 8.67 26.86
CA LYS D 230 -5.69 7.78 27.46
CA LYS D 230 -5.69 7.77 27.47
C LYS D 230 -6.15 8.33 28.81
N ALA D 231 -5.23 8.91 29.56
CA ALA D 231 -5.49 9.43 30.89
C ALA D 231 -6.24 10.76 30.92
N ILE D 232 -6.14 11.56 29.85
CA ILE D 232 -6.74 12.88 29.82
C ILE D 232 -7.94 13.01 28.89
N GLU D 233 -8.23 11.95 28.15
CA GLU D 233 -9.29 12.01 27.14
C GLU D 233 -10.64 12.47 27.70
N GLU D 234 -10.92 12.07 28.95
CA GLU D 234 -12.19 12.37 29.62
C GLU D 234 -12.41 13.87 29.87
N PHE D 235 -11.35 14.67 29.74
CA PHE D 235 -11.43 16.09 30.03
C PHE D 235 -11.73 17.00 28.85
N ASN D 236 -12.04 16.39 27.70
CA ASN D 236 -12.37 17.15 26.48
C ASN D 236 -11.26 18.12 26.06
N ILE D 237 -10.13 17.53 25.67
CA ILE D 237 -8.99 18.31 25.22
C ILE D 237 -9.23 18.79 23.79
N PHE D 238 -8.95 20.07 23.55
CA PHE D 238 -9.30 20.74 22.30
C PHE D 238 -8.39 20.21 21.18
N PHE D 239 -7.09 20.30 21.43
CA PHE D 239 -6.09 19.53 20.70
C PHE D 239 -4.82 19.28 21.48
N TYR D 240 -3.98 18.39 20.94
CA TYR D 240 -2.87 17.76 21.65
C TYR D 240 -1.60 18.03 20.82
N GLU D 241 -0.71 18.87 21.35
CA GLU D 241 0.34 19.50 20.54
C GLU D 241 1.74 18.90 20.72
N GLU D 242 2.44 18.73 19.60
CA GLU D 242 3.84 18.27 19.57
C GLU D 242 4.09 17.09 20.51
N ILE D 243 3.45 15.98 20.22
CA ILE D 243 3.47 14.84 21.12
C ILE D 243 4.71 13.95 20.96
N ASN D 244 5.54 14.25 19.96
CA ASN D 244 6.74 13.46 19.72
C ASN D 244 7.78 14.25 18.89
N THR D 245 8.80 13.56 18.41
CA THR D 245 9.78 14.16 17.49
C THR D 245 9.23 14.10 16.06
N PRO D 246 9.18 15.26 15.35
CA PRO D 246 8.59 15.31 14.00
C PRO D 246 9.46 14.80 12.84
N LEU D 247 10.66 14.31 13.15
CA LEU D 247 11.63 13.95 12.10
C LEU D 247 11.35 12.64 11.35
N ASN D 248 10.61 11.71 11.97
CA ASN D 248 10.05 10.53 11.27
C ASN D 248 8.52 10.67 11.20
N PRO D 249 8.00 11.35 10.16
CA PRO D 249 6.57 11.72 10.15
C PRO D 249 5.58 10.58 10.33
N ARG D 250 5.93 9.38 9.85
CA ARG D 250 5.01 8.23 9.92
C ARG D 250 4.60 7.89 11.37
N LEU D 251 5.45 8.25 12.32
CA LEU D 251 5.17 7.94 13.73
C LEU D 251 3.94 8.66 14.25
N LEU D 252 3.63 9.84 13.70
CA LEU D 252 2.41 10.56 14.11
C LEU D 252 1.16 9.84 13.60
N LYS D 253 1.22 9.28 12.40
CA LYS D 253 0.16 8.40 11.89
C LYS D 253 -0.08 7.21 12.82
N GLU D 254 1.02 6.61 13.30
CA GLU D 254 0.94 5.50 14.26
C GLU D 254 0.31 5.93 15.58
N ALA D 255 0.72 7.10 16.09
CA ALA D 255 0.13 7.67 17.31
C ALA D 255 -1.39 7.93 17.12
N LYS D 256 -1.78 8.47 15.98
CA LYS D 256 -3.19 8.80 15.73
C LYS D 256 -4.10 7.56 15.75
N LYS D 257 -3.60 6.40 15.33
CA LYS D 257 -4.33 5.12 15.48
C LYS D 257 -4.86 4.87 16.90
N LYS D 258 -4.16 5.39 17.91
CA LYS D 258 -4.49 5.11 19.31
C LYS D 258 -4.87 6.35 20.10
N ILE D 259 -4.99 7.51 19.45
CA ILE D 259 -5.33 8.76 20.14
C ILE D 259 -6.54 9.36 19.45
N ASP D 260 -7.56 9.66 20.23
N ASP D 260 -7.57 9.64 20.25
CA ASP D 260 -8.78 10.23 19.67
CA ASP D 260 -8.84 10.23 19.81
C ASP D 260 -8.81 11.76 19.74
C ASP D 260 -9.04 11.67 20.32
N ILE D 261 -7.93 12.35 20.54
CA ILE D 261 -7.86 13.81 20.67
C ILE D 261 -7.28 14.36 19.35
N PRO D 262 -7.84 15.46 18.79
CA PRO D 262 -7.18 16.07 17.62
C PRO D 262 -5.69 16.40 17.86
N LEU D 263 -4.85 16.12 16.87
CA LEU D 263 -3.40 16.37 16.99
C LEU D 263 -2.98 17.68 16.31
N ALA D 264 -1.98 18.35 16.90
CA ALA D 264 -1.42 19.56 16.32
C ALA D 264 0.09 19.47 16.27
N SER D 265 0.66 20.11 15.25
CA SER D 265 2.12 20.25 15.14
C SER D 265 2.46 21.28 14.07
N GLY D 266 3.61 21.95 14.20
CA GLY D 266 4.08 22.74 13.10
C GLY D 266 5.26 23.63 13.36
N GLU D 267 5.57 23.91 14.63
CA GLU D 267 6.62 24.88 14.89
C GLU D 267 7.98 24.29 14.56
N ARG D 268 8.06 22.96 14.47
CA ARG D 268 9.33 22.34 14.05
C ARG D 268 9.19 21.55 12.76
N ILE D 269 8.29 22.02 11.90
CA ILE D 269 8.10 21.49 10.53
C ILE D 269 8.12 22.68 9.58
N TYR D 270 8.89 22.58 8.49
CA TYR D 270 9.20 23.78 7.68
C TYR D 270 8.92 23.56 6.21
N SER D 271 8.28 24.55 5.57
CA SER D 271 7.98 24.54 4.13
C SER D 271 6.87 23.56 3.74
N ARG D 272 6.34 23.72 2.54
CA ARG D 272 5.41 22.74 1.96
C ARG D 272 6.00 21.33 2.08
N TRP D 273 7.31 21.20 1.85
CA TRP D 273 7.99 19.89 1.89
C TRP D 273 7.92 19.24 3.26
N GLY D 274 8.01 20.04 4.31
CA GLY D 274 7.96 19.53 5.67
C GLY D 274 6.57 19.02 6.01
N PHE D 275 5.54 19.76 5.61
CA PHE D 275 4.16 19.41 5.95
C PHE D 275 3.57 18.30 5.10
N LEU D 276 4.08 18.17 3.87
CA LEU D 276 3.57 17.17 2.93
C LEU D 276 3.29 15.79 3.53
N PRO D 277 4.30 15.13 4.13
CA PRO D 277 4.02 13.75 4.57
C PRO D 277 2.94 13.65 5.67
N PHE D 278 2.87 14.66 6.54
CA PHE D 278 1.80 14.69 7.56
C PHE D 278 0.41 14.86 6.96
N LEU D 279 0.31 15.65 5.90
CA LEU D 279 -0.96 15.78 5.16
C LEU D 279 -1.31 14.50 4.37
N GLU D 280 -0.34 13.94 3.65
CA GLU D 280 -0.48 12.60 3.02
C GLU D 280 -1.02 11.53 3.98
N ASP D 281 -0.50 11.51 5.21
CA ASP D 281 -0.94 10.58 6.25
C ASP D 281 -2.19 11.08 6.97
N ARG D 282 -2.54 12.35 6.75
CA ARG D 282 -3.65 13.04 7.44
C ARG D 282 -3.53 12.89 8.97
N SER D 283 -2.31 13.00 9.47
CA SER D 283 -2.04 12.75 10.88
C SER D 283 -2.12 13.99 11.77
N ILE D 284 -2.20 15.17 11.17
CA ILE D 284 -2.29 16.44 11.94
C ILE D 284 -3.64 17.08 11.61
N ASP D 285 -4.40 17.40 12.66
CA ASP D 285 -5.68 18.11 12.52
C ASP D 285 -5.56 19.63 12.50
N VAL D 286 -4.60 20.17 13.25
CA VAL D 286 -4.36 21.60 13.29
C VAL D 286 -2.86 21.84 13.06
N ILE D 287 -2.50 22.41 11.92
CA ILE D 287 -1.07 22.67 11.68
C ILE D 287 -0.66 24.01 12.28
N GLN D 288 0.60 24.09 12.71
CA GLN D 288 1.09 25.27 13.43
C GLN D 288 2.42 25.83 12.87
N PRO D 289 2.47 26.16 11.58
CA PRO D 289 3.70 26.74 11.01
C PRO D 289 3.97 28.08 11.68
N ASP D 290 5.23 28.37 11.95
CA ASP D 290 5.66 29.71 12.38
C ASP D 290 6.05 30.51 11.13
N LEU D 291 5.47 31.69 10.92
CA LEU D 291 5.86 32.54 9.78
C LEU D 291 7.38 32.70 9.69
N GLY D 292 8.04 32.74 10.84
CA GLY D 292 9.47 33.01 10.90
C GLY D 292 10.35 31.77 10.78
N THR D 293 9.75 30.60 10.58
CA THR D 293 10.56 29.40 10.22
C THR D 293 10.02 28.60 9.04
N CYS D 294 8.72 28.70 8.75
CA CYS D 294 8.11 27.87 7.71
C CYS D 294 8.44 28.31 6.28
N GLY D 295 8.94 29.54 6.13
CA GLY D 295 9.18 30.15 4.83
C GLY D 295 8.51 31.50 4.60
N GLY D 296 8.05 32.18 5.67
CA GLY D 296 7.50 33.55 5.51
C GLY D 296 6.04 33.57 5.08
N PHE D 297 5.50 34.75 4.80
CA PHE D 297 4.14 34.87 4.26
C PHE D 297 3.95 33.99 3.01
N THR D 298 4.92 34.02 2.12
CA THR D 298 4.84 33.32 0.85
C THR D 298 4.59 31.81 1.06
N GLU D 299 5.40 31.20 1.91
CA GLU D 299 5.29 29.76 2.13
C GLU D 299 4.14 29.40 3.08
N PHE D 300 3.87 30.27 4.06
CA PHE D 300 2.77 30.01 5.03
C PHE D 300 1.46 29.85 4.26
N LYS D 301 1.24 30.74 3.30
CA LYS D 301 0.04 30.72 2.49
C LYS D 301 -0.06 29.40 1.70
N LYS D 302 1.06 28.99 1.11
CA LYS D 302 1.12 27.74 0.34
C LYS D 302 0.84 26.53 1.23
N ILE D 303 1.37 26.55 2.45
CA ILE D 303 1.16 25.44 3.39
C ILE D 303 -0.32 25.37 3.80
N ALA D 304 -0.89 26.53 4.15
CA ALA D 304 -2.30 26.63 4.57
C ALA D 304 -3.24 26.18 3.46
N ASP D 305 -2.96 26.61 2.23
CA ASP D 305 -3.80 26.26 1.06
C ASP D 305 -3.77 24.76 0.76
N MET D 306 -2.60 24.14 0.82
CA MET D 306 -2.51 22.69 0.71
CA MET D 306 -2.52 22.68 0.70
C MET D 306 -3.25 21.99 1.85
N ALA D 307 -3.05 22.47 3.08
CA ALA D 307 -3.73 21.87 4.24
C ALA D 307 -5.26 21.89 4.11
N HIS D 308 -5.80 22.96 3.53
CA HIS D 308 -7.24 23.12 3.36
C HIS D 308 -7.89 21.94 2.62
N ILE D 309 -7.21 21.39 1.61
CA ILE D 309 -7.82 20.31 0.85
CA ILE D 309 -7.78 20.30 0.83
C ILE D 309 -7.86 18.99 1.63
N PHE D 310 -7.14 18.93 2.75
CA PHE D 310 -7.16 17.78 3.66
C PHE D 310 -8.04 18.01 4.90
N GLU D 311 -8.83 19.09 4.87
CA GLU D 311 -9.68 19.50 6.01
C GLU D 311 -8.84 19.59 7.30
N VAL D 312 -7.74 20.33 7.16
CA VAL D 312 -6.85 20.67 8.27
C VAL D 312 -6.97 22.17 8.44
N THR D 313 -7.01 22.63 9.69
CA THR D 313 -7.03 24.04 9.97
C THR D 313 -5.72 24.50 10.57
N VAL D 314 -5.58 25.80 10.77
CA VAL D 314 -4.26 26.41 10.97
C VAL D 314 -4.29 27.34 12.17
N GLN D 315 -3.29 27.18 13.04
CA GLN D 315 -2.96 28.20 14.06
C GLN D 315 -1.48 28.51 13.89
N ALA D 316 -1.14 29.73 13.47
CA ALA D 316 0.27 30.11 13.39
C ALA D 316 0.95 29.89 14.73
N HIS D 317 2.15 29.32 14.72
CA HIS D 317 2.94 29.32 15.93
C HIS D 317 3.51 30.71 16.12
N VAL D 318 3.31 31.29 17.30
CA VAL D 318 3.72 32.68 17.54
C VAL D 318 4.38 32.75 18.90
N ALA D 319 5.68 33.03 18.91
CA ALA D 319 6.44 33.01 20.15
C ALA D 319 7.73 33.80 20.03
N GLY D 320 7.62 35.06 19.64
CA GLY D 320 8.76 35.98 19.62
C GLY D 320 8.30 37.41 19.88
N THR D 321 8.86 38.37 19.14
CA THR D 321 8.52 39.79 19.34
C THR D 321 7.21 40.22 18.71
N GLY D 322 6.88 41.50 18.88
CA GLY D 322 5.76 42.11 18.19
C GLY D 322 5.81 42.12 16.67
N VAL D 323 7.00 41.98 16.08
CA VAL D 323 7.14 41.86 14.62
C VAL D 323 6.50 40.53 14.18
N ALA D 324 6.97 39.43 14.79
CA ALA D 324 6.34 38.12 14.60
C ALA D 324 4.84 38.15 14.85
N GLU D 325 4.42 38.72 15.97
CA GLU D 325 2.99 38.66 16.28
C GLU D 325 2.16 39.50 15.34
N ALA D 326 2.61 40.72 15.01
CA ALA D 326 1.88 41.53 14.03
C ALA D 326 1.79 40.83 12.67
N ALA D 327 2.90 40.27 12.21
CA ALA D 327 2.89 39.55 10.92
C ALA D 327 1.88 38.40 10.92
N SER D 328 1.82 37.65 12.01
CA SER D 328 0.97 36.47 12.09
CA SER D 328 0.96 36.46 12.06
C SER D 328 -0.51 36.82 11.92
N LEU D 329 -0.90 38.00 12.42
CA LEU D 329 -2.30 38.42 12.33
C LEU D 329 -2.75 38.59 10.87
N HIS D 330 -1.89 39.15 10.03
CA HIS D 330 -2.15 39.30 8.61
C HIS D 330 -2.28 37.94 7.93
N ALA D 331 -1.35 37.04 8.24
CA ALA D 331 -1.35 35.69 7.64
C ALA D 331 -2.64 34.92 7.97
N GLU D 332 -3.09 35.03 9.21
CA GLU D 332 -4.21 34.25 9.72
C GLU D 332 -5.56 34.79 9.28
N ILE D 333 -5.69 36.12 9.19
CA ILE D 333 -6.95 36.69 8.77
C ILE D 333 -7.23 36.41 7.30
N ALA D 334 -6.16 36.20 6.53
CA ALA D 334 -6.25 36.06 5.07
C ALA D 334 -6.47 34.63 4.58
N ILE D 335 -6.57 33.67 5.52
CA ILE D 335 -6.83 32.26 5.13
C ILE D 335 -8.23 31.81 5.56
N PRO D 336 -8.90 30.99 4.72
CA PRO D 336 -10.20 30.47 5.15
C PRO D 336 -10.16 29.44 6.29
N ASN D 337 -9.09 28.66 6.39
CA ASN D 337 -9.06 27.51 7.29
C ASN D 337 -8.31 27.83 8.59
N PHE D 338 -8.63 28.97 9.18
CA PHE D 338 -8.05 29.40 10.45
C PHE D 338 -8.76 28.74 11.63
N CYS D 339 -7.97 28.24 12.59
CA CYS D 339 -8.53 27.66 13.81
C CYS D 339 -8.60 28.68 14.97
N ILE D 340 -7.44 29.14 15.42
CA ILE D 340 -7.33 29.93 16.66
C ILE D 340 -5.94 30.59 16.68
N HIS D 341 -5.79 31.69 17.42
CA HIS D 341 -4.50 32.39 17.48
C HIS D 341 -3.83 32.16 18.82
N GLU D 342 -2.52 31.90 18.77
CA GLU D 342 -1.72 31.70 19.97
C GLU D 342 -1.21 33.03 20.50
N HIS D 343 -1.57 33.34 21.74
CA HIS D 343 -1.01 34.53 22.38
C HIS D 343 -0.15 34.15 23.57
N HIS D 344 1.16 34.26 23.36
CA HIS D 344 2.13 33.65 24.24
C HIS D 344 2.28 34.54 25.47
N GLN D 345 2.45 33.90 26.63
CA GLN D 345 2.72 34.61 27.88
C GLN D 345 3.93 35.56 27.83
N LYS D 346 4.96 35.20 27.05
CA LYS D 346 6.17 36.05 26.92
C LYS D 346 5.86 37.50 26.48
N THR D 347 4.78 37.68 25.72
CA THR D 347 4.38 39.01 25.24
C THR D 347 3.99 39.93 26.41
N LEU D 348 3.68 39.31 27.56
CA LEU D 348 3.28 40.05 28.74
C LEU D 348 4.48 40.51 29.59
N LEU D 349 5.68 40.08 29.22
CA LEU D 349 6.92 40.49 29.92
C LEU D 349 7.47 41.78 29.33
N PRO D 350 7.96 42.70 30.19
CA PRO D 350 8.54 43.99 29.74
C PRO D 350 9.74 43.87 28.80
N GLU D 351 10.51 42.79 28.92
CA GLU D 351 11.68 42.58 28.06
C GLU D 351 11.31 42.42 26.58
N TYR D 352 10.12 41.88 26.34
CA TYR D 352 9.58 41.74 25.00
C TYR D 352 8.81 43.00 24.58
N GLU D 353 8.02 43.56 25.50
CA GLU D 353 7.27 44.79 25.24
C GLU D 353 8.13 45.93 24.70
N GLU D 354 9.35 46.04 25.22
CA GLU D 354 10.22 47.19 24.90
C GLU D 354 10.84 47.19 23.51
N LEU D 355 10.69 46.10 22.76
CA LEU D 355 11.38 45.93 21.48
C LEU D 355 10.64 46.58 20.30
N CYS D 356 9.34 46.78 20.47
CA CYS D 356 8.47 47.19 19.37
C CYS D 356 7.62 48.42 19.70
N VAL D 357 7.36 49.22 18.66
CA VAL D 357 6.60 50.47 18.74
C VAL D 357 5.14 50.26 19.15
N HIS D 358 4.49 49.25 18.55
CA HIS D 358 3.10 48.92 18.90
C HIS D 358 3.02 47.66 19.76
N ASN D 359 2.23 47.71 20.83
CA ASN D 359 1.95 46.52 21.64
C ASN D 359 0.54 45.97 21.33
N TYR D 360 0.45 45.13 20.30
CA TYR D 360 -0.84 44.54 19.92
C TYR D 360 -1.24 43.47 20.93
N GLN D 361 -2.38 43.67 21.59
CA GLN D 361 -2.86 42.74 22.60
C GLN D 361 -4.33 42.41 22.31
N PRO D 362 -4.77 41.17 22.64
CA PRO D 362 -6.19 40.86 22.48
C PRO D 362 -7.08 41.76 23.33
N VAL D 363 -8.28 42.02 22.83
CA VAL D 363 -9.36 42.58 23.66
C VAL D 363 -10.44 41.53 23.86
N LYS D 364 -10.71 41.20 25.13
CA LYS D 364 -11.70 40.19 25.50
C LYS D 364 -11.50 38.88 24.72
N GLY D 365 -10.24 38.44 24.63
CA GLY D 365 -9.90 37.18 23.96
C GLY D 365 -9.98 37.21 22.44
N ARG D 366 -10.06 38.40 21.85
CA ARG D 366 -10.17 38.53 20.39
C ARG D 366 -9.08 39.43 19.85
N TYR D 367 -8.54 39.09 18.68
CA TYR D 367 -7.54 39.91 18.04
C TYR D 367 -8.11 40.54 16.79
N LYS D 368 -7.74 41.79 16.55
CA LYS D 368 -7.93 42.38 15.24
C LYS D 368 -6.59 42.55 14.52
N VAL D 369 -6.62 42.37 13.21
CA VAL D 369 -5.42 42.57 12.38
C VAL D 369 -5.08 44.08 12.37
N PRO D 370 -3.79 44.42 12.40
CA PRO D 370 -3.43 45.84 12.21
C PRO D 370 -3.90 46.39 10.86
N GLU D 371 -4.21 47.69 10.83
CA GLU D 371 -4.77 48.32 9.62
C GLU D 371 -3.82 49.36 9.02
N LEU D 372 -2.62 49.48 9.59
CA LEU D 372 -1.55 50.33 9.08
C LEU D 372 -0.96 49.80 7.77
N PRO D 373 -0.22 50.64 7.01
CA PRO D 373 0.55 50.11 5.88
C PRO D 373 1.55 49.03 6.32
N GLY D 374 1.71 47.99 5.51
CA GLY D 374 2.65 46.90 5.85
C GLY D 374 2.14 45.98 6.93
N ILE D 375 3.04 45.42 7.73
CA ILE D 375 2.64 44.56 8.84
C ILE D 375 2.11 45.37 10.04
N GLY D 376 2.37 46.68 10.03
CA GLY D 376 1.87 47.56 11.07
C GLY D 376 2.71 47.52 12.34
N GLN D 377 4.01 47.32 12.17
CA GLN D 377 4.90 47.19 13.32
C GLN D 377 6.26 47.78 12.97
N ASP D 378 6.96 48.24 14.00
CA ASP D 378 8.32 48.73 13.84
C ASP D 378 9.11 48.45 15.10
N ILE D 379 10.43 48.50 14.98
CA ILE D 379 11.30 48.32 16.14
C ILE D 379 11.57 49.67 16.81
N THR D 380 11.82 49.62 18.11
CA THR D 380 12.19 50.80 18.87
C THR D 380 13.62 51.25 18.60
N GLU D 381 13.94 52.48 19.02
CA GLU D 381 15.27 53.05 18.84
C GLU D 381 16.37 52.31 19.63
N LYS D 382 15.97 51.70 20.74
CA LYS D 382 16.94 51.03 21.63
C LYS D 382 17.58 49.78 21.03
N LEU D 383 16.98 49.23 19.97
CA LEU D 383 17.37 47.92 19.45
C LEU D 383 18.83 47.86 19.05
N TYR D 384 19.30 48.92 18.41
CA TYR D 384 20.70 49.06 17.98
C TYR D 384 21.67 48.86 19.16
N GLN D 385 21.27 49.30 20.35
CA GLN D 385 22.15 49.27 21.53
C GLN D 385 22.00 48.03 22.38
N ILE D 386 20.92 47.27 22.18
CA ILE D 386 20.73 46.04 22.93
C ILE D 386 20.78 44.78 22.06
N SER D 387 21.53 44.86 20.97
CA SER D 387 21.65 43.77 19.98
C SER D 387 23.09 43.59 19.51
N ASP D 388 23.45 42.36 19.18
CA ASP D 388 24.54 42.13 18.22
C ASP D 388 24.06 42.56 16.84
N TYR D 389 24.73 43.55 16.26
CA TYR D 389 24.25 44.28 15.08
C TYR D 389 25.19 44.03 13.90
N VAL D 390 24.61 43.66 12.77
CA VAL D 390 25.34 43.48 11.54
C VAL D 390 24.61 44.21 10.40
N SER D 391 25.35 45.00 9.64
CA SER D 391 24.81 45.74 8.51
C SER D 391 25.51 45.32 7.21
N ILE D 392 24.73 45.16 6.14
CA ILE D 392 25.26 44.84 4.81
C ILE D 392 24.66 45.82 3.81
N GLU D 393 25.50 46.38 2.98
CA GLU D 393 25.07 47.35 2.04
C GLU D 393 25.98 47.39 0.86
N ALA D 394 25.75 48.39 0.06
CA ALA D 394 25.18 48.29 -1.24
C ALA D 394 26.10 49.19 -2.01
N GLY D 397 29.98 46.99 1.70
CA GLY D 397 29.86 47.56 3.03
C GLY D 397 29.33 46.56 4.06
N HIS D 398 30.24 45.84 4.70
CA HIS D 398 29.92 45.11 5.93
C HIS D 398 30.26 45.91 7.18
N HIS D 399 29.32 45.95 8.12
CA HIS D 399 29.53 46.54 9.43
C HIS D 399 29.10 45.52 10.50
N HIS D 400 30.04 45.12 11.35
CA HIS D 400 29.67 44.62 12.68
C HIS D 400 30.05 45.48 13.88
N SER E 2 37.53 11.07 33.09
CA SER E 2 38.21 12.14 33.87
C SER E 2 38.31 13.45 33.09
N LEU E 3 38.25 13.34 31.76
CA LEU E 3 38.39 14.46 30.86
C LEU E 3 37.23 15.39 30.90
N LYS E 4 37.54 16.66 30.84
CA LYS E 4 36.48 17.68 30.76
C LYS E 4 36.85 18.70 29.70
N ILE E 5 35.87 19.07 28.88
CA ILE E 5 36.04 20.13 27.91
C ILE E 5 36.17 21.46 28.65
N THR E 6 37.20 22.22 28.32
CA THR E 6 37.51 23.48 28.99
C THR E 6 37.48 24.68 28.04
N LYS E 7 37.68 24.43 26.75
CA LYS E 7 37.74 25.52 25.77
C LYS E 7 37.31 25.03 24.41
N ILE E 8 36.56 25.86 23.70
CA ILE E 8 36.11 25.55 22.34
C ILE E 8 36.47 26.75 21.47
N GLU E 9 37.20 26.51 20.39
CA GLU E 9 37.56 27.58 19.47
C GLU E 9 36.96 27.29 18.09
N ILE E 10 36.37 28.32 17.48
CA ILE E 10 35.72 28.16 16.18
C ILE E 10 36.37 29.06 15.14
N PHE E 11 36.76 28.46 14.02
CA PHE E 11 37.47 29.17 12.95
C PHE E 11 36.60 29.18 11.69
N HIS E 12 36.01 30.33 11.38
CA HIS E 12 35.34 30.48 10.10
C HIS E 12 36.34 31.11 9.14
N VAL E 13 37.00 30.25 8.37
CA VAL E 13 38.17 30.61 7.56
C VAL E 13 37.78 31.64 6.49
N HIS E 14 38.61 32.69 6.34
CA HIS E 14 38.38 33.70 5.30
C HIS E 14 38.38 33.11 3.90
N THR E 15 37.67 33.79 3.00
CA THR E 15 37.46 33.34 1.62
C THR E 15 38.72 32.79 0.97
N ARG E 16 38.63 31.55 0.49
CA ARG E 16 39.66 30.93 -0.32
C ARG E 16 39.52 31.41 -1.76
N PRO E 17 40.55 32.11 -2.27
CA PRO E 17 40.56 32.82 -3.56
C PRO E 17 39.99 32.12 -4.80
N GLN E 18 40.53 30.95 -5.17
CA GLN E 18 40.10 30.26 -6.39
C GLN E 18 38.73 29.63 -6.23
N SER E 19 38.51 28.94 -5.12
CA SER E 19 37.26 28.24 -4.88
C SER E 19 36.14 29.17 -4.45
N GLY E 20 36.51 30.26 -3.76
CA GLY E 20 35.52 31.15 -3.15
C GLY E 20 34.92 30.62 -1.87
N GLN E 21 35.51 29.56 -1.32
CA GLN E 21 34.90 28.81 -0.22
C GLN E 21 35.36 29.31 1.16
N ARG E 22 34.62 28.95 2.21
CA ARG E 22 34.99 29.32 3.58
C ARG E 22 34.75 28.15 4.54
N PRO E 23 35.77 27.29 4.73
CA PRO E 23 35.71 26.21 5.71
C PRO E 23 35.39 26.67 7.12
N ILE E 24 34.78 25.77 7.90
CA ILE E 24 34.45 26.05 9.29
C ILE E 24 35.04 24.92 10.12
N LEU E 25 35.95 25.27 11.01
CA LEU E 25 36.66 24.29 11.85
C LEU E 25 36.41 24.59 13.32
N VAL E 26 36.42 23.52 14.12
CA VAL E 26 36.28 23.62 15.55
C VAL E 26 37.45 22.92 16.27
N LYS E 27 38.03 23.59 17.25
CA LYS E 27 39.03 22.95 18.10
C LYS E 27 38.52 22.86 19.51
N VAL E 28 38.47 21.64 20.02
CA VAL E 28 37.89 21.39 21.35
C VAL E 28 39.03 20.96 22.28
N SER E 29 39.24 21.72 23.34
CA SER E 29 40.34 21.48 24.29
C SER E 29 39.84 20.97 25.64
N THR E 30 40.67 20.16 26.29
CA THR E 30 40.29 19.53 27.55
C THR E 30 41.22 19.96 28.70
N ASP E 31 40.80 19.68 29.93
CA ASP E 31 41.61 20.00 31.11
C ASP E 31 42.99 19.34 31.13
N GLU E 32 43.08 18.18 30.50
CA GLU E 32 44.33 17.41 30.43
C GLU E 32 45.25 17.82 29.28
N GLY E 33 44.84 18.83 28.53
CA GLY E 33 45.63 19.34 27.41
C GLY E 33 45.44 18.64 26.08
N ILE E 34 44.66 17.56 26.06
CA ILE E 34 44.35 16.88 24.82
C ILE E 34 43.31 17.71 24.09
N TYR E 35 43.49 17.93 22.79
CA TYR E 35 42.47 18.59 22.00
C TYR E 35 42.07 17.82 20.75
N GLY E 36 40.93 18.18 20.19
CA GLY E 36 40.39 17.49 19.03
C GLY E 36 39.95 18.48 17.99
N LEU E 37 40.07 18.10 16.72
CA LEU E 37 39.64 18.97 15.62
C LEU E 37 38.44 18.38 14.88
N GLY E 38 37.47 19.23 14.57
CA GLY E 38 36.32 18.85 13.77
C GLY E 38 36.01 19.89 12.71
N GLU E 39 35.11 19.55 11.78
CA GLU E 39 34.80 20.42 10.66
C GLU E 39 33.30 20.32 10.34
N ALA E 40 32.67 21.47 10.12
CA ALA E 40 31.27 21.52 9.67
C ALA E 40 31.24 21.54 8.13
N GLY E 41 30.39 20.70 7.55
CA GLY E 41 30.45 20.45 6.11
C GLY E 41 29.71 21.48 5.26
N ILE E 42 29.81 22.76 5.63
CA ILE E 42 29.16 23.84 4.87
CA ILE E 42 29.16 23.85 4.88
C ILE E 42 30.22 24.82 4.34
N ALA E 43 31.31 24.28 3.81
CA ALA E 43 32.42 25.13 3.34
C ALA E 43 32.10 25.84 2.02
N TYR E 44 31.15 25.28 1.27
CA TYR E 44 30.76 25.86 -0.01
C TYR E 44 29.26 26.19 0.03
N GLY E 45 28.75 26.79 -1.04
CA GLY E 45 27.37 27.28 -1.04
C GLY E 45 27.21 28.43 -0.07
N VAL E 46 25.97 28.72 0.29
CA VAL E 46 25.67 29.92 1.06
C VAL E 46 25.12 29.44 2.39
N GLY E 47 25.85 29.71 3.47
CA GLY E 47 25.37 29.34 4.81
C GLY E 47 26.44 29.11 5.86
N GLY E 48 27.71 29.26 5.49
CA GLY E 48 28.81 29.03 6.43
C GLY E 48 28.77 29.86 7.72
N SER E 49 28.29 31.11 7.65
CA SER E 49 28.19 31.91 8.86
C SER E 49 27.17 31.31 9.83
N ALA E 50 26.14 30.66 9.28
CA ALA E 50 25.18 29.95 10.12
C ALA E 50 25.85 28.77 10.85
N ALA E 51 26.69 28.02 10.14
CA ALA E 51 27.52 26.98 10.76
C ALA E 51 28.39 27.52 11.88
N ALA E 52 29.09 28.64 11.64
CA ALA E 52 29.87 29.25 12.72
C ALA E 52 29.00 29.60 13.95
N GLY E 53 27.80 30.13 13.69
CA GLY E 53 26.85 30.51 14.73
C GLY E 53 26.30 29.34 15.54
N ILE E 54 25.95 28.25 14.86
CA ILE E 54 25.45 27.08 15.57
C ILE E 54 26.49 26.46 16.49
N LEU E 55 27.75 26.45 16.06
CA LEU E 55 28.85 25.93 16.88
C LEU E 55 29.04 26.78 18.14
N LYS E 56 28.93 28.10 17.97
CA LYS E 56 29.03 29.04 19.09
C LYS E 56 27.91 28.77 20.11
N ASP E 57 26.69 28.58 19.62
CA ASP E 57 25.57 28.30 20.48
C ASP E 57 25.68 26.97 21.19
N TYR E 58 26.06 25.93 20.45
CA TYR E 58 26.19 24.59 21.02
C TYR E 58 27.32 24.52 22.06
N ALA E 59 28.35 25.33 21.86
CA ALA E 59 29.54 25.35 22.73
C ALA E 59 29.19 25.54 24.21
N ALA E 60 28.20 26.39 24.48
CA ALA E 60 27.73 26.65 25.84
C ALA E 60 27.24 25.41 26.56
N LEU E 61 26.67 24.47 25.82
CA LEU E 61 26.16 23.23 26.40
C LEU E 61 27.28 22.22 26.62
N LEU E 62 28.44 22.50 26.04
CA LEU E 62 29.49 21.49 25.96
C LEU E 62 30.65 21.69 26.92
N ILE E 63 30.90 22.93 27.33
CA ILE E 63 31.93 23.17 28.36
C ILE E 63 31.66 22.32 29.59
N GLY E 64 32.67 21.58 30.04
CA GLY E 64 32.55 20.75 31.24
C GLY E 64 32.13 19.31 30.99
N GLU E 65 31.72 19.01 29.76
CA GLU E 65 31.35 17.63 29.39
C GLU E 65 32.57 16.74 29.19
N ASP E 66 32.36 15.44 29.33
CA ASP E 66 33.35 14.40 29.06
C ASP E 66 33.23 14.01 27.59
N PRO E 67 34.28 14.28 26.79
CA PRO E 67 34.23 13.99 25.35
C PRO E 67 34.13 12.49 25.03
N PHE E 68 34.37 11.62 26.02
CA PHE E 68 34.09 10.18 25.80
C PHE E 68 32.60 9.86 25.74
N ASN E 69 31.76 10.77 26.23
CA ASN E 69 30.31 10.55 26.27
C ASN E 69 29.67 11.02 24.97
N THR E 70 30.13 10.44 23.87
CA THR E 70 29.67 10.90 22.55
C THR E 70 28.20 10.60 22.31
N GLU E 71 27.70 9.46 22.82
CA GLU E 71 26.27 9.13 22.63
C GLU E 71 25.37 10.11 23.37
N ALA E 72 25.70 10.38 24.64
CA ALA E 72 24.88 11.27 25.47
C ALA E 72 24.94 12.70 24.94
N ILE E 73 26.10 13.13 24.45
CA ILE E 73 26.26 14.50 24.00
C ILE E 73 25.45 14.70 22.70
N TRP E 74 25.55 13.71 21.79
CA TRP E 74 24.77 13.72 20.54
C TRP E 74 23.28 13.85 20.89
N GLU E 75 22.82 13.01 21.81
CA GLU E 75 21.40 12.98 22.17
C GLU E 75 21.01 14.29 22.87
N LYS E 76 21.92 14.87 23.62
CA LYS E 76 21.68 16.17 24.27
C LYS E 76 21.52 17.30 23.24
N LEU E 77 22.42 17.36 22.25
CA LEU E 77 22.28 18.37 21.22
C LEU E 77 21.05 18.11 20.35
N PHE E 78 20.65 16.85 20.21
CA PHE E 78 19.44 16.50 19.46
C PHE E 78 18.17 16.91 20.23
N LYS E 79 18.14 16.63 21.53
CA LYS E 79 16.89 16.64 22.32
C LYS E 79 16.72 17.85 23.23
N LYS E 80 17.82 18.53 23.54
CA LYS E 80 17.80 19.61 24.54
C LYS E 80 18.00 21.01 23.98
N THR E 81 18.16 21.11 22.65
CA THR E 81 18.38 22.41 22.02
C THR E 81 17.07 22.99 21.45
N PHE E 82 16.02 22.16 21.49
CA PHE E 82 14.71 22.40 20.83
C PHE E 82 14.76 22.20 19.31
N TRP E 83 15.69 22.90 18.66
CA TRP E 83 15.76 22.86 17.20
C TRP E 83 16.37 21.57 16.66
N GLY E 84 17.10 20.84 17.50
CA GLY E 84 17.59 19.51 17.14
C GLY E 84 16.49 18.61 16.59
N GLN E 85 15.32 18.64 17.24
CA GLN E 85 14.22 17.76 16.83
C GLN E 85 13.50 18.21 15.56
N GLY E 86 13.76 19.44 15.12
CA GLY E 86 13.28 19.90 13.82
C GLY E 86 14.23 19.56 12.69
N GLY E 87 15.51 19.33 13.03
CA GLY E 87 16.52 18.93 12.03
C GLY E 87 17.04 20.06 11.17
N GLY E 88 17.92 19.71 10.23
CA GLY E 88 18.35 20.67 9.22
C GLY E 88 19.83 20.63 8.96
N THR E 89 20.21 21.18 7.80
CA THR E 89 21.60 21.30 7.36
C THR E 89 22.48 21.88 8.46
N VAL E 90 22.10 23.03 8.99
CA VAL E 90 22.97 23.76 9.92
C VAL E 90 22.91 23.08 11.29
N ILE E 91 21.69 22.77 11.75
CA ILE E 91 21.49 22.03 13.02
C ILE E 91 22.40 20.79 13.11
N PHE E 92 22.35 19.93 12.09
CA PHE E 92 23.14 18.73 12.11
C PHE E 92 24.65 18.95 11.86
N SER E 93 25.00 20.01 11.14
CA SER E 93 26.41 20.34 10.92
CA SER E 93 26.41 20.33 10.92
C SER E 93 27.09 20.68 12.23
N GLY E 94 26.34 21.31 13.13
CA GLY E 94 26.85 21.67 14.45
C GLY E 94 27.13 20.46 15.31
N ILE E 95 26.20 19.51 15.31
CA ILE E 95 26.40 18.24 16.01
C ILE E 95 27.60 17.49 15.41
N SER E 96 27.65 17.45 14.08
CA SER E 96 28.71 16.77 13.32
C SER E 96 30.12 17.21 13.72
N ALA E 97 30.36 18.51 13.72
CA ALA E 97 31.72 19.03 13.84
C ALA E 97 32.26 18.72 15.22
N PHE E 98 31.42 18.91 16.24
CA PHE E 98 31.80 18.56 17.60
C PHE E 98 32.03 17.07 17.77
N ASP E 99 31.18 16.26 17.17
CA ASP E 99 31.34 14.81 17.25
C ASP E 99 32.69 14.35 16.70
N ILE E 100 33.09 14.91 15.56
CA ILE E 100 34.38 14.57 14.94
C ILE E 100 35.52 14.93 15.91
N ALA E 101 35.45 16.13 16.49
CA ALA E 101 36.48 16.58 17.44
C ALA E 101 36.54 15.67 18.70
N PHE E 102 35.38 15.22 19.20
CA PHE E 102 35.35 14.31 20.35
C PHE E 102 36.05 12.99 20.06
N TRP E 103 35.81 12.44 18.87
CA TRP E 103 36.48 11.20 18.47
C TRP E 103 37.98 11.39 18.29
N ASP E 104 38.37 12.55 17.76
CA ASP E 104 39.79 12.91 17.69
C ASP E 104 40.40 12.83 19.10
N ILE E 105 39.75 13.46 20.07
CA ILE E 105 40.20 13.42 21.47
C ILE E 105 40.31 11.99 22.00
N LYS E 106 39.31 11.14 21.71
CA LYS E 106 39.34 9.75 22.19
C LYS E 106 40.55 8.99 21.66
N GLY E 107 40.77 9.08 20.35
CA GLY E 107 41.95 8.49 19.74
C GLY E 107 43.25 8.96 20.39
N LYS E 108 43.42 10.27 20.49
CA LYS E 108 44.60 10.83 21.15
C LYS E 108 44.75 10.34 22.60
N ALA E 109 43.63 10.29 23.33
CA ALA E 109 43.67 9.87 24.74
C ALA E 109 44.10 8.43 24.90
N LEU E 110 43.87 7.63 23.85
CA LEU E 110 44.17 6.21 23.91
C LEU E 110 45.35 5.80 23.03
N ASN E 111 46.02 6.78 22.42
CA ASN E 111 47.16 6.51 21.52
C ASN E 111 46.77 5.66 20.30
N LEU E 112 45.55 5.83 19.79
CA LEU E 112 45.09 5.02 18.65
C LEU E 112 44.45 5.88 17.57
N PRO E 113 44.59 5.47 16.30
CA PRO E 113 43.79 6.08 15.25
C PRO E 113 42.31 5.82 15.46
N VAL E 114 41.49 6.81 15.09
CA VAL E 114 40.04 6.75 15.30
C VAL E 114 39.40 5.47 14.73
N TYR E 115 39.85 4.98 13.57
CA TYR E 115 39.21 3.75 13.00
C TYR E 115 39.28 2.55 13.96
N LYS E 116 40.33 2.49 14.79
CA LYS E 116 40.43 1.43 15.81
C LYS E 116 39.32 1.50 16.85
N LEU E 117 38.76 2.70 17.02
CA LEU E 117 37.66 2.92 17.96
C LEU E 117 36.29 2.80 17.30
N LEU E 118 36.27 2.75 15.97
CA LEU E 118 35.02 2.61 15.19
C LEU E 118 34.75 1.16 14.73
N GLY E 119 35.60 0.22 15.15
CA GLY E 119 35.39 -1.18 14.81
C GLY E 119 36.46 -1.81 13.93
N GLY E 120 37.52 -1.05 13.66
CA GLY E 120 38.71 -1.60 12.99
C GLY E 120 38.70 -1.42 11.47
N LYS E 121 39.64 -2.05 10.79
CA LYS E 121 39.71 -2.02 9.31
C LYS E 121 38.86 -3.13 8.67
N ASN E 122 38.23 -2.80 7.55
CA ASN E 122 37.52 -3.78 6.73
C ASN E 122 38.22 -4.08 5.42
N ARG E 123 39.33 -3.38 5.19
CA ARG E 123 40.13 -3.47 3.95
C ARG E 123 41.44 -2.76 4.24
N GLU E 124 42.47 -3.01 3.40
CA GLU E 124 43.80 -2.44 3.66
C GLU E 124 44.00 -1.05 3.05
N ASP E 125 43.22 -0.76 2.02
CA ASP E 125 43.26 0.55 1.40
C ASP E 125 41.90 0.84 0.77
N LEU E 126 41.74 2.02 0.20
CA LEU E 126 40.44 2.45 -0.32
C LEU E 126 40.60 2.90 -1.76
N ARG E 127 39.79 2.34 -2.64
CA ARG E 127 39.68 2.84 -4.01
C ARG E 127 39.24 4.29 -4.01
N VAL E 128 39.81 5.10 -4.90
CA VAL E 128 39.52 6.53 -4.98
C VAL E 128 39.06 6.97 -6.37
N TYR E 129 38.10 7.90 -6.44
CA TYR E 129 37.86 8.61 -7.70
C TYR E 129 38.27 10.06 -7.71
N ALA E 130 38.70 10.51 -8.88
CA ALA E 130 39.02 11.92 -9.10
C ALA E 130 37.73 12.71 -9.34
N SER E 131 37.43 13.64 -8.44
CA SER E 131 36.09 14.25 -8.37
C SER E 131 36.04 15.68 -8.94
N GLN E 132 35.00 15.93 -9.72
CA GLN E 132 34.66 17.24 -10.28
C GLN E 132 35.63 17.68 -11.38
N LEU E 133 35.80 16.80 -12.36
CA LEU E 133 36.62 17.07 -13.56
C LEU E 133 36.28 18.38 -14.24
N GLN E 134 35.01 18.79 -14.18
CA GLN E 134 34.56 20.00 -14.88
C GLN E 134 35.22 21.29 -14.37
N PHE E 135 35.87 21.22 -13.21
CA PHE E 135 36.61 22.35 -12.65
C PHE E 135 38.11 22.22 -12.88
N GLY E 136 38.51 21.23 -13.67
CA GLY E 136 39.93 20.95 -13.86
C GLY E 136 40.48 19.97 -12.84
N TRP E 137 41.23 18.99 -13.33
CA TRP E 137 42.07 18.16 -12.46
C TRP E 137 43.44 18.75 -12.26
N GLY E 138 43.55 19.68 -11.31
CA GLY E 138 44.81 20.18 -10.84
C GLY E 138 44.77 21.43 -9.99
N LYS E 139 45.92 22.14 -9.98
CA LYS E 139 46.26 23.26 -9.08
C LYS E 139 45.59 24.58 -9.38
N GLU E 140 45.07 24.72 -10.60
CA GLU E 140 44.28 25.88 -11.05
C GLU E 140 42.85 25.48 -11.29
N ARG E 141 41.92 26.07 -10.55
CA ARG E 141 40.51 25.80 -10.74
CA ARG E 141 40.51 25.79 -10.75
C ARG E 141 39.93 26.61 -11.91
N LYS E 142 39.30 25.92 -12.86
CA LYS E 142 38.70 26.58 -14.03
C LYS E 142 37.64 25.71 -14.69
N SER E 143 36.45 26.27 -14.85
CA SER E 143 35.33 25.53 -15.41
C SER E 143 35.51 25.24 -16.90
N LYS E 144 35.20 24.01 -17.29
CA LYS E 144 35.43 23.55 -18.65
C LYS E 144 34.17 23.63 -19.49
N GLY E 145 34.32 24.01 -20.75
CA GLY E 145 33.17 24.11 -21.67
C GLY E 145 33.20 23.16 -22.86
N ARG E 146 34.39 22.95 -23.43
CA ARG E 146 34.52 22.20 -24.67
C ARG E 146 34.77 20.72 -24.41
N LYS E 147 34.11 19.86 -25.16
CA LYS E 147 34.09 18.42 -24.86
C LYS E 147 35.50 17.84 -24.74
N GLU E 148 36.44 18.35 -25.54
CA GLU E 148 37.83 17.87 -25.51
CA GLU E 148 37.81 17.84 -25.50
C GLU E 148 38.50 18.13 -24.17
N GLU E 149 38.08 19.21 -23.50
CA GLU E 149 38.63 19.56 -22.19
C GLU E 149 38.21 18.56 -21.13
N TYR E 150 36.99 18.05 -21.26
CA TYR E 150 36.48 17.02 -20.34
C TYR E 150 37.32 15.74 -20.44
N ALA E 151 37.58 15.33 -21.68
CA ALA E 151 38.48 14.21 -21.95
C ALA E 151 39.88 14.49 -21.41
N GLU E 152 40.41 15.69 -21.65
CA GLU E 152 41.75 16.05 -21.20
C GLU E 152 41.91 15.89 -19.69
N GLU E 153 40.94 16.42 -18.94
CA GLU E 153 40.95 16.33 -17.50
C GLU E 153 40.83 14.89 -16.99
N ALA E 154 39.97 14.10 -17.63
CA ALA E 154 39.88 12.68 -17.30
C ALA E 154 41.22 11.98 -17.51
N LEU E 155 41.89 12.27 -18.62
CA LEU E 155 43.20 11.68 -18.89
C LEU E 155 44.28 12.06 -17.89
N LYS E 156 44.25 13.30 -17.41
CA LYS E 156 45.20 13.74 -16.38
CA LYS E 156 45.18 13.77 -16.37
C LYS E 156 45.01 12.92 -15.11
N ALA E 157 43.76 12.68 -14.72
CA ALA E 157 43.46 11.80 -13.58
C ALA E 157 43.96 10.36 -13.80
N VAL E 158 43.67 9.80 -14.98
CA VAL E 158 44.08 8.44 -15.29
C VAL E 158 45.62 8.31 -15.25
N ALA E 159 46.31 9.35 -15.72
CA ALA E 159 47.78 9.39 -15.66
C ALA E 159 48.34 9.34 -14.24
N GLU E 160 47.57 9.84 -13.27
CA GLU E 160 47.97 9.76 -11.86
C GLU E 160 47.57 8.45 -11.16
N GLY E 161 46.89 7.58 -11.89
CA GLY E 161 46.60 6.22 -11.43
C GLY E 161 45.17 6.01 -10.94
N TYR E 162 44.31 7.03 -11.07
CA TYR E 162 42.88 6.84 -10.76
C TYR E 162 42.22 5.93 -11.78
N ASP E 163 41.38 5.01 -11.32
CA ASP E 163 40.56 4.21 -12.23
C ASP E 163 39.07 4.55 -12.18
N ALA E 164 38.77 5.77 -11.72
CA ALA E 164 37.40 6.25 -11.65
C ALA E 164 37.44 7.78 -11.60
N VAL E 165 36.45 8.40 -12.24
CA VAL E 165 36.34 9.87 -12.28
C VAL E 165 34.88 10.25 -12.06
N LYS E 166 34.65 11.46 -11.55
CA LYS E 166 33.30 12.00 -11.49
C LYS E 166 33.25 13.35 -12.17
N VAL E 167 32.17 13.56 -12.92
CA VAL E 167 32.00 14.79 -13.66
C VAL E 167 30.54 15.23 -13.66
N ASP E 168 30.34 16.54 -13.55
CA ASP E 168 29.03 17.17 -13.82
C ASP E 168 29.11 17.69 -15.25
N VAL E 169 28.32 17.07 -16.13
CA VAL E 169 28.36 17.37 -17.55
C VAL E 169 27.23 18.29 -17.99
N LEU E 170 26.27 18.56 -17.11
CA LEU E 170 25.15 19.44 -17.48
C LEU E 170 25.29 20.90 -16.98
N ALA E 171 26.13 21.12 -15.97
CA ALA E 171 26.10 22.38 -15.20
C ALA E 171 26.52 23.58 -16.06
N HIS E 172 27.47 23.35 -16.96
CA HIS E 172 28.12 24.45 -17.69
C HIS E 172 27.74 24.41 -19.16
N ASP E 173 27.53 25.58 -19.75
CA ASP E 173 27.38 25.67 -21.21
C ASP E 173 28.71 25.42 -21.92
N ARG E 174 28.73 25.54 -23.24
CA ARG E 174 29.94 25.24 -24.00
C ARG E 174 31.08 26.26 -23.84
N ASN E 175 30.78 27.39 -23.21
CA ASN E 175 31.82 28.36 -22.88
CA ASN E 175 31.72 28.47 -22.83
C ASN E 175 32.24 28.27 -21.41
N GLY E 176 31.81 27.20 -20.74
CA GLY E 176 32.20 26.98 -19.35
C GLY E 176 31.47 27.81 -18.33
N SER E 177 30.34 28.39 -18.71
CA SER E 177 29.53 29.20 -17.80
C SER E 177 28.33 28.46 -17.21
N ARG E 178 28.07 28.69 -15.92
CA ARG E 178 26.83 28.29 -15.26
C ARG E 178 25.67 29.24 -15.58
N GLU E 179 25.98 30.47 -15.97
CA GLU E 179 24.96 31.48 -16.18
C GLU E 179 24.02 31.12 -17.30
N GLY E 180 22.73 31.24 -17.01
CA GLY E 180 21.68 30.98 -18.00
C GLY E 180 21.40 29.51 -18.22
N VAL E 181 22.06 28.65 -17.44
CA VAL E 181 21.83 27.20 -17.57
C VAL E 181 20.69 26.85 -16.60
N PHE E 182 19.62 26.29 -17.15
CA PHE E 182 18.46 25.89 -16.37
C PHE E 182 18.06 24.48 -16.75
N LEU E 183 17.91 23.62 -15.75
CA LEU E 183 17.92 22.19 -15.98
C LEU E 183 16.72 21.47 -15.35
N GLU E 184 15.68 22.23 -14.99
CA GLU E 184 14.44 21.65 -14.47
C GLU E 184 13.39 21.51 -15.59
N GLY E 185 12.58 20.45 -15.53
CA GLY E 185 11.59 20.20 -16.56
C GLY E 185 12.22 19.60 -17.81
N PRO E 186 11.39 19.31 -18.83
CA PRO E 186 11.95 18.72 -20.05
C PRO E 186 13.04 19.59 -20.68
N LEU E 187 14.13 18.96 -21.10
CA LEU E 187 15.33 19.67 -21.59
C LEU E 187 15.34 19.79 -23.11
N PRO E 188 15.93 20.88 -23.64
CA PRO E 188 16.16 21.00 -25.10
C PRO E 188 17.14 19.94 -25.57
N SER E 189 16.99 19.51 -26.82
CA SER E 189 17.91 18.56 -27.45
C SER E 189 19.37 18.98 -27.31
N GLU E 190 19.65 20.26 -27.49
CA GLU E 190 21.03 20.75 -27.45
C GLU E 190 21.68 20.57 -26.07
N THR E 191 20.90 20.71 -25.00
CA THR E 191 21.40 20.48 -23.65
C THR E 191 21.76 19.01 -23.42
N ILE E 192 20.86 18.13 -23.87
CA ILE E 192 21.14 16.69 -23.82
C ILE E 192 22.42 16.40 -24.59
N LYS E 193 22.55 17.01 -25.77
CA LYS E 193 23.71 16.79 -26.65
C LYS E 193 25.02 17.26 -25.99
N ILE E 194 24.98 18.41 -25.33
CA ILE E 194 26.11 18.87 -24.51
C ILE E 194 26.57 17.85 -23.45
N GLY E 195 25.62 17.37 -22.64
CA GLY E 195 25.94 16.34 -21.65
C GLY E 195 26.46 15.05 -22.29
N VAL E 196 25.81 14.61 -23.36
CA VAL E 196 26.16 13.35 -24.02
C VAL E 196 27.57 13.43 -24.60
N GLU E 197 27.87 14.55 -25.27
CA GLU E 197 29.14 14.67 -25.98
C GLU E 197 30.29 14.69 -25.00
N ARG E 198 30.06 15.21 -23.79
CA ARG E 198 31.07 15.19 -22.74
C ARG E 198 31.28 13.79 -22.17
N VAL E 199 30.18 13.09 -21.85
CA VAL E 199 30.28 11.70 -21.38
C VAL E 199 30.99 10.78 -22.39
N GLU E 200 30.60 10.93 -23.65
CA GLU E 200 31.17 10.19 -24.77
C GLU E 200 32.65 10.50 -24.96
N ALA E 201 33.03 11.78 -24.90
CA ALA E 201 34.45 12.15 -25.02
C ALA E 201 35.27 11.51 -23.91
N ILE E 202 34.75 11.52 -22.68
CA ILE E 202 35.46 10.90 -21.55
C ILE E 202 35.56 9.39 -21.70
N ARG E 203 34.43 8.73 -22.01
CA ARG E 203 34.42 7.29 -22.22
C ARG E 203 35.40 6.86 -23.31
N ASN E 204 35.37 7.57 -24.44
CA ASN E 204 36.32 7.30 -25.55
C ASN E 204 37.77 7.44 -25.09
N ALA E 205 38.06 8.50 -24.33
CA ALA E 205 39.41 8.74 -23.81
C ALA E 205 39.90 7.69 -22.81
N VAL E 206 39.05 7.31 -21.84
CA VAL E 206 39.52 6.51 -20.72
C VAL E 206 39.36 5.00 -20.93
N GLY E 207 38.53 4.62 -21.91
CA GLY E 207 38.25 3.20 -22.17
C GLY E 207 37.30 2.59 -21.15
N PRO E 208 37.09 1.27 -21.26
CA PRO E 208 36.07 0.58 -20.44
C PRO E 208 36.43 0.39 -18.97
N ASP E 209 37.72 0.41 -18.63
CA ASP E 209 38.17 -0.01 -17.30
C ASP E 209 38.43 1.15 -16.34
N VAL E 210 37.99 2.34 -16.74
CA VAL E 210 37.93 3.47 -15.83
C VAL E 210 36.46 3.84 -15.66
N ASP E 211 36.00 3.89 -14.42
CA ASP E 211 34.58 4.13 -14.19
C ASP E 211 34.25 5.62 -14.23
N ILE E 212 33.04 5.94 -14.66
CA ILE E 212 32.61 7.31 -14.85
C ILE E 212 31.34 7.51 -14.01
N ILE E 213 31.42 8.45 -13.08
CA ILE E 213 30.27 8.84 -12.26
C ILE E 213 29.75 10.17 -12.80
N VAL E 214 28.44 10.28 -12.95
CA VAL E 214 27.83 11.54 -13.41
C VAL E 214 27.13 12.24 -12.26
N GLU E 215 27.50 13.49 -12.06
CA GLU E 215 27.06 14.35 -10.95
CA GLU E 215 26.94 14.27 -10.98
C GLU E 215 26.07 15.39 -11.50
N ASN E 216 24.84 15.45 -11.01
CA ASN E 216 23.90 16.46 -11.49
C ASN E 216 23.79 17.66 -10.53
N HIS E 217 24.41 17.55 -9.35
CA HIS E 217 24.43 18.63 -8.33
C HIS E 217 23.05 19.14 -7.90
N GLY E 218 22.02 18.29 -8.00
CA GLY E 218 20.65 18.73 -7.76
C GLY E 218 20.12 19.84 -8.67
N HIS E 219 20.74 20.04 -9.84
CA HIS E 219 20.28 21.08 -10.77
C HIS E 219 19.12 20.60 -11.63
N THR E 220 19.04 19.28 -11.81
CA THR E 220 17.94 18.66 -12.54
C THR E 220 16.78 18.39 -11.58
N ASP E 221 15.65 17.95 -12.11
CA ASP E 221 14.59 17.35 -11.31
C ASP E 221 14.30 15.99 -11.87
N LEU E 222 13.27 15.30 -11.38
CA LEU E 222 13.11 13.91 -11.83
C LEU E 222 12.86 13.81 -13.35
N VAL E 223 12.17 14.78 -13.93
CA VAL E 223 11.84 14.74 -15.38
C VAL E 223 13.12 14.85 -16.24
N SER E 224 13.92 15.89 -15.98
CA SER E 224 15.17 16.05 -16.76
C SER E 224 16.17 14.96 -16.43
N ALA E 225 16.16 14.47 -15.19
CA ALA E 225 17.10 13.41 -14.77
C ALA E 225 16.84 12.11 -15.56
N ILE E 226 15.57 11.76 -15.69
CA ILE E 226 15.17 10.58 -16.48
C ILE E 226 15.55 10.74 -17.94
N GLN E 227 15.25 11.90 -18.50
CA GLN E 227 15.57 12.24 -19.89
C GLN E 227 17.06 12.09 -20.18
N PHE E 228 17.89 12.62 -19.30
CA PHE E 228 19.33 12.54 -19.50
C PHE E 228 19.87 11.12 -19.31
N ALA E 229 19.37 10.39 -18.32
CA ALA E 229 19.77 8.99 -18.11
C ALA E 229 19.58 8.13 -19.36
N LYS E 230 18.43 8.33 -20.04
CA LYS E 230 18.12 7.64 -21.29
C LYS E 230 19.22 7.89 -22.31
N ALA E 231 19.70 9.13 -22.36
CA ALA E 231 20.70 9.51 -23.35
C ALA E 231 22.11 8.98 -23.04
N ILE E 232 22.41 8.73 -21.76
CA ILE E 232 23.77 8.31 -21.37
C ILE E 232 23.93 6.86 -20.89
N GLU E 233 22.82 6.12 -20.83
CA GLU E 233 22.83 4.73 -20.36
C GLU E 233 23.82 3.83 -21.11
N GLU E 234 24.02 4.09 -22.40
CA GLU E 234 24.90 3.26 -23.23
C GLU E 234 26.38 3.36 -22.86
N PHE E 235 26.73 4.37 -22.04
CA PHE E 235 28.13 4.64 -21.69
C PHE E 235 28.62 3.96 -20.41
N ASN E 236 27.77 3.09 -19.85
CA ASN E 236 28.09 2.33 -18.64
C ASN E 236 28.45 3.24 -17.46
N ILE E 237 27.48 4.04 -17.02
CA ILE E 237 27.69 5.00 -15.97
C ILE E 237 27.72 4.25 -14.62
N PHE E 238 28.73 4.52 -13.81
CA PHE E 238 28.97 3.75 -12.57
C PHE E 238 27.84 4.03 -11.56
N PHE E 239 27.65 5.30 -11.23
CA PHE E 239 26.42 5.78 -10.62
C PHE E 239 26.09 7.24 -10.98
N TYR E 240 24.90 7.67 -10.58
CA TYR E 240 24.29 8.90 -11.09
C TYR E 240 23.82 9.67 -9.84
N GLU E 241 24.47 10.81 -9.57
CA GLU E 241 24.43 11.44 -8.25
C GLU E 241 23.57 12.70 -8.24
N GLU E 242 22.79 12.82 -7.16
CA GLU E 242 22.02 14.03 -6.83
C GLU E 242 21.21 14.51 -8.02
N ILE E 243 20.27 13.67 -8.45
CA ILE E 243 19.56 13.91 -9.69
C ILE E 243 18.32 14.82 -9.54
N ASN E 244 17.97 15.15 -8.30
CA ASN E 244 16.90 16.10 -8.06
C ASN E 244 17.03 16.76 -6.68
N THR E 245 15.94 17.35 -6.20
CA THR E 245 15.87 17.89 -4.85
C THR E 245 15.48 16.78 -3.86
N PRO E 246 16.28 16.60 -2.79
CA PRO E 246 16.03 15.51 -1.82
C PRO E 246 14.92 15.76 -0.78
N LEU E 247 14.28 16.93 -0.80
CA LEU E 247 13.25 17.27 0.20
C LEU E 247 11.89 16.56 0.13
N ASN E 248 11.50 16.02 -1.04
CA ASN E 248 10.38 15.06 -1.17
C ASN E 248 10.96 13.71 -1.58
N PRO E 249 11.36 12.87 -0.60
CA PRO E 249 12.11 11.64 -0.90
C PRO E 249 11.43 10.68 -1.88
N ARG E 250 10.08 10.62 -1.86
CA ARG E 250 9.31 9.72 -2.75
CA ARG E 250 9.37 9.69 -2.73
C ARG E 250 9.67 9.91 -4.21
N LEU E 251 10.05 11.14 -4.57
CA LEU E 251 10.34 11.44 -5.97
C LEU E 251 11.51 10.63 -6.52
N LEU E 252 12.49 10.32 -5.67
CA LEU E 252 13.62 9.51 -6.12
C LEU E 252 13.18 8.08 -6.45
N LYS E 253 12.22 7.55 -5.69
CA LYS E 253 11.61 6.25 -6.02
C LYS E 253 10.96 6.32 -7.40
N GLU E 254 10.28 7.43 -7.68
CA GLU E 254 9.61 7.60 -8.99
C GLU E 254 10.64 7.66 -10.13
N ALA E 255 11.74 8.39 -9.90
CA ALA E 255 12.85 8.47 -10.87
C ALA E 255 13.45 7.08 -11.16
N LYS E 256 13.67 6.28 -10.11
CA LYS E 256 14.27 4.97 -10.26
C LYS E 256 13.43 4.02 -11.13
N LYS E 257 12.11 4.23 -11.13
CA LYS E 257 11.22 3.42 -11.98
C LYS E 257 11.65 3.51 -13.45
N LYS E 258 12.24 4.64 -13.83
CA LYS E 258 12.59 4.89 -15.22
C LYS E 258 14.05 5.28 -15.38
N ILE E 259 14.88 4.79 -14.47
CA ILE E 259 16.34 4.93 -14.59
C ILE E 259 17.03 3.63 -14.20
N ASP E 260 17.87 3.09 -15.08
N ASP E 260 17.87 3.13 -15.11
CA ASP E 260 18.54 1.82 -14.81
CA ASP E 260 18.59 1.86 -14.97
C ASP E 260 19.93 1.97 -14.19
C ASP E 260 20.10 2.08 -14.89
N ILE E 261 20.47 3.18 -14.24
CA ILE E 261 21.82 3.45 -13.70
C ILE E 261 21.66 3.54 -12.19
N PRO E 262 22.61 2.97 -11.41
CA PRO E 262 22.52 3.14 -9.95
C PRO E 262 22.48 4.61 -9.52
N LEU E 263 21.67 4.89 -8.52
CA LEU E 263 21.50 6.26 -8.02
C LEU E 263 22.27 6.53 -6.73
N ALA E 264 22.79 7.75 -6.62
CA ALA E 264 23.55 8.13 -5.43
C ALA E 264 23.01 9.43 -4.87
N SER E 265 23.02 9.55 -3.54
CA SER E 265 22.71 10.84 -2.90
C SER E 265 23.19 10.82 -1.44
N GLY E 266 23.46 11.99 -0.87
CA GLY E 266 23.60 12.05 0.57
C GLY E 266 24.18 13.32 1.15
N GLU E 267 24.79 14.16 0.33
CA GLU E 267 25.46 15.32 0.91
C GLU E 267 24.42 16.34 1.39
N ARG E 268 23.19 16.24 0.87
CA ARG E 268 22.10 17.08 1.38
C ARG E 268 20.99 16.28 2.08
N ILE E 269 21.40 15.18 2.71
CA ILE E 269 20.52 14.31 3.52
C ILE E 269 21.23 14.06 4.85
N TYR E 270 20.54 14.28 5.97
CA TYR E 270 21.23 14.36 7.27
C TYR E 270 20.62 13.43 8.31
N SER E 271 21.49 12.73 9.04
CA SER E 271 21.09 11.81 10.13
C SER E 271 20.37 10.55 9.63
N ARG E 272 20.25 9.56 10.53
CA ARG E 272 19.42 8.37 10.28
C ARG E 272 18.05 8.76 9.75
N TRP E 273 17.48 9.83 10.32
CA TRP E 273 16.12 10.25 9.99
C TRP E 273 16.02 10.74 8.54
N GLY E 274 17.07 11.40 8.06
CA GLY E 274 17.12 11.86 6.68
C GLY E 274 17.17 10.72 5.69
N PHE E 275 18.00 9.72 5.98
CA PHE E 275 18.18 8.59 5.05
C PHE E 275 17.06 7.57 5.10
N LEU E 276 16.36 7.51 6.22
CA LEU E 276 15.29 6.51 6.41
C LEU E 276 14.33 6.33 5.21
N PRO E 277 13.66 7.42 4.76
CA PRO E 277 12.66 7.22 3.69
C PRO E 277 13.28 6.71 2.38
N PHE E 278 14.50 7.13 2.08
CA PHE E 278 15.20 6.61 0.89
C PHE E 278 15.53 5.12 1.02
N LEU E 279 15.86 4.68 2.23
CA LEU E 279 16.07 3.25 2.47
C LEU E 279 14.77 2.46 2.43
N GLU E 280 13.73 3.02 3.04
CA GLU E 280 12.38 2.42 2.96
C GLU E 280 11.95 2.21 1.50
N ASP E 281 12.22 3.19 0.65
CA ASP E 281 11.85 3.13 -0.78
C ASP E 281 12.88 2.33 -1.58
N ARG E 282 14.03 2.06 -0.96
CA ARG E 282 15.22 1.47 -1.62
C ARG E 282 15.61 2.23 -2.90
N SER E 283 15.56 3.55 -2.84
CA SER E 283 15.73 4.39 -4.03
C SER E 283 17.18 4.89 -4.25
N ILE E 284 18.04 4.70 -3.25
CA ILE E 284 19.46 5.07 -3.38
C ILE E 284 20.32 3.82 -3.29
N ASP E 285 21.18 3.61 -4.28
CA ASP E 285 22.10 2.49 -4.29
C ASP E 285 23.41 2.77 -3.57
N VAL E 286 23.85 4.03 -3.63
CA VAL E 286 25.10 4.47 -2.98
C VAL E 286 24.79 5.75 -2.20
N ILE E 287 24.85 5.67 -0.87
CA ILE E 287 24.59 6.87 -0.08
C ILE E 287 25.89 7.62 0.13
N GLN E 288 25.76 8.94 0.24
CA GLN E 288 26.91 9.81 0.35
C GLN E 288 26.81 10.81 1.50
N PRO E 289 26.64 10.32 2.75
CA PRO E 289 26.59 11.24 3.87
C PRO E 289 27.95 11.96 3.98
N ASP E 290 27.92 13.21 4.40
CA ASP E 290 29.15 13.95 4.75
C ASP E 290 29.31 13.87 6.26
N LEU E 291 30.48 13.44 6.74
CA LEU E 291 30.72 13.41 8.20
C LEU E 291 30.39 14.74 8.89
N GLY E 292 30.63 15.84 8.18
CA GLY E 292 30.50 17.16 8.75
C GLY E 292 29.10 17.75 8.66
N THR E 293 28.15 16.99 8.11
CA THR E 293 26.72 17.38 8.13
C THR E 293 25.76 16.27 8.57
N CYS E 294 26.15 15.01 8.40
CA CYS E 294 25.19 13.92 8.70
C CYS E 294 25.02 13.65 10.18
N GLY E 295 25.90 14.23 11.02
CA GLY E 295 25.92 13.92 12.46
C GLY E 295 27.23 13.36 12.98
N GLY E 296 28.32 13.47 12.21
CA GLY E 296 29.64 13.09 12.75
C GLY E 296 29.93 11.61 12.60
N PHE E 297 31.05 11.15 13.15
CA PHE E 297 31.37 9.71 13.17
C PHE E 297 30.22 8.90 13.77
N THR E 298 29.67 9.40 14.88
CA THR E 298 28.64 8.66 15.61
C THR E 298 27.46 8.34 14.69
N GLU E 299 27.01 9.33 13.93
CA GLU E 299 25.82 9.15 13.10
C GLU E 299 26.12 8.51 11.75
N PHE E 300 27.28 8.82 11.18
CA PHE E 300 27.72 8.20 9.93
C PHE E 300 27.69 6.67 10.04
N LYS E 301 28.29 6.16 11.12
CA LYS E 301 28.27 4.75 11.42
C LYS E 301 26.85 4.20 11.46
N LYS E 302 25.95 4.88 12.17
CA LYS E 302 24.55 4.43 12.25
C LYS E 302 23.84 4.43 10.88
N ILE E 303 24.09 5.47 10.10
CA ILE E 303 23.55 5.55 8.75
C ILE E 303 24.07 4.39 7.88
N ALA E 304 25.38 4.20 7.86
CA ALA E 304 26.00 3.12 7.07
C ALA E 304 25.51 1.74 7.50
N ASP E 305 25.41 1.52 8.80
CA ASP E 305 24.93 0.25 9.35
C ASP E 305 23.49 -0.06 8.95
N MET E 306 22.64 0.95 8.98
CA MET E 306 21.25 0.80 8.53
CA MET E 306 21.25 0.80 8.53
C MET E 306 21.27 0.49 7.03
N ALA E 307 22.00 1.30 6.28
CA ALA E 307 22.13 1.13 4.82
C ALA E 307 22.52 -0.30 4.42
N HIS E 308 23.39 -0.93 5.21
CA HIS E 308 23.84 -2.29 4.92
C HIS E 308 22.70 -3.33 4.80
N ILE E 309 21.67 -3.18 5.65
CA ILE E 309 20.47 -4.03 5.67
CA ILE E 309 20.52 -4.09 5.66
C ILE E 309 19.76 -4.04 4.33
N PHE E 310 19.92 -2.93 3.60
CA PHE E 310 19.20 -2.69 2.36
C PHE E 310 20.10 -2.91 1.13
N GLU E 311 21.28 -3.50 1.35
CA GLU E 311 22.25 -3.71 0.25
C GLU E 311 22.55 -2.41 -0.49
N VAL E 312 22.88 -1.41 0.33
CA VAL E 312 23.27 -0.10 -0.16
C VAL E 312 24.71 0.07 0.31
N THR E 313 25.56 0.63 -0.56
CA THR E 313 26.94 0.92 -0.17
C THR E 313 27.18 2.41 0.05
N VAL E 314 28.37 2.77 0.52
CA VAL E 314 28.62 4.11 1.06
C VAL E 314 29.85 4.73 0.43
N GLN E 315 29.73 5.98 0.01
CA GLN E 315 30.90 6.82 -0.31
C GLN E 315 30.72 8.12 0.47
N ALA E 316 31.59 8.39 1.43
CA ALA E 316 31.47 9.62 2.20
C ALA E 316 31.56 10.78 1.23
N HIS E 317 30.70 11.77 1.41
CA HIS E 317 30.85 12.99 0.67
C HIS E 317 32.01 13.77 1.28
N VAL E 318 32.97 14.17 0.46
CA VAL E 318 34.18 14.83 0.97
C VAL E 318 34.50 16.08 0.16
N ALA E 319 34.42 17.23 0.81
CA ALA E 319 34.59 18.49 0.08
C ALA E 319 34.82 19.66 1.01
N GLY E 320 35.84 19.56 1.86
CA GLY E 320 36.47 20.74 2.46
C GLY E 320 37.95 20.53 2.79
N THR E 321 38.37 20.85 4.02
CA THR E 321 39.79 20.77 4.39
C THR E 321 40.32 19.36 4.67
N GLY E 322 41.63 19.28 4.94
CA GLY E 322 42.26 18.05 5.39
C GLY E 322 41.73 17.45 6.68
N VAL E 323 41.11 18.28 7.53
CA VAL E 323 40.38 17.76 8.68
C VAL E 323 39.24 16.86 8.21
N ALA E 324 38.34 17.40 7.39
CA ALA E 324 37.28 16.60 6.79
C ALA E 324 37.80 15.34 6.05
N GLU E 325 38.84 15.51 5.22
CA GLU E 325 39.29 14.35 4.44
C GLU E 325 39.93 13.25 5.31
N ALA E 326 40.82 13.65 6.22
CA ALA E 326 41.41 12.67 7.13
C ALA E 326 40.33 11.92 7.92
N ALA E 327 39.37 12.66 8.45
CA ALA E 327 38.27 12.07 9.23
C ALA E 327 37.52 11.04 8.39
N SER E 328 37.16 11.41 7.17
CA SER E 328 36.41 10.53 6.26
C SER E 328 37.08 9.17 6.05
N LEU E 329 38.40 9.14 5.98
CA LEU E 329 39.12 7.87 5.76
C LEU E 329 38.94 6.88 6.90
N HIS E 330 38.88 7.39 8.13
CA HIS E 330 38.63 6.53 9.27
C HIS E 330 37.22 5.94 9.23
N ALA E 331 36.25 6.79 8.93
CA ALA E 331 34.84 6.37 8.86
C ALA E 331 34.64 5.28 7.79
N GLU E 332 35.27 5.48 6.64
CA GLU E 332 35.11 4.55 5.52
C GLU E 332 35.83 3.23 5.67
N ILE E 333 37.04 3.24 6.24
CA ILE E 333 37.76 1.97 6.40
C ILE E 333 37.08 1.06 7.42
N ALA E 334 36.33 1.67 8.33
CA ALA E 334 35.71 0.98 9.47
C ALA E 334 34.32 0.40 9.16
N ILE E 335 33.81 0.62 7.94
CA ILE E 335 32.53 0.01 7.53
C ILE E 335 32.70 -1.11 6.50
N PRO E 336 31.87 -2.17 6.58
CA PRO E 336 31.95 -3.22 5.57
C PRO E 336 31.38 -2.82 4.20
N ASN E 337 30.39 -1.94 4.17
CA ASN E 337 29.71 -1.59 2.91
C ASN E 337 30.24 -0.32 2.23
N PHE E 338 31.54 -0.28 2.04
CA PHE E 338 32.19 0.86 1.42
C PHE E 338 32.20 0.67 -0.10
N CYS E 339 31.87 1.72 -0.86
CA CYS E 339 31.93 1.68 -2.32
C CYS E 339 33.27 2.24 -2.86
N ILE E 340 33.50 3.53 -2.61
CA ILE E 340 34.61 4.27 -3.25
C ILE E 340 34.80 5.59 -2.49
N HIS E 341 36.00 6.17 -2.57
CA HIS E 341 36.27 7.43 -1.87
C HIS E 341 36.35 8.61 -2.87
N GLU E 342 35.73 9.74 -2.51
CA GLU E 342 35.76 10.97 -3.30
C GLU E 342 36.99 11.78 -3.00
N HIS E 343 37.79 12.04 -4.03
CA HIS E 343 38.93 12.93 -3.85
C HIS E 343 38.77 14.15 -4.72
N HIS E 344 38.53 15.24 -4.05
CA HIS E 344 37.98 16.42 -4.68
C HIS E 344 39.12 17.20 -5.30
N GLN E 345 38.86 17.78 -6.45
CA GLN E 345 39.88 18.61 -7.08
C GLN E 345 40.37 19.77 -6.19
N LYS E 346 39.53 20.30 -5.31
CA LYS E 346 39.86 21.46 -4.43
C LYS E 346 41.10 21.20 -3.55
N THR E 347 41.23 19.95 -3.13
CA THR E 347 42.39 19.52 -2.32
C THR E 347 43.70 19.72 -3.08
N LEU E 348 43.60 19.88 -4.39
CA LEU E 348 44.77 20.11 -5.23
C LEU E 348 45.17 21.59 -5.31
N LEU E 349 44.34 22.48 -4.75
CA LEU E 349 44.62 23.92 -4.68
C LEU E 349 45.41 24.29 -3.40
N PRO E 350 46.39 25.20 -3.51
CA PRO E 350 47.18 25.70 -2.36
C PRO E 350 46.41 26.39 -1.24
N GLU E 351 45.24 26.95 -1.56
CA GLU E 351 44.42 27.61 -0.56
C GLU E 351 43.93 26.63 0.50
N TYR E 352 43.76 25.37 0.10
CA TYR E 352 43.30 24.34 0.98
C TYR E 352 44.48 23.65 1.68
N GLU E 353 45.55 23.40 0.92
CA GLU E 353 46.77 22.79 1.49
C GLU E 353 47.34 23.52 2.70
N GLU E 354 47.30 24.85 2.68
CA GLU E 354 47.92 25.65 3.75
C GLU E 354 47.19 25.61 5.10
N LEU E 355 46.00 25.01 5.13
CA LEU E 355 45.16 25.04 6.34
C LEU E 355 45.53 23.96 7.37
N CYS E 356 46.13 22.88 6.89
CA CYS E 356 46.36 21.69 7.73
C CYS E 356 47.83 21.28 7.69
N VAL E 357 48.27 20.59 8.74
CA VAL E 357 49.67 20.18 8.88
C VAL E 357 50.12 19.04 7.97
N HIS E 358 49.22 18.12 7.59
CA HIS E 358 49.54 17.02 6.64
CA HIS E 358 49.59 17.11 6.61
C HIS E 358 48.66 17.11 5.42
N ASN E 359 49.24 16.90 4.24
CA ASN E 359 48.47 16.81 3.02
C ASN E 359 48.33 15.35 2.59
N TYR E 360 47.29 14.66 3.10
CA TYR E 360 47.09 13.24 2.77
C TYR E 360 46.54 13.14 1.35
N GLN E 361 47.28 12.47 0.47
CA GLN E 361 46.95 12.41 -0.94
C GLN E 361 46.92 10.93 -1.37
N PRO E 362 46.07 10.58 -2.36
CA PRO E 362 46.08 9.20 -2.84
C PRO E 362 47.39 8.85 -3.55
N VAL E 363 47.75 7.58 -3.52
CA VAL E 363 48.92 7.10 -4.24
C VAL E 363 48.46 6.07 -5.24
N LYS E 364 48.73 6.32 -6.52
CA LYS E 364 48.24 5.50 -7.62
C LYS E 364 46.74 5.18 -7.48
N GLY E 365 45.94 6.19 -7.15
CA GLY E 365 44.50 6.04 -7.10
C GLY E 365 43.95 5.33 -5.87
N ARG E 366 44.80 5.13 -4.86
CA ARG E 366 44.41 4.44 -3.62
C ARG E 366 44.67 5.33 -2.41
N TYR E 367 43.78 5.27 -1.42
CA TYR E 367 44.02 5.93 -0.13
C TYR E 367 44.30 4.91 0.95
N LYS E 368 45.21 5.24 1.86
CA LYS E 368 45.27 4.51 3.12
C LYS E 368 44.83 5.40 4.28
N VAL E 369 44.22 4.79 5.30
CA VAL E 369 43.77 5.54 6.48
C VAL E 369 45.01 6.05 7.25
N PRO E 370 44.96 7.29 7.78
CA PRO E 370 46.03 7.69 8.70
C PRO E 370 46.18 6.74 9.91
N GLU E 371 47.41 6.58 10.39
CA GLU E 371 47.68 5.63 11.47
C GLU E 371 48.21 6.32 12.74
N LEU E 372 48.25 7.65 12.71
CA LEU E 372 48.57 8.48 13.89
C LEU E 372 47.42 8.34 14.91
N PRO E 373 47.66 8.68 16.19
CA PRO E 373 46.52 8.78 17.12
C PRO E 373 45.49 9.85 16.71
N GLY E 374 44.22 9.59 16.98
CA GLY E 374 43.16 10.55 16.63
C GLY E 374 42.82 10.42 15.16
N ILE E 375 42.35 11.52 14.55
CA ILE E 375 42.07 11.50 13.13
C ILE E 375 43.34 11.63 12.28
N GLY E 376 44.43 12.05 12.93
CA GLY E 376 45.74 12.14 12.30
C GLY E 376 45.93 13.45 11.54
N GLN E 377 45.28 14.50 12.02
CA GLN E 377 45.29 15.79 11.32
C GLN E 377 45.23 16.92 12.33
N ASP E 378 45.78 18.08 11.96
CA ASP E 378 45.75 19.24 12.81
C ASP E 378 45.74 20.48 11.91
N ILE E 379 45.36 21.60 12.49
CA ILE E 379 45.39 22.88 11.78
C ILE E 379 46.74 23.54 11.94
N THR E 380 47.10 24.37 10.95
CA THR E 380 48.31 25.20 11.04
C THR E 380 48.10 26.35 12.02
N GLU E 381 49.19 26.88 12.57
CA GLU E 381 49.10 28.02 13.50
C GLU E 381 48.76 29.35 12.80
N LYS E 382 48.92 29.36 11.48
CA LYS E 382 48.39 30.40 10.58
C LYS E 382 46.89 30.68 10.77
N LEU E 383 46.14 29.66 11.18
CA LEU E 383 44.69 29.63 10.98
C LEU E 383 43.97 30.73 11.73
N TYR E 384 44.44 31.01 12.93
CA TYR E 384 43.97 32.11 13.77
C TYR E 384 43.92 33.43 13.01
N GLN E 385 44.91 33.65 12.16
CA GLN E 385 45.10 34.93 11.49
C GLN E 385 44.26 35.10 10.23
N ILE E 386 43.83 33.98 9.64
CA ILE E 386 43.06 34.00 8.39
C ILE E 386 41.62 33.48 8.59
N SER E 387 41.08 33.68 9.79
CA SER E 387 39.75 33.19 10.14
C SER E 387 39.01 34.26 10.93
N ASP E 388 37.68 34.25 10.86
CA ASP E 388 36.84 34.80 11.92
C ASP E 388 36.88 33.85 13.10
N TYR E 389 37.41 34.34 14.22
CA TYR E 389 37.79 33.50 15.35
C TYR E 389 36.88 33.75 16.54
N VAL E 390 36.31 32.68 17.11
CA VAL E 390 35.50 32.77 18.32
C VAL E 390 36.02 31.75 19.35
N SER E 391 36.25 32.20 20.58
CA SER E 391 36.64 31.29 21.67
C SER E 391 35.60 31.26 22.79
N ILE E 392 35.29 30.07 23.28
CA ILE E 392 34.32 29.89 24.36
C ILE E 392 34.97 29.09 25.48
N GLU E 393 34.92 29.62 26.70
CA GLU E 393 35.43 28.92 27.88
C GLU E 393 34.42 28.93 29.02
N ALA E 394 34.84 28.36 30.15
CA ALA E 394 33.98 28.18 31.32
C ALA E 394 33.52 29.49 31.94
N SER F 2 49.77 -6.54 15.11
CA SER F 2 49.52 -6.28 16.56
C SER F 2 48.86 -7.47 17.23
N LEU F 3 47.70 -7.23 17.85
CA LEU F 3 46.97 -8.23 18.63
C LEU F 3 46.46 -9.37 17.74
N LYS F 4 46.76 -10.60 18.13
CA LYS F 4 46.30 -11.80 17.40
C LYS F 4 45.67 -12.81 18.35
N ILE F 5 44.53 -13.37 17.95
CA ILE F 5 43.92 -14.46 18.71
C ILE F 5 44.77 -15.72 18.58
N THR F 6 45.13 -16.29 19.72
CA THR F 6 45.99 -17.47 19.77
C THR F 6 45.26 -18.73 20.22
N LYS F 7 44.16 -18.57 20.95
CA LYS F 7 43.47 -19.71 21.54
C LYS F 7 42.02 -19.37 21.84
N ILE F 8 41.14 -20.36 21.64
CA ILE F 8 39.72 -20.20 21.96
C ILE F 8 39.29 -21.41 22.78
N GLU F 9 38.69 -21.16 23.93
CA GLU F 9 38.19 -22.23 24.79
C GLU F 9 36.69 -22.07 24.92
N ILE F 10 35.98 -23.19 24.76
CA ILE F 10 34.53 -23.20 24.82
C ILE F 10 34.05 -24.10 25.95
N PHE F 11 33.22 -23.53 26.83
CA PHE F 11 32.71 -24.24 28.03
C PHE F 11 31.20 -24.43 27.91
N HIS F 12 30.78 -25.66 27.58
CA HIS F 12 29.36 -26.00 27.67
C HIS F 12 29.07 -26.55 29.06
N VAL F 13 28.58 -25.69 29.95
CA VAL F 13 28.53 -25.96 31.39
C VAL F 13 27.53 -27.08 31.70
N HIS F 14 27.93 -28.01 32.58
CA HIS F 14 27.05 -29.14 32.95
C HIS F 14 25.73 -28.69 33.57
N THR F 15 24.70 -29.52 33.42
CA THR F 15 23.36 -29.19 33.88
C THR F 15 23.36 -28.51 35.25
N ARG F 16 22.74 -27.35 35.33
CA ARG F 16 22.53 -26.70 36.59
C ARG F 16 21.27 -27.25 37.29
N PRO F 17 21.43 -27.80 38.50
CA PRO F 17 20.43 -28.65 39.15
C PRO F 17 19.00 -28.08 39.26
N GLN F 18 18.85 -26.88 39.82
CA GLN F 18 17.51 -26.34 40.06
C GLN F 18 16.84 -25.90 38.76
N SER F 19 17.62 -25.24 37.89
CA SER F 19 17.06 -24.67 36.66
C SER F 19 17.04 -25.66 35.50
N GLY F 20 17.89 -26.69 35.57
CA GLY F 20 18.05 -27.62 34.44
C GLY F 20 18.82 -27.03 33.26
N GLN F 21 19.37 -25.83 33.43
CA GLN F 21 20.01 -25.10 32.32
C GLN F 21 21.48 -25.45 32.09
N ARG F 22 22.01 -25.06 30.93
CA ARG F 22 23.41 -25.32 30.59
C ARG F 22 23.97 -24.11 29.82
N PRO F 23 24.59 -23.16 30.53
CA PRO F 23 25.23 -22.02 29.86
C PRO F 23 26.38 -22.42 28.94
N ILE F 24 26.67 -21.54 27.98
CA ILE F 24 27.75 -21.75 27.02
C ILE F 24 28.60 -20.49 27.01
N LEU F 25 29.86 -20.65 27.44
CA LEU F 25 30.81 -19.55 27.58
C LEU F 25 31.99 -19.77 26.63
N VAL F 26 32.58 -18.67 26.18
CA VAL F 26 33.75 -18.72 25.32
C VAL F 26 34.84 -17.82 25.91
N LYS F 27 36.07 -18.31 25.93
CA LYS F 27 37.22 -17.52 26.38
C LYS F 27 38.21 -17.40 25.23
N VAL F 28 38.48 -16.16 24.82
CA VAL F 28 39.31 -15.91 23.64
C VAL F 28 40.63 -15.31 24.14
N SER F 29 41.75 -15.95 23.80
CA SER F 29 43.06 -15.52 24.29
C SER F 29 43.89 -14.93 23.17
N THR F 30 44.78 -13.99 23.53
CA THR F 30 45.59 -13.29 22.53
C THR F 30 47.10 -13.46 22.76
N ASP F 31 47.89 -13.09 21.76
CA ASP F 31 49.35 -13.16 21.86
C ASP F 31 50.01 -12.16 22.82
N GLU F 32 49.20 -11.34 23.48
CA GLU F 32 49.69 -10.41 24.51
C GLU F 32 49.25 -10.82 25.91
N GLY F 33 48.63 -12.00 26.01
CA GLY F 33 48.18 -12.52 27.30
C GLY F 33 46.87 -11.95 27.78
N ILE F 34 46.25 -11.09 26.98
CA ILE F 34 44.94 -10.52 27.31
C ILE F 34 43.89 -11.48 26.78
N TYR F 35 42.91 -11.79 27.63
CA TYR F 35 41.81 -12.64 27.21
C TYR F 35 40.46 -11.98 27.42
N GLY F 36 39.46 -12.43 26.67
CA GLY F 36 38.10 -11.94 26.84
C GLY F 36 37.10 -13.07 27.01
N LEU F 37 36.02 -12.78 27.72
CA LEU F 37 34.94 -13.74 27.92
C LEU F 37 33.69 -13.29 27.18
N GLY F 38 33.00 -14.26 26.57
CA GLY F 38 31.68 -14.03 26.00
C GLY F 38 30.75 -15.18 26.32
N GLU F 39 29.48 -15.02 25.95
CA GLU F 39 28.46 -16.00 26.29
C GLU F 39 27.45 -16.06 25.15
N ALA F 40 27.07 -17.29 24.77
CA ALA F 40 26.02 -17.52 23.78
C ALA F 40 24.70 -17.67 24.52
N GLY F 41 23.65 -17.01 24.04
CA GLY F 41 22.43 -16.84 24.83
C GLY F 41 21.41 -17.98 24.64
N ILE F 42 21.90 -19.22 24.67
CA ILE F 42 21.03 -20.39 24.51
CA ILE F 42 21.03 -20.40 24.51
C ILE F 42 21.19 -21.30 25.74
N ALA F 43 21.25 -20.69 26.93
CA ALA F 43 21.49 -21.41 28.18
C ALA F 43 20.31 -22.26 28.62
N TYR F 44 19.13 -21.91 28.13
CA TYR F 44 17.88 -22.55 28.51
C TYR F 44 17.20 -23.05 27.23
N GLY F 45 16.12 -23.82 27.40
CA GLY F 45 15.49 -24.51 26.28
C GLY F 45 16.40 -25.56 25.68
N VAL F 46 16.13 -25.93 24.44
CA VAL F 46 16.74 -27.10 23.83
C VAL F 46 17.61 -26.61 22.66
N GLY F 47 18.93 -26.80 22.77
CA GLY F 47 19.84 -26.41 21.70
C GLY F 47 21.21 -25.90 22.12
N GLY F 48 21.48 -25.93 23.42
CA GLY F 48 22.82 -25.58 23.92
C GLY F 48 24.00 -26.25 23.23
N SER F 49 23.86 -27.53 22.88
CA SER F 49 24.94 -28.25 22.21
C SER F 49 25.21 -27.69 20.81
N ALA F 50 24.18 -27.15 20.16
CA ALA F 50 24.35 -26.52 18.86
C ALA F 50 25.17 -25.25 18.99
N ALA F 51 24.94 -24.50 20.06
CA ALA F 51 25.74 -23.31 20.37
C ALA F 51 27.20 -23.68 20.61
N ALA F 52 27.43 -24.72 21.40
CA ALA F 52 28.78 -25.22 21.60
C ALA F 52 29.44 -25.57 20.25
N GLY F 53 28.69 -26.22 19.38
CA GLY F 53 29.16 -26.66 18.06
C GLY F 53 29.47 -25.49 17.12
N ILE F 54 28.60 -24.48 17.09
CA ILE F 54 28.84 -23.33 16.21
C ILE F 54 30.08 -22.56 16.64
N LEU F 55 30.30 -22.48 17.96
CA LEU F 55 31.46 -21.79 18.48
C LEU F 55 32.75 -22.52 18.07
N LYS F 56 32.73 -23.86 18.14
CA LYS F 56 33.86 -24.69 17.67
C LYS F 56 34.19 -24.43 16.19
N ASP F 57 33.15 -24.43 15.36
CA ASP F 57 33.32 -24.24 13.93
C ASP F 57 33.79 -22.85 13.58
N TYR F 58 33.22 -21.83 14.22
CA TYR F 58 33.66 -20.46 13.98
C TYR F 58 35.09 -20.20 14.43
N ALA F 59 35.51 -20.91 15.48
CA ALA F 59 36.85 -20.74 16.07
C ALA F 59 37.97 -20.92 15.05
N ALA F 60 37.76 -21.84 14.10
CA ALA F 60 38.72 -22.05 12.99
C ALA F 60 38.97 -20.82 12.12
N LEU F 61 37.96 -19.97 11.97
CA LEU F 61 38.08 -18.78 11.14
C LEU F 61 38.72 -17.61 11.91
N LEU F 62 38.85 -17.78 13.23
CA LEU F 62 39.19 -16.65 14.10
C LEU F 62 40.60 -16.65 14.66
N ILE F 63 41.21 -17.83 14.75
CA ILE F 63 42.62 -17.91 15.16
C ILE F 63 43.45 -17.04 14.22
N GLY F 64 44.28 -16.18 14.79
CA GLY F 64 45.10 -15.24 14.02
C GLY F 64 44.48 -13.89 13.73
N GLU F 65 43.18 -13.74 13.98
CA GLU F 65 42.52 -12.45 13.78
C GLU F 65 42.81 -11.45 14.90
N ASP F 66 42.67 -10.18 14.57
CA ASP F 66 42.85 -9.10 15.52
C ASP F 66 41.49 -8.76 16.13
N PRO F 67 41.35 -8.91 17.45
CA PRO F 67 40.08 -8.67 18.16
C PRO F 67 39.57 -7.21 18.08
N PHE F 68 40.42 -6.27 17.69
CA PHE F 68 39.97 -4.90 17.44
C PHE F 68 39.17 -4.77 16.15
N ASN F 69 39.35 -5.72 15.22
CA ASN F 69 38.62 -5.72 13.96
C ASN F 69 37.22 -6.33 14.08
N THR F 70 36.43 -5.81 15.02
CA THR F 70 35.12 -6.40 15.31
C THR F 70 34.17 -6.26 14.12
N GLU F 71 34.22 -5.14 13.40
CA GLU F 71 33.38 -4.99 12.19
C GLU F 71 33.68 -6.04 11.11
N ALA F 72 34.96 -6.20 10.77
CA ALA F 72 35.34 -7.12 9.71
C ALA F 72 35.10 -8.58 10.13
N ILE F 73 35.33 -8.90 11.40
CA ILE F 73 35.12 -10.26 11.86
C ILE F 73 33.62 -10.58 11.82
N TRP F 74 32.79 -9.64 12.27
CA TRP F 74 31.33 -9.82 12.22
C TRP F 74 30.90 -10.10 10.79
N GLU F 75 31.32 -9.24 9.86
CA GLU F 75 30.97 -9.39 8.45
C GLU F 75 31.52 -10.71 7.85
N LYS F 76 32.70 -11.13 8.29
CA LYS F 76 33.30 -12.39 7.86
C LYS F 76 32.45 -13.57 8.29
N LEU F 77 32.05 -13.61 9.56
CA LEU F 77 31.19 -14.69 10.05
C LEU F 77 29.81 -14.67 9.38
N PHE F 78 29.34 -13.47 9.05
CA PHE F 78 28.08 -13.28 8.33
C PHE F 78 28.18 -13.75 6.86
N LYS F 79 29.26 -13.35 6.17
CA LYS F 79 29.35 -13.49 4.70
C LYS F 79 30.22 -14.67 4.22
N LYS F 80 31.09 -15.21 5.08
CA LYS F 80 32.06 -16.21 4.61
C LYS F 80 31.83 -17.61 5.13
N THR F 81 30.80 -17.78 5.97
CA THR F 81 30.47 -19.06 6.55
C THR F 81 29.43 -19.82 5.73
N PHE F 82 28.87 -19.12 4.74
CA PHE F 82 27.69 -19.55 3.97
C PHE F 82 26.38 -19.44 4.76
N TRP F 83 26.31 -20.09 5.91
CA TRP F 83 25.07 -20.10 6.71
C TRP F 83 24.74 -18.78 7.40
N GLY F 84 25.76 -17.96 7.61
CA GLY F 84 25.53 -16.61 8.12
C GLY F 84 24.41 -15.87 7.39
N GLN F 85 24.40 -15.97 6.06
CA GLN F 85 23.43 -15.26 5.23
C GLN F 85 22.03 -15.85 5.26
N GLY F 86 21.90 -17.06 5.80
CA GLY F 86 20.59 -17.67 6.02
C GLY F 86 20.05 -17.33 7.40
N GLY F 87 20.95 -16.94 8.32
CA GLY F 87 20.51 -16.45 9.62
C GLY F 87 20.17 -17.56 10.61
N GLY F 88 19.77 -17.16 11.81
CA GLY F 88 19.17 -18.08 12.76
C GLY F 88 19.69 -17.93 14.18
N THR F 89 18.98 -18.59 15.10
CA THR F 89 19.24 -18.55 16.52
C THR F 89 20.70 -18.96 16.80
N VAL F 90 21.09 -20.12 16.27
CA VAL F 90 22.37 -20.68 16.65
C VAL F 90 23.46 -19.93 15.87
N ILE F 91 23.22 -19.67 14.58
CA ILE F 91 24.14 -18.92 13.71
C ILE F 91 24.55 -17.58 14.36
N PHE F 92 23.57 -16.78 14.78
CA PHE F 92 23.82 -15.49 15.41
C PHE F 92 24.34 -15.58 16.84
N SER F 93 23.98 -16.63 17.59
CA SER F 93 24.55 -16.84 18.91
CA SER F 93 24.55 -16.84 18.91
C SER F 93 26.07 -17.04 18.84
N GLY F 94 26.54 -17.67 17.77
CA GLY F 94 28.00 -17.87 17.59
C GLY F 94 28.73 -16.57 17.33
N ILE F 95 28.19 -15.76 16.44
CA ILE F 95 28.74 -14.41 16.21
C ILE F 95 28.74 -13.58 17.51
N SER F 96 27.64 -13.67 18.24
CA SER F 96 27.40 -12.88 19.45
C SER F 96 28.45 -13.15 20.52
N ALA F 97 28.68 -14.42 20.82
CA ALA F 97 29.55 -14.79 21.94
C ALA F 97 30.98 -14.32 21.70
N PHE F 98 31.47 -14.52 20.48
CA PHE F 98 32.81 -14.04 20.11
C PHE F 98 32.88 -12.53 20.15
N ASP F 99 31.87 -11.85 19.61
CA ASP F 99 31.86 -10.39 19.64
C ASP F 99 31.99 -9.82 21.06
N ILE F 100 31.23 -10.38 22.01
CA ILE F 100 31.34 -9.96 23.41
C ILE F 100 32.78 -10.11 23.95
N ALA F 101 33.37 -11.27 23.72
CA ALA F 101 34.77 -11.53 24.11
C ALA F 101 35.77 -10.53 23.49
N PHE F 102 35.55 -10.17 22.22
CA PHE F 102 36.42 -9.20 21.55
C PHE F 102 36.36 -7.84 22.23
N TRP F 103 35.15 -7.36 22.54
CA TRP F 103 35.02 -6.08 23.25
C TRP F 103 35.64 -6.11 24.65
N ASP F 104 35.52 -7.26 25.33
CA ASP F 104 36.19 -7.48 26.64
C ASP F 104 37.71 -7.29 26.49
N ILE F 105 38.27 -7.91 25.44
CA ILE F 105 39.70 -7.78 25.11
C ILE F 105 40.07 -6.32 24.84
N LYS F 106 39.27 -5.61 24.04
CA LYS F 106 39.53 -4.20 23.74
C LYS F 106 39.61 -3.35 25.00
N GLY F 107 38.64 -3.55 25.88
CA GLY F 107 38.56 -2.82 27.16
C GLY F 107 39.79 -3.10 28.02
N LYS F 108 40.14 -4.36 28.16
CA LYS F 108 41.34 -4.73 28.94
C LYS F 108 42.61 -4.17 28.31
N ALA F 109 42.70 -4.24 26.96
CA ALA F 109 43.88 -3.72 26.26
C ALA F 109 44.06 -2.23 26.47
N LEU F 110 42.93 -1.50 26.58
CA LEU F 110 42.95 -0.05 26.73
C LEU F 110 42.74 0.42 28.17
N ASN F 111 42.60 -0.54 29.08
CA ASN F 111 42.34 -0.25 30.50
C ASN F 111 41.08 0.60 30.74
N LEU F 112 39.98 0.20 30.11
CA LEU F 112 38.71 0.93 30.16
C LEU F 112 37.57 -0.09 30.25
N PRO F 113 36.50 0.28 30.96
CA PRO F 113 35.28 -0.52 30.89
C PRO F 113 34.68 -0.42 29.50
N VAL F 114 34.01 -1.48 29.06
CA VAL F 114 33.51 -1.57 27.68
C VAL F 114 32.57 -0.39 27.33
N TYR F 115 31.75 0.07 28.27
CA TYR F 115 30.80 1.16 27.93
C TYR F 115 31.49 2.43 27.42
N LYS F 116 32.72 2.66 27.87
CA LYS F 116 33.52 3.79 27.41
CA LYS F 116 33.50 3.81 27.39
C LYS F 116 33.91 3.66 25.92
N LEU F 117 33.92 2.43 25.43
CA LEU F 117 34.23 2.15 24.02
C LEU F 117 32.96 2.07 23.15
N LEU F 118 31.80 2.04 23.80
CA LEU F 118 30.51 2.00 23.12
C LEU F 118 29.82 3.36 23.03
N GLY F 119 30.49 4.41 23.47
CA GLY F 119 29.93 5.76 23.39
C GLY F 119 29.61 6.43 24.73
N GLY F 120 30.00 5.79 25.82
CA GLY F 120 29.95 6.42 27.14
C GLY F 120 28.64 6.19 27.86
N LYS F 121 28.44 6.87 28.99
CA LYS F 121 27.24 6.71 29.81
C LYS F 121 26.16 7.66 29.31
N ASN F 122 24.90 7.20 29.31
CA ASN F 122 23.75 8.07 29.05
C ASN F 122 22.92 8.38 30.30
N ARG F 123 23.30 7.74 31.40
CA ARG F 123 22.60 7.86 32.68
C ARG F 123 23.55 7.34 33.75
N GLU F 124 23.33 7.72 34.99
CA GLU F 124 24.24 7.30 36.07
C GLU F 124 24.00 5.89 36.60
N ASP F 125 22.78 5.40 36.42
CA ASP F 125 22.41 4.03 36.84
C ASP F 125 21.21 3.56 36.02
N LEU F 126 20.81 2.31 36.21
CA LEU F 126 19.76 1.69 35.40
C LEU F 126 18.62 1.21 36.28
N ARG F 127 17.39 1.58 35.94
CA ARG F 127 16.19 0.99 36.52
C ARG F 127 16.14 -0.51 36.21
N VAL F 128 15.75 -1.31 37.20
CA VAL F 128 15.74 -2.76 37.08
C VAL F 128 14.35 -3.31 37.44
N TYR F 129 13.90 -4.37 36.73
CA TYR F 129 12.79 -5.15 37.23
C TYR F 129 13.14 -6.56 37.70
N ALA F 130 12.33 -7.06 38.63
CA ALA F 130 12.45 -8.43 39.14
C ALA F 130 11.69 -9.38 38.21
N SER F 131 12.43 -10.27 37.57
CA SER F 131 11.91 -11.01 36.41
C SER F 131 11.61 -12.47 36.71
N GLN F 132 10.44 -12.90 36.24
CA GLN F 132 9.95 -14.28 36.31
C GLN F 132 9.49 -14.70 37.71
N LEU F 133 8.64 -13.86 38.31
CA LEU F 133 8.03 -14.10 39.64
C LEU F 133 7.40 -15.50 39.78
N GLN F 134 6.85 -16.02 38.68
CA GLN F 134 6.17 -17.32 38.71
C GLN F 134 7.06 -18.49 39.11
N PHE F 135 8.39 -18.29 39.12
CA PHE F 135 9.34 -19.32 39.58
C PHE F 135 9.88 -19.05 40.98
N GLY F 136 9.38 -18.01 41.62
CA GLY F 136 9.84 -17.64 42.95
C GLY F 136 10.91 -16.57 42.88
N TRP F 137 10.77 -15.54 43.71
CA TRP F 137 11.84 -14.58 43.90
C TRP F 137 12.72 -14.87 45.13
N GLY F 138 13.89 -15.50 44.97
CA GLY F 138 14.01 -16.84 44.42
C GLY F 138 15.41 -17.43 44.45
N LYS F 139 15.91 -17.75 45.63
CA LYS F 139 17.08 -18.64 45.77
C LYS F 139 16.70 -20.13 45.68
N GLU F 140 15.42 -20.42 45.92
CA GLU F 140 14.82 -21.70 45.54
C GLU F 140 13.86 -21.50 44.36
N ARG F 141 14.15 -22.17 43.25
CA ARG F 141 13.27 -22.14 42.08
CA ARG F 141 13.28 -22.15 42.08
C ARG F 141 12.10 -23.11 42.25
N LYS F 142 10.88 -22.58 42.15
CA LYS F 142 9.66 -23.37 42.33
C LYS F 142 8.47 -22.66 41.71
N SER F 143 7.81 -23.34 40.78
CA SER F 143 6.70 -22.74 40.04
C SER F 143 5.48 -22.55 40.92
N LYS F 144 4.83 -21.42 40.77
CA LYS F 144 3.71 -21.04 41.64
C LYS F 144 2.34 -21.30 41.00
N GLY F 145 1.36 -21.63 41.83
CA GLY F 145 0.05 -22.02 41.35
C GLY F 145 -1.07 -21.15 41.87
N ARG F 146 -1.08 -20.90 43.18
CA ARG F 146 -2.16 -20.16 43.81
C ARG F 146 -1.93 -18.65 43.68
N LYS F 147 -3.02 -17.90 43.50
CA LYS F 147 -2.91 -16.46 43.25
C LYS F 147 -2.23 -15.69 44.40
N GLU F 148 -2.42 -16.15 45.64
CA GLU F 148 -1.74 -15.55 46.80
C GLU F 148 -0.22 -15.68 46.69
N GLU F 149 0.24 -16.78 46.11
CA GLU F 149 1.68 -16.99 45.90
C GLU F 149 2.29 -15.98 44.93
N TYR F 150 1.52 -15.59 43.91
CA TYR F 150 1.97 -14.57 42.94
C TYR F 150 2.13 -13.19 43.62
N ALA F 151 1.14 -12.82 44.43
CA ALA F 151 1.25 -11.63 45.29
C ALA F 151 2.44 -11.68 46.26
N GLU F 152 2.62 -12.81 46.93
CA GLU F 152 3.75 -13.01 47.86
C GLU F 152 5.10 -12.77 47.19
N GLU F 153 5.30 -13.36 46.02
CA GLU F 153 6.58 -13.20 45.31
C GLU F 153 6.83 -11.77 44.85
N ALA F 154 5.77 -11.10 44.40
CA ALA F 154 5.86 -9.68 44.03
C ALA F 154 6.27 -8.82 45.22
N LEU F 155 5.67 -9.08 46.38
CA LEU F 155 6.03 -8.37 47.61
C LEU F 155 7.47 -8.58 48.07
N LYS F 156 7.98 -9.81 47.90
CA LYS F 156 9.40 -10.11 48.16
C LYS F 156 10.31 -9.21 47.35
N ALA F 157 9.97 -9.03 46.07
CA ALA F 157 10.72 -8.16 45.17
C ALA F 157 10.63 -6.69 45.59
N VAL F 158 9.42 -6.24 45.90
CA VAL F 158 9.19 -4.84 46.28
C VAL F 158 9.95 -4.53 47.59
N ALA F 159 10.06 -5.55 48.45
CA ALA F 159 10.78 -5.44 49.73
C ALA F 159 12.28 -5.21 49.53
N GLU F 160 12.81 -5.71 48.41
CA GLU F 160 14.21 -5.53 48.04
C GLU F 160 14.47 -4.22 47.27
N GLY F 161 13.40 -3.46 47.03
CA GLY F 161 13.51 -2.10 46.51
C GLY F 161 13.19 -1.99 45.03
N TYR F 162 12.76 -3.09 44.41
CA TYR F 162 12.30 -3.03 43.01
C TYR F 162 10.98 -2.30 42.86
N ASP F 163 10.87 -1.46 41.82
CA ASP F 163 9.61 -0.78 41.55
C ASP F 163 8.98 -1.28 40.26
N ALA F 164 9.36 -2.49 39.87
CA ALA F 164 8.78 -3.15 38.69
C ALA F 164 9.05 -4.66 38.77
N VAL F 165 8.09 -5.42 38.26
CA VAL F 165 8.16 -6.88 38.28
C VAL F 165 7.69 -7.43 36.94
N LYS F 166 8.12 -8.64 36.60
CA LYS F 166 7.58 -9.32 35.42
C LYS F 166 7.14 -10.72 35.80
N VAL F 167 5.98 -11.12 35.28
CA VAL F 167 5.41 -12.41 35.61
C VAL F 167 4.75 -13.02 34.36
N ASP F 168 4.93 -14.34 34.19
CA ASP F 168 4.11 -15.13 33.27
C ASP F 168 2.96 -15.73 34.07
N VAL F 169 1.74 -15.27 33.80
CA VAL F 169 0.56 -15.67 34.55
C VAL F 169 -0.27 -16.75 33.86
N LEU F 170 0.06 -17.08 32.60
CA LEU F 170 -0.72 -18.09 31.87
C LEU F 170 -0.08 -19.50 31.84
N ALA F 171 1.23 -19.59 32.05
CA ALA F 171 1.98 -20.81 31.77
C ALA F 171 1.61 -21.98 32.68
N HIS F 172 1.29 -21.68 33.94
CA HIS F 172 1.05 -22.74 34.92
C HIS F 172 -0.42 -22.80 35.31
N ASP F 173 -0.92 -24.01 35.53
CA ASP F 173 -2.24 -24.17 36.16
C ASP F 173 -2.22 -23.81 37.65
N ARG F 174 -3.36 -23.99 38.32
CA ARG F 174 -3.46 -23.64 39.74
C ARG F 174 -2.63 -24.52 40.67
N ASN F 175 -2.09 -25.62 40.15
CA ASN F 175 -1.14 -26.49 40.86
C ASN F 175 0.34 -26.18 40.59
N GLY F 176 0.60 -25.13 39.81
CA GLY F 176 1.96 -24.79 39.45
C GLY F 176 2.55 -25.67 38.36
N SER F 177 1.67 -26.34 37.61
CA SER F 177 2.13 -27.32 36.62
C SER F 177 1.89 -26.80 35.20
N ARG F 178 2.84 -27.08 34.30
CA ARG F 178 2.69 -26.81 32.86
CA ARG F 178 2.65 -26.80 32.88
C ARG F 178 1.93 -27.93 32.14
N GLU F 179 1.77 -29.07 32.80
CA GLU F 179 1.12 -30.22 32.19
C GLU F 179 -0.33 -29.97 31.75
N GLY F 180 -0.60 -30.21 30.47
CA GLY F 180 -1.94 -30.01 29.92
C GLY F 180 -2.31 -28.57 29.59
N VAL F 181 -1.39 -27.63 29.79
CA VAL F 181 -1.68 -26.22 29.55
C VAL F 181 -1.41 -25.94 28.07
N PHE F 182 -2.42 -25.43 27.39
CA PHE F 182 -2.33 -25.12 25.96
C PHE F 182 -3.00 -23.77 25.71
N LEU F 183 -2.33 -22.88 25.00
CA LEU F 183 -2.66 -21.46 25.06
C LEU F 183 -2.77 -20.82 23.67
N GLU F 184 -2.89 -21.65 22.65
CA GLU F 184 -3.13 -21.17 21.28
C GLU F 184 -4.60 -21.20 20.91
N GLY F 185 -5.04 -20.22 20.12
CA GLY F 185 -6.45 -20.11 19.71
C GLY F 185 -7.31 -19.57 20.85
N PRO F 186 -8.63 -19.41 20.60
CA PRO F 186 -9.48 -18.83 21.64
C PRO F 186 -9.43 -19.62 22.95
N LEU F 187 -9.33 -18.91 24.07
CA LEU F 187 -9.09 -19.52 25.37
C LEU F 187 -10.39 -19.75 26.13
N PRO F 188 -10.43 -20.82 26.94
CA PRO F 188 -11.54 -20.99 27.90
C PRO F 188 -11.57 -19.86 28.92
N SER F 189 -12.78 -19.56 29.40
CA SER F 189 -12.98 -18.53 30.42
C SER F 189 -12.12 -18.80 31.67
N GLU F 190 -11.96 -20.08 32.02
CA GLU F 190 -11.23 -20.41 33.25
C GLU F 190 -9.75 -20.11 33.13
N THR F 191 -9.20 -20.28 31.92
CA THR F 191 -7.79 -19.93 31.68
C THR F 191 -7.60 -18.43 31.79
N ILE F 192 -8.50 -17.67 31.16
CA ILE F 192 -8.52 -16.22 31.31
C ILE F 192 -8.58 -15.82 32.79
N LYS F 193 -9.47 -16.48 33.53
CA LYS F 193 -9.68 -16.22 34.95
C LYS F 193 -8.39 -16.44 35.77
N ILE F 194 -7.71 -17.56 35.53
CA ILE F 194 -6.41 -17.84 36.16
C ILE F 194 -5.40 -16.69 35.94
N GLY F 195 -5.23 -16.27 34.69
CA GLY F 195 -4.33 -15.16 34.39
C GLY F 195 -4.74 -13.85 35.06
N VAL F 196 -6.03 -13.53 34.97
CA VAL F 196 -6.57 -12.28 35.51
C VAL F 196 -6.38 -12.20 37.02
N GLU F 197 -6.72 -13.29 37.72
CA GLU F 197 -6.66 -13.33 39.18
C GLU F 197 -5.23 -13.14 39.69
N ARG F 198 -4.25 -13.57 38.89
CA ARG F 198 -2.84 -13.41 39.26
C ARG F 198 -2.36 -11.98 39.08
N VAL F 199 -2.67 -11.38 37.92
CA VAL F 199 -2.38 -9.98 37.69
C VAL F 199 -3.06 -9.09 38.73
N GLU F 200 -4.34 -9.36 38.97
CA GLU F 200 -5.11 -8.64 39.96
C GLU F 200 -4.50 -8.76 41.36
N ALA F 201 -4.16 -9.98 41.77
CA ALA F 201 -3.54 -10.20 43.08
C ALA F 201 -2.23 -9.42 43.21
N ILE F 202 -1.40 -9.46 42.17
CA ILE F 202 -0.18 -8.65 42.14
C ILE F 202 -0.44 -7.14 42.23
N ARG F 203 -1.31 -6.61 41.38
CA ARG F 203 -1.63 -5.18 41.37
C ARG F 203 -2.15 -4.71 42.74
N ASN F 204 -3.07 -5.47 43.32
CA ASN F 204 -3.60 -5.20 44.66
C ASN F 204 -2.52 -5.19 45.75
N ALA F 205 -1.56 -6.12 45.66
CA ALA F 205 -0.46 -6.20 46.62
C ALA F 205 0.54 -5.05 46.50
N VAL F 206 0.93 -4.71 45.27
CA VAL F 206 2.07 -3.81 45.06
C VAL F 206 1.65 -2.36 44.91
N GLY F 207 0.36 -2.14 44.63
CA GLY F 207 -0.18 -0.78 44.47
C GLY F 207 0.14 -0.19 43.11
N PRO F 208 -0.20 1.09 42.91
CA PRO F 208 -0.08 1.76 41.61
C PRO F 208 1.35 2.11 41.16
N ASP F 209 2.29 2.24 42.08
CA ASP F 209 3.62 2.76 41.75
C ASP F 209 4.68 1.70 41.54
N VAL F 210 4.24 0.46 41.40
CA VAL F 210 5.11 -0.62 41.00
C VAL F 210 4.57 -1.12 39.67
N ASP F 211 5.44 -1.12 38.66
CA ASP F 211 5.00 -1.52 37.33
C ASP F 211 4.96 -3.03 37.17
N ILE F 212 4.03 -3.51 36.36
CA ILE F 212 3.85 -4.94 36.16
C ILE F 212 3.96 -5.22 34.67
N ILE F 213 4.93 -6.06 34.32
CA ILE F 213 5.10 -6.55 32.96
C ILE F 213 4.53 -7.96 32.89
N VAL F 214 3.76 -8.24 31.85
CA VAL F 214 3.23 -9.59 31.65
C VAL F 214 3.95 -10.29 30.49
N GLU F 215 4.45 -11.49 30.78
CA GLU F 215 5.31 -12.27 29.91
C GLU F 215 4.48 -13.47 29.41
N ASN F 216 4.28 -13.62 28.10
CA ASN F 216 3.52 -14.77 27.57
C ASN F 216 4.41 -15.92 27.07
N HIS F 217 5.73 -15.66 27.00
CA HIS F 217 6.75 -16.65 26.58
C HIS F 217 6.47 -17.29 25.22
N GLY F 218 5.77 -16.58 24.34
CA GLY F 218 5.38 -17.16 23.04
C GLY F 218 4.48 -18.38 23.13
N HIS F 219 3.78 -18.58 24.24
CA HIS F 219 2.89 -19.74 24.37
C HIS F 219 1.53 -19.45 23.75
N THR F 220 1.16 -18.18 23.74
CA THR F 220 -0.07 -17.70 23.11
C THR F 220 0.16 -17.49 21.61
N ASP F 221 -0.93 -17.21 20.90
CA ASP F 221 -0.82 -16.68 19.53
C ASP F 221 -1.62 -15.38 19.48
N LEU F 222 -1.76 -14.79 18.31
CA LEU F 222 -2.34 -13.45 18.30
C LEU F 222 -3.79 -13.45 18.81
N VAL F 223 -4.52 -14.52 18.54
CA VAL F 223 -5.91 -14.63 18.99
C VAL F 223 -6.03 -14.70 20.51
N SER F 224 -5.31 -15.60 21.14
CA SER F 224 -5.33 -15.69 22.61
C SER F 224 -4.69 -14.46 23.28
N ALA F 225 -3.66 -13.90 22.63
CA ALA F 225 -2.99 -12.70 23.17
C ALA F 225 -3.95 -11.51 23.25
N ILE F 226 -4.74 -11.31 22.21
CA ILE F 226 -5.72 -10.21 22.17
C ILE F 226 -6.81 -10.43 23.24
N GLN F 227 -7.31 -11.65 23.32
CA GLN F 227 -8.33 -12.02 24.31
C GLN F 227 -7.86 -11.75 25.74
N PHE F 228 -6.62 -12.16 26.03
CA PHE F 228 -6.06 -11.91 27.35
C PHE F 228 -5.78 -10.44 27.65
N ALA F 229 -5.26 -9.70 26.67
CA ALA F 229 -4.99 -8.27 26.85
C ALA F 229 -6.28 -7.52 27.23
N LYS F 230 -7.40 -7.88 26.58
CA LYS F 230 -8.72 -7.30 26.89
C LYS F 230 -9.07 -7.50 28.37
N ALA F 231 -8.71 -8.65 28.91
CA ALA F 231 -9.07 -8.98 30.28
C ALA F 231 -8.17 -8.29 31.32
N ILE F 232 -6.95 -7.94 30.93
CA ILE F 232 -6.00 -7.37 31.89
C ILE F 232 -5.69 -5.88 31.71
N GLU F 233 -6.21 -5.27 30.64
CA GLU F 233 -5.86 -3.88 30.33
C GLU F 233 -6.14 -2.92 31.50
N GLU F 234 -7.17 -3.22 32.28
CA GLU F 234 -7.60 -2.36 33.39
C GLU F 234 -6.54 -2.28 34.51
N PHE F 235 -5.59 -3.21 34.50
CA PHE F 235 -4.58 -3.26 35.56
C PHE F 235 -3.29 -2.47 35.27
N ASN F 236 -3.33 -1.68 34.21
CA ASN F 236 -2.20 -0.79 33.87
C ASN F 236 -0.92 -1.60 33.67
N ILE F 237 -0.91 -2.41 32.62
CA ILE F 237 0.23 -3.27 32.34
C ILE F 237 1.32 -2.43 31.65
N PHE F 238 2.54 -2.54 32.15
CA PHE F 238 3.66 -1.72 31.70
C PHE F 238 4.02 -2.04 30.24
N PHE F 239 4.32 -3.30 29.98
CA PHE F 239 4.28 -3.85 28.62
C PHE F 239 4.05 -5.35 28.63
N TYR F 240 3.88 -5.92 27.44
CA TYR F 240 3.24 -7.22 27.26
C TYR F 240 4.15 -7.97 26.29
N GLU F 241 4.81 -9.01 26.79
CA GLU F 241 6.01 -9.56 26.17
C GLU F 241 5.76 -10.91 25.49
N GLU F 242 6.30 -11.05 24.28
CA GLU F 242 6.34 -12.31 23.52
C GLU F 242 4.97 -12.95 23.43
N ILE F 243 4.04 -12.25 22.80
CA ILE F 243 2.63 -12.64 22.84
C ILE F 243 2.30 -13.67 21.75
N ASN F 244 3.23 -13.90 20.84
CA ASN F 244 3.05 -14.95 19.82
C ASN F 244 4.38 -15.51 19.27
N THR F 245 4.31 -16.20 18.14
CA THR F 245 5.51 -16.68 17.47
C THR F 245 6.08 -15.56 16.57
N PRO F 246 7.36 -15.21 16.74
CA PRO F 246 7.93 -14.08 15.99
C PRO F 246 8.33 -14.33 14.51
N LEU F 247 8.13 -15.56 14.03
CA LEU F 247 8.54 -15.94 12.66
C LEU F 247 7.74 -15.36 11.48
N ASN F 248 6.47 -15.00 11.68
CA ASN F 248 5.69 -14.18 10.70
C ASN F 248 5.44 -12.79 11.32
N PRO F 249 6.38 -11.84 11.11
CA PRO F 249 6.36 -10.54 11.81
C PRO F 249 5.09 -9.72 11.65
N ARG F 250 4.44 -9.78 10.48
CA ARG F 250 3.20 -9.04 10.25
C ARG F 250 2.10 -9.32 11.26
N LEU F 251 2.08 -10.54 11.82
CA LEU F 251 1.07 -10.90 12.82
C LEU F 251 1.09 -10.00 14.06
N LEU F 252 2.27 -9.53 14.48
CA LEU F 252 2.34 -8.58 15.60
C LEU F 252 1.68 -7.24 15.31
N LYS F 253 1.80 -6.78 14.07
CA LYS F 253 1.08 -5.58 13.61
C LYS F 253 -0.44 -5.79 13.69
N GLU F 254 -0.91 -6.97 13.29
CA GLU F 254 -2.32 -7.33 13.42
C GLU F 254 -2.76 -7.36 14.90
N ALA F 255 -1.91 -7.91 15.76
CA ALA F 255 -2.17 -7.92 17.20
C ALA F 255 -2.31 -6.51 17.78
N LYS F 256 -1.38 -5.63 17.42
CA LYS F 256 -1.38 -4.26 17.91
C LYS F 256 -2.66 -3.52 17.55
N LYS F 257 -3.27 -3.87 16.41
CA LYS F 257 -4.54 -3.26 16.02
C LYS F 257 -5.60 -3.40 17.11
N LYS F 258 -5.51 -4.46 17.91
CA LYS F 258 -6.55 -4.77 18.88
C LYS F 258 -6.05 -4.81 20.32
N ILE F 259 -4.81 -4.37 20.55
CA ILE F 259 -4.19 -4.38 21.88
C ILE F 259 -3.67 -2.97 22.20
N ASP F 260 -4.12 -2.40 23.33
N ASP F 260 -4.14 -2.43 23.33
CA ASP F 260 -3.70 -1.05 23.72
CA ASP F 260 -3.76 -1.10 23.79
C ASP F 260 -2.38 -1.04 24.52
C ASP F 260 -2.88 -1.16 25.04
N ILE F 261 -2.03 -2.18 25.09
CA ILE F 261 -0.88 -2.27 26.00
C ILE F 261 0.39 -2.26 25.12
N PRO F 262 1.43 -1.50 25.54
CA PRO F 262 2.68 -1.56 24.77
C PRO F 262 3.20 -2.99 24.61
N LEU F 263 3.73 -3.30 23.42
CA LEU F 263 4.20 -4.66 23.12
C LEU F 263 5.72 -4.73 23.19
N ALA F 264 6.23 -5.86 23.66
CA ALA F 264 7.68 -6.14 23.72
C ALA F 264 8.04 -7.46 23.08
N SER F 265 9.19 -7.50 22.42
CA SER F 265 9.74 -8.77 21.92
C SER F 265 11.21 -8.58 21.60
N GLY F 266 11.96 -9.67 21.56
CA GLY F 266 13.30 -9.62 21.03
C GLY F 266 14.23 -10.75 21.37
N GLU F 267 13.91 -11.56 22.39
CA GLU F 267 14.81 -12.65 22.72
C GLU F 267 14.85 -13.73 21.65
N ARG F 268 13.82 -13.80 20.80
CA ARG F 268 13.85 -14.73 19.66
C ARG F 268 13.83 -14.02 18.31
N ILE F 269 14.42 -12.83 18.31
CA ILE F 269 14.60 -12.03 17.08
C ILE F 269 16.08 -11.62 17.02
N TYR F 270 16.73 -11.81 15.86
CA TYR F 270 18.21 -11.76 15.82
C TYR F 270 18.71 -10.84 14.70
N SER F 271 19.67 -9.97 15.03
CA SER F 271 20.30 -9.05 14.09
C SER F 271 19.41 -7.89 13.66
N ARG F 272 20.02 -6.89 13.07
CA ARG F 272 19.25 -5.82 12.39
C ARG F 272 18.18 -6.38 11.45
N TRP F 273 18.51 -7.46 10.75
CA TRP F 273 17.60 -8.07 9.77
C TRP F 273 16.35 -8.65 10.42
N GLY F 274 16.52 -9.20 11.63
CA GLY F 274 15.38 -9.76 12.38
C GLY F 274 14.45 -8.69 12.87
N PHE F 275 15.00 -7.60 13.40
CA PHE F 275 14.16 -6.53 13.92
C PHE F 275 13.51 -5.62 12.87
N LEU F 276 14.14 -5.52 11.70
CA LEU F 276 13.65 -4.63 10.66
C LEU F 276 12.14 -4.66 10.36
N PRO F 277 11.54 -5.85 10.08
CA PRO F 277 10.10 -5.83 9.78
C PRO F 277 9.22 -5.32 10.92
N PHE F 278 9.61 -5.60 12.17
CA PHE F 278 8.89 -5.10 13.34
C PHE F 278 8.97 -3.59 13.48
N LEU F 279 10.11 -3.02 13.12
CA LEU F 279 10.26 -1.57 13.10
C LEU F 279 9.49 -0.92 11.92
N GLU F 280 9.60 -1.50 10.72
CA GLU F 280 8.80 -1.12 9.55
CA GLU F 280 8.81 -1.03 9.59
C GLU F 280 7.30 -1.03 9.87
N ASP F 281 6.82 -2.03 10.61
CA ASP F 281 5.39 -2.08 11.01
C ASP F 281 5.11 -1.25 12.26
N ARG F 282 6.17 -0.80 12.92
CA ARG F 282 6.12 -0.16 14.25
C ARG F 282 5.27 -0.97 15.25
N SER F 283 5.45 -2.29 15.25
CA SER F 283 4.60 -3.17 16.04
C SER F 283 5.16 -3.48 17.43
N ILE F 284 6.43 -3.13 17.69
CA ILE F 284 7.06 -3.39 19.00
C ILE F 284 7.41 -2.05 19.62
N ASP F 285 6.99 -1.85 20.87
CA ASP F 285 7.30 -0.61 21.60
C ASP F 285 8.59 -0.69 22.41
N VAL F 286 8.88 -1.88 22.92
CA VAL F 286 10.11 -2.13 23.66
C VAL F 286 10.79 -3.37 23.07
N ILE F 287 11.95 -3.20 22.44
CA ILE F 287 12.65 -4.36 21.90
C ILE F 287 13.58 -4.98 22.96
N GLN F 288 13.73 -6.29 22.90
CA GLN F 288 14.48 -7.04 23.91
C GLN F 288 15.54 -7.98 23.32
N PRO F 289 16.47 -7.43 22.51
CA PRO F 289 17.55 -8.26 21.97
C PRO F 289 18.37 -8.80 23.14
N ASP F 290 18.83 -10.05 23.00
CA ASP F 290 19.83 -10.62 23.92
C ASP F 290 21.22 -10.42 23.32
N LEU F 291 22.16 -9.84 24.07
CA LEU F 291 23.54 -9.66 23.55
C LEU F 291 24.10 -10.98 23.02
N GLY F 292 23.74 -12.09 23.64
CA GLY F 292 24.30 -13.40 23.29
C GLY F 292 23.60 -14.15 22.17
N THR F 293 22.55 -13.54 21.58
CA THR F 293 21.93 -14.09 20.36
C THR F 293 21.74 -13.06 19.23
N CYS F 294 21.65 -11.78 19.56
CA CYS F 294 21.31 -10.78 18.55
C CYS F 294 22.48 -10.41 17.63
N GLY F 295 23.70 -10.80 18.01
CA GLY F 295 24.92 -10.41 17.31
C GLY F 295 25.96 -9.68 18.16
N GLY F 296 25.81 -9.71 19.49
CA GLY F 296 26.86 -9.17 20.38
C GLY F 296 26.73 -7.67 20.58
N PHE F 297 27.72 -7.07 21.25
CA PHE F 297 27.77 -5.61 21.39
C PHE F 297 27.60 -4.90 20.04
N THR F 298 28.34 -5.37 19.05
CA THR F 298 28.38 -4.70 17.75
C THR F 298 26.98 -4.57 17.15
N GLU F 299 26.25 -5.67 17.14
CA GLU F 299 24.91 -5.66 16.53
C GLU F 299 23.83 -5.11 17.46
N PHE F 300 23.94 -5.35 18.76
CA PHE F 300 22.99 -4.75 19.73
C PHE F 300 22.93 -3.23 19.57
N LYS F 301 24.09 -2.60 19.45
CA LYS F 301 24.17 -1.16 19.23
C LYS F 301 23.45 -0.78 17.94
N LYS F 302 23.69 -1.53 16.87
CA LYS F 302 23.04 -1.26 15.58
C LYS F 302 21.53 -1.42 15.66
N ILE F 303 21.07 -2.46 16.32
CA ILE F 303 19.63 -2.65 16.55
C ILE F 303 19.02 -1.49 17.35
N ALA F 304 19.64 -1.15 18.48
CA ALA F 304 19.14 -0.05 19.33
C ALA F 304 19.10 1.28 18.58
N ASP F 305 20.14 1.56 17.80
CA ASP F 305 20.25 2.84 17.07
C ASP F 305 19.18 2.96 15.99
N MET F 306 18.92 1.87 15.28
CA MET F 306 17.80 1.81 14.35
CA MET F 306 17.80 1.81 14.35
C MET F 306 16.45 1.96 15.03
N ALA F 307 16.29 1.32 16.18
CA ALA F 307 15.04 1.37 16.94
C ALA F 307 14.71 2.78 17.41
N HIS F 308 15.75 3.55 17.76
CA HIS F 308 15.56 4.93 18.23
C HIS F 308 14.79 5.81 17.22
N ILE F 309 15.07 5.61 15.92
CA ILE F 309 14.42 6.35 14.80
CA ILE F 309 14.42 6.39 14.84
C ILE F 309 12.90 6.18 14.85
N PHE F 310 12.47 5.06 15.40
CA PHE F 310 11.06 4.66 15.40
C PHE F 310 10.41 4.87 16.77
N GLU F 311 11.11 5.59 17.65
CA GLU F 311 10.62 5.87 19.01
C GLU F 311 10.28 4.55 19.72
N VAL F 312 11.26 3.65 19.65
CA VAL F 312 11.20 2.36 20.32
C VAL F 312 12.34 2.37 21.36
N THR F 313 12.08 1.83 22.55
CA THR F 313 13.11 1.78 23.59
C THR F 313 13.52 0.34 23.81
N VAL F 314 14.53 0.13 24.65
CA VAL F 314 15.25 -1.16 24.64
C VAL F 314 15.43 -1.66 26.07
N GLN F 315 15.09 -2.93 26.28
CA GLN F 315 15.49 -3.64 27.50
C GLN F 315 16.22 -4.89 27.03
N ALA F 316 17.52 -4.99 27.28
CA ALA F 316 18.26 -6.21 26.89
C ALA F 316 17.61 -7.45 27.53
N HIS F 317 17.49 -8.52 26.75
CA HIS F 317 17.06 -9.77 27.35
C HIS F 317 18.25 -10.37 28.06
N VAL F 318 18.10 -10.66 29.35
CA VAL F 318 19.21 -11.14 30.15
C VAL F 318 18.76 -12.35 30.94
N ALA F 319 19.34 -13.50 30.61
CA ALA F 319 18.93 -14.75 31.27
C ALA F 319 19.98 -15.84 31.12
N GLY F 320 21.18 -15.60 31.65
CA GLY F 320 22.23 -16.63 31.76
C GLY F 320 23.20 -16.29 32.89
N THR F 321 24.50 -16.48 32.65
CA THR F 321 25.51 -16.24 33.73
C THR F 321 25.86 -14.77 33.95
N GLY F 322 26.73 -14.53 34.95
CA GLY F 322 27.26 -13.19 35.22
C GLY F 322 28.04 -12.55 34.08
N VAL F 323 28.51 -13.36 33.13
CA VAL F 323 29.19 -12.84 31.92
C VAL F 323 28.14 -12.11 31.08
N ALA F 324 27.08 -12.81 30.68
CA ALA F 324 25.92 -12.17 30.05
C ALA F 324 25.41 -10.96 30.81
N GLU F 325 25.22 -11.07 32.13
CA GLU F 325 24.65 -9.92 32.85
C GLU F 325 25.60 -8.72 32.91
N ALA F 326 26.87 -8.95 33.24
CA ALA F 326 27.84 -7.85 33.25
C ALA F 326 27.91 -7.16 31.87
N ALA F 327 28.00 -7.97 30.82
CA ALA F 327 28.04 -7.45 29.46
C ALA F 327 26.83 -6.57 29.14
N SER F 328 25.63 -7.02 29.51
CA SER F 328 24.40 -6.27 29.21
C SER F 328 24.38 -4.87 29.82
N LEU F 329 24.94 -4.70 31.02
CA LEU F 329 25.00 -3.39 31.68
C LEU F 329 25.76 -2.35 30.87
N HIS F 330 26.89 -2.76 30.27
CA HIS F 330 27.65 -1.87 29.40
C HIS F 330 26.86 -1.44 28.18
N ALA F 331 26.18 -2.40 27.56
CA ALA F 331 25.40 -2.16 26.35
C ALA F 331 24.24 -1.19 26.64
N GLU F 332 23.56 -1.40 27.75
CA GLU F 332 22.41 -0.57 28.12
C GLU F 332 22.75 0.85 28.56
N ILE F 333 23.83 1.02 29.32
CA ILE F 333 24.18 2.36 29.80
C ILE F 333 24.63 3.26 28.65
N ALA F 334 25.10 2.63 27.57
CA ALA F 334 25.70 3.32 26.42
C ALA F 334 24.71 3.75 25.35
N ILE F 335 23.42 3.41 25.52
CA ILE F 335 22.38 3.78 24.53
C ILE F 335 21.44 4.83 25.11
N PRO F 336 21.00 5.80 24.28
CA PRO F 336 20.04 6.80 24.76
C PRO F 336 18.64 6.24 25.04
N ASN F 337 18.24 5.22 24.28
CA ASN F 337 16.85 4.74 24.32
C ASN F 337 16.64 3.51 25.19
N PHE F 338 17.18 3.57 26.41
CA PHE F 338 17.06 2.47 27.36
C PHE F 338 15.73 2.56 28.10
N CYS F 339 15.05 1.44 28.27
CA CYS F 339 13.78 1.41 29.02
C CYS F 339 14.00 0.98 30.48
N ILE F 340 14.47 -0.25 30.65
CA ILE F 340 14.55 -0.90 31.97
C ILE F 340 15.43 -2.15 31.82
N HIS F 341 16.04 -2.62 32.91
CA HIS F 341 16.92 -3.79 32.86
C HIS F 341 16.23 -4.98 33.51
N GLU F 342 16.32 -6.13 32.86
CA GLU F 342 15.76 -7.38 33.36
C GLU F 342 16.73 -8.05 34.34
N HIS F 343 16.28 -8.24 35.58
CA HIS F 343 17.06 -9.04 36.53
C HIS F 343 16.37 -10.34 36.83
N HIS F 344 16.93 -11.42 36.27
CA HIS F 344 16.29 -12.72 36.24
C HIS F 344 16.47 -13.40 37.59
N GLN F 345 15.42 -14.10 38.02
CA GLN F 345 15.50 -14.90 39.25
C GLN F 345 16.61 -15.97 39.24
N LYS F 346 16.99 -16.49 38.08
CA LYS F 346 18.06 -17.50 38.00
C LYS F 346 19.39 -17.04 38.63
N THR F 347 19.71 -15.75 38.47
CA THR F 347 20.91 -15.15 39.07
C THR F 347 20.92 -15.25 40.60
N LEU F 348 19.73 -15.47 41.18
CA LEU F 348 19.58 -15.62 42.62
C LEU F 348 19.97 -17.02 43.12
N LEU F 349 20.06 -17.99 42.21
CA LEU F 349 20.37 -19.39 42.55
C LEU F 349 21.89 -19.61 42.63
N PRO F 350 22.36 -20.39 43.61
CA PRO F 350 23.80 -20.69 43.79
C PRO F 350 24.46 -21.39 42.61
N GLU F 351 23.69 -22.15 41.82
CA GLU F 351 24.24 -22.88 40.67
C GLU F 351 24.74 -21.92 39.58
N TYR F 352 24.13 -20.73 39.53
CA TYR F 352 24.61 -19.66 38.66
C TYR F 352 25.66 -18.78 39.33
N GLU F 353 25.43 -18.43 40.60
CA GLU F 353 26.39 -17.66 41.41
C GLU F 353 27.84 -18.16 41.37
N GLU F 354 28.04 -19.48 41.32
CA GLU F 354 29.38 -20.08 41.47
C GLU F 354 30.25 -20.01 40.21
N LEU F 355 29.65 -19.60 39.10
CA LEU F 355 30.32 -19.67 37.80
C LEU F 355 31.23 -18.46 37.52
N CYS F 356 30.95 -17.35 38.20
CA CYS F 356 31.65 -16.10 37.95
C CYS F 356 32.32 -15.47 39.18
N VAL F 357 33.37 -14.70 38.92
CA VAL F 357 34.15 -14.03 39.97
C VAL F 357 33.37 -12.94 40.71
N HIS F 358 32.63 -12.13 39.96
CA HIS F 358 31.85 -11.06 40.57
C HIS F 358 30.37 -11.38 40.48
N ASN F 359 29.65 -11.14 41.58
CA ASN F 359 28.20 -11.32 41.59
C ASN F 359 27.46 -9.99 41.61
N TYR F 360 27.31 -9.40 40.43
CA TYR F 360 26.66 -8.09 40.29
C TYR F 360 25.17 -8.21 40.58
N GLN F 361 24.71 -7.46 41.59
CA GLN F 361 23.31 -7.46 41.97
C GLN F 361 22.79 -6.02 42.12
N PRO F 362 21.49 -5.78 41.79
CA PRO F 362 20.93 -4.44 41.95
C PRO F 362 20.95 -3.98 43.40
N VAL F 363 20.99 -2.67 43.60
CA VAL F 363 20.76 -2.08 44.92
C VAL F 363 19.61 -1.09 44.87
N LYS F 364 18.62 -1.28 45.76
CA LYS F 364 17.37 -0.50 45.74
C LYS F 364 16.76 -0.42 44.33
N GLY F 365 16.71 -1.56 43.66
CA GLY F 365 16.09 -1.63 42.34
C GLY F 365 16.90 -0.97 41.22
N ARG F 366 18.18 -0.68 41.49
CA ARG F 366 19.05 0.03 40.53
C ARG F 366 20.35 -0.75 40.26
N TYR F 367 20.76 -0.77 39.00
CA TYR F 367 22.06 -1.31 38.62
C TYR F 367 23.05 -0.21 38.27
N LYS F 368 24.29 -0.39 38.71
CA LYS F 368 25.40 0.37 38.16
C LYS F 368 26.26 -0.48 37.22
N VAL F 369 26.77 0.16 36.17
CA VAL F 369 27.64 -0.53 35.22
C VAL F 369 28.98 -0.82 35.94
N PRO F 370 29.59 -1.99 35.67
CA PRO F 370 30.94 -2.23 36.18
C PRO F 370 31.96 -1.23 35.65
N GLU F 371 32.96 -0.89 36.48
CA GLU F 371 33.93 0.13 36.12
C GLU F 371 35.35 -0.42 35.94
N LEU F 372 35.48 -1.75 36.00
CA LEU F 372 36.73 -2.47 35.78
C LEU F 372 37.06 -2.47 34.28
N PRO F 373 38.32 -2.82 33.91
CA PRO F 373 38.63 -2.97 32.48
C PRO F 373 37.81 -4.09 31.83
N GLY F 374 37.44 -3.88 30.57
CA GLY F 374 36.61 -4.86 29.85
C GLY F 374 35.17 -4.90 30.33
N ILE F 375 34.54 -6.06 30.28
CA ILE F 375 33.15 -6.21 30.77
C ILE F 375 33.07 -6.25 32.30
N GLY F 376 34.21 -6.47 32.97
CA GLY F 376 34.25 -6.43 34.43
C GLY F 376 33.85 -7.77 35.04
N GLN F 377 34.11 -8.85 34.32
CA GLN F 377 33.66 -10.16 34.74
C GLN F 377 34.66 -11.23 34.32
N ASP F 378 34.71 -12.33 35.08
CA ASP F 378 35.55 -13.46 34.69
C ASP F 378 34.89 -14.74 35.22
N ILE F 379 35.29 -15.87 34.66
CA ILE F 379 34.82 -17.17 35.12
C ILE F 379 35.69 -17.66 36.28
N THR F 380 35.14 -18.55 37.10
CA THR F 380 35.89 -19.15 38.20
C THR F 380 36.79 -20.29 37.71
N GLU F 381 37.74 -20.72 38.54
CA GLU F 381 38.62 -21.86 38.18
C GLU F 381 37.83 -23.18 38.05
N LYS F 382 36.74 -23.27 38.79
CA LYS F 382 35.86 -24.46 38.75
C LYS F 382 35.36 -24.83 37.36
N LEU F 383 35.24 -23.83 36.48
CA LEU F 383 34.49 -23.99 35.25
C LEU F 383 34.98 -25.13 34.38
N TYR F 384 36.30 -25.27 34.29
CA TYR F 384 36.94 -26.33 33.50
C TYR F 384 36.45 -27.72 33.93
N GLN F 385 36.17 -27.88 35.23
CA GLN F 385 35.81 -29.18 35.80
C GLN F 385 34.31 -29.50 35.70
N ILE F 386 33.49 -28.47 35.51
CA ILE F 386 32.04 -28.66 35.46
C ILE F 386 31.43 -28.33 34.08
N SER F 387 32.23 -28.52 33.03
CA SER F 387 31.81 -28.22 31.65
CA SER F 387 31.76 -28.25 31.67
C SER F 387 32.32 -29.27 30.67
N ASP F 388 31.59 -29.44 29.57
CA ASP F 388 32.18 -30.00 28.36
C ASP F 388 33.08 -28.93 27.74
N TYR F 389 34.36 -29.26 27.62
CA TYR F 389 35.41 -28.29 27.35
C TYR F 389 36.05 -28.60 26.00
N VAL F 390 36.14 -27.58 25.15
CA VAL F 390 36.80 -27.68 23.86
C VAL F 390 37.81 -26.53 23.77
N SER F 391 39.03 -26.83 23.32
CA SER F 391 40.09 -25.84 23.14
C SER F 391 40.55 -25.86 21.69
N ILE F 392 40.69 -24.68 21.08
CA ILE F 392 41.16 -24.58 19.69
C ILE F 392 42.39 -23.66 19.64
N GLU F 393 43.47 -24.13 19.02
CA GLU F 393 44.70 -23.36 18.87
C GLU F 393 45.22 -23.36 17.43
N ALA F 394 46.43 -22.93 17.31
CA ALA F 394 46.70 -21.57 17.00
C ALA F 394 47.11 -21.63 15.58
N SER G 2 -14.42 51.12 1.30
CA SER G 2 -13.62 50.35 0.30
C SER G 2 -14.41 50.15 -0.99
N LEU G 3 -13.84 49.43 -1.92
CA LEU G 3 -14.54 49.09 -3.14
C LEU G 3 -15.71 48.17 -2.90
N LYS G 4 -16.76 48.38 -3.65
CA LYS G 4 -17.93 47.50 -3.61
C LYS G 4 -18.37 47.18 -5.04
N ILE G 5 -18.66 45.91 -5.31
CA ILE G 5 -19.20 45.50 -6.60
C ILE G 5 -20.63 46.01 -6.78
N THR G 6 -20.88 46.72 -7.87
CA THR G 6 -22.19 47.32 -8.12
C THR G 6 -22.94 46.75 -9.33
N LYS G 7 -22.20 46.18 -10.28
CA LYS G 7 -22.82 45.66 -11.50
C LYS G 7 -21.98 44.52 -12.04
N ILE G 8 -22.66 43.48 -12.49
CA ILE G 8 -22.01 42.37 -13.19
C ILE G 8 -22.69 42.16 -14.55
N GLU G 9 -21.88 42.16 -15.61
CA GLU G 9 -22.39 41.97 -16.97
C GLU G 9 -21.78 40.71 -17.54
N ILE G 10 -22.62 39.86 -18.12
CA ILE G 10 -22.16 38.59 -18.67
C ILE G 10 -22.43 38.53 -20.17
N PHE G 11 -21.38 38.19 -20.93
CA PHE G 11 -21.46 38.22 -22.39
C PHE G 11 -21.21 36.81 -22.88
N HIS G 12 -22.28 36.17 -23.36
CA HIS G 12 -22.11 34.88 -24.04
C HIS G 12 -22.06 35.14 -25.54
N VAL G 13 -20.83 35.23 -26.06
CA VAL G 13 -20.58 35.77 -27.39
C VAL G 13 -21.21 34.85 -28.45
N HIS G 14 -21.84 35.45 -29.46
CA HIS G 14 -22.44 34.68 -30.56
C HIS G 14 -21.40 33.88 -31.32
N THR G 15 -21.85 32.80 -31.96
CA THR G 15 -20.97 31.85 -32.64
C THR G 15 -19.92 32.52 -33.52
N ARG G 16 -18.66 32.18 -33.26
CA ARG G 16 -17.55 32.63 -34.09
C ARG G 16 -17.44 31.75 -35.33
N PRO G 17 -17.59 32.34 -36.54
CA PRO G 17 -17.86 31.61 -37.79
C PRO G 17 -16.88 30.49 -38.12
N GLN G 18 -15.58 30.81 -38.16
CA GLN G 18 -14.55 29.85 -38.51
C GLN G 18 -14.39 28.74 -37.46
N SER G 19 -14.33 29.14 -36.19
CA SER G 19 -14.01 28.20 -35.11
C SER G 19 -15.24 27.46 -34.60
N GLY G 20 -16.41 28.09 -34.77
CA GLY G 20 -17.66 27.55 -34.23
C GLY G 20 -17.84 27.82 -32.74
N GLN G 21 -16.91 28.57 -32.16
CA GLN G 21 -16.85 28.74 -30.70
C GLN G 21 -17.74 29.87 -30.18
N ARG G 22 -18.01 29.86 -28.88
CA ARG G 22 -18.76 30.93 -28.22
C ARG G 22 -18.15 31.28 -26.86
N PRO G 23 -17.23 32.26 -26.85
CA PRO G 23 -16.64 32.73 -25.59
C PRO G 23 -17.63 33.25 -24.57
N ILE G 24 -17.27 33.12 -23.29
CA ILE G 24 -18.08 33.66 -22.21
C ILE G 24 -17.25 34.60 -21.34
N LEU G 25 -17.63 35.89 -21.34
CA LEU G 25 -16.86 36.93 -20.68
C LEU G 25 -17.72 37.57 -19.59
N VAL G 26 -17.06 38.04 -18.53
CA VAL G 26 -17.75 38.75 -17.47
C VAL G 26 -17.06 40.08 -17.19
N LYS G 27 -17.86 41.14 -17.01
CA LYS G 27 -17.34 42.46 -16.63
C LYS G 27 -17.91 42.82 -15.27
N VAL G 28 -17.04 43.03 -14.29
CA VAL G 28 -17.46 43.33 -12.92
C VAL G 28 -17.14 44.79 -12.61
N SER G 29 -18.17 45.57 -12.32
CA SER G 29 -18.01 47.02 -12.08
C SER G 29 -18.13 47.35 -10.60
N THR G 30 -17.42 48.39 -10.16
CA THR G 30 -17.45 48.77 -8.78
C THR G 30 -18.02 50.17 -8.60
N ASP G 31 -18.30 50.55 -7.35
CA ASP G 31 -18.81 51.88 -7.00
C ASP G 31 -17.84 53.03 -7.29
N GLU G 32 -16.55 52.72 -7.42
CA GLU G 32 -15.57 53.74 -7.76
C GLU G 32 -15.28 53.83 -9.25
N GLY G 33 -16.05 53.10 -10.05
CA GLY G 33 -15.93 53.16 -11.50
C GLY G 33 -14.88 52.23 -12.11
N ILE G 34 -14.01 51.65 -11.28
CA ILE G 34 -13.07 50.64 -11.77
C ILE G 34 -13.81 49.34 -12.09
N TYR G 35 -13.53 48.76 -13.25
CA TYR G 35 -14.08 47.45 -13.59
C TYR G 35 -13.01 46.42 -13.91
N GLY G 36 -13.37 45.15 -13.78
CA GLY G 36 -12.48 44.05 -14.14
C GLY G 36 -13.12 43.11 -15.15
N LEU G 37 -12.29 42.49 -15.99
CA LEU G 37 -12.76 41.51 -16.96
CA LEU G 37 -12.76 41.50 -16.94
C LEU G 37 -12.26 40.11 -16.60
N GLY G 38 -13.14 39.12 -16.78
CA GLY G 38 -12.79 37.72 -16.61
C GLY G 38 -13.42 36.89 -17.72
N GLU G 39 -13.03 35.63 -17.79
CA GLU G 39 -13.47 34.73 -18.84
C GLU G 39 -13.63 33.33 -18.27
N ALA G 40 -14.74 32.68 -18.59
CA ALA G 40 -14.96 31.25 -18.30
C ALA G 40 -14.40 30.38 -19.43
N GLY G 41 -13.63 29.37 -19.08
CA GLY G 41 -12.90 28.59 -20.08
C GLY G 41 -13.69 27.50 -20.78
N ILE G 42 -14.95 27.78 -21.14
CA ILE G 42 -15.78 26.79 -21.83
CA ILE G 42 -15.79 26.80 -21.83
C ILE G 42 -16.20 27.32 -23.21
N ALA G 43 -15.26 27.94 -23.92
CA ALA G 43 -15.54 28.62 -25.20
C ALA G 43 -15.79 27.62 -26.33
N TYR G 44 -15.25 26.41 -26.16
CA TYR G 44 -15.35 25.37 -27.16
C TYR G 44 -16.06 24.17 -26.56
N GLY G 45 -16.37 23.18 -27.38
CA GLY G 45 -17.13 22.01 -26.92
C GLY G 45 -18.56 22.39 -26.62
N VAL G 46 -19.24 21.58 -25.83
CA VAL G 46 -20.68 21.76 -25.60
C VAL G 46 -20.90 22.09 -24.12
N GLY G 47 -21.40 23.30 -23.84
CA GLY G 47 -21.67 23.69 -22.46
C GLY G 47 -21.57 25.17 -22.13
N GLY G 48 -21.23 25.98 -23.12
CA GLY G 48 -21.09 27.43 -22.89
C GLY G 48 -22.29 28.11 -22.27
N SER G 49 -23.51 27.67 -22.61
CA SER G 49 -24.71 28.27 -21.99
C SER G 49 -24.80 27.94 -20.50
N ALA G 50 -24.24 26.79 -20.10
CA ALA G 50 -24.15 26.49 -18.67
C ALA G 50 -23.19 27.44 -17.97
N ALA G 51 -22.05 27.74 -18.60
CA ALA G 51 -21.13 28.75 -18.07
C ALA G 51 -21.84 30.12 -17.94
N ALA G 52 -22.58 30.53 -18.97
CA ALA G 52 -23.32 31.80 -18.87
C ALA G 52 -24.28 31.76 -17.66
N GLY G 53 -24.97 30.63 -17.49
CA GLY G 53 -25.94 30.45 -16.39
C GLY G 53 -25.33 30.46 -15.01
N ILE G 54 -24.18 29.79 -14.85
CA ILE G 54 -23.52 29.76 -13.53
C ILE G 54 -23.03 31.16 -13.12
N LEU G 55 -22.58 31.94 -14.09
CA LEU G 55 -22.13 33.30 -13.81
C LEU G 55 -23.31 34.18 -13.33
N LYS G 56 -24.44 34.04 -14.01
CA LYS G 56 -25.69 34.72 -13.61
C LYS G 56 -26.09 34.38 -12.16
N ASP G 57 -26.02 33.09 -11.83
CA ASP G 57 -26.40 32.65 -10.50
C ASP G 57 -25.43 33.11 -9.43
N TYR G 58 -24.13 33.00 -9.70
CA TYR G 58 -23.11 33.43 -8.74
C TYR G 58 -23.18 34.95 -8.50
N ALA G 59 -23.53 35.69 -9.55
CA ALA G 59 -23.51 37.16 -9.51
C ALA G 59 -24.35 37.74 -8.36
N ALA G 60 -25.44 37.04 -8.02
CA ALA G 60 -26.31 37.46 -6.92
C ALA G 60 -25.60 37.47 -5.56
N LEU G 61 -24.62 36.57 -5.40
CA LEU G 61 -23.87 36.46 -4.15
C LEU G 61 -22.73 37.49 -4.08
N LEU G 62 -22.49 38.19 -5.20
CA LEU G 62 -21.28 39.01 -5.35
C LEU G 62 -21.56 40.50 -5.30
N ILE G 63 -22.79 40.90 -5.63
CA ILE G 63 -23.14 42.32 -5.55
C ILE G 63 -22.92 42.79 -4.12
N GLY G 64 -22.18 43.88 -3.94
CA GLY G 64 -21.89 44.42 -2.62
C GLY G 64 -20.60 43.93 -2.00
N GLU G 65 -19.95 42.93 -2.61
CA GLU G 65 -18.68 42.42 -2.07
C GLU G 65 -17.48 43.31 -2.41
N ASP G 66 -16.45 43.24 -1.59
CA ASP G 66 -15.17 43.91 -1.84
C ASP G 66 -14.31 42.98 -2.71
N PRO G 67 -13.97 43.41 -3.92
CA PRO G 67 -13.17 42.57 -4.82
C PRO G 67 -11.73 42.31 -4.35
N PHE G 68 -11.26 42.99 -3.30
CA PHE G 68 -9.98 42.61 -2.68
C PHE G 68 -10.07 41.36 -1.82
N ASN G 69 -11.29 40.96 -1.49
CA ASN G 69 -11.47 39.78 -0.64
C ASN G 69 -11.57 38.50 -1.47
N THR G 70 -10.56 38.27 -2.30
CA THR G 70 -10.58 37.14 -3.21
C THR G 70 -10.59 35.79 -2.50
N GLU G 71 -9.91 35.67 -1.36
CA GLU G 71 -9.88 34.39 -0.65
C GLU G 71 -11.25 34.05 -0.06
N ALA G 72 -11.87 35.05 0.58
CA ALA G 72 -13.19 34.89 1.18
C ALA G 72 -14.26 34.64 0.13
N ILE G 73 -14.19 35.35 -1.00
CA ILE G 73 -15.19 35.17 -2.03
C ILE G 73 -15.06 33.78 -2.67
N TRP G 74 -13.82 33.37 -2.94
CA TRP G 74 -13.57 32.03 -3.49
C TRP G 74 -14.19 30.99 -2.56
N GLU G 75 -13.88 31.09 -1.26
CA GLU G 75 -14.37 30.12 -0.29
C GLU G 75 -15.90 30.16 -0.15
N LYS G 76 -16.49 31.35 -0.33
CA LYS G 76 -17.95 31.52 -0.28
C LYS G 76 -18.63 30.83 -1.46
N LEU G 77 -18.11 31.03 -2.67
CA LEU G 77 -18.66 30.35 -3.85
C LEU G 77 -18.44 28.82 -3.77
N PHE G 78 -17.36 28.42 -3.13
CA PHE G 78 -17.10 27.00 -2.89
C PHE G 78 -18.06 26.40 -1.85
N LYS G 79 -18.30 27.11 -0.74
CA LYS G 79 -18.93 26.54 0.46
C LYS G 79 -20.38 26.91 0.68
N LYS G 80 -20.83 28.01 0.06
CA LYS G 80 -22.18 28.55 0.32
C LYS G 80 -23.14 28.42 -0.86
N THR G 81 -22.67 27.81 -1.95
CA THR G 81 -23.52 27.54 -3.11
C THR G 81 -24.19 26.17 -3.09
N PHE G 82 -23.77 25.33 -2.15
CA PHE G 82 -24.07 23.89 -2.10
C PHE G 82 -23.31 23.09 -3.15
N TRP G 83 -23.48 23.46 -4.43
CA TRP G 83 -22.85 22.70 -5.52
C TRP G 83 -21.34 22.88 -5.64
N GLY G 84 -20.81 23.99 -5.08
CA GLY G 84 -19.36 24.19 -5.00
C GLY G 84 -18.63 22.96 -4.46
N GLN G 85 -19.22 22.33 -3.45
CA GLN G 85 -18.59 21.20 -2.75
C GLN G 85 -18.69 19.88 -3.49
N GLY G 86 -19.55 19.85 -4.51
CA GLY G 86 -19.62 18.75 -5.47
C GLY G 86 -18.64 18.92 -6.63
N GLY G 87 -18.25 20.17 -6.89
CA GLY G 87 -17.28 20.46 -7.95
C GLY G 87 -17.81 20.35 -9.37
N GLY G 88 -16.92 20.54 -10.34
CA GLY G 88 -17.25 20.32 -11.73
C GLY G 88 -16.73 21.38 -12.68
N THR G 89 -16.76 21.04 -13.96
CA THR G 89 -16.34 21.92 -15.05
C THR G 89 -16.99 23.30 -14.94
N VAL G 90 -18.32 23.30 -14.87
CA VAL G 90 -19.09 24.55 -14.94
C VAL G 90 -19.03 25.28 -13.59
N ILE G 91 -19.21 24.51 -12.51
CA ILE G 91 -19.09 25.02 -11.13
C ILE G 91 -17.81 25.81 -10.95
N PHE G 92 -16.69 25.21 -11.32
CA PHE G 92 -15.40 25.91 -11.19
C PHE G 92 -15.13 27.01 -12.22
N SER G 93 -15.68 26.89 -13.43
CA SER G 93 -15.56 27.96 -14.42
CA SER G 93 -15.55 27.97 -14.41
C SER G 93 -16.20 29.26 -13.92
N GLY G 94 -17.27 29.12 -13.12
CA GLY G 94 -17.97 30.29 -12.58
C GLY G 94 -17.13 31.03 -11.57
N ILE G 95 -16.51 30.27 -10.67
CA ILE G 95 -15.56 30.82 -9.71
C ILE G 95 -14.37 31.46 -10.41
N SER G 96 -13.86 30.76 -11.42
CA SER G 96 -12.70 31.22 -12.19
C SER G 96 -12.89 32.59 -12.84
N ALA G 97 -13.98 32.77 -13.57
CA ALA G 97 -14.17 33.96 -14.37
C ALA G 97 -14.24 35.18 -13.45
N PHE G 98 -14.99 35.06 -12.36
CA PHE G 98 -15.05 36.15 -11.38
C PHE G 98 -13.72 36.46 -10.70
N ASP G 99 -13.02 35.41 -10.27
CA ASP G 99 -11.69 35.57 -9.70
C ASP G 99 -10.75 36.38 -10.60
N ILE G 100 -10.75 36.07 -11.88
CA ILE G 100 -9.90 36.78 -12.85
C ILE G 100 -10.25 38.28 -12.88
N ALA G 101 -11.55 38.58 -12.94
CA ALA G 101 -12.04 39.96 -12.92
C ALA G 101 -11.64 40.72 -11.64
N PHE G 102 -11.67 40.02 -10.50
CA PHE G 102 -11.33 40.64 -9.23
C PHE G 102 -9.87 41.05 -9.18
N TRP G 103 -8.98 40.15 -9.62
CA TRP G 103 -7.57 40.51 -9.75
C TRP G 103 -7.31 41.64 -10.75
N ASP G 104 -8.06 41.68 -11.85
CA ASP G 104 -7.99 42.79 -12.81
C ASP G 104 -8.31 44.11 -12.07
N ILE G 105 -9.40 44.10 -11.31
CA ILE G 105 -9.78 45.24 -10.45
C ILE G 105 -8.67 45.66 -9.48
N LYS G 106 -8.11 44.69 -8.74
CA LYS G 106 -7.03 44.98 -7.78
C LYS G 106 -5.85 45.66 -8.46
N GLY G 107 -5.44 45.12 -9.61
CA GLY G 107 -4.35 45.71 -10.35
C GLY G 107 -4.64 47.13 -10.81
N LYS G 108 -5.85 47.36 -11.33
CA LYS G 108 -6.24 48.69 -11.77
C LYS G 108 -6.26 49.67 -10.60
N ALA G 109 -6.75 49.20 -9.45
CA ALA G 109 -6.88 50.05 -8.26
C ALA G 109 -5.51 50.46 -7.70
N LEU G 110 -4.51 49.61 -7.94
CA LEU G 110 -3.18 49.79 -7.36
C LEU G 110 -2.18 50.29 -8.40
N ASN G 111 -2.67 50.52 -9.62
CA ASN G 111 -1.84 50.87 -10.77
C ASN G 111 -0.67 49.89 -10.97
N LEU G 112 -0.98 48.60 -10.92
CA LEU G 112 0.02 47.54 -11.10
C LEU G 112 -0.52 46.45 -12.01
N PRO G 113 0.37 45.86 -12.82
CA PRO G 113 -0.01 44.63 -13.51
C PRO G 113 -0.29 43.52 -12.51
N VAL G 114 -1.23 42.64 -12.85
CA VAL G 114 -1.54 41.51 -11.99
C VAL G 114 -0.33 40.70 -11.54
N TYR G 115 0.65 40.44 -12.42
CA TYR G 115 1.78 39.60 -12.02
C TYR G 115 2.52 40.15 -10.80
N LYS G 116 2.55 41.48 -10.66
CA LYS G 116 3.17 42.11 -9.50
CA LYS G 116 3.17 42.11 -9.50
C LYS G 116 2.44 41.76 -8.21
N LEU G 117 1.14 41.51 -8.30
CA LEU G 117 0.35 41.13 -7.13
C LEU G 117 0.38 39.61 -6.88
N LEU G 118 0.84 38.85 -7.87
CA LEU G 118 0.96 37.38 -7.73
C LEU G 118 2.32 36.91 -7.23
N GLY G 119 3.22 37.86 -6.93
CA GLY G 119 4.56 37.51 -6.47
C GLY G 119 5.71 37.91 -7.38
N GLY G 120 5.39 38.57 -8.49
CA GLY G 120 6.41 39.18 -9.34
C GLY G 120 6.91 38.25 -10.43
N LYS G 121 7.82 38.73 -11.26
CA LYS G 121 8.37 37.95 -12.37
C LYS G 121 9.36 36.88 -11.90
N ASN G 122 9.32 35.71 -12.54
CA ASN G 122 10.34 34.67 -12.38
C ASN G 122 11.25 34.53 -13.58
N ARG G 123 10.95 35.29 -14.63
CA ARG G 123 11.71 35.25 -15.89
C ARG G 123 11.28 36.50 -16.68
N GLU G 124 12.08 36.87 -17.66
CA GLU G 124 11.82 38.12 -18.39
C GLU G 124 10.83 37.94 -19.54
N ASP G 125 10.77 36.73 -20.11
CA ASP G 125 9.78 36.40 -21.14
C ASP G 125 9.45 34.90 -21.06
N LEU G 126 8.49 34.46 -21.87
CA LEU G 126 7.98 33.08 -21.79
C LEU G 126 8.20 32.40 -23.12
N ARG G 127 8.83 31.23 -23.10
CA ARG G 127 8.86 30.33 -24.25
C ARG G 127 7.45 29.97 -24.71
N VAL G 128 7.24 29.97 -26.02
CA VAL G 128 5.92 29.70 -26.60
C VAL G 128 5.97 28.54 -27.59
N TYR G 129 4.93 27.70 -27.61
CA TYR G 129 4.74 26.81 -28.74
C TYR G 129 3.55 27.15 -29.62
N ALA G 130 3.70 26.81 -30.91
CA ALA G 130 2.63 26.92 -31.91
C ALA G 130 1.68 25.74 -31.79
N SER G 131 0.44 26.01 -31.35
CA SER G 131 -0.47 24.94 -30.94
C SER G 131 -1.44 24.55 -32.05
N GLN G 132 -1.74 23.25 -32.12
CA GLN G 132 -2.80 22.70 -32.96
C GLN G 132 -2.53 22.88 -34.46
N LEU G 133 -1.34 22.45 -34.88
CA LEU G 133 -0.93 22.46 -36.29
C LEU G 133 -1.90 21.76 -37.24
N GLN G 134 -2.62 20.75 -36.74
CA GLN G 134 -3.59 19.99 -37.55
C GLN G 134 -4.76 20.82 -38.05
N PHE G 135 -4.99 22.00 -37.46
CA PHE G 135 -5.99 22.93 -37.98
C PHE G 135 -5.37 24.04 -38.82
N GLY G 136 -4.08 23.89 -39.12
CA GLY G 136 -3.32 24.91 -39.88
C GLY G 136 -2.68 25.94 -38.98
N TRP G 137 -1.45 26.33 -39.29
CA TRP G 137 -0.85 27.54 -38.71
C TRP G 137 -1.13 28.75 -39.56
N GLY G 138 -2.02 29.58 -39.06
CA GLY G 138 -2.85 30.45 -39.85
C GLY G 138 -4.07 30.80 -39.03
N LYS G 139 -4.72 31.88 -39.38
CA LYS G 139 -5.89 32.32 -38.66
C LYS G 139 -7.01 31.33 -38.86
N GLU G 140 -6.84 30.61 -39.96
CA GLU G 140 -7.74 30.44 -41.07
C GLU G 140 -7.85 28.93 -40.99
N ARG G 141 -8.95 28.45 -40.46
CA ARG G 141 -8.95 27.17 -39.73
C ARG G 141 -9.37 26.02 -40.63
N LYS G 142 -8.42 25.17 -40.99
CA LYS G 142 -8.68 24.06 -41.90
C LYS G 142 -7.90 22.78 -41.58
N SER G 143 -8.64 21.70 -41.34
CA SER G 143 -8.06 20.45 -40.84
C SER G 143 -7.24 19.72 -41.90
N LYS G 144 -6.07 19.22 -41.49
CA LYS G 144 -5.11 18.65 -42.45
C LYS G 144 -5.18 17.13 -42.48
N GLY G 145 -4.90 16.56 -43.66
CA GLY G 145 -5.01 15.12 -43.87
C GLY G 145 -3.71 14.47 -44.30
N ARG G 146 -3.04 15.06 -45.28
CA ARG G 146 -1.83 14.45 -45.84
C ARG G 146 -0.63 14.80 -44.97
N LYS G 147 0.29 13.84 -44.83
CA LYS G 147 1.46 14.03 -43.96
C LYS G 147 2.31 15.24 -44.35
N GLU G 148 2.37 15.53 -45.64
CA GLU G 148 3.14 16.68 -46.12
C GLU G 148 2.54 17.99 -45.61
N GLU G 149 1.22 18.04 -45.43
CA GLU G 149 0.57 19.21 -44.85
C GLU G 149 0.97 19.46 -43.39
N TYR G 150 1.13 18.38 -42.63
CA TYR G 150 1.62 18.48 -41.24
C TYR G 150 3.03 19.10 -41.19
N ALA G 151 3.92 18.61 -42.04
CA ALA G 151 5.26 19.18 -42.15
C ALA G 151 5.21 20.65 -42.58
N GLU G 152 4.38 20.95 -43.58
CA GLU G 152 4.21 22.33 -44.07
C GLU G 152 3.82 23.30 -42.96
N GLU G 153 2.82 22.92 -42.16
CA GLU G 153 2.33 23.79 -41.10
C GLU G 153 3.40 23.99 -40.02
N ALA G 154 4.13 22.93 -39.71
CA ALA G 154 5.25 22.99 -38.76
C ALA G 154 6.31 23.98 -39.24
N LEU G 155 6.62 23.92 -40.54
CA LEU G 155 7.59 24.84 -41.13
C LEU G 155 7.14 26.30 -41.11
N LYS G 156 5.84 26.54 -41.29
CA LYS G 156 5.29 27.89 -41.19
C LYS G 156 5.54 28.46 -39.79
N ALA G 157 5.32 27.65 -38.77
CA ALA G 157 5.58 28.05 -37.39
C ALA G 157 7.05 28.30 -37.14
N VAL G 158 7.90 27.40 -37.63
CA VAL G 158 9.36 27.53 -37.44
C VAL G 158 9.86 28.83 -38.11
N ALA G 159 9.30 29.14 -39.27
CA ALA G 159 9.60 30.38 -39.98
C ALA G 159 9.26 31.64 -39.17
N GLU G 160 8.23 31.57 -38.35
CA GLU G 160 7.89 32.64 -37.41
C GLU G 160 8.77 32.71 -36.15
N GLY G 161 9.68 31.76 -36.01
CA GLY G 161 10.62 31.74 -34.89
C GLY G 161 10.21 30.88 -33.69
N TYR G 162 9.16 30.07 -33.83
CA TYR G 162 8.81 29.09 -32.79
C TYR G 162 9.82 27.97 -32.80
N ASP G 163 10.24 27.52 -31.61
CA ASP G 163 11.11 26.35 -31.48
C ASP G 163 10.39 25.16 -30.82
N ALA G 164 9.07 25.22 -30.83
CA ALA G 164 8.23 24.09 -30.37
C ALA G 164 6.87 24.19 -31.06
N VAL G 165 6.28 23.02 -31.31
CA VAL G 165 4.96 22.92 -31.94
C VAL G 165 4.14 21.83 -31.24
N LYS G 166 2.81 21.94 -31.32
CA LYS G 166 1.94 20.84 -30.84
C LYS G 166 0.96 20.44 -31.93
N VAL G 167 0.76 19.14 -32.04
CA VAL G 167 -0.09 18.59 -33.07
C VAL G 167 -0.86 17.39 -32.53
N ASP G 168 -2.12 17.30 -32.94
CA ASP G 168 -2.92 16.08 -32.72
C ASP G 168 -2.83 15.30 -34.03
N VAL G 169 -2.14 14.17 -33.98
CA VAL G 169 -1.89 13.38 -35.20
C VAL G 169 -2.85 12.22 -35.40
N LEU G 170 -3.68 11.94 -34.39
CA LEU G 170 -4.59 10.79 -34.49
C LEU G 170 -6.03 11.20 -34.86
N ALA G 171 -6.37 12.48 -34.63
CA ALA G 171 -7.76 12.91 -34.68
C ALA G 171 -8.41 12.82 -36.07
N HIS G 172 -7.61 13.06 -37.11
CA HIS G 172 -8.13 13.15 -38.49
C HIS G 172 -7.65 12.00 -39.35
N ASP G 173 -8.53 11.51 -40.23
CA ASP G 173 -8.12 10.56 -41.25
C ASP G 173 -7.25 11.24 -42.32
N ARG G 174 -6.81 10.47 -43.31
CA ARG G 174 -5.91 11.01 -44.35
C ARG G 174 -6.57 12.02 -45.27
N ASN G 175 -7.90 12.11 -45.21
CA ASN G 175 -8.65 13.13 -45.93
C ASN G 175 -8.87 14.41 -45.12
N GLY G 176 -8.43 14.41 -43.86
CA GLY G 176 -8.65 15.54 -42.96
C GLY G 176 -9.98 15.53 -42.23
N SER G 177 -10.68 14.39 -42.21
CA SER G 177 -11.94 14.28 -41.49
C SER G 177 -11.82 13.64 -40.10
N ARG G 178 -12.57 14.19 -39.15
CA ARG G 178 -12.75 13.57 -37.83
C ARG G 178 -13.78 12.46 -37.92
N GLU G 179 -14.62 12.48 -38.96
CA GLU G 179 -15.76 11.55 -39.00
C GLU G 179 -15.27 10.14 -39.20
N GLY G 180 -15.81 9.20 -38.43
CA GLY G 180 -15.47 7.79 -38.58
C GLY G 180 -14.21 7.41 -37.82
N VAL G 181 -13.57 8.40 -37.18
CA VAL G 181 -12.35 8.15 -36.40
C VAL G 181 -12.69 7.77 -34.96
N PHE G 182 -12.25 6.58 -34.55
CA PHE G 182 -12.52 6.07 -33.22
C PHE G 182 -11.23 5.50 -32.66
N LEU G 183 -10.87 5.91 -31.45
CA LEU G 183 -9.49 5.77 -31.00
C LEU G 183 -9.35 5.12 -29.62
N GLU G 184 -10.44 4.52 -29.13
CA GLU G 184 -10.41 3.73 -27.88
C GLU G 184 -10.15 2.24 -28.12
N GLY G 185 -9.39 1.64 -27.21
CA GLY G 185 -9.02 0.23 -27.30
C GLY G 185 -7.89 0.01 -28.29
N PRO G 186 -7.44 -1.23 -28.45
CA PRO G 186 -6.34 -1.48 -29.38
C PRO G 186 -6.62 -0.94 -30.78
N LEU G 187 -5.63 -0.26 -31.35
CA LEU G 187 -5.80 0.45 -32.62
C LEU G 187 -5.35 -0.40 -33.81
N PRO G 188 -5.97 -0.17 -34.99
CA PRO G 188 -5.45 -0.81 -36.21
C PRO G 188 -4.06 -0.31 -36.57
N SER G 189 -3.28 -1.19 -37.20
CA SER G 189 -1.94 -0.84 -37.69
CA SER G 189 -1.94 -0.83 -37.67
C SER G 189 -1.94 0.44 -38.53
N GLU G 190 -2.97 0.59 -39.37
CA GLU G 190 -3.00 1.73 -40.27
C GLU G 190 -3.20 3.07 -39.55
N THR G 191 -3.97 3.05 -38.46
CA THR G 191 -4.10 4.22 -37.61
C THR G 191 -2.79 4.63 -36.95
N ILE G 192 -2.06 3.64 -36.43
CA ILE G 192 -0.73 3.88 -35.88
C ILE G 192 0.15 4.50 -36.98
N LYS G 193 0.12 3.91 -38.17
CA LYS G 193 0.91 4.42 -39.30
C LYS G 193 0.62 5.88 -39.67
N ILE G 194 -0.65 6.25 -39.67
CA ILE G 194 -1.09 7.63 -39.94
C ILE G 194 -0.47 8.60 -38.90
N GLY G 195 -0.59 8.25 -37.62
CA GLY G 195 0.01 9.06 -36.54
C GLY G 195 1.52 9.15 -36.71
N VAL G 196 2.17 8.01 -36.91
CA VAL G 196 3.63 7.94 -37.03
C VAL G 196 4.12 8.77 -38.22
N GLU G 197 3.52 8.57 -39.40
CA GLU G 197 3.97 9.29 -40.60
C GLU G 197 3.89 10.81 -40.44
N ARG G 198 2.90 11.29 -39.67
CA ARG G 198 2.79 12.73 -39.38
C ARG G 198 3.88 13.22 -38.46
N VAL G 199 4.11 12.50 -37.36
CA VAL G 199 5.19 12.84 -36.43
C VAL G 199 6.54 12.82 -37.15
N GLU G 200 6.75 11.77 -37.94
CA GLU G 200 8.01 11.61 -38.66
C GLU G 200 8.18 12.73 -39.70
N ALA G 201 7.10 13.10 -40.39
CA ALA G 201 7.16 14.16 -41.41
C ALA G 201 7.53 15.49 -40.76
N ILE G 202 6.94 15.74 -39.59
CA ILE G 202 7.26 16.96 -38.85
C ILE G 202 8.71 16.94 -38.36
N ARG G 203 9.13 15.86 -37.70
CA ARG G 203 10.50 15.75 -37.18
C ARG G 203 11.54 15.92 -38.29
N ASN G 204 11.30 15.30 -39.44
CA ASN G 204 12.21 15.40 -40.58
C ASN G 204 12.34 16.84 -41.07
N ALA G 205 11.22 17.55 -41.08
CA ALA G 205 11.14 18.91 -41.58
C ALA G 205 11.77 19.92 -40.62
N VAL G 206 11.52 19.76 -39.32
CA VAL G 206 11.93 20.76 -38.33
C VAL G 206 13.32 20.51 -37.73
N GLY G 207 13.81 19.28 -37.85
CA GLY G 207 15.08 18.87 -37.23
C GLY G 207 14.97 18.66 -35.73
N PRO G 208 16.12 18.43 -35.06
CA PRO G 208 16.12 18.03 -33.65
C PRO G 208 15.87 19.16 -32.64
N ASP G 209 16.00 20.41 -33.06
CA ASP G 209 16.04 21.53 -32.11
C ASP G 209 14.72 22.29 -32.02
N VAL G 210 13.69 21.71 -32.62
CA VAL G 210 12.35 22.22 -32.47
C VAL G 210 11.56 21.12 -31.77
N ASP G 211 10.96 21.44 -30.64
CA ASP G 211 10.28 20.41 -29.87
C ASP G 211 8.91 20.07 -30.42
N ILE G 212 8.50 18.82 -30.27
CA ILE G 212 7.21 18.35 -30.78
C ILE G 212 6.39 17.80 -29.63
N ILE G 213 5.24 18.42 -29.40
CA ILE G 213 4.27 17.93 -28.42
C ILE G 213 3.16 17.21 -29.17
N VAL G 214 2.76 16.04 -28.67
CA VAL G 214 1.65 15.29 -29.25
C VAL G 214 0.42 15.35 -28.36
N GLU G 215 -0.68 15.76 -28.98
CA GLU G 215 -1.96 16.04 -28.31
CA GLU G 215 -1.92 15.94 -28.25
C GLU G 215 -2.96 14.93 -28.71
N ASN G 216 -3.48 14.17 -27.74
CA ASN G 216 -4.49 13.15 -28.04
C ASN G 216 -5.94 13.59 -27.82
N HIS G 217 -6.11 14.75 -27.18
CA HIS G 217 -7.43 15.39 -26.96
C HIS G 217 -8.41 14.49 -26.20
N GLY G 218 -7.88 13.59 -25.38
CA GLY G 218 -8.70 12.56 -24.72
C GLY G 218 -9.54 11.67 -25.63
N HIS G 219 -9.14 11.50 -26.89
CA HIS G 219 -9.84 10.61 -27.81
C HIS G 219 -9.40 9.18 -27.60
N THR G 220 -8.17 9.01 -27.10
CA THR G 220 -7.61 7.69 -26.82
C THR G 220 -8.00 7.27 -25.41
N ASP G 221 -7.71 6.02 -25.06
CA ASP G 221 -7.72 5.58 -23.67
C ASP G 221 -6.35 5.02 -23.33
N LEU G 222 -6.16 4.46 -22.13
CA LEU G 222 -4.80 4.07 -21.75
C LEU G 222 -4.22 3.01 -22.69
N VAL G 223 -5.05 2.09 -23.18
CA VAL G 223 -4.60 1.03 -24.08
C VAL G 223 -4.06 1.58 -25.41
N SER G 224 -4.89 2.37 -26.09
CA SER G 224 -4.43 2.98 -27.35
C SER G 224 -3.31 4.00 -27.14
N ALA G 225 -3.35 4.72 -26.02
CA ALA G 225 -2.29 5.69 -25.68
C ALA G 225 -0.92 5.02 -25.56
N ILE G 226 -0.88 3.87 -24.89
CA ILE G 226 0.35 3.11 -24.70
C ILE G 226 0.86 2.61 -26.05
N GLN G 227 -0.05 2.04 -26.84
CA GLN G 227 0.26 1.51 -28.17
C GLN G 227 0.90 2.57 -29.07
N PHE G 228 0.31 3.75 -29.09
CA PHE G 228 0.84 4.82 -29.92
C PHE G 228 2.16 5.38 -29.40
N ALA G 229 2.27 5.58 -28.08
CA ALA G 229 3.54 6.03 -27.50
C ALA G 229 4.73 5.16 -27.93
N LYS G 230 4.54 3.84 -27.91
CA LYS G 230 5.57 2.90 -28.37
C LYS G 230 6.04 3.21 -29.77
N ALA G 231 5.10 3.59 -30.63
CA ALA G 231 5.38 3.86 -32.04
C ALA G 231 6.09 5.18 -32.31
N ILE G 232 5.97 6.15 -31.39
CA ILE G 232 6.53 7.50 -31.61
C ILE G 232 7.67 7.92 -30.70
N GLU G 233 7.96 7.10 -29.70
CA GLU G 233 8.97 7.46 -28.70
C GLU G 233 10.32 7.77 -29.36
N GLU G 234 10.62 7.10 -30.47
CA GLU G 234 11.88 7.31 -31.19
C GLU G 234 12.07 8.74 -31.74
N PHE G 235 10.97 9.51 -31.79
CA PHE G 235 11.02 10.84 -32.38
C PHE G 235 11.28 11.98 -31.38
N ASN G 236 11.61 11.63 -30.13
CA ASN G 236 11.90 12.61 -29.09
C ASN G 236 10.71 13.54 -28.84
N ILE G 237 9.63 12.96 -28.35
CA ILE G 237 8.40 13.73 -28.08
C ILE G 237 8.58 14.49 -26.78
N PHE G 238 8.31 15.79 -26.84
CA PHE G 238 8.54 16.69 -25.70
C PHE G 238 7.62 16.37 -24.50
N PHE G 239 6.31 16.39 -24.76
CA PHE G 239 5.36 15.70 -23.89
C PHE G 239 4.12 15.25 -24.64
N TYR G 240 3.27 14.51 -23.94
CA TYR G 240 2.20 13.71 -24.54
C TYR G 240 0.93 14.03 -23.76
N GLU G 241 -0.01 14.71 -24.43
CA GLU G 241 -1.08 15.45 -23.73
C GLU G 241 -2.45 14.75 -23.82
N GLU G 242 -3.16 14.73 -22.69
CA GLU G 242 -4.54 14.25 -22.59
C GLU G 242 -4.74 12.88 -23.25
N ILE G 243 -4.08 11.86 -22.71
CA ILE G 243 -4.01 10.58 -23.41
C ILE G 243 -5.21 9.67 -23.11
N ASN G 244 -6.05 10.10 -22.18
CA ASN G 244 -7.25 9.32 -21.87
C ASN G 244 -8.29 10.20 -21.17
N THR G 245 -9.30 9.59 -20.54
CA THR G 245 -10.30 10.33 -19.75
C THR G 245 -9.77 10.55 -18.32
N PRO G 246 -9.77 11.80 -17.85
CA PRO G 246 -9.22 12.11 -16.51
C PRO G 246 -10.10 11.79 -15.29
N LEU G 247 -11.29 11.23 -15.51
CA LEU G 247 -12.24 10.98 -14.41
C LEU G 247 -11.89 9.82 -13.45
N ASN G 248 -11.10 8.84 -13.90
CA ASN G 248 -10.49 7.84 -13.00
C ASN G 248 -8.96 8.07 -12.96
N PRO G 249 -8.49 8.95 -12.05
CA PRO G 249 -7.09 9.42 -12.10
C PRO G 249 -6.03 8.32 -12.06
N ARG G 250 -6.32 7.21 -11.37
CA ARG G 250 -5.38 6.07 -11.27
C ARG G 250 -4.97 5.49 -12.62
N LEU G 251 -5.84 5.59 -13.63
CA LEU G 251 -5.50 5.07 -14.95
C LEU G 251 -4.28 5.74 -15.57
N LEU G 252 -4.06 7.01 -15.26
CA LEU G 252 -2.86 7.68 -15.76
C LEU G 252 -1.57 7.12 -15.15
N LYS G 253 -1.61 6.77 -13.87
CA LYS G 253 -0.48 6.08 -13.22
C LYS G 253 -0.22 4.76 -13.92
N GLU G 254 -1.28 4.04 -14.24
CA GLU G 254 -1.15 2.76 -14.96
C GLU G 254 -0.55 2.95 -16.35
N ALA G 255 -1.01 3.97 -17.08
CA ALA G 255 -0.45 4.34 -18.39
C ALA G 255 1.05 4.66 -18.28
N LYS G 256 1.43 5.40 -17.25
CA LYS G 256 2.81 5.86 -17.11
C LYS G 256 3.78 4.70 -16.89
N LYS G 257 3.28 3.61 -16.31
CA LYS G 257 4.09 2.38 -16.18
C LYS G 257 4.62 1.89 -17.53
N LYS G 258 3.90 2.20 -18.60
N LYS G 258 3.89 2.16 -18.60
CA LYS G 258 4.24 1.69 -19.92
CA LYS G 258 4.29 1.68 -19.91
C LYS G 258 4.68 2.75 -20.92
C LYS G 258 4.47 2.78 -20.95
N ILE G 259 4.70 4.00 -20.50
CA ILE G 259 5.00 5.13 -21.39
C ILE G 259 6.20 5.91 -20.85
N ASP G 260 7.20 6.06 -21.71
N ASP G 260 7.25 6.08 -21.64
CA ASP G 260 8.47 6.71 -21.41
CA ASP G 260 8.41 6.83 -21.14
C ASP G 260 8.61 8.05 -22.18
C ASP G 260 8.40 8.32 -21.49
N ILE G 261 7.47 8.71 -22.37
CA ILE G 261 7.38 10.12 -22.79
C ILE G 261 6.72 10.87 -21.61
N PRO G 262 7.21 12.09 -21.27
CA PRO G 262 6.52 12.85 -20.21
C PRO G 262 5.03 13.07 -20.53
N LEU G 263 4.19 12.98 -19.50
CA LEU G 263 2.74 13.12 -19.68
C LEU G 263 2.26 14.50 -19.28
N ALA G 264 1.27 15.01 -20.01
CA ALA G 264 0.64 16.30 -19.68
C ALA G 264 -0.87 16.17 -19.56
N SER G 265 -1.47 16.91 -18.63
CA SER G 265 -2.94 17.03 -18.57
C SER G 265 -3.33 18.22 -17.71
N GLY G 266 -4.54 18.75 -17.92
CA GLY G 266 -5.11 19.67 -16.95
C GLY G 266 -6.26 20.51 -17.41
N GLU G 267 -6.54 20.55 -18.71
CA GLU G 267 -7.62 21.39 -19.18
C GLU G 267 -8.98 20.83 -18.78
N ARG G 268 -9.02 19.55 -18.44
CA ARG G 268 -10.25 18.95 -17.92
C ARG G 268 -10.08 18.44 -16.48
N ILE G 269 -9.23 19.13 -15.73
CA ILE G 269 -9.00 18.84 -14.29
C ILE G 269 -9.08 20.17 -13.53
N TYR G 270 -9.85 20.23 -12.43
CA TYR G 270 -10.23 21.54 -11.86
C TYR G 270 -9.95 21.63 -10.36
N SER G 271 -9.37 22.75 -9.94
CA SER G 271 -9.05 23.02 -8.53
C SER G 271 -7.90 22.18 -7.96
N ARG G 272 -7.39 22.58 -6.81
CA ARG G 272 -6.45 21.74 -6.02
C ARG G 272 -6.96 20.31 -5.87
N TRP G 273 -8.27 20.16 -5.68
CA TRP G 273 -8.88 18.84 -5.44
C TRP G 273 -8.80 17.94 -6.67
N GLY G 274 -8.98 18.54 -7.85
CA GLY G 274 -8.83 17.82 -9.13
C GLY G 274 -7.41 17.32 -9.35
N PHE G 275 -6.43 18.17 -9.12
CA PHE G 275 -5.03 17.79 -9.35
C PHE G 275 -4.41 16.86 -8.31
N LEU G 276 -4.92 16.92 -7.08
CA LEU G 276 -4.37 16.14 -5.98
C LEU G 276 -4.03 14.66 -6.29
N PRO G 277 -5.02 13.87 -6.77
CA PRO G 277 -4.69 12.46 -6.99
C PRO G 277 -3.59 12.22 -8.02
N PHE G 278 -3.54 13.06 -9.06
CA PHE G 278 -2.48 12.98 -10.06
C PHE G 278 -1.10 13.32 -9.50
N LEU G 279 -1.05 14.27 -8.58
CA LEU G 279 0.19 14.56 -7.86
C LEU G 279 0.59 13.45 -6.88
N GLU G 280 -0.39 12.94 -6.14
CA GLU G 280 -0.18 11.78 -5.26
C GLU G 280 0.43 10.59 -6.00
N ASP G 281 -0.11 10.31 -7.19
CA ASP G 281 0.40 9.24 -8.05
C ASP G 281 1.65 9.63 -8.81
N ARG G 282 1.99 10.92 -8.79
CA ARG G 282 3.03 11.52 -9.64
C ARG G 282 2.91 11.13 -11.13
N SER G 283 1.68 11.13 -11.65
CA SER G 283 1.43 10.62 -13.00
C SER G 283 1.45 11.68 -14.12
N ILE G 284 1.44 12.95 -13.72
CA ILE G 284 1.54 14.07 -14.68
C ILE G 284 2.87 14.80 -14.51
N ASP G 285 3.61 14.92 -15.61
CA ASP G 285 4.85 15.71 -15.62
C ASP G 285 4.66 17.19 -15.85
N VAL G 286 3.69 17.54 -16.70
CA VAL G 286 3.38 18.93 -17.00
C VAL G 286 1.88 19.13 -16.84
N ILE G 287 1.48 19.93 -15.84
CA ILE G 287 0.04 20.15 -15.63
C ILE G 287 -0.40 21.35 -16.43
N GLN G 288 -1.66 21.31 -16.88
CA GLN G 288 -2.16 22.29 -17.82
C GLN G 288 -3.49 22.90 -17.38
N PRO G 289 -3.54 23.45 -16.15
CA PRO G 289 -4.81 24.04 -15.71
C PRO G 289 -5.13 25.24 -16.59
N ASP G 290 -6.42 25.46 -16.85
CA ASP G 290 -6.89 26.67 -17.53
C ASP G 290 -7.35 27.66 -16.45
N LEU G 291 -6.84 28.90 -16.48
CA LEU G 291 -7.29 29.92 -15.52
C LEU G 291 -8.81 30.05 -15.45
N GLY G 292 -9.48 29.88 -16.59
CA GLY G 292 -10.93 30.07 -16.66
C GLY G 292 -11.75 28.85 -16.29
N THR G 293 -11.10 27.75 -15.92
CA THR G 293 -11.83 26.60 -15.34
C THR G 293 -11.24 26.06 -14.04
N CYS G 294 -9.94 26.28 -13.77
CA CYS G 294 -9.32 25.65 -12.59
C CYS G 294 -9.66 26.35 -11.28
N GLY G 295 -10.19 27.57 -11.38
CA GLY G 295 -10.52 28.38 -10.21
C GLY G 295 -9.88 29.76 -10.20
N GLY G 296 -9.40 30.23 -11.37
CA GLY G 296 -8.93 31.62 -11.50
C GLY G 296 -7.47 31.76 -11.08
N PHE G 297 -6.99 32.99 -10.96
CA PHE G 297 -5.60 33.25 -10.51
C PHE G 297 -5.40 32.62 -9.12
N THR G 298 -6.38 32.80 -8.26
CA THR G 298 -6.26 32.37 -6.86
C THR G 298 -5.95 30.86 -6.82
N GLU G 299 -6.73 30.08 -7.54
CA GLU G 299 -6.56 28.63 -7.51
C GLU G 299 -5.40 28.10 -8.36
N PHE G 300 -5.16 28.72 -9.50
CA PHE G 300 -4.05 28.35 -10.38
C PHE G 300 -2.75 28.40 -9.58
N LYS G 301 -2.57 29.48 -8.82
CA LYS G 301 -1.36 29.64 -8.00
C LYS G 301 -1.25 28.51 -6.97
N LYS G 302 -2.36 28.18 -6.30
CA LYS G 302 -2.35 27.07 -5.34
C LYS G 302 -2.03 25.73 -6.02
N ILE G 303 -2.62 25.51 -7.20
CA ILE G 303 -2.29 24.32 -8.00
C ILE G 303 -0.80 24.27 -8.37
N ALA G 304 -0.29 25.35 -8.97
CA ALA G 304 1.12 25.40 -9.40
C ALA G 304 2.09 25.23 -8.21
N ASP G 305 1.74 25.85 -7.08
CA ASP G 305 2.56 25.76 -5.87
C ASP G 305 2.64 24.35 -5.28
N MET G 306 1.49 23.66 -5.25
CA MET G 306 1.45 22.25 -4.85
CA MET G 306 1.49 22.25 -4.84
C MET G 306 2.25 21.39 -5.82
N ALA G 307 2.03 21.62 -7.13
CA ALA G 307 2.72 20.84 -8.17
C ALA G 307 4.25 20.95 -8.06
N HIS G 308 4.76 22.12 -7.67
CA HIS G 308 6.21 22.33 -7.50
C HIS G 308 6.88 21.32 -6.53
N ILE G 309 6.17 20.95 -5.46
CA ILE G 309 6.62 19.98 -4.44
CA ILE G 309 6.69 20.02 -4.46
C ILE G 309 6.92 18.64 -5.08
N PHE G 310 6.23 18.37 -6.18
CA PHE G 310 6.28 17.05 -6.84
C PHE G 310 7.15 17.08 -8.10
N GLU G 311 7.93 18.16 -8.25
CA GLU G 311 8.78 18.38 -9.45
C GLU G 311 7.96 18.22 -10.73
N VAL G 312 6.83 18.95 -10.74
CA VAL G 312 5.91 19.03 -11.87
C VAL G 312 5.96 20.49 -12.34
N THR G 313 5.95 20.70 -13.66
CA THR G 313 5.97 22.05 -14.20
C THR G 313 4.64 22.35 -14.86
N VAL G 314 4.46 23.59 -15.31
CA VAL G 314 3.12 24.09 -15.61
C VAL G 314 3.11 24.76 -16.97
N GLN G 315 2.12 24.43 -17.79
CA GLN G 315 1.80 25.23 -18.99
C GLN G 315 0.31 25.54 -18.92
N ALA G 316 -0.08 26.81 -18.75
CA ALA G 316 -1.51 27.15 -18.71
C ALA G 316 -2.18 26.66 -20.00
N HIS G 317 -3.34 26.04 -19.87
CA HIS G 317 -4.15 25.78 -21.04
C HIS G 317 -4.80 27.09 -21.49
N VAL G 318 -4.59 27.45 -22.75
CA VAL G 318 -5.05 28.74 -23.27
C VAL G 318 -5.87 28.57 -24.55
N ALA G 319 -7.13 28.92 -24.45
CA ALA G 319 -8.03 29.08 -25.58
C ALA G 319 -9.00 30.24 -25.26
N GLY G 320 -9.86 30.58 -26.20
CA GLY G 320 -10.81 31.65 -25.97
C GLY G 320 -10.17 32.97 -26.32
N THR G 321 -10.63 34.04 -25.69
CA THR G 321 -10.34 35.39 -26.16
C THR G 321 -9.02 35.94 -25.67
N GLY G 322 -8.72 37.18 -26.08
CA GLY G 322 -7.61 37.95 -25.54
C GLY G 322 -7.66 38.22 -24.04
N VAL G 323 -8.85 38.17 -23.42
CA VAL G 323 -8.95 38.21 -21.94
C VAL G 323 -8.27 37.01 -21.29
N ALA G 324 -8.64 35.80 -21.72
CA ALA G 324 -8.01 34.57 -21.25
C ALA G 324 -6.52 34.56 -21.51
N GLU G 325 -6.10 34.96 -22.72
CA GLU G 325 -4.68 34.90 -23.01
C GLU G 325 -3.87 35.94 -22.25
N ALA G 326 -4.35 37.18 -22.18
CA ALA G 326 -3.65 38.19 -21.34
C ALA G 326 -3.51 37.72 -19.88
N ALA G 327 -4.59 37.22 -19.29
CA ALA G 327 -4.56 36.74 -17.91
C ALA G 327 -3.53 35.61 -17.72
N SER G 328 -3.46 34.69 -18.66
CA SER G 328 -2.57 33.52 -18.55
C SER G 328 -1.11 33.93 -18.44
N LEU G 329 -0.73 34.98 -19.15
CA LEU G 329 0.64 35.45 -19.12
C LEU G 329 1.07 35.92 -17.74
N HIS G 330 0.16 36.63 -17.03
CA HIS G 330 0.42 37.03 -15.65
C HIS G 330 0.62 35.83 -14.74
N ALA G 331 -0.27 34.85 -14.85
CA ALA G 331 -0.21 33.64 -14.03
C ALA G 331 1.13 32.91 -14.22
N GLU G 332 1.56 32.80 -15.48
CA GLU G 332 2.73 31.98 -15.82
C GLU G 332 4.05 32.66 -15.45
N ILE G 333 4.12 33.98 -15.63
CA ILE G 333 5.38 34.66 -15.35
C ILE G 333 5.67 34.69 -13.84
N ALA G 334 4.61 34.60 -13.04
CA ALA G 334 4.71 34.70 -11.57
C ALA G 334 4.97 33.38 -10.85
N ILE G 335 5.10 32.27 -11.57
CA ILE G 335 5.43 30.99 -10.94
C ILE G 335 6.85 30.54 -11.30
N PRO G 336 7.55 29.88 -10.36
CA PRO G 336 8.89 29.37 -10.70
C PRO G 336 8.88 28.13 -11.61
N ASN G 337 7.83 27.31 -11.54
CA ASN G 337 7.80 26.03 -12.24
C ASN G 337 7.03 26.10 -13.55
N PHE G 338 7.34 27.11 -14.36
CA PHE G 338 6.74 27.28 -15.69
C PHE G 338 7.50 26.44 -16.71
N CYS G 339 6.78 25.75 -17.60
CA CYS G 339 7.38 24.95 -18.66
C CYS G 339 7.43 25.70 -20.00
N ILE G 340 6.25 26.06 -20.52
CA ILE G 340 6.12 26.60 -21.90
C ILE G 340 4.71 27.17 -22.02
N HIS G 341 4.50 28.10 -22.94
CA HIS G 341 3.18 28.72 -23.13
C HIS G 341 2.54 28.28 -24.44
N GLU G 342 1.23 28.02 -24.40
CA GLU G 342 0.49 27.56 -25.56
C GLU G 342 -0.11 28.74 -26.36
N HIS G 343 0.17 28.79 -27.66
CA HIS G 343 -0.40 29.83 -28.52
C HIS G 343 -1.09 29.26 -29.76
N HIS G 344 -2.37 29.61 -29.97
CA HIS G 344 -3.05 29.56 -31.29
C HIS G 344 -2.96 30.93 -32.00
N GLN G 345 -2.90 30.94 -33.33
CA GLN G 345 -3.21 32.19 -34.04
C GLN G 345 -4.63 32.33 -34.59
N LYS G 346 -5.46 31.31 -34.39
CA LYS G 346 -6.90 31.51 -34.28
C LYS G 346 -7.22 32.84 -33.60
N THR G 347 -6.44 33.14 -32.56
CA THR G 347 -6.47 34.47 -31.93
C THR G 347 -6.51 35.69 -32.88
N LEU G 348 -5.98 35.55 -34.09
CA LEU G 348 -5.82 36.67 -35.04
C LEU G 348 -7.00 36.84 -36.03
N LEU G 349 -7.97 35.93 -35.97
CA LEU G 349 -9.19 36.03 -36.77
C LEU G 349 -9.93 37.31 -36.45
N PRO G 350 -10.53 37.96 -37.46
CA PRO G 350 -11.42 39.08 -37.15
C PRO G 350 -12.51 38.73 -36.12
N GLU G 351 -13.02 37.50 -36.16
CA GLU G 351 -13.99 36.98 -35.20
C GLU G 351 -13.50 37.00 -33.73
N TYR G 352 -12.22 36.73 -33.52
CA TYR G 352 -11.64 36.75 -32.18
C TYR G 352 -10.95 38.08 -31.86
N GLU G 353 -10.34 38.70 -32.87
CA GLU G 353 -9.61 39.95 -32.68
C GLU G 353 -10.52 41.14 -32.40
N GLU G 354 -11.73 41.12 -32.96
CA GLU G 354 -12.69 42.21 -32.76
C GLU G 354 -13.30 42.23 -31.35
N LEU G 355 -13.00 41.20 -30.56
CA LEU G 355 -13.59 41.04 -29.24
C LEU G 355 -12.85 41.85 -28.20
N CYS G 356 -11.54 42.02 -28.40
CA CYS G 356 -10.68 42.68 -27.40
C CYS G 356 -9.94 43.88 -27.95
N VAL G 357 -9.57 44.81 -27.07
CA VAL G 357 -8.89 46.04 -27.48
C VAL G 357 -7.43 45.78 -27.86
N HIS G 358 -6.75 44.93 -27.09
CA HIS G 358 -5.34 44.61 -27.34
C HIS G 358 -5.15 43.21 -27.86
N ASN G 359 -4.20 43.05 -28.79
CA ASN G 359 -3.92 41.78 -29.44
C ASN G 359 -2.49 41.32 -29.14
N TYR G 360 -2.32 40.60 -28.04
CA TYR G 360 -1.00 40.17 -27.58
C TYR G 360 -0.52 38.99 -28.38
N GLN G 361 0.63 39.17 -29.04
CA GLN G 361 1.21 38.14 -29.86
C GLN G 361 2.66 37.89 -29.46
N PRO G 362 3.13 36.65 -29.61
CA PRO G 362 4.54 36.35 -29.40
C PRO G 362 5.41 36.97 -30.49
N VAL G 363 6.69 37.12 -30.19
CA VAL G 363 7.69 37.53 -31.16
C VAL G 363 8.83 36.52 -31.12
N LYS G 364 9.14 35.94 -32.27
CA LYS G 364 10.14 34.87 -32.40
C LYS G 364 10.02 33.82 -31.29
N GLY G 365 8.80 33.36 -31.05
CA GLY G 365 8.57 32.26 -30.10
C GLY G 365 8.59 32.67 -28.63
N ARG G 366 8.57 33.97 -28.36
CA ARG G 366 8.65 34.49 -26.98
C ARG G 366 7.49 35.44 -26.71
N TYR G 367 6.86 35.28 -25.54
CA TYR G 367 5.82 36.20 -25.06
C TYR G 367 6.32 37.11 -23.94
N LYS G 368 5.96 38.40 -23.99
CA LYS G 368 6.07 39.31 -22.85
C LYS G 368 4.71 39.41 -22.11
N VAL G 369 4.76 39.45 -20.79
CA VAL G 369 3.54 39.69 -20.00
C VAL G 369 3.10 41.14 -20.25
N PRO G 370 1.79 41.40 -20.34
CA PRO G 370 1.36 42.80 -20.50
C PRO G 370 1.78 43.70 -19.34
N GLU G 371 2.38 44.84 -19.69
N GLU G 371 2.30 44.89 -19.62
CA GLU G 371 2.82 45.81 -18.70
CA GLU G 371 2.78 45.76 -18.55
C GLU G 371 1.82 46.96 -18.67
C GLU G 371 1.82 46.88 -18.15
N LEU G 372 0.69 46.70 -18.05
N LEU G 372 0.53 46.66 -18.40
CA LEU G 372 -0.41 47.64 -17.92
CA LEU G 372 -0.52 47.62 -18.02
C LEU G 372 -1.09 47.28 -16.62
C LEU G 372 -1.07 47.29 -16.64
N PRO G 373 -1.81 48.23 -16.00
CA PRO G 373 -2.58 47.87 -14.80
C PRO G 373 -3.59 46.74 -15.02
N GLY G 374 -3.77 45.90 -14.00
CA GLY G 374 -4.66 44.76 -14.10
C GLY G 374 -4.12 43.70 -15.05
N ILE G 375 -5.01 43.05 -15.79
CA ILE G 375 -4.57 42.03 -16.75
C ILE G 375 -4.09 42.64 -18.07
N GLY G 376 -4.42 43.91 -18.28
CA GLY G 376 -4.00 44.62 -19.46
C GLY G 376 -4.85 44.31 -20.69
N GLN G 377 -6.14 44.07 -20.46
CA GLN G 377 -7.04 43.74 -21.55
C GLN G 377 -8.40 44.39 -21.31
N ASP G 378 -9.11 44.66 -22.40
CA ASP G 378 -10.49 45.16 -22.32
C ASP G 378 -11.27 44.66 -23.52
N ILE G 379 -12.59 44.66 -23.40
CA ILE G 379 -13.47 44.26 -24.48
C ILE G 379 -13.84 45.48 -25.32
N THR G 380 -14.35 45.24 -26.52
CA THR G 380 -14.78 46.34 -27.39
C THR G 380 -16.22 46.74 -27.12
N GLU G 381 -16.62 47.88 -27.69
CA GLU G 381 -18.03 48.29 -27.78
C GLU G 381 -18.89 47.29 -28.55
N LYS G 382 -18.31 46.65 -29.57
CA LYS G 382 -18.99 45.66 -30.41
C LYS G 382 -19.61 44.52 -29.60
N LEU G 383 -18.93 44.11 -28.53
CA LEU G 383 -19.30 42.94 -27.73
C LEU G 383 -20.75 42.90 -27.31
N TYR G 384 -21.26 44.04 -26.83
CA TYR G 384 -22.64 44.17 -26.40
C TYR G 384 -23.64 43.67 -27.46
N GLN G 385 -23.37 43.99 -28.73
CA GLN G 385 -24.29 43.69 -29.82
C GLN G 385 -24.10 42.31 -30.45
N ILE G 386 -22.98 41.64 -30.16
CA ILE G 386 -22.74 40.30 -30.67
C ILE G 386 -22.68 39.23 -29.57
N SER G 387 -23.45 39.47 -28.51
CA SER G 387 -23.52 38.55 -27.38
C SER G 387 -24.95 38.42 -26.88
N ASP G 388 -25.29 37.24 -26.37
CA ASP G 388 -26.34 37.13 -25.36
C ASP G 388 -25.84 37.79 -24.09
N TYR G 389 -26.58 38.81 -23.65
CA TYR G 389 -26.12 39.75 -22.64
C TYR G 389 -27.06 39.72 -21.45
N VAL G 390 -26.48 39.61 -20.26
CA VAL G 390 -27.21 39.57 -19.00
C VAL G 390 -26.55 40.58 -18.06
N SER G 391 -27.34 41.41 -17.40
CA SER G 391 -26.83 42.38 -16.45
C SER G 391 -27.48 42.19 -15.07
N ILE G 392 -26.67 42.23 -14.02
CA ILE G 392 -27.14 42.06 -12.65
C ILE G 392 -26.68 43.26 -11.80
N GLU G 393 -27.62 43.89 -11.10
CA GLU G 393 -27.31 44.93 -10.10
C GLU G 393 -28.04 44.63 -8.78
N ALA G 394 -27.89 45.51 -7.79
CA ALA G 394 -28.62 45.37 -6.52
C ALA G 394 -30.11 45.63 -6.69
N SER H 2 2.28 -48.59 16.61
CA SER H 2 2.96 -49.52 17.57
C SER H 2 4.41 -49.11 17.84
N LEU H 3 5.04 -48.46 16.86
CA LEU H 3 6.47 -48.18 16.88
C LEU H 3 6.85 -47.17 17.96
N LYS H 4 8.00 -47.40 18.58
CA LYS H 4 8.60 -46.44 19.50
C LYS H 4 10.07 -46.26 19.15
N ILE H 5 10.53 -45.02 19.11
CA ILE H 5 11.96 -44.75 18.91
CA ILE H 5 11.95 -44.72 18.93
C ILE H 5 12.74 -45.19 20.14
N THR H 6 13.76 -46.00 19.91
CA THR H 6 14.57 -46.55 21.00
C THR H 6 16.02 -46.09 21.00
N LYS H 7 16.51 -45.69 19.83
CA LYS H 7 17.90 -45.29 19.70
C LYS H 7 18.03 -44.26 18.59
N ILE H 8 18.92 -43.30 18.82
CA ILE H 8 19.26 -42.30 17.82
C ILE H 8 20.78 -42.23 17.73
N GLU H 9 21.29 -42.39 16.51
CA GLU H 9 22.72 -42.30 16.27
C GLU H 9 23.02 -41.17 15.31
N ILE H 10 24.05 -40.39 15.63
CA ILE H 10 24.38 -39.20 14.84
C ILE H 10 25.83 -39.31 14.37
N PHE H 11 26.00 -39.17 13.06
CA PHE H 11 27.30 -39.34 12.41
C PHE H 11 27.71 -38.00 11.83
N HIS H 12 28.66 -37.33 12.48
CA HIS H 12 29.28 -36.16 11.87
C HIS H 12 30.52 -36.59 11.10
N VAL H 13 30.35 -36.83 9.80
CA VAL H 13 31.38 -37.50 8.98
C VAL H 13 32.67 -36.69 8.89
N HIS H 14 33.80 -37.36 9.07
CA HIS H 14 35.11 -36.71 8.99
C HIS H 14 35.35 -36.06 7.63
N THR H 15 36.19 -35.03 7.62
CA THR H 15 36.44 -34.20 6.42
C THR H 15 36.64 -35.04 5.17
N ARG H 16 35.83 -34.75 4.15
CA ARG H 16 36.00 -35.38 2.85
C ARG H 16 37.12 -34.67 2.08
N PRO H 17 38.20 -35.41 1.72
CA PRO H 17 39.47 -34.84 1.24
C PRO H 17 39.38 -33.76 0.13
N GLN H 18 38.70 -34.06 -0.97
CA GLN H 18 38.65 -33.14 -2.11
C GLN H 18 37.76 -31.92 -1.87
N SER H 19 36.56 -32.15 -1.35
CA SER H 19 35.57 -31.09 -1.14
C SER H 19 35.80 -30.30 0.14
N GLY H 20 36.44 -30.93 1.12
CA GLY H 20 36.65 -30.32 2.44
C GLY H 20 35.40 -30.38 3.31
N GLN H 21 34.39 -31.12 2.87
CA GLN H 21 33.05 -31.08 3.49
C GLN H 21 32.87 -32.16 4.55
N ARG H 22 31.81 -32.05 5.34
CA ARG H 22 31.56 -32.96 6.47
C ARG H 22 30.04 -33.17 6.61
N PRO H 23 29.52 -34.18 5.91
CA PRO H 23 28.09 -34.51 6.04
C PRO H 23 27.66 -34.91 7.45
N ILE H 24 26.37 -34.75 7.74
CA ILE H 24 25.80 -35.03 9.06
C ILE H 24 24.58 -35.89 8.84
N LEU H 25 24.68 -37.14 9.28
CA LEU H 25 23.61 -38.12 9.09
C LEU H 25 23.06 -38.56 10.44
N VAL H 26 21.79 -38.96 10.45
CA VAL H 26 21.14 -39.48 11.64
C VAL H 26 20.45 -40.81 11.31
N LYS H 27 20.65 -41.79 12.19
CA LYS H 27 19.95 -43.07 12.11
C LYS H 27 19.03 -43.23 13.30
N VAL H 28 17.75 -43.38 13.02
CA VAL H 28 16.73 -43.46 14.07
C VAL H 28 16.23 -44.90 14.10
N SER H 29 16.43 -45.58 15.23
CA SER H 29 16.01 -46.97 15.38
C SER H 29 14.75 -47.10 16.24
N THR H 30 13.96 -48.15 15.97
CA THR H 30 12.71 -48.39 16.70
C THR H 30 12.74 -49.72 17.48
N ASP H 31 11.75 -49.89 18.35
CA ASP H 31 11.64 -51.11 19.15
C ASP H 31 11.45 -52.36 18.28
N GLU H 32 10.82 -52.19 17.13
CA GLU H 32 10.57 -53.31 16.21
C GLU H 32 11.72 -53.60 15.25
N GLY H 33 12.84 -52.88 15.40
CA GLY H 33 14.01 -53.12 14.57
C GLY H 33 14.06 -52.35 13.24
N ILE H 34 12.96 -51.71 12.87
CA ILE H 34 12.92 -50.83 11.69
C ILE H 34 13.73 -49.56 12.01
N TYR H 35 14.61 -49.15 11.09
CA TYR H 35 15.29 -47.87 11.25
C TYR H 35 15.12 -46.96 10.05
N GLY H 36 15.39 -45.68 10.26
CA GLY H 36 15.31 -44.68 9.20
C GLY H 36 16.58 -43.85 9.17
N LEU H 37 16.93 -43.37 7.98
CA LEU H 37 18.07 -42.49 7.80
C LEU H 37 17.61 -41.09 7.39
N GLY H 38 18.26 -40.08 7.96
CA GLY H 38 18.08 -38.69 7.52
C GLY H 38 19.39 -37.95 7.49
N GLU H 39 19.35 -36.74 6.95
CA GLU H 39 20.55 -35.96 6.71
C GLU H 39 20.23 -34.49 7.01
N ALA H 40 21.17 -33.80 7.67
CA ALA H 40 21.05 -32.37 7.95
C ALA H 40 21.83 -31.62 6.87
N GLY H 41 21.22 -30.61 6.27
CA GLY H 41 21.73 -30.06 5.01
C GLY H 41 22.81 -29.01 5.18
N ILE H 42 23.74 -29.26 6.10
CA ILE H 42 24.80 -28.30 6.39
CA ILE H 42 24.80 -28.30 6.39
C ILE H 42 26.15 -29.00 6.22
N ALA H 43 26.28 -29.76 5.13
CA ALA H 43 27.52 -30.53 4.86
C ALA H 43 28.70 -29.66 4.43
N TYR H 44 28.40 -28.52 3.82
CA TYR H 44 29.42 -27.56 3.37
C TYR H 44 29.25 -26.23 4.11
N GLY H 45 30.17 -25.30 3.85
CA GLY H 45 30.26 -24.08 4.65
C GLY H 45 30.66 -24.39 6.09
N VAL H 46 30.39 -23.44 6.98
CA VAL H 46 30.88 -23.50 8.36
C VAL H 46 29.67 -23.62 9.29
N GLY H 47 29.58 -24.74 10.01
CA GLY H 47 28.49 -24.94 10.98
C GLY H 47 28.03 -26.36 11.18
N GLY H 48 28.67 -27.32 10.52
CA GLY H 48 28.29 -28.73 10.67
C GLY H 48 28.28 -29.25 12.09
N SER H 49 29.19 -28.75 12.94
CA SER H 49 29.25 -29.19 14.34
C SER H 49 28.02 -28.71 15.09
N ALA H 50 27.47 -27.57 14.67
CA ALA H 50 26.22 -27.07 15.26
C ALA H 50 25.04 -27.99 14.88
N ALA H 51 25.03 -28.48 13.66
CA ALA H 51 24.03 -29.47 13.22
C ALA H 51 24.13 -30.77 14.04
N ALA H 52 25.35 -31.27 14.25
CA ALA H 52 25.54 -32.47 15.08
C ALA H 52 25.03 -32.21 16.49
N GLY H 53 25.29 -31.01 16.99
CA GLY H 53 24.80 -30.57 18.31
C GLY H 53 23.29 -30.48 18.46
N ILE H 54 22.61 -29.87 17.49
CA ILE H 54 21.15 -29.73 17.58
C ILE H 54 20.47 -31.11 17.53
N LEU H 55 21.04 -32.02 16.72
CA LEU H 55 20.49 -33.36 16.61
C LEU H 55 20.60 -34.09 17.93
N LYS H 56 21.74 -33.93 18.61
CA LYS H 56 21.95 -34.51 19.93
C LYS H 56 20.92 -34.00 20.95
N ASP H 57 20.67 -32.69 20.93
CA ASP H 57 19.74 -32.08 21.87
C ASP H 57 18.29 -32.46 21.59
N TYR H 58 17.91 -32.49 20.32
CA TYR H 58 16.53 -32.84 19.93
C TYR H 58 16.28 -34.30 20.25
N ALA H 59 17.32 -35.13 20.15
CA ALA H 59 17.19 -36.58 20.36
C ALA H 59 16.54 -36.92 21.71
N ALA H 60 16.84 -36.14 22.74
CA ALA H 60 16.29 -36.36 24.08
C ALA H 60 14.77 -36.27 24.11
N LEU H 61 14.19 -35.45 23.22
CA LEU H 61 12.75 -35.26 23.15
C LEU H 61 12.04 -36.33 22.30
N LEU H 62 12.83 -37.17 21.63
CA LEU H 62 12.29 -38.06 20.62
C LEU H 62 12.30 -39.53 21.00
N ILE H 63 13.20 -39.90 21.91
CA ILE H 63 13.21 -41.29 22.42
C ILE H 63 11.83 -41.57 23.00
N GLY H 64 11.22 -42.69 22.59
CA GLY H 64 9.88 -43.04 23.07
C GLY H 64 8.75 -42.59 22.17
N GLU H 65 9.03 -41.64 21.27
CA GLU H 65 8.02 -41.16 20.30
C GLU H 65 7.68 -42.18 19.22
N ASP H 66 6.48 -42.02 18.65
CA ASP H 66 6.02 -42.85 17.55
C ASP H 66 6.36 -42.10 16.27
N PRO H 67 7.22 -42.70 15.41
CA PRO H 67 7.66 -42.02 14.18
C PRO H 67 6.56 -41.81 13.14
N PHE H 68 5.41 -42.44 13.30
CA PHE H 68 4.25 -42.09 12.49
C PHE H 68 3.64 -40.73 12.81
N ASN H 69 3.95 -40.20 13.99
CA ASN H 69 3.37 -38.92 14.41
C ASN H 69 4.23 -37.75 13.95
N THR H 70 4.47 -37.68 12.65
CA THR H 70 5.40 -36.66 12.10
C THR H 70 4.87 -35.24 12.30
N GLU H 71 3.55 -35.04 12.20
CA GLU H 71 2.99 -33.69 12.40
C GLU H 71 3.18 -33.20 13.83
N ALA H 72 2.83 -34.04 14.81
CA ALA H 72 2.95 -33.68 16.22
C ALA H 72 4.40 -33.53 16.64
N ILE H 73 5.28 -34.40 16.15
CA ILE H 73 6.70 -34.27 16.46
C ILE H 73 7.30 -32.99 15.86
N TRP H 74 6.93 -32.68 14.61
CA TRP H 74 7.40 -31.43 13.97
C TRP H 74 6.98 -30.24 14.81
N GLU H 75 5.72 -30.20 15.22
CA GLU H 75 5.18 -29.10 15.98
C GLU H 75 5.80 -29.03 17.38
N LYS H 76 6.11 -30.18 17.97
CA LYS H 76 6.82 -30.24 19.27
C LYS H 76 8.24 -29.66 19.20
N LEU H 77 9.00 -30.03 18.17
CA LEU H 77 10.35 -29.47 18.00
C LEU H 77 10.26 -27.97 17.68
N PHE H 78 9.19 -27.58 17.00
CA PHE H 78 8.93 -26.16 16.71
C PHE H 78 8.54 -25.36 17.97
N LYS H 79 7.63 -25.90 18.78
CA LYS H 79 6.96 -25.15 19.86
C LYS H 79 7.50 -25.39 21.27
N LYS H 80 8.17 -26.52 21.48
CA LYS H 80 8.54 -26.95 22.85
C LYS H 80 10.04 -26.85 23.15
N THR H 81 10.82 -26.40 22.17
CA THR H 81 12.27 -26.32 22.30
C THR H 81 12.69 -24.91 22.71
N PHE H 82 11.70 -24.00 22.71
CA PHE H 82 11.91 -22.54 22.78
C PHE H 82 12.53 -21.94 21.50
N TRP H 83 13.68 -22.46 21.08
CA TRP H 83 14.39 -21.85 19.95
C TRP H 83 13.72 -22.13 18.59
N GLY H 84 12.93 -23.21 18.53
CA GLY H 84 12.13 -23.50 17.32
C GLY H 84 11.38 -22.28 16.83
N GLN H 85 10.79 -21.52 17.76
CA GLN H 85 9.97 -20.36 17.39
C GLN H 85 10.75 -19.14 16.93
N GLY H 86 12.07 -19.17 17.16
CA GLY H 86 12.96 -18.14 16.65
C GLY H 86 13.54 -18.50 15.30
N GLY H 87 13.51 -19.78 14.95
CA GLY H 87 13.92 -20.23 13.61
C GLY H 87 15.42 -20.30 13.44
N GLY H 88 15.85 -20.67 12.24
CA GLY H 88 17.25 -20.59 11.85
C GLY H 88 17.74 -21.81 11.09
N THR H 89 18.89 -21.64 10.43
CA THR H 89 19.53 -22.70 9.64
C THR H 89 19.68 -23.97 10.46
N VAL H 90 20.30 -23.84 11.63
CA VAL H 90 20.64 -25.02 12.43
C VAL H 90 19.38 -25.59 13.08
N ILE H 91 18.56 -24.71 13.65
CA ILE H 91 17.28 -25.11 14.28
C ILE H 91 16.43 -25.96 13.32
N PHE H 92 16.23 -25.46 12.11
CA PHE H 92 15.46 -26.18 11.11
C PHE H 92 16.15 -27.41 10.51
N SER H 93 17.49 -27.42 10.43
CA SER H 93 18.21 -28.61 9.98
CA SER H 93 18.22 -28.61 9.98
C SER H 93 17.99 -29.78 10.92
N GLY H 94 17.86 -29.49 12.21
CA GLY H 94 17.62 -30.52 13.23
C GLY H 94 16.27 -31.18 13.02
N ILE H 95 15.25 -30.35 12.81
CA ILE H 95 13.89 -30.86 12.58
C ILE H 95 13.88 -31.68 11.29
N SER H 96 14.55 -31.16 10.26
CA SER H 96 14.57 -31.76 8.91
C SER H 96 15.13 -33.18 8.92
N ALA H 97 16.31 -33.35 9.53
CA ALA H 97 17.02 -34.64 9.46
C ALA H 97 16.19 -35.74 10.12
N PHE H 98 15.63 -35.42 11.30
CA PHE H 98 14.73 -36.36 11.96
C PHE H 98 13.48 -36.69 11.12
N ASP H 99 12.86 -35.65 10.58
CA ASP H 99 11.67 -35.83 9.74
C ASP H 99 11.92 -36.80 8.58
N ILE H 100 13.06 -36.65 7.90
CA ILE H 100 13.43 -37.54 6.79
C ILE H 100 13.53 -38.99 7.28
N ALA H 101 14.21 -39.20 8.39
CA ALA H 101 14.34 -40.54 8.98
C ALA H 101 12.99 -41.14 9.39
N PHE H 102 12.09 -40.30 9.90
CA PHE H 102 10.76 -40.77 10.27
C PHE H 102 10.01 -41.26 9.05
N TRP H 103 10.07 -40.50 7.95
CA TRP H 103 9.38 -40.93 6.73
C TRP H 103 10.00 -42.19 6.14
N ASP H 104 11.32 -42.31 6.22
CA ASP H 104 12.03 -43.57 5.89
C ASP H 104 11.43 -44.75 6.68
N ILE H 105 11.29 -44.58 8.00
CA ILE H 105 10.64 -45.59 8.85
C ILE H 105 9.21 -45.91 8.39
N LYS H 106 8.39 -44.88 8.12
CA LYS H 106 7.02 -45.09 7.68
C LYS H 106 6.95 -45.93 6.42
N GLY H 107 7.80 -45.60 5.45
CA GLY H 107 7.92 -46.37 4.22
C GLY H 107 8.26 -47.83 4.46
N LYS H 108 9.30 -48.06 5.25
CA LYS H 108 9.70 -49.43 5.58
C LYS H 108 8.59 -50.20 6.31
N ALA H 109 7.91 -49.52 7.23
CA ALA H 109 6.85 -50.13 8.04
C ALA H 109 5.64 -50.52 7.20
N LEU H 110 5.51 -49.91 6.03
CA LEU H 110 4.36 -50.11 5.15
C LEU H 110 4.73 -50.82 3.85
N ASN H 111 6.02 -51.15 3.70
CA ASN H 111 6.54 -51.84 2.51
C ASN H 111 6.39 -50.98 1.24
N LEU H 112 6.53 -49.67 1.39
CA LEU H 112 6.30 -48.75 0.28
C LEU H 112 7.42 -47.70 0.20
N PRO H 113 7.76 -47.27 -1.02
CA PRO H 113 8.64 -46.11 -1.17
C PRO H 113 7.96 -44.86 -0.64
N VAL H 114 8.76 -43.95 -0.10
CA VAL H 114 8.23 -42.73 0.54
C VAL H 114 7.29 -41.93 -0.36
N TYR H 115 7.59 -41.81 -1.66
CA TYR H 115 6.72 -40.99 -2.52
C TYR H 115 5.25 -41.45 -2.53
N LYS H 116 5.01 -42.75 -2.31
CA LYS H 116 3.65 -43.30 -2.19
C LYS H 116 2.92 -42.76 -0.95
N LEU H 117 3.66 -42.31 0.06
CA LEU H 117 3.08 -41.77 1.27
C LEU H 117 2.97 -40.25 1.20
N LEU H 118 3.60 -39.66 0.18
CA LEU H 118 3.60 -38.21 -0.02
C LEU H 118 2.56 -37.74 -1.06
N GLY H 119 1.77 -38.69 -1.57
CA GLY H 119 0.74 -38.37 -2.56
C GLY H 119 0.97 -38.94 -3.96
N GLY H 120 1.98 -39.78 -4.11
CA GLY H 120 2.19 -40.53 -5.35
C GLY H 120 3.07 -39.82 -6.37
N LYS H 121 3.10 -40.35 -7.59
CA LYS H 121 3.92 -39.81 -8.69
C LYS H 121 3.12 -38.78 -9.48
N ASN H 122 3.82 -37.73 -9.95
CA ASN H 122 3.22 -36.74 -10.83
C ASN H 122 3.80 -36.77 -12.24
N ARG H 123 4.81 -37.64 -12.41
CA ARG H 123 5.54 -37.80 -13.68
C ARG H 123 6.32 -39.11 -13.56
N GLU H 124 6.79 -39.64 -14.69
CA GLU H 124 7.48 -40.94 -14.67
C GLU H 124 8.97 -40.84 -14.36
N ASP H 125 9.55 -39.68 -14.65
CA ASP H 125 10.95 -39.43 -14.39
C ASP H 125 11.18 -37.93 -14.21
N LEU H 126 12.42 -37.54 -13.92
CA LEU H 126 12.74 -36.15 -13.59
C LEU H 126 13.88 -35.66 -14.45
N ARG H 127 13.67 -34.55 -15.14
CA ARG H 127 14.73 -33.81 -15.79
C ARG H 127 15.81 -33.41 -14.79
N VAL H 128 17.07 -33.55 -15.20
CA VAL H 128 18.20 -33.24 -14.33
C VAL H 128 19.13 -32.21 -14.97
N TYR H 129 19.72 -31.36 -14.14
CA TYR H 129 20.85 -30.57 -14.59
C TYR H 129 22.17 -30.93 -13.94
N ALA H 130 23.25 -30.70 -14.67
CA ALA H 130 24.59 -30.97 -14.15
C ALA H 130 25.07 -29.73 -13.41
N SER H 131 25.29 -29.87 -12.10
CA SER H 131 25.40 -28.70 -11.22
C SER H 131 26.84 -28.40 -10.80
N GLN H 132 27.19 -27.11 -10.89
CA GLN H 132 28.44 -26.53 -10.39
C GLN H 132 29.65 -26.86 -11.28
N LEU H 133 29.51 -26.60 -12.58
CA LEU H 133 30.55 -26.90 -13.57
C LEU H 133 31.90 -26.23 -13.27
N GLN H 134 31.85 -25.10 -12.56
CA GLN H 134 33.06 -24.35 -12.17
C GLN H 134 34.01 -25.15 -11.27
N PHE H 135 33.56 -26.28 -10.75
CA PHE H 135 34.41 -27.18 -9.97
C PHE H 135 34.80 -28.43 -10.76
N GLY H 136 34.39 -28.48 -12.02
CA GLY H 136 34.70 -29.60 -12.89
C GLY H 136 33.59 -30.64 -12.92
N TRP H 137 33.33 -31.20 -14.10
CA TRP H 137 32.42 -32.33 -14.22
C TRP H 137 33.08 -33.71 -14.41
N GLY H 138 33.32 -34.45 -13.33
CA GLY H 138 34.13 -34.00 -12.21
C GLY H 138 34.27 -35.07 -11.13
N LYS H 139 35.13 -36.05 -11.37
CA LYS H 139 35.64 -36.90 -10.28
C LYS H 139 36.92 -36.36 -9.64
N GLU H 140 37.59 -35.42 -10.31
CA GLU H 140 38.56 -34.55 -9.66
C GLU H 140 37.96 -33.16 -9.48
N ARG H 141 37.84 -32.73 -8.23
CA ARG H 141 37.33 -31.40 -7.91
C ARG H 141 38.43 -30.33 -8.04
N LYS H 142 38.30 -29.48 -9.05
CA LYS H 142 39.21 -28.34 -9.20
C LYS H 142 38.53 -27.13 -9.82
N SER H 143 38.64 -26.00 -9.13
CA SER H 143 38.02 -24.76 -9.58
C SER H 143 38.63 -24.25 -10.88
N LYS H 144 37.76 -23.78 -11.78
CA LYS H 144 38.14 -23.39 -13.12
C LYS H 144 38.26 -21.87 -13.22
N GLY H 145 39.24 -21.41 -14.00
CA GLY H 145 39.46 -19.96 -14.17
C GLY H 145 39.31 -19.45 -15.58
N ARG H 146 39.63 -20.30 -16.55
CA ARG H 146 39.67 -19.90 -17.95
C ARG H 146 38.40 -20.25 -18.69
N LYS H 147 37.96 -19.37 -19.59
CA LYS H 147 36.65 -19.52 -20.23
C LYS H 147 36.46 -20.81 -21.04
N GLU H 148 37.54 -21.28 -21.66
CA GLU H 148 37.55 -22.55 -22.38
C GLU H 148 37.29 -23.76 -21.46
N GLU H 149 37.71 -23.66 -20.21
CA GLU H 149 37.48 -24.71 -19.21
C GLU H 149 36.00 -24.82 -18.83
N TYR H 150 35.33 -23.66 -18.72
CA TYR H 150 33.89 -23.63 -18.49
C TYR H 150 33.15 -24.31 -19.64
N ALA H 151 33.54 -24.00 -20.87
CA ALA H 151 32.92 -24.62 -22.05
C ALA H 151 33.21 -26.12 -22.05
N GLU H 152 34.44 -26.49 -21.72
CA GLU H 152 34.80 -27.92 -21.73
C GLU H 152 33.98 -28.75 -20.74
N GLU H 153 33.83 -28.24 -19.53
CA GLU H 153 33.04 -28.95 -18.50
C GLU H 153 31.58 -29.08 -18.92
N ALA H 154 31.01 -28.02 -19.51
CA ALA H 154 29.66 -28.08 -20.05
C ALA H 154 29.53 -29.14 -21.12
N LEU H 155 30.52 -29.23 -22.00
CA LEU H 155 30.51 -30.25 -23.05
C LEU H 155 30.57 -31.70 -22.52
N LYS H 156 31.37 -31.91 -21.49
CA LYS H 156 31.43 -33.20 -20.79
CA LYS H 156 31.43 -33.20 -20.79
C LYS H 156 30.06 -33.62 -20.25
N ALA H 157 29.33 -32.68 -19.62
CA ALA H 157 27.96 -32.97 -19.16
C ALA H 157 26.99 -33.28 -20.30
N VAL H 158 27.06 -32.48 -21.36
CA VAL H 158 26.19 -32.70 -22.51
C VAL H 158 26.47 -34.09 -23.13
N ALA H 159 27.74 -34.48 -23.14
CA ALA H 159 28.14 -35.81 -23.64
C ALA H 159 27.51 -36.94 -22.85
N GLU H 160 27.27 -36.72 -21.56
CA GLU H 160 26.58 -37.70 -20.71
C GLU H 160 25.06 -37.66 -20.83
N GLY H 161 24.53 -36.73 -21.61
CA GLY H 161 23.10 -36.69 -21.90
C GLY H 161 22.30 -35.64 -21.12
N TYR H 162 22.99 -34.79 -20.35
CA TYR H 162 22.31 -33.65 -19.70
C TYR H 162 21.94 -32.58 -20.71
N ASP H 163 20.73 -32.02 -20.57
CA ASP H 163 20.31 -30.92 -21.43
C ASP H 163 20.15 -29.60 -20.67
N ALA H 164 20.83 -29.54 -19.53
CA ALA H 164 20.86 -28.36 -18.67
C ALA H 164 22.09 -28.43 -17.78
N VAL H 165 22.68 -27.27 -17.50
CA VAL H 165 23.88 -27.15 -16.66
C VAL H 165 23.73 -25.91 -15.78
N LYS H 166 24.42 -25.91 -14.64
CA LYS H 166 24.46 -24.71 -13.79
C LYS H 166 25.90 -24.37 -13.48
N VAL H 167 26.18 -23.07 -13.50
CA VAL H 167 27.54 -22.62 -13.28
C VAL H 167 27.55 -21.29 -12.53
N ASP H 168 28.49 -21.15 -11.61
CA ASP H 168 28.79 -19.87 -10.96
C ASP H 168 29.95 -19.29 -11.76
N VAL H 169 29.69 -18.19 -12.45
CA VAL H 169 30.69 -17.60 -13.33
C VAL H 169 31.38 -16.37 -12.72
N LEU H 170 30.93 -15.93 -11.54
CA LEU H 170 31.55 -14.75 -10.92
C LEU H 170 32.52 -15.08 -9.77
N ALA H 171 32.38 -16.26 -9.18
CA ALA H 171 33.08 -16.52 -7.91
C ALA H 171 34.61 -16.54 -8.06
N HIS H 172 35.10 -17.03 -9.18
CA HIS H 172 36.55 -17.29 -9.32
C HIS H 172 37.19 -16.28 -10.28
N ASP H 173 38.41 -15.85 -9.98
CA ASP H 173 39.16 -15.05 -10.94
C ASP H 173 39.66 -15.93 -12.09
N ARG H 174 40.43 -15.37 -13.00
CA ARG H 174 40.86 -16.13 -14.17
C ARG H 174 41.91 -17.20 -13.88
N ASN H 175 42.46 -17.18 -12.67
CA ASN H 175 43.28 -18.28 -12.16
C ASN H 175 42.52 -19.36 -11.40
N GLY H 176 41.20 -19.19 -11.26
CA GLY H 176 40.38 -20.14 -10.53
C GLY H 176 40.44 -19.96 -9.02
N SER H 177 40.80 -18.76 -8.58
CA SER H 177 40.89 -18.46 -7.15
C SER H 177 39.73 -17.57 -6.68
N ARG H 178 39.26 -17.82 -5.45
CA ARG H 178 38.33 -16.91 -4.78
CA ARG H 178 38.33 -16.93 -4.75
C ARG H 178 39.06 -15.73 -4.14
N GLU H 179 40.38 -15.85 -3.98
CA GLU H 179 41.17 -14.84 -3.27
C GLU H 179 41.07 -13.45 -3.92
N GLY H 180 40.65 -12.46 -3.13
CA GLY H 180 40.51 -11.10 -3.63
C GLY H 180 39.29 -10.82 -4.51
N VAL H 181 38.42 -11.81 -4.68
CA VAL H 181 37.19 -11.61 -5.46
C VAL H 181 36.12 -11.00 -4.56
N PHE H 182 35.63 -9.83 -4.91
CA PHE H 182 34.59 -9.18 -4.12
C PHE H 182 33.48 -8.71 -5.05
N LEU H 183 32.23 -9.00 -4.70
CA LEU H 183 31.15 -8.94 -5.68
C LEU H 183 29.91 -8.14 -5.22
N GLU H 184 30.06 -7.37 -4.15
CA GLU H 184 28.99 -6.48 -3.66
C GLU H 184 29.16 -5.05 -4.17
N GLY H 185 28.04 -4.38 -4.44
CA GLY H 185 28.07 -3.03 -5.01
C GLY H 185 28.41 -3.04 -6.49
N PRO H 186 28.43 -1.85 -7.13
CA PRO H 186 28.69 -1.81 -8.56
C PRO H 186 30.03 -2.46 -8.92
N LEU H 187 30.02 -3.26 -9.99
CA LEU H 187 31.18 -4.09 -10.36
C LEU H 187 32.04 -3.39 -11.42
N PRO H 188 33.36 -3.64 -11.39
CA PRO H 188 34.26 -3.21 -12.47
C PRO H 188 33.89 -3.87 -13.79
N SER H 189 34.15 -3.16 -14.89
CA SER H 189 33.89 -3.73 -16.22
C SER H 189 34.54 -5.10 -16.41
N GLU H 190 35.72 -5.30 -15.83
CA GLU H 190 36.47 -6.53 -16.07
C GLU H 190 35.84 -7.73 -15.37
N THR H 191 35.29 -7.51 -14.18
CA THR H 191 34.52 -8.57 -13.49
C THR H 191 33.30 -8.99 -14.30
N ILE H 192 32.56 -8.01 -14.82
CA ILE H 192 31.44 -8.28 -15.72
C ILE H 192 31.92 -9.06 -16.94
N LYS H 193 33.06 -8.65 -17.50
CA LYS H 193 33.62 -9.32 -18.67
C LYS H 193 33.97 -10.80 -18.40
N ILE H 194 34.54 -11.07 -17.23
CA ILE H 194 34.87 -12.45 -16.81
C ILE H 194 33.62 -13.32 -16.76
N GLY H 195 32.56 -12.82 -16.11
CA GLY H 195 31.29 -13.55 -16.09
C GLY H 195 30.70 -13.78 -17.47
N VAL H 196 30.65 -12.72 -18.29
CA VAL H 196 30.05 -12.78 -19.62
C VAL H 196 30.82 -13.76 -20.54
N GLU H 197 32.15 -13.69 -20.51
CA GLU H 197 32.97 -14.54 -21.39
C GLU H 197 32.77 -16.03 -21.09
N ARG H 198 32.50 -16.34 -19.83
CA ARG H 198 32.22 -17.72 -19.41
C ARG H 198 30.85 -18.18 -19.87
N VAL H 199 29.83 -17.33 -19.67
CA VAL H 199 28.48 -17.65 -20.15
C VAL H 199 28.47 -17.81 -21.68
N GLU H 200 29.13 -16.88 -22.36
CA GLU H 200 29.20 -16.92 -23.82
C GLU H 200 29.93 -18.18 -24.33
N ALA H 201 31.06 -18.52 -23.71
CA ALA H 201 31.81 -19.72 -24.10
C ALA H 201 30.99 -21.00 -23.94
N ILE H 202 30.24 -21.11 -22.84
CA ILE H 202 29.29 -22.20 -22.67
C ILE H 202 28.17 -22.22 -23.72
N ARG H 203 27.49 -21.08 -23.89
CA ARG H 203 26.38 -21.01 -24.83
C ARG H 203 26.80 -21.37 -26.27
N ASN H 204 27.94 -20.83 -26.69
CA ASN H 204 28.51 -21.18 -27.99
C ASN H 204 28.78 -22.69 -28.11
N ALA H 205 29.32 -23.28 -27.04
CA ALA H 205 29.70 -24.69 -27.05
C ALA H 205 28.48 -25.61 -27.10
N VAL H 206 27.48 -25.35 -26.24
CA VAL H 206 26.37 -26.26 -26.05
C VAL H 206 25.19 -26.01 -27.00
N GLY H 207 25.15 -24.85 -27.63
CA GLY H 207 24.04 -24.48 -28.52
C GLY H 207 22.77 -24.04 -27.79
N PRO H 208 21.69 -23.77 -28.54
CA PRO H 208 20.48 -23.17 -27.96
C PRO H 208 19.61 -24.12 -27.13
N ASP H 209 19.74 -25.43 -27.35
CA ASP H 209 18.82 -26.41 -26.75
C ASP H 209 19.31 -27.05 -25.45
N VAL H 210 20.40 -26.51 -24.92
CA VAL H 210 20.87 -26.90 -23.61
C VAL H 210 20.67 -25.69 -22.69
N ASP H 211 19.93 -25.87 -21.60
CA ASP H 211 19.65 -24.73 -20.73
C ASP H 211 20.84 -24.42 -19.82
N ILE H 212 21.03 -23.13 -19.53
CA ILE H 212 22.13 -22.67 -18.67
C ILE H 212 21.53 -21.90 -17.48
N ILE H 213 21.83 -22.38 -16.29
CA ILE H 213 21.43 -21.73 -15.05
C ILE H 213 22.67 -21.02 -14.51
N VAL H 214 22.51 -19.75 -14.11
CA VAL H 214 23.61 -19.01 -13.49
C VAL H 214 23.41 -18.90 -11.98
N GLU H 215 24.44 -19.34 -11.26
CA GLU H 215 24.48 -19.41 -9.79
C GLU H 215 25.39 -18.30 -9.25
N ASN H 216 24.85 -17.39 -8.42
CA ASN H 216 25.67 -16.33 -7.82
C ASN H 216 26.14 -16.64 -6.40
N HIS H 217 25.57 -17.68 -5.78
CA HIS H 217 25.97 -18.16 -4.45
C HIS H 217 25.84 -17.11 -3.34
N GLY H 218 24.96 -16.13 -3.52
CA GLY H 218 24.82 -15.04 -2.56
C GLY H 218 26.05 -14.14 -2.42
N HIS H 219 26.94 -14.17 -3.42
CA HIS H 219 28.18 -13.37 -3.33
C HIS H 219 27.95 -11.94 -3.81
N THR H 220 26.93 -11.79 -4.65
CA THR H 220 26.49 -10.50 -5.17
C THR H 220 25.50 -9.87 -4.20
N ASP H 221 25.12 -8.64 -4.47
CA ASP H 221 23.94 -8.07 -3.85
C ASP H 221 23.02 -7.61 -4.95
N LEU H 222 21.93 -6.94 -4.61
CA LEU H 222 20.97 -6.58 -5.66
C LEU H 222 21.58 -5.64 -6.72
N VAL H 223 22.48 -4.76 -6.31
CA VAL H 223 23.10 -3.82 -7.27
C VAL H 223 23.97 -4.58 -8.31
N SER H 224 24.90 -5.38 -7.83
CA SER H 224 25.74 -6.18 -8.75
C SER H 224 24.95 -7.24 -9.52
N ALA H 225 23.93 -7.84 -8.88
CA ALA H 225 23.09 -8.83 -9.57
C ALA H 225 22.34 -8.23 -10.76
N ILE H 226 21.80 -7.02 -10.61
CA ILE H 226 21.10 -6.33 -11.69
C ILE H 226 22.06 -6.02 -12.83
N GLN H 227 23.22 -5.48 -12.45
CA GLN H 227 24.28 -5.16 -13.40
C GLN H 227 24.68 -6.38 -14.24
N PHE H 228 24.89 -7.51 -13.57
CA PHE H 228 25.34 -8.69 -14.28
C PHE H 228 24.24 -9.31 -15.16
N ALA H 229 23.00 -9.30 -14.68
CA ALA H 229 21.85 -9.80 -15.46
C ALA H 229 21.72 -9.05 -16.79
N LYS H 230 21.88 -7.72 -16.75
CA LYS H 230 21.84 -6.88 -17.95
C LYS H 230 22.86 -7.41 -18.98
N ALA H 231 24.02 -7.80 -18.51
CA ALA H 231 25.11 -8.25 -19.37
C ALA H 231 24.92 -9.66 -19.95
N ILE H 232 24.15 -10.51 -19.27
CA ILE H 232 23.98 -11.92 -19.69
C ILE H 232 22.59 -12.29 -20.24
N GLU H 233 21.65 -11.37 -20.12
CA GLU H 233 20.29 -11.58 -20.61
C GLU H 233 20.23 -12.15 -22.03
N GLU H 234 21.11 -11.67 -22.91
CA GLU H 234 21.10 -12.04 -24.34
C GLU H 234 21.38 -13.53 -24.58
N PHE H 235 21.92 -14.19 -23.57
CA PHE H 235 22.31 -15.60 -23.67
C PHE H 235 21.23 -16.62 -23.30
N ASN H 236 20.00 -16.13 -23.05
CA ASN H 236 18.86 -16.97 -22.68
C ASN H 236 19.11 -17.81 -21.42
N ILE H 237 19.18 -17.15 -20.28
CA ILE H 237 19.51 -17.80 -19.01
C ILE H 237 18.23 -18.42 -18.46
N PHE H 238 18.29 -19.69 -18.10
CA PHE H 238 17.11 -20.48 -17.71
C PHE H 238 16.53 -19.92 -16.40
N PHE H 239 17.38 -19.86 -15.38
CA PHE H 239 17.12 -19.03 -14.22
C PHE H 239 18.39 -18.59 -13.51
N TYR H 240 18.24 -17.67 -12.54
CA TYR H 240 19.35 -16.90 -11.98
C TYR H 240 19.25 -17.07 -10.46
N GLU H 241 20.22 -17.77 -9.87
CA GLU H 241 20.09 -18.32 -8.51
C GLU H 241 20.87 -17.52 -7.46
N GLU H 242 20.24 -17.32 -6.31
CA GLU H 242 20.85 -16.76 -5.10
C GLU H 242 21.63 -15.49 -5.39
N ILE H 243 20.91 -14.47 -5.85
CA ILE H 243 21.55 -13.29 -6.37
C ILE H 243 21.93 -12.26 -5.29
N ASN H 244 21.52 -12.53 -4.04
CA ASN H 244 21.87 -11.63 -2.95
C ASN H 244 21.67 -12.34 -1.61
N THR H 245 21.62 -11.57 -0.53
CA THR H 245 21.39 -12.14 0.80
C THR H 245 19.88 -12.24 1.07
N PRO H 246 19.39 -13.45 1.44
CA PRO H 246 17.94 -13.65 1.63
C PRO H 246 17.33 -13.14 2.95
N LEU H 247 18.14 -12.55 3.83
CA LEU H 247 17.65 -12.06 5.13
C LEU H 247 16.75 -10.81 5.18
N ASN H 248 16.80 -9.94 4.16
CA ASN H 248 15.77 -8.87 3.93
C ASN H 248 15.01 -9.20 2.63
N PRO H 249 13.93 -10.02 2.74
CA PRO H 249 13.25 -10.57 1.55
C PRO H 249 12.80 -9.55 0.52
N ARG H 250 12.37 -8.36 0.96
CA ARG H 250 11.89 -7.29 0.08
C ARG H 250 12.91 -6.91 -1.00
N LEU H 251 14.20 -7.07 -0.70
CA LEU H 251 15.24 -6.72 -1.68
C LEU H 251 15.17 -7.52 -2.99
N LEU H 252 14.73 -8.77 -2.91
CA LEU H 252 14.54 -9.58 -4.12
C LEU H 252 13.41 -9.04 -5.00
N LYS H 253 12.33 -8.52 -4.39
CA LYS H 253 11.28 -7.86 -5.15
CA LYS H 253 11.27 -7.84 -5.14
C LYS H 253 11.84 -6.63 -5.88
N GLU H 254 12.71 -5.88 -5.19
CA GLU H 254 13.37 -4.73 -5.81
C GLU H 254 14.30 -5.16 -6.95
N ALA H 255 15.03 -6.25 -6.76
CA ALA H 255 15.88 -6.80 -7.83
C ALA H 255 15.05 -7.19 -9.06
N LYS H 256 13.92 -7.85 -8.81
CA LYS H 256 13.08 -8.33 -9.89
C LYS H 256 12.53 -7.20 -10.76
N LYS H 257 12.36 -6.01 -10.18
CA LYS H 257 11.90 -4.86 -10.95
C LYS H 257 12.82 -4.59 -12.15
N LYS H 258 14.10 -4.91 -12.01
CA LYS H 258 15.11 -4.57 -13.03
C LYS H 258 15.78 -5.80 -13.64
N ILE H 259 15.24 -6.99 -13.39
CA ILE H 259 15.84 -8.23 -13.95
C ILE H 259 14.74 -9.03 -14.63
N ASP H 260 14.96 -9.40 -15.88
N ASP H 260 14.98 -9.36 -15.91
CA ASP H 260 13.92 -10.13 -16.60
CA ASP H 260 14.05 -10.10 -16.74
C ASP H 260 14.09 -11.65 -16.58
C ASP H 260 14.59 -11.50 -17.10
N ILE H 261 15.26 -12.11 -16.13
CA ILE H 261 15.56 -13.54 -16.08
C ILE H 261 14.80 -14.10 -14.87
N PRO H 262 14.20 -15.30 -14.98
CA PRO H 262 13.57 -15.87 -13.78
C PRO H 262 14.54 -16.01 -12.61
N LEU H 263 14.05 -15.74 -11.40
CA LEU H 263 14.89 -15.79 -10.22
C LEU H 263 14.66 -17.08 -9.43
N ALA H 264 15.73 -17.57 -8.82
CA ALA H 264 15.64 -18.78 -8.00
C ALA H 264 16.28 -18.56 -6.64
N SER H 265 15.71 -19.15 -5.60
CA SER H 265 16.38 -19.17 -4.29
C SER H 265 15.76 -20.22 -3.38
N GLY H 266 16.48 -20.69 -2.36
CA GLY H 266 15.86 -21.55 -1.38
C GLY H 266 16.75 -22.28 -0.41
N GLU H 267 18.02 -22.46 -0.75
CA GLU H 267 18.86 -23.28 0.10
C GLU H 267 19.17 -22.59 1.41
N ARG H 268 19.05 -21.25 1.43
CA ARG H 268 19.18 -20.51 2.69
C ARG H 268 17.90 -19.82 3.14
N ILE H 269 16.77 -20.45 2.81
CA ILE H 269 15.45 -20.03 3.29
C ILE H 269 14.76 -21.25 3.88
N TYR H 270 14.19 -21.13 5.08
CA TYR H 270 13.78 -22.34 5.83
C TYR H 270 12.33 -22.25 6.30
N SER H 271 11.59 -23.35 6.12
CA SER H 271 10.19 -23.49 6.54
C SER H 271 9.20 -22.65 5.72
N ARG H 272 7.91 -22.96 5.89
CA ARG H 272 6.86 -22.10 5.36
C ARG H 272 7.06 -20.63 5.68
N TRP H 273 7.47 -20.34 6.92
CA TRP H 273 7.68 -18.95 7.39
C TRP H 273 8.78 -18.25 6.62
N GLY H 274 9.81 -18.99 6.24
CA GLY H 274 10.92 -18.42 5.46
C GLY H 274 10.51 -18.04 4.05
N PHE H 275 9.77 -18.93 3.39
CA PHE H 275 9.32 -18.68 2.02
C PHE H 275 8.20 -17.68 1.87
N LEU H 276 7.36 -17.55 2.90
CA LEU H 276 6.17 -16.70 2.84
C LEU H 276 6.39 -15.29 2.25
N PRO H 277 7.35 -14.50 2.80
CA PRO H 277 7.49 -13.13 2.24
C PRO H 277 7.84 -13.11 0.74
N PHE H 278 8.63 -14.10 0.29
CA PHE H 278 9.02 -14.17 -1.13
C PHE H 278 7.84 -14.53 -2.02
N LEU H 279 6.95 -15.36 -1.49
CA LEU H 279 5.72 -15.68 -2.21
C LEU H 279 4.75 -14.49 -2.24
N GLU H 280 4.54 -13.87 -1.08
CA GLU H 280 3.77 -12.63 -0.99
C GLU H 280 4.25 -11.58 -2.00
N ASP H 281 5.57 -11.46 -2.14
CA ASP H 281 6.15 -10.52 -3.10
C ASP H 281 6.15 -11.04 -4.52
N ARG H 282 5.93 -12.35 -4.64
CA ARG H 282 6.10 -13.09 -5.90
C ARG H 282 7.45 -12.83 -6.56
N SER H 283 8.51 -12.78 -5.76
CA SER H 283 9.83 -12.41 -6.22
C SER H 283 10.71 -13.59 -6.64
N ILE H 284 10.28 -14.81 -6.31
CA ILE H 284 11.03 -16.03 -6.68
C ILE H 284 10.20 -16.84 -7.68
N ASP H 285 10.77 -17.18 -8.83
CA ASP H 285 10.10 -18.02 -9.84
C ASP H 285 10.26 -19.51 -9.58
N VAL H 286 11.43 -19.88 -9.04
CA VAL H 286 11.74 -21.30 -8.80
C VAL H 286 12.32 -21.37 -7.40
N ILE H 287 11.62 -22.03 -6.49
CA ILE H 287 12.13 -22.13 -5.14
C ILE H 287 13.00 -23.37 -5.02
N GLN H 288 13.99 -23.29 -4.13
CA GLN H 288 14.99 -24.34 -4.00
C GLN H 288 15.19 -24.78 -2.54
N PRO H 289 14.10 -25.17 -1.85
CA PRO H 289 14.28 -25.66 -0.47
C PRO H 289 15.14 -26.92 -0.47
N ASP H 290 15.97 -27.06 0.55
CA ASP H 290 16.73 -28.29 0.80
C ASP H 290 15.95 -29.14 1.81
N LEU H 291 15.65 -30.39 1.49
CA LEU H 291 14.93 -31.25 2.44
C LEU H 291 15.61 -31.26 3.81
N GLY H 292 16.93 -31.14 3.83
CA GLY H 292 17.68 -31.25 5.09
C GLY H 292 17.87 -29.94 5.85
N THR H 293 17.29 -28.86 5.34
CA THR H 293 17.23 -27.60 6.11
C THR H 293 15.85 -26.95 6.18
N CYS H 294 14.99 -27.22 5.19
CA CYS H 294 13.70 -26.51 5.10
C CYS H 294 12.69 -27.01 6.13
N GLY H 295 12.94 -28.19 6.71
CA GLY H 295 12.00 -28.84 7.62
C GLY H 295 11.62 -30.27 7.25
N GLY H 296 12.35 -30.91 6.33
CA GLY H 296 12.12 -32.33 6.03
C GLY H 296 11.03 -32.52 4.98
N PHE H 297 10.65 -33.76 4.72
CA PHE H 297 9.53 -34.03 3.81
C PHE H 297 8.26 -33.28 4.20
N THR H 298 7.95 -33.31 5.50
CA THR H 298 6.71 -32.72 6.01
C THR H 298 6.63 -31.25 5.59
N GLU H 299 7.71 -30.51 5.83
CA GLU H 299 7.70 -29.07 5.53
C GLU H 299 7.92 -28.73 4.06
N PHE H 300 8.78 -29.49 3.37
CA PHE H 300 9.01 -29.32 1.94
C PHE H 300 7.69 -29.37 1.19
N LYS H 301 6.88 -30.38 1.48
CA LYS H 301 5.56 -30.50 0.87
C LYS H 301 4.70 -29.25 1.10
N LYS H 302 4.64 -28.80 2.35
CA LYS H 302 3.90 -27.58 2.70
C LYS H 302 4.42 -26.36 1.94
N ILE H 303 5.74 -26.24 1.83
CA ILE H 303 6.32 -25.12 1.08
C ILE H 303 5.93 -25.18 -0.41
N ALA H 304 6.13 -26.35 -1.01
CA ALA H 304 5.82 -26.57 -2.43
C ALA H 304 4.32 -26.33 -2.74
N ASP H 305 3.46 -26.78 -1.82
CA ASP H 305 2.01 -26.63 -1.97
C ASP H 305 1.55 -25.17 -1.93
N MET H 306 2.11 -24.42 -0.98
CA MET H 306 1.92 -22.97 -0.93
CA MET H 306 1.89 -22.97 -0.95
C MET H 306 2.44 -22.28 -2.19
N ALA H 307 3.66 -22.63 -2.58
CA ALA H 307 4.28 -22.06 -3.77
C ALA H 307 3.44 -22.24 -5.03
N HIS H 308 2.75 -23.38 -5.14
CA HIS H 308 1.91 -23.69 -6.32
C HIS H 308 0.82 -22.64 -6.56
N ILE H 309 0.26 -22.10 -5.47
CA ILE H 309 -0.79 -21.06 -5.48
CA ILE H 309 -0.82 -21.08 -5.53
C ILE H 309 -0.28 -19.82 -6.22
N PHE H 310 1.03 -19.64 -6.19
CA PHE H 310 1.64 -18.42 -6.74
C PHE H 310 2.32 -18.67 -8.09
N GLU H 311 2.01 -19.82 -8.71
CA GLU H 311 2.64 -20.23 -9.97
C GLU H 311 4.17 -20.14 -9.89
N VAL H 312 4.70 -20.76 -8.83
CA VAL H 312 6.14 -20.91 -8.60
C VAL H 312 6.40 -22.41 -8.67
N THR H 313 7.54 -22.79 -9.25
CA THR H 313 7.89 -24.20 -9.35
C THR H 313 9.08 -24.49 -8.46
N VAL H 314 9.46 -25.77 -8.38
CA VAL H 314 10.36 -26.22 -7.30
C VAL H 314 11.50 -27.05 -7.88
N GLN H 315 12.72 -26.75 -7.44
CA GLN H 315 13.87 -27.63 -7.64
C GLN H 315 14.50 -27.81 -6.27
N ALA H 316 14.45 -29.02 -5.71
CA ALA H 316 15.05 -29.23 -4.39
C ALA H 316 16.53 -28.90 -4.46
N HIS H 317 17.04 -28.22 -3.44
CA HIS H 317 18.48 -28.03 -3.37
C HIS H 317 19.11 -29.34 -2.89
N VAL H 318 20.07 -29.86 -3.64
CA VAL H 318 20.63 -31.18 -3.30
C VAL H 318 22.14 -31.09 -3.35
N ALA H 319 22.78 -31.19 -2.18
CA ALA H 319 24.23 -30.98 -2.11
C ALA H 319 24.86 -31.63 -0.90
N GLY H 320 24.59 -32.93 -0.72
CA GLY H 320 25.26 -33.77 0.31
C GLY H 320 25.37 -35.22 -0.12
N THR H 321 25.10 -36.15 0.80
CA THR H 321 25.24 -37.60 0.50
C THR H 321 24.08 -38.21 -0.29
N GLY H 322 24.21 -39.51 -0.55
CA GLY H 322 23.17 -40.28 -1.21
C GLY H 322 21.88 -40.39 -0.42
N VAL H 323 21.96 -40.19 0.90
CA VAL H 323 20.75 -40.08 1.73
C VAL H 323 19.90 -38.87 1.33
N ALA H 324 20.51 -37.69 1.35
CA ALA H 324 19.89 -36.46 0.84
C ALA H 324 19.39 -36.62 -0.58
N GLU H 325 20.21 -37.19 -1.48
CA GLU H 325 19.78 -37.24 -2.88
C GLU H 325 18.63 -38.19 -3.10
N ALA H 326 18.69 -39.40 -2.50
CA ALA H 326 17.56 -40.33 -2.61
C ALA H 326 16.27 -39.70 -2.09
N ALA H 327 16.35 -39.09 -0.91
CA ALA H 327 15.18 -38.45 -0.30
C ALA H 327 14.58 -37.40 -1.23
N SER H 328 15.44 -36.59 -1.84
CA SER H 328 14.96 -35.51 -2.72
C SER H 328 14.13 -36.01 -3.88
N LEU H 329 14.45 -37.21 -4.37
CA LEU H 329 13.75 -37.75 -5.52
C LEU H 329 12.29 -38.07 -5.17
N HIS H 330 12.05 -38.62 -3.98
CA HIS H 330 10.70 -38.85 -3.48
C HIS H 330 9.90 -37.56 -3.36
N ALA H 331 10.52 -36.53 -2.77
CA ALA H 331 9.84 -35.25 -2.55
C ALA H 331 9.45 -34.62 -3.88
N GLU H 332 10.35 -34.67 -4.85
CA GLU H 332 10.12 -34.00 -6.14
C GLU H 332 9.11 -34.74 -7.02
N ILE H 333 9.16 -36.07 -7.01
CA ILE H 333 8.24 -36.80 -7.87
C ILE H 333 6.79 -36.63 -7.36
N ALA H 334 6.63 -36.31 -6.07
CA ALA H 334 5.31 -36.25 -5.42
C ALA H 334 4.61 -34.90 -5.48
N ILE H 335 5.27 -33.89 -6.05
CA ILE H 335 4.65 -32.55 -6.21
C ILE H 335 4.28 -32.27 -7.67
N PRO H 336 3.14 -31.57 -7.91
CA PRO H 336 2.82 -31.20 -9.31
C PRO H 336 3.72 -30.11 -9.91
N ASN H 337 4.25 -29.24 -9.07
CA ASN H 337 4.95 -28.04 -9.56
C ASN H 337 6.48 -28.20 -9.53
N PHE H 338 6.96 -29.27 -10.14
CA PHE H 338 8.39 -29.58 -10.18
C PHE H 338 8.98 -28.90 -11.40
N CYS H 339 10.17 -28.31 -11.23
CA CYS H 339 10.92 -27.68 -12.35
C CYS H 339 11.97 -28.63 -12.94
N ILE H 340 12.97 -28.96 -12.14
CA ILE H 340 14.18 -29.66 -12.62
C ILE H 340 14.92 -30.16 -11.38
N HIS H 341 15.73 -31.21 -11.53
CA HIS H 341 16.49 -31.75 -10.40
C HIS H 341 17.98 -31.38 -10.48
N GLU H 342 18.54 -30.94 -9.35
CA GLU H 342 19.97 -30.63 -9.25
C GLU H 342 20.85 -31.88 -9.02
N HIS H 343 21.81 -32.13 -9.92
CA HIS H 343 22.77 -33.21 -9.70
C HIS H 343 24.18 -32.67 -9.57
N HIS H 344 24.65 -32.64 -8.32
CA HIS H 344 25.83 -31.91 -7.91
C HIS H 344 27.06 -32.68 -8.35
N GLN H 345 28.07 -31.95 -8.81
CA GLN H 345 29.35 -32.55 -9.16
C GLN H 345 30.03 -33.36 -8.03
N LYS H 346 29.77 -33.00 -6.78
CA LYS H 346 30.37 -33.72 -5.62
C LYS H 346 29.99 -35.20 -5.57
N THR H 347 28.81 -35.54 -6.11
CA THR H 347 28.34 -36.92 -6.18
C THR H 347 29.26 -37.80 -7.03
N LEU H 348 30.04 -37.14 -7.88
CA LEU H 348 30.98 -37.82 -8.77
C LEU H 348 32.32 -38.13 -8.10
N LEU H 349 32.55 -37.59 -6.90
CA LEU H 349 33.79 -37.82 -6.14
C LEU H 349 33.66 -39.07 -5.25
N PRO H 350 34.71 -39.92 -5.21
CA PRO H 350 34.75 -41.16 -4.41
C PRO H 350 34.55 -41.00 -2.89
N GLU H 351 34.89 -39.83 -2.35
CA GLU H 351 34.70 -39.55 -0.92
C GLU H 351 33.20 -39.51 -0.53
N TYR H 352 32.36 -39.13 -1.49
CA TYR H 352 30.92 -39.15 -1.29
C TYR H 352 30.31 -40.50 -1.67
N GLU H 353 30.71 -41.04 -2.81
CA GLU H 353 30.29 -42.37 -3.25
C GLU H 353 30.39 -43.47 -2.17
N GLU H 354 31.44 -43.42 -1.36
CA GLU H 354 31.71 -44.47 -0.36
C GLU H 354 30.79 -44.49 0.86
N LEU H 355 29.93 -43.48 0.99
CA LEU H 355 29.16 -43.29 2.22
C LEU H 355 27.85 -44.11 2.25
N CYS H 356 27.31 -44.39 1.06
CA CYS H 356 25.99 -45.01 0.97
C CYS H 356 26.04 -46.28 0.15
N VAL H 357 25.09 -47.18 0.39
CA VAL H 357 25.04 -48.48 -0.28
C VAL H 357 24.62 -48.40 -1.75
N HIS H 358 23.85 -47.37 -2.10
CA HIS H 358 23.41 -47.17 -3.49
C HIS H 358 23.94 -45.87 -4.05
N ASN H 359 24.47 -45.95 -5.26
CA ASN H 359 24.90 -44.74 -5.97
C ASN H 359 23.95 -44.42 -7.12
N TYR H 360 22.78 -43.89 -6.77
CA TYR H 360 21.79 -43.47 -7.76
C TYR H 360 22.37 -42.33 -8.61
N GLN H 361 22.49 -42.57 -9.91
CA GLN H 361 23.02 -41.60 -10.87
C GLN H 361 22.00 -41.44 -12.00
N PRO H 362 21.90 -40.24 -12.60
CA PRO H 362 20.99 -40.08 -13.74
C PRO H 362 21.39 -40.99 -14.91
N VAL H 363 20.40 -41.33 -15.73
CA VAL H 363 20.63 -42.00 -17.01
C VAL H 363 20.14 -41.09 -18.13
N LYS H 364 21.05 -40.76 -19.06
CA LYS H 364 20.79 -39.82 -20.16
C LYS H 364 20.08 -38.56 -19.66
N GLY H 365 20.56 -38.04 -18.54
CA GLY H 365 20.08 -36.78 -17.98
C GLY H 365 18.73 -36.87 -17.29
N ARG H 366 18.28 -38.07 -16.93
CA ARG H 366 16.97 -38.24 -16.28
C ARG H 366 17.16 -39.03 -14.99
N TYR H 367 16.40 -38.70 -13.96
CA TYR H 367 16.37 -39.49 -12.73
C TYR H 367 15.04 -40.20 -12.60
N LYS H 368 15.09 -41.43 -12.07
CA LYS H 368 13.88 -42.09 -11.60
C LYS H 368 13.94 -42.20 -10.09
N VAL H 369 12.78 -42.10 -9.45
CA VAL H 369 12.68 -42.23 -8.00
C VAL H 369 12.98 -43.69 -7.61
N PRO H 370 13.70 -43.90 -6.50
CA PRO H 370 13.80 -45.27 -5.96
C PRO H 370 12.44 -45.90 -5.66
N GLU H 371 12.36 -47.22 -5.85
CA GLU H 371 11.11 -47.95 -5.69
C GLU H 371 11.16 -48.98 -4.56
N LEU H 372 12.26 -48.98 -3.81
CA LEU H 372 12.39 -49.75 -2.57
C LEU H 372 11.52 -49.18 -1.46
N PRO H 373 11.20 -49.98 -0.43
CA PRO H 373 10.53 -49.40 0.75
C PRO H 373 11.37 -48.30 1.43
N GLY H 374 10.72 -47.25 1.93
CA GLY H 374 11.42 -46.11 2.55
C GLY H 374 12.02 -45.17 1.51
N ILE H 375 13.11 -44.49 1.86
CA ILE H 375 13.78 -43.61 0.90
C ILE H 375 14.60 -44.38 -0.14
N GLY H 376 14.91 -45.64 0.16
CA GLY H 376 15.66 -46.50 -0.77
C GLY H 376 17.17 -46.31 -0.66
N GLN H 377 17.63 -45.97 0.53
CA GLN H 377 19.03 -45.66 0.74
C GLN H 377 19.46 -46.08 2.15
N ASP H 378 20.73 -46.41 2.31
CA ASP H 378 21.28 -46.76 3.61
C ASP H 378 22.73 -46.32 3.64
N ILE H 379 23.26 -46.14 4.84
CA ILE H 379 24.68 -45.87 5.02
C ILE H 379 25.49 -47.17 5.01
N THR H 380 26.75 -47.07 4.63
CA THR H 380 27.67 -48.22 4.71
C THR H 380 28.11 -48.49 6.15
N GLU H 381 28.57 -49.72 6.41
CA GLU H 381 29.17 -50.10 7.69
C GLU H 381 30.42 -49.28 8.07
N LYS H 382 31.07 -48.69 7.07
CA LYS H 382 32.25 -47.84 7.26
C LYS H 382 31.98 -46.63 8.17
N LEU H 383 30.74 -46.13 8.13
CA LEU H 383 30.45 -44.79 8.58
C LEU H 383 30.84 -44.53 10.04
N TYR H 384 30.51 -45.48 10.90
CA TYR H 384 30.93 -45.50 12.30
C TYR H 384 32.41 -45.11 12.50
N GLN H 385 33.27 -45.63 11.63
CA GLN H 385 34.72 -45.48 11.75
C GLN H 385 35.28 -44.16 11.20
N ILE H 386 34.53 -43.52 10.30
CA ILE H 386 34.97 -42.28 9.69
C ILE H 386 34.09 -41.08 10.08
N SER H 387 33.51 -41.13 11.27
CA SER H 387 32.64 -40.06 11.78
CA SER H 387 32.67 -40.04 11.76
C SER H 387 32.89 -39.77 13.25
N ASP H 388 32.58 -38.54 13.67
CA ASP H 388 32.28 -38.28 15.08
C ASP H 388 30.91 -38.85 15.40
N TYR H 389 30.88 -39.80 16.32
CA TYR H 389 29.71 -40.65 16.51
C TYR H 389 29.12 -40.39 17.87
N VAL H 390 27.80 -40.22 17.91
CA VAL H 390 27.06 -39.97 19.15
C VAL H 390 25.82 -40.88 19.12
N SER H 391 25.56 -41.52 20.26
CA SER H 391 24.45 -42.47 20.37
C SER H 391 23.61 -42.08 21.57
N ILE H 392 22.29 -42.01 21.38
CA ILE H 392 21.35 -41.65 22.46
C ILE H 392 20.28 -42.75 22.58
N GLU H 393 20.09 -43.26 23.79
CA GLU H 393 18.93 -44.10 24.11
C GLU H 393 18.23 -43.68 25.40
N ALA H 394 17.28 -44.48 25.85
CA ALA H 394 16.60 -44.24 27.13
C ALA H 394 17.45 -44.76 28.29
#